data_2LGZ
#
_entry.id   2LGZ
#
_entity_poly.entity_id   1
_entity_poly.type   'polypeptide(L)'
_entity_poly.pdbx_seq_one_letter_code
;MGSSHHHHHHSSGLVPRGSHSTWVTRTAYSSPSVVLPSQTPDGKLALIDDFREAYYWLRMNSDEDSKVAAWWDYGYQIGG
MADRTTLVDNNTWNNTHIAIVGKANASPEEKSYEILKEHDVDYVLVIFGGLIGFGGDDINKFLWNIRISEGIWPEEIKER
DFYTAEGEYRVDARASETMRNSLLYKMSYKDFPQLFNGGQATDRVRQQMITPLDVPPLDYFDEVFTSENWNVRIYQLKKD
DAQGRTLRDVGELTRSSTKTRRSIKRPELGLRV
;
_entity_poly.pdbx_strand_id   A
#
# COMPACT_ATOMS: atom_id res chain seq x y z
N MET A 1 -5.26 -15.27 5.26
CA MET A 1 -6.38 -15.97 4.64
C MET A 1 -7.66 -15.15 4.76
N GLY A 2 -8.39 -15.04 3.65
CA GLY A 2 -9.63 -14.28 3.66
C GLY A 2 -10.46 -14.51 2.41
N SER A 3 -11.43 -13.64 2.17
CA SER A 3 -12.29 -13.76 1.00
C SER A 3 -13.24 -12.57 0.91
N SER A 4 -13.46 -12.09 -0.31
CA SER A 4 -14.34 -10.96 -0.54
C SER A 4 -14.45 -10.63 -2.03
N HIS A 5 -15.55 -9.98 -2.41
CA HIS A 5 -15.76 -9.62 -3.81
C HIS A 5 -17.08 -8.85 -3.97
N HIS A 6 -17.02 -7.54 -3.73
CA HIS A 6 -18.20 -6.70 -3.84
C HIS A 6 -17.85 -5.23 -3.64
N HIS A 7 -17.28 -4.62 -4.69
CA HIS A 7 -16.89 -3.22 -4.63
C HIS A 7 -16.30 -2.77 -5.97
N HIS A 8 -16.93 -1.78 -6.58
CA HIS A 8 -16.46 -1.26 -7.87
C HIS A 8 -17.33 -0.10 -8.33
N HIS A 9 -16.74 1.09 -8.40
CA HIS A 9 -17.46 2.29 -8.83
C HIS A 9 -16.53 3.25 -9.55
N HIS A 10 -17.03 4.47 -9.80
CA HIS A 10 -16.23 5.49 -10.49
C HIS A 10 -16.35 6.83 -9.77
N SER A 11 -15.83 7.87 -10.41
CA SER A 11 -15.87 9.22 -9.84
C SER A 11 -16.14 10.26 -10.92
N SER A 12 -17.19 11.06 -10.71
CA SER A 12 -17.56 12.10 -11.66
C SER A 12 -18.78 12.87 -11.18
N GLY A 13 -18.63 14.19 -11.07
CA GLY A 13 -19.73 15.02 -10.62
C GLY A 13 -19.26 16.32 -9.99
N LEU A 14 -20.19 17.24 -9.77
CA LEU A 14 -19.85 18.53 -9.17
C LEU A 14 -20.56 18.71 -7.83
N VAL A 15 -19.80 18.52 -6.74
CA VAL A 15 -20.34 18.66 -5.41
C VAL A 15 -19.26 19.02 -4.41
N PRO A 16 -19.67 19.64 -3.28
CA PRO A 16 -18.74 20.05 -2.22
C PRO A 16 -18.15 18.86 -1.47
N ARG A 17 -17.30 19.16 -0.49
CA ARG A 17 -16.67 18.11 0.31
C ARG A 17 -15.96 18.70 1.52
N GLY A 18 -14.83 19.36 1.28
CA GLY A 18 -14.08 19.96 2.35
C GLY A 18 -12.60 19.65 2.27
N SER A 19 -12.00 19.37 3.43
CA SER A 19 -10.58 19.05 3.49
C SER A 19 -10.26 17.80 2.66
N HIS A 20 -9.07 17.25 2.88
CA HIS A 20 -8.65 16.05 2.15
C HIS A 20 -9.77 15.01 2.12
N SER A 21 -9.98 14.41 0.96
CA SER A 21 -11.02 13.41 0.79
C SER A 21 -10.54 12.26 -0.09
N THR A 22 -9.25 12.28 -0.42
CA THR A 22 -8.66 11.24 -1.27
C THR A 22 -8.76 9.88 -0.59
N TRP A 23 -8.31 9.80 0.65
CA TRP A 23 -8.34 8.55 1.41
C TRP A 23 -9.57 7.73 1.03
N VAL A 24 -10.70 8.40 0.85
CA VAL A 24 -11.95 7.73 0.48
C VAL A 24 -12.27 7.93 -0.99
N THR A 25 -11.81 9.05 -1.54
CA THR A 25 -12.06 9.37 -2.95
C THR A 25 -10.89 8.92 -3.82
N ARG A 26 -9.88 8.32 -3.20
CA ARG A 26 -8.71 7.84 -3.92
C ARG A 26 -8.55 6.34 -3.78
N THR A 27 -8.97 5.81 -2.63
CA THR A 27 -8.87 4.38 -2.36
C THR A 27 -9.65 3.58 -3.40
N ALA A 28 -10.61 4.22 -4.04
CA ALA A 28 -11.43 3.57 -5.06
C ALA A 28 -10.56 2.87 -6.10
N TYR A 29 -9.30 3.30 -6.19
CA TYR A 29 -8.36 2.72 -7.15
C TYR A 29 -8.84 1.35 -7.62
N SER A 30 -9.03 0.44 -6.68
CA SER A 30 -9.48 -0.91 -7.00
C SER A 30 -8.39 -1.69 -7.74
N SER A 31 -8.43 -3.00 -7.62
CA SER A 31 -7.45 -3.87 -8.28
C SER A 31 -7.66 -5.32 -7.89
N PRO A 32 -8.55 -6.01 -8.64
CA PRO A 32 -8.86 -7.42 -8.39
C PRO A 32 -7.71 -8.34 -8.75
N SER A 33 -6.67 -7.77 -9.36
CA SER A 33 -5.50 -8.54 -9.77
C SER A 33 -4.25 -7.68 -9.75
N VAL A 34 -4.42 -6.38 -10.00
CA VAL A 34 -3.31 -5.45 -10.01
C VAL A 34 -2.12 -6.03 -10.75
N VAL A 35 -2.40 -6.82 -11.77
CA VAL A 35 -1.34 -7.44 -12.57
C VAL A 35 -0.94 -6.54 -13.74
N LEU A 36 -0.13 -5.53 -13.44
CA LEU A 36 0.33 -4.59 -14.46
C LEU A 36 -0.01 -5.12 -15.86
N PRO A 37 0.63 -6.22 -16.25
CA PRO A 37 0.42 -6.85 -17.56
C PRO A 37 -0.96 -7.49 -17.69
N SER A 38 -1.99 -6.69 -17.46
CA SER A 38 -3.36 -7.17 -17.54
C SER A 38 -4.31 -6.25 -16.78
N GLN A 39 -4.38 -6.45 -15.47
CA GLN A 39 -5.24 -5.64 -14.61
C GLN A 39 -4.71 -4.22 -14.48
N THR A 40 -5.62 -3.24 -14.49
CA THR A 40 -5.24 -1.85 -14.38
C THR A 40 -6.46 -0.94 -14.44
N PRO A 41 -7.32 -1.02 -13.41
CA PRO A 41 -8.55 -0.21 -13.32
C PRO A 41 -8.24 1.26 -13.08
N ASP A 42 -9.27 2.01 -12.69
CA ASP A 42 -9.11 3.44 -12.43
C ASP A 42 -7.91 3.69 -11.51
N GLY A 43 -6.82 4.16 -12.11
CA GLY A 43 -5.62 4.44 -11.34
C GLY A 43 -5.81 5.57 -10.36
N LYS A 44 -6.38 5.27 -9.20
CA LYS A 44 -6.63 6.26 -8.16
C LYS A 44 -5.45 6.35 -7.19
N LEU A 45 -5.74 6.13 -5.91
CA LEU A 45 -4.71 6.17 -4.88
C LEU A 45 -3.84 7.42 -5.02
N ALA A 46 -4.49 8.55 -5.31
CA ALA A 46 -3.79 9.82 -5.45
C ALA A 46 -2.97 10.14 -4.21
N LEU A 47 -3.63 10.20 -3.07
CA LEU A 47 -2.97 10.51 -1.80
C LEU A 47 -1.74 9.62 -1.61
N ILE A 48 -1.74 8.47 -2.28
CA ILE A 48 -0.62 7.54 -2.18
C ILE A 48 0.33 7.69 -3.37
N ASP A 49 -0.23 8.09 -4.51
CA ASP A 49 0.57 8.27 -5.72
C ASP A 49 1.57 9.41 -5.55
N ASP A 50 1.18 10.42 -4.76
CA ASP A 50 2.03 11.57 -4.52
C ASP A 50 3.05 11.27 -3.42
N PHE A 51 2.66 10.39 -2.50
CA PHE A 51 3.54 10.01 -1.39
C PHE A 51 4.68 9.12 -1.88
N ARG A 52 4.43 8.37 -2.94
CA ARG A 52 5.42 7.47 -3.50
C ARG A 52 6.44 8.25 -4.33
N GLU A 53 5.95 9.15 -5.18
CA GLU A 53 6.81 9.96 -6.03
C GLU A 53 7.59 10.97 -5.20
N ALA A 54 6.95 11.53 -4.18
CA ALA A 54 7.58 12.51 -3.32
C ALA A 54 8.81 11.93 -2.64
N TYR A 55 8.70 10.71 -2.14
CA TYR A 55 9.81 10.04 -1.48
C TYR A 55 10.85 9.58 -2.48
N TYR A 56 10.39 9.18 -3.67
CA TYR A 56 11.27 8.71 -4.72
C TYR A 56 11.98 9.89 -5.42
N TRP A 57 11.47 11.08 -5.17
CA TRP A 57 12.04 12.29 -5.77
C TRP A 57 13.15 12.86 -4.90
N LEU A 58 12.94 12.84 -3.59
CA LEU A 58 13.93 13.35 -2.64
C LEU A 58 14.93 12.26 -2.26
N ARG A 59 14.58 11.01 -2.57
CA ARG A 59 15.46 9.88 -2.25
C ARG A 59 15.74 9.07 -3.51
N MET A 60 15.28 9.56 -4.65
CA MET A 60 15.49 8.87 -5.93
C MET A 60 16.75 8.01 -5.88
N ASN A 61 17.87 8.66 -5.56
CA ASN A 61 19.16 7.95 -5.48
C ASN A 61 19.63 7.54 -6.88
N SER A 62 18.84 6.70 -7.54
CA SER A 62 19.19 6.23 -8.88
C SER A 62 20.36 5.25 -8.82
N ASP A 63 21.09 5.15 -9.92
CA ASP A 63 22.23 4.25 -10.01
C ASP A 63 21.80 2.86 -10.46
N GLU A 64 20.81 2.82 -11.35
CA GLU A 64 20.30 1.55 -11.87
C GLU A 64 20.10 0.55 -10.72
N ASP A 65 19.37 0.97 -9.70
CA ASP A 65 19.10 0.11 -8.55
C ASP A 65 17.93 0.65 -7.73
N SER A 66 17.85 1.97 -7.63
CA SER A 66 16.78 2.62 -6.87
C SER A 66 16.62 1.95 -5.51
N LYS A 67 17.67 1.99 -4.70
CA LYS A 67 17.64 1.38 -3.37
C LYS A 67 16.45 1.89 -2.58
N VAL A 68 16.56 3.11 -2.07
CA VAL A 68 15.48 3.73 -1.28
C VAL A 68 14.41 4.31 -2.19
N ALA A 69 14.59 4.14 -3.50
CA ALA A 69 13.63 4.65 -4.47
C ALA A 69 12.70 3.54 -4.94
N ALA A 70 13.13 2.30 -4.77
CA ALA A 70 12.32 1.15 -5.18
C ALA A 70 11.06 1.04 -4.33
N TRP A 71 11.21 1.13 -3.02
CA TRP A 71 10.09 1.04 -2.10
C TRP A 71 8.95 1.94 -2.54
N TRP A 72 9.30 3.13 -3.04
CA TRP A 72 8.30 4.09 -3.50
C TRP A 72 8.07 3.96 -5.01
N ASP A 73 9.02 3.33 -5.69
CA ASP A 73 8.92 3.13 -7.13
C ASP A 73 7.56 2.53 -7.51
N TYR A 74 7.03 1.70 -6.63
CA TYR A 74 5.74 1.07 -6.88
C TYR A 74 4.68 2.09 -7.26
N GLY A 75 4.80 3.29 -6.68
CA GLY A 75 3.85 4.35 -6.97
C GLY A 75 4.39 5.37 -7.94
N TYR A 76 5.72 5.49 -7.98
CA TYR A 76 6.36 6.44 -8.87
C TYR A 76 5.89 6.25 -10.31
N GLN A 77 5.43 5.05 -10.62
CA GLN A 77 4.95 4.73 -11.96
C GLN A 77 4.12 5.88 -12.53
N ILE A 78 3.40 6.56 -11.65
CA ILE A 78 2.56 7.69 -12.07
C ILE A 78 2.79 8.90 -11.17
N GLY A 79 3.45 8.68 -10.05
CA GLY A 79 3.72 9.76 -9.12
C GLY A 79 2.69 10.87 -9.19
N GLY A 80 1.57 10.68 -8.49
CA GLY A 80 0.51 11.66 -8.48
C GLY A 80 0.97 13.00 -7.94
N MET A 81 2.14 13.02 -7.32
CA MET A 81 2.69 14.24 -6.75
C MET A 81 2.95 15.28 -7.84
N ALA A 82 3.92 15.01 -8.69
CA ALA A 82 4.27 15.92 -9.78
C ALA A 82 5.34 15.32 -10.69
N ASP A 83 5.07 14.14 -11.20
CA ASP A 83 6.00 13.45 -12.09
C ASP A 83 5.27 12.64 -13.15
N ARG A 84 4.86 11.43 -12.79
CA ARG A 84 4.15 10.56 -13.71
C ARG A 84 4.98 10.31 -14.97
N THR A 85 6.24 9.96 -14.78
CA THR A 85 7.13 9.69 -15.90
C THR A 85 6.83 8.34 -16.55
N THR A 86 5.63 7.82 -16.27
CA THR A 86 5.21 6.54 -16.82
C THR A 86 6.31 5.49 -16.65
N LEU A 87 7.02 5.54 -15.53
CA LEU A 87 8.09 4.60 -15.25
C LEU A 87 8.91 4.32 -16.50
N VAL A 88 9.16 5.36 -17.29
CA VAL A 88 9.93 5.24 -18.52
C VAL A 88 11.37 4.83 -18.22
N ASP A 89 11.97 5.49 -17.24
CA ASP A 89 13.35 5.20 -16.85
C ASP A 89 13.38 4.37 -15.57
N ASN A 90 12.21 4.04 -15.05
CA ASN A 90 12.11 3.24 -13.83
C ASN A 90 11.46 1.90 -14.12
N ASN A 91 10.91 1.75 -15.31
CA ASN A 91 10.27 0.51 -15.71
C ASN A 91 11.12 -0.70 -15.32
N THR A 92 12.43 -0.52 -15.36
CA THR A 92 13.36 -1.60 -15.01
C THR A 92 13.20 -2.01 -13.56
N TRP A 93 13.26 -1.03 -12.66
CA TRP A 93 13.12 -1.30 -11.24
C TRP A 93 11.68 -1.07 -10.78
N ASN A 94 10.81 -0.72 -11.72
CA ASN A 94 9.41 -0.48 -11.41
C ASN A 94 8.55 -1.68 -11.81
N ASN A 95 8.91 -2.32 -12.92
CA ASN A 95 8.17 -3.47 -13.42
C ASN A 95 8.50 -4.72 -12.60
N THR A 96 9.69 -4.73 -12.00
CA THR A 96 10.12 -5.85 -11.19
C THR A 96 9.73 -5.67 -9.73
N HIS A 97 9.40 -4.43 -9.36
CA HIS A 97 9.01 -4.12 -7.99
C HIS A 97 7.49 -4.21 -7.83
N ILE A 98 6.77 -3.93 -8.91
CA ILE A 98 5.32 -3.98 -8.88
C ILE A 98 4.81 -5.35 -9.31
N ALA A 99 5.63 -6.07 -10.06
CA ALA A 99 5.26 -7.41 -10.53
C ALA A 99 5.43 -8.44 -9.43
N ILE A 100 6.44 -8.26 -8.60
CA ILE A 100 6.72 -9.17 -7.50
C ILE A 100 5.50 -9.31 -6.58
N VAL A 101 4.89 -8.17 -6.24
CA VAL A 101 3.73 -8.16 -5.37
C VAL A 101 2.56 -8.92 -6.00
N GLY A 102 2.37 -8.71 -7.30
CA GLY A 102 1.29 -9.39 -8.00
C GLY A 102 1.66 -10.80 -8.40
N LYS A 103 2.92 -11.16 -8.21
CA LYS A 103 3.39 -12.49 -8.56
C LYS A 103 3.41 -13.40 -7.32
N ALA A 104 3.74 -12.82 -6.17
CA ALA A 104 3.78 -13.57 -4.93
C ALA A 104 2.41 -14.13 -4.57
N ASN A 105 1.39 -13.29 -4.68
CA ASN A 105 0.02 -13.69 -4.36
C ASN A 105 -0.44 -14.80 -5.29
N ALA A 106 -0.18 -14.64 -6.58
CA ALA A 106 -0.57 -15.62 -7.59
C ALA A 106 0.37 -16.83 -7.56
N SER A 107 1.51 -16.67 -6.89
CA SER A 107 2.50 -17.74 -6.79
C SER A 107 1.93 -18.93 -6.03
N PRO A 108 2.64 -20.06 -6.09
CA PRO A 108 2.23 -21.30 -5.41
C PRO A 108 2.36 -21.19 -3.89
N GLU A 109 1.35 -20.60 -3.26
CA GLU A 109 1.35 -20.43 -1.82
C GLU A 109 -0.03 -20.04 -1.31
N GLU A 110 -0.38 -18.77 -1.47
CA GLU A 110 -1.68 -18.27 -1.04
C GLU A 110 -2.69 -18.32 -2.17
N LYS A 111 -2.71 -17.26 -2.99
CA LYS A 111 -3.63 -17.18 -4.11
C LYS A 111 -3.91 -15.73 -4.49
N SER A 112 -4.02 -15.46 -5.79
CA SER A 112 -4.29 -14.11 -6.28
C SER A 112 -5.64 -13.62 -5.78
N TYR A 113 -5.64 -12.46 -5.15
CA TYR A 113 -6.86 -11.87 -4.63
C TYR A 113 -6.79 -10.34 -4.63
N GLU A 114 -7.72 -9.71 -3.92
CA GLU A 114 -7.75 -8.25 -3.84
C GLU A 114 -6.81 -7.74 -2.74
N ILE A 115 -6.15 -8.68 -2.07
CA ILE A 115 -5.23 -8.33 -1.00
C ILE A 115 -4.08 -7.48 -1.52
N LEU A 116 -3.91 -7.45 -2.83
CA LEU A 116 -2.85 -6.67 -3.46
C LEU A 116 -3.24 -5.20 -3.54
N LYS A 117 -4.50 -4.94 -3.88
CA LYS A 117 -4.99 -3.58 -4.00
C LYS A 117 -5.16 -2.94 -2.61
N GLU A 118 -5.48 -3.76 -1.63
CA GLU A 118 -5.66 -3.28 -0.26
C GLU A 118 -4.32 -3.01 0.41
N HIS A 119 -3.28 -3.68 -0.08
CA HIS A 119 -1.94 -3.49 0.48
C HIS A 119 -1.34 -2.16 0.03
N ASP A 120 -1.54 -1.83 -1.24
CA ASP A 120 -1.02 -0.58 -1.79
C ASP A 120 -1.55 0.62 -1.01
N VAL A 121 -2.85 0.62 -0.74
CA VAL A 121 -3.48 1.70 0.00
C VAL A 121 -3.21 1.58 1.50
N ASP A 122 -2.81 0.39 1.92
CA ASP A 122 -2.51 0.15 3.33
C ASP A 122 -1.09 0.57 3.67
N TYR A 123 -0.16 0.32 2.75
CA TYR A 123 1.24 0.68 2.96
C TYR A 123 1.40 2.19 3.03
N VAL A 124 0.59 2.92 2.26
CA VAL A 124 0.65 4.37 2.25
C VAL A 124 0.14 4.95 3.56
N LEU A 125 -0.97 4.43 4.05
CA LEU A 125 -1.55 4.89 5.31
C LEU A 125 -0.73 4.43 6.50
N VAL A 126 0.07 3.39 6.29
CA VAL A 126 0.91 2.85 7.35
C VAL A 126 2.24 3.61 7.43
N ILE A 127 2.73 4.07 6.30
CA ILE A 127 3.98 4.81 6.25
C ILE A 127 3.74 6.30 6.46
N PHE A 128 2.52 6.75 6.22
CA PHE A 128 2.16 8.15 6.38
C PHE A 128 1.34 8.36 7.66
N GLY A 129 0.69 7.30 8.11
CA GLY A 129 -0.12 7.38 9.31
C GLY A 129 0.70 7.16 10.57
N GLY A 130 1.90 6.63 10.41
CA GLY A 130 2.77 6.36 11.55
C GLY A 130 4.20 6.76 11.29
N LEU A 131 4.61 6.72 10.03
CA LEU A 131 5.98 7.07 9.66
C LEU A 131 6.98 6.10 10.27
N ILE A 132 6.48 5.14 11.03
CA ILE A 132 7.34 4.14 11.67
C ILE A 132 6.58 3.37 12.74
N GLY A 133 5.64 4.05 13.40
CA GLY A 133 4.86 3.41 14.44
C GLY A 133 4.01 4.40 15.21
N PHE A 134 3.03 4.99 14.53
CA PHE A 134 2.14 5.96 15.16
C PHE A 134 2.91 7.23 15.53
N GLY A 135 2.78 8.26 14.70
CA GLY A 135 3.46 9.51 14.96
C GLY A 135 4.72 9.67 14.13
N GLY A 136 4.84 10.82 13.45
CA GLY A 136 6.02 11.07 12.63
C GLY A 136 5.68 11.82 11.35
N ASP A 137 4.71 11.30 10.61
CA ASP A 137 4.29 11.93 9.37
C ASP A 137 3.19 12.96 9.61
N ASP A 138 3.50 13.99 10.39
CA ASP A 138 2.55 15.03 10.71
C ASP A 138 2.45 16.04 9.57
N ILE A 139 3.24 15.83 8.53
CA ILE A 139 3.25 16.73 7.38
C ILE A 139 3.97 16.09 6.19
N ASN A 140 3.60 16.51 4.99
CA ASN A 140 4.21 15.99 3.77
C ASN A 140 4.96 17.08 3.02
N LYS A 141 6.12 16.73 2.47
CA LYS A 141 6.93 17.68 1.72
C LYS A 141 6.47 17.78 0.27
N PHE A 142 6.80 16.77 -0.52
CA PHE A 142 6.42 16.74 -1.92
C PHE A 142 5.06 16.07 -2.10
N LEU A 143 4.20 16.69 -2.91
CA LEU A 143 2.87 16.16 -3.17
C LEU A 143 2.09 17.07 -4.12
N TRP A 144 1.05 16.51 -4.74
CA TRP A 144 0.23 17.28 -5.66
C TRP A 144 0.00 18.70 -5.15
N ASN A 145 -0.24 19.63 -6.07
CA ASN A 145 -0.47 21.02 -5.71
C ASN A 145 -1.97 21.32 -5.63
N ILE A 146 -2.75 20.62 -6.45
CA ILE A 146 -4.20 20.81 -6.47
C ILE A 146 -4.77 20.77 -5.06
N ARG A 147 -4.33 19.80 -4.27
CA ARG A 147 -4.81 19.65 -2.90
C ARG A 147 -6.33 19.75 -2.83
N ILE A 148 -7.00 18.63 -3.04
CA ILE A 148 -8.46 18.58 -3.00
C ILE A 148 -9.06 19.51 -4.05
N SER A 149 -10.17 19.08 -4.64
CA SER A 149 -10.84 19.88 -5.67
C SER A 149 -12.19 19.26 -6.02
N GLU A 150 -12.95 18.86 -5.01
CA GLU A 150 -14.25 18.25 -5.22
C GLU A 150 -14.14 16.99 -6.06
N GLY A 151 -15.23 16.23 -6.13
CA GLY A 151 -15.22 15.00 -6.91
C GLY A 151 -16.42 14.12 -6.60
N ILE A 152 -16.22 12.81 -6.67
CA ILE A 152 -17.29 11.86 -6.40
C ILE A 152 -17.94 12.14 -5.04
N TRP A 153 -19.25 12.39 -5.07
CA TRP A 153 -19.99 12.68 -3.85
C TRP A 153 -19.64 11.68 -2.75
N PRO A 154 -19.92 12.05 -1.50
CA PRO A 154 -19.64 11.20 -0.33
C PRO A 154 -20.55 9.97 -0.28
N GLU A 155 -20.47 9.15 -1.32
CA GLU A 155 -21.29 7.94 -1.39
C GLU A 155 -20.47 6.70 -1.01
N GLU A 156 -19.15 6.85 -1.06
CA GLU A 156 -18.26 5.75 -0.72
C GLU A 156 -18.06 5.64 0.79
N ILE A 157 -17.97 6.80 1.44
CA ILE A 157 -17.78 6.84 2.89
C ILE A 157 -19.09 6.55 3.63
N LYS A 158 -20.20 6.98 3.03
CA LYS A 158 -21.51 6.76 3.63
C LYS A 158 -21.97 5.32 3.40
N GLU A 159 -21.51 4.72 2.32
CA GLU A 159 -21.88 3.36 1.98
C GLU A 159 -20.97 2.36 2.71
N ARG A 160 -19.78 2.82 3.07
CA ARG A 160 -18.81 1.97 3.77
C ARG A 160 -19.01 2.04 5.28
N ASP A 161 -19.67 3.10 5.74
CA ASP A 161 -19.92 3.29 7.16
C ASP A 161 -21.30 2.75 7.54
N PHE A 162 -22.16 2.60 6.54
CA PHE A 162 -23.51 2.10 6.78
C PHE A 162 -23.47 0.74 7.47
N TYR A 163 -22.36 0.03 7.30
CA TYR A 163 -22.20 -1.29 7.91
C TYR A 163 -21.98 -1.18 9.41
N THR A 164 -22.40 -2.22 10.14
CA THR A 164 -22.24 -2.23 11.59
C THR A 164 -21.63 -3.54 12.06
N ALA A 165 -20.82 -4.15 11.21
CA ALA A 165 -20.18 -5.42 11.54
C ALA A 165 -21.19 -6.52 11.75
N GLU A 166 -20.74 -7.66 12.27
CA GLU A 166 -21.62 -8.80 12.51
C GLU A 166 -22.85 -8.37 13.32
N GLY A 167 -22.64 -8.15 14.61
CA GLY A 167 -23.74 -7.75 15.47
C GLY A 167 -23.36 -6.61 16.41
N GLU A 168 -24.03 -6.52 17.54
CA GLU A 168 -23.76 -5.48 18.52
C GLU A 168 -22.27 -5.43 18.86
N TYR A 169 -21.81 -6.40 19.62
CA TYR A 169 -20.41 -6.46 20.02
C TYR A 169 -20.11 -7.75 20.78
N ARG A 170 -20.51 -8.88 20.20
CA ARG A 170 -20.29 -10.18 20.82
C ARG A 170 -20.47 -11.30 19.81
N VAL A 171 -19.80 -12.43 20.05
CA VAL A 171 -19.89 -13.58 19.16
C VAL A 171 -19.05 -13.37 17.91
N ASP A 172 -18.46 -12.19 17.80
CA ASP A 172 -17.62 -11.87 16.64
C ASP A 172 -16.44 -12.82 16.54
N ALA A 173 -16.24 -13.62 17.59
CA ALA A 173 -15.14 -14.59 17.61
C ALA A 173 -15.46 -15.80 16.75
N ARG A 174 -15.03 -16.97 17.21
CA ARG A 174 -15.27 -18.21 16.48
C ARG A 174 -14.52 -18.21 15.14
N ALA A 175 -14.99 -19.02 14.21
CA ALA A 175 -14.36 -19.11 12.89
C ALA A 175 -14.20 -17.74 12.26
N SER A 176 -14.93 -16.76 12.79
CA SER A 176 -14.86 -15.39 12.28
C SER A 176 -13.53 -14.74 12.64
N GLU A 177 -12.98 -15.14 13.78
CA GLU A 177 -11.71 -14.60 14.25
C GLU A 177 -10.67 -14.61 13.12
N THR A 178 -10.68 -15.68 12.33
CA THR A 178 -9.74 -15.82 11.22
C THR A 178 -10.30 -15.21 9.94
N MET A 179 -11.61 -15.30 9.77
CA MET A 179 -12.27 -14.76 8.59
C MET A 179 -12.51 -13.26 8.76
N ARG A 180 -12.28 -12.75 9.96
CA ARG A 180 -12.48 -11.33 10.24
C ARG A 180 -11.13 -10.61 10.31
N ASN A 181 -10.10 -11.31 10.76
CA ASN A 181 -8.77 -10.73 10.88
C ASN A 181 -8.33 -10.11 9.56
N SER A 182 -8.58 -10.82 8.46
CA SER A 182 -8.21 -10.32 7.14
C SER A 182 -9.23 -9.31 6.63
N LEU A 183 -10.47 -9.42 7.11
CA LEU A 183 -11.53 -8.52 6.71
C LEU A 183 -11.69 -7.37 7.70
N LEU A 184 -10.81 -7.35 8.71
CA LEU A 184 -10.85 -6.31 9.73
C LEU A 184 -9.79 -5.24 9.46
N TYR A 185 -8.61 -5.68 9.04
CA TYR A 185 -7.52 -4.76 8.73
C TYR A 185 -7.75 -4.06 7.41
N LYS A 186 -8.47 -4.72 6.52
CA LYS A 186 -8.77 -4.16 5.19
C LYS A 186 -10.04 -3.32 5.24
N MET A 187 -10.83 -3.50 6.30
CA MET A 187 -12.08 -2.75 6.46
C MET A 187 -11.89 -1.58 7.41
N SER A 188 -10.88 -1.68 8.28
CA SER A 188 -10.60 -0.62 9.24
C SER A 188 -9.94 0.57 8.56
N TYR A 189 -9.24 0.30 7.46
CA TYR A 189 -8.56 1.36 6.71
C TYR A 189 -9.43 1.88 5.58
N LYS A 190 -10.30 1.01 5.06
CA LYS A 190 -11.19 1.39 3.97
C LYS A 190 -12.48 1.98 4.51
N ASP A 191 -12.91 1.51 5.68
CA ASP A 191 -14.13 1.99 6.31
C ASP A 191 -13.81 2.82 7.55
N PHE A 192 -12.82 2.36 8.31
CA PHE A 192 -12.41 3.06 9.53
C PHE A 192 -12.66 2.18 10.76
N PRO A 193 -13.94 2.01 11.12
CA PRO A 193 -14.34 1.20 12.28
C PRO A 193 -14.10 -0.30 12.05
N GLN A 194 -13.05 -0.82 12.68
CA GLN A 194 -12.71 -2.23 12.55
C GLN A 194 -11.40 -2.53 13.27
N LEU A 195 -10.86 -3.72 13.01
CA LEU A 195 -9.61 -4.14 13.63
C LEU A 195 -9.72 -4.12 15.15
N PHE A 196 -10.72 -4.81 15.67
CA PHE A 196 -10.94 -4.86 17.11
C PHE A 196 -10.58 -6.24 17.66
N ASN A 197 -10.78 -7.26 16.85
CA ASN A 197 -10.47 -8.64 17.25
C ASN A 197 -11.50 -9.14 18.26
N GLY A 198 -12.22 -10.19 17.90
CA GLY A 198 -13.21 -10.75 18.79
C GLY A 198 -12.66 -11.86 19.66
N GLY A 199 -13.50 -12.41 20.53
CA GLY A 199 -13.07 -13.49 21.41
C GLY A 199 -11.63 -13.34 21.83
N GLN A 200 -10.89 -14.44 21.81
CA GLN A 200 -9.48 -14.42 22.19
C GLN A 200 -8.59 -14.94 21.05
N ALA A 201 -9.23 -15.48 20.02
CA ALA A 201 -8.49 -16.00 18.87
C ALA A 201 -8.07 -14.88 17.93
N THR A 202 -9.02 -13.98 17.63
CA THR A 202 -8.74 -12.86 16.75
C THR A 202 -7.60 -11.99 17.28
N ASP A 203 -7.55 -11.85 18.61
CA ASP A 203 -6.51 -11.05 19.24
C ASP A 203 -5.15 -11.74 19.13
N ARG A 204 -5.14 -13.05 19.30
CA ARG A 204 -3.91 -13.82 19.22
C ARG A 204 -3.34 -13.79 17.81
N VAL A 205 -4.23 -13.84 16.82
CA VAL A 205 -3.81 -13.81 15.42
C VAL A 205 -3.33 -12.43 15.02
N ARG A 206 -3.83 -11.41 15.70
CA ARG A 206 -3.44 -10.03 15.41
C ARG A 206 -1.99 -9.78 15.82
N GLN A 207 -1.63 -10.24 17.01
CA GLN A 207 -0.29 -10.07 17.53
C GLN A 207 0.71 -10.96 16.78
N GLN A 208 0.26 -12.15 16.42
CA GLN A 208 1.11 -13.09 15.70
C GLN A 208 1.04 -12.85 14.19
N MET A 209 0.20 -11.91 13.80
CA MET A 209 0.04 -11.58 12.38
C MET A 209 1.32 -10.97 11.82
N ILE A 210 1.97 -10.12 12.62
CA ILE A 210 3.20 -9.48 12.20
C ILE A 210 4.18 -10.49 11.61
N THR A 211 4.86 -11.23 12.47
CA THR A 211 5.83 -12.22 12.03
C THR A 211 6.78 -11.65 11.00
N PRO A 212 7.92 -12.33 10.80
CA PRO A 212 8.95 -11.90 9.84
C PRO A 212 8.49 -12.06 8.40
N LEU A 213 8.74 -13.25 7.83
CA LEU A 213 8.35 -13.52 6.46
C LEU A 213 8.59 -15.00 6.12
N ASP A 214 7.98 -15.88 6.90
CA ASP A 214 8.13 -17.32 6.68
C ASP A 214 7.94 -17.67 5.21
N VAL A 215 6.69 -17.65 4.74
CA VAL A 215 6.39 -17.96 3.35
C VAL A 215 7.42 -17.36 2.41
N PRO A 216 7.63 -18.01 1.26
CA PRO A 216 8.59 -17.56 0.25
C PRO A 216 8.15 -16.28 -0.44
N PRO A 217 6.82 -16.10 -0.57
CA PRO A 217 6.24 -14.91 -1.21
C PRO A 217 6.42 -13.65 -0.37
N LEU A 218 7.66 -13.15 -0.33
CA LEU A 218 7.97 -11.95 0.45
C LEU A 218 7.40 -10.71 -0.24
N ASP A 219 6.67 -10.92 -1.32
CA ASP A 219 6.06 -9.82 -2.07
C ASP A 219 4.58 -9.69 -1.74
N TYR A 220 3.98 -10.79 -1.31
CA TYR A 220 2.56 -10.80 -0.96
C TYR A 220 2.36 -10.84 0.55
N PHE A 221 3.31 -11.46 1.25
CA PHE A 221 3.24 -11.58 2.70
C PHE A 221 3.89 -10.36 3.37
N ASP A 222 4.90 -9.80 2.71
CA ASP A 222 5.60 -8.64 3.24
C ASP A 222 4.82 -7.35 2.96
N GLU A 223 4.06 -7.36 1.88
CA GLU A 223 3.27 -6.19 1.49
C GLU A 223 2.22 -5.89 2.55
N VAL A 224 1.53 -6.93 3.01
CA VAL A 224 0.48 -6.77 4.01
C VAL A 224 1.08 -6.75 5.41
N PHE A 225 2.24 -7.39 5.57
CA PHE A 225 2.92 -7.43 6.87
C PHE A 225 3.38 -6.04 7.29
N THR A 226 3.54 -5.15 6.32
CA THR A 226 3.97 -3.78 6.59
C THR A 226 2.88 -2.78 6.23
N SER A 227 1.81 -3.27 5.63
CA SER A 227 0.70 -2.41 5.22
C SER A 227 -0.56 -2.74 6.00
N GLU A 228 -0.90 -4.03 6.03
CA GLU A 228 -2.08 -4.49 6.75
C GLU A 228 -2.95 -3.31 7.18
N ASN A 229 -2.61 -2.73 8.34
CA ASN A 229 -3.35 -1.60 8.86
C ASN A 229 -2.79 -1.16 10.21
N TRP A 230 -3.60 -0.43 10.98
CA TRP A 230 -3.18 0.04 12.29
C TRP A 230 -2.57 -1.08 13.10
N ASN A 231 -2.94 -2.31 12.79
CA ASN A 231 -2.42 -3.47 13.50
C ASN A 231 -0.96 -3.73 13.14
N VAL A 232 -0.65 -3.63 11.85
CA VAL A 232 0.71 -3.84 11.38
C VAL A 232 1.56 -2.59 11.56
N ARG A 233 0.92 -1.42 11.44
CA ARG A 233 1.61 -0.15 11.59
C ARG A 233 2.20 -0.02 12.99
N ILE A 234 1.54 -0.61 13.98
CA ILE A 234 2.00 -0.55 15.35
C ILE A 234 2.97 -1.70 15.65
N TYR A 235 2.74 -2.84 15.01
CA TYR A 235 3.60 -4.00 15.21
C TYR A 235 4.90 -3.88 14.41
N GLN A 236 4.85 -3.06 13.36
CA GLN A 236 6.02 -2.85 12.51
C GLN A 236 7.12 -2.13 13.28
N LEU A 237 6.73 -1.14 14.08
CA LEU A 237 7.69 -0.37 14.86
C LEU A 237 8.37 -1.25 15.90
N LYS A 238 7.57 -2.03 16.63
CA LYS A 238 8.10 -2.92 17.66
C LYS A 238 8.86 -4.08 17.03
N LYS A 239 8.44 -4.48 15.83
CA LYS A 239 9.09 -5.58 15.13
C LYS A 239 10.37 -5.11 14.43
N ASP A 240 10.37 -3.86 13.98
CA ASP A 240 11.53 -3.30 13.32
C ASP A 240 12.62 -2.95 14.33
N ASP A 241 12.24 -2.80 15.59
CA ASP A 241 13.17 -2.47 16.65
C ASP A 241 13.71 -3.73 17.31
N ALA A 242 12.97 -4.83 17.18
CA ALA A 242 13.37 -6.10 17.76
C ALA A 242 13.67 -7.14 16.68
N GLN A 243 12.62 -7.78 16.19
CA GLN A 243 12.77 -8.80 15.15
C GLN A 243 12.65 -8.17 13.76
N GLY A 244 13.77 -7.69 13.24
CA GLY A 244 13.77 -7.07 11.92
C GLY A 244 14.15 -5.61 11.96
N ARG A 245 14.29 -5.01 10.79
CA ARG A 245 14.66 -3.60 10.70
C ARG A 245 14.97 -3.20 9.25
N THR A 246 15.41 -4.18 8.47
CA THR A 246 15.74 -3.94 7.06
C THR A 246 14.64 -4.45 6.14
N LEU A 247 13.53 -4.87 6.74
CA LEU A 247 12.39 -5.38 5.98
C LEU A 247 12.00 -4.40 4.88
N ARG A 248 12.31 -3.12 5.07
CA ARG A 248 11.99 -2.09 4.10
C ARG A 248 13.18 -1.82 3.18
N ASP A 249 14.38 -2.07 3.69
CA ASP A 249 15.59 -1.86 2.91
C ASP A 249 16.01 -3.14 2.18
N VAL A 250 15.26 -4.21 2.42
CA VAL A 250 15.54 -5.49 1.79
C VAL A 250 14.65 -5.72 0.57
N GLY A 251 13.44 -5.19 0.62
CA GLY A 251 12.50 -5.34 -0.48
C GLY A 251 12.66 -4.26 -1.52
N GLU A 252 13.38 -3.19 -1.17
CA GLU A 252 13.60 -2.08 -2.09
C GLU A 252 14.96 -2.18 -2.74
N LEU A 253 15.96 -2.60 -1.97
CA LEU A 253 17.33 -2.74 -2.47
C LEU A 253 17.43 -3.92 -3.43
N THR A 254 16.51 -4.86 -3.29
CA THR A 254 16.50 -6.05 -4.14
C THR A 254 16.36 -5.67 -5.61
N ARG A 255 15.88 -4.47 -5.86
CA ARG A 255 15.70 -3.98 -7.22
C ARG A 255 17.05 -3.69 -7.88
N SER A 256 18.11 -3.74 -7.09
CA SER A 256 19.45 -3.48 -7.60
C SER A 256 19.77 -4.37 -8.79
N SER A 257 20.84 -4.04 -9.50
CA SER A 257 21.25 -4.80 -10.68
C SER A 257 22.51 -4.21 -11.29
N THR A 258 22.40 -2.99 -11.81
CA THR A 258 23.53 -2.31 -12.43
C THR A 258 23.77 -0.95 -11.80
N LYS A 259 24.64 -0.16 -12.42
CA LYS A 259 24.96 1.17 -11.92
C LYS A 259 25.38 2.09 -13.07
N THR A 260 25.44 3.39 -12.79
CA THR A 260 25.84 4.37 -13.79
C THR A 260 25.11 4.14 -15.10
N ARG A 261 23.91 4.70 -15.23
CA ARG A 261 23.11 4.54 -16.45
C ARG A 261 21.76 5.24 -16.29
N ARG A 262 21.02 4.87 -15.25
CA ARG A 262 19.71 5.45 -15.00
C ARG A 262 19.79 6.97 -14.99
N SER A 263 20.91 7.50 -14.54
CA SER A 263 21.12 8.94 -14.48
C SER A 263 22.47 9.29 -13.87
N ILE A 264 22.94 8.42 -12.98
CA ILE A 264 24.23 8.62 -12.32
C ILE A 264 25.39 8.21 -13.23
N LYS A 265 25.06 7.88 -14.47
CA LYS A 265 26.07 7.46 -15.44
C LYS A 265 27.25 8.42 -15.44
N ARG A 266 28.38 7.96 -14.92
CA ARG A 266 29.58 8.79 -14.85
C ARG A 266 29.87 9.44 -16.21
N PRO A 267 30.68 10.51 -16.18
CA PRO A 267 31.04 11.25 -17.39
C PRO A 267 31.96 10.44 -18.30
N GLU A 268 31.44 9.35 -18.86
CA GLU A 268 32.22 8.49 -19.75
C GLU A 268 31.39 7.31 -20.22
N LEU A 269 30.72 6.64 -19.29
CA LEU A 269 29.89 5.48 -19.62
C LEU A 269 28.63 5.92 -20.37
N GLY A 270 27.68 6.49 -19.65
CA GLY A 270 26.45 6.94 -20.26
C GLY A 270 26.64 8.17 -21.13
N LEU A 271 27.84 8.75 -21.06
CA LEU A 271 28.16 9.94 -21.85
C LEU A 271 27.24 11.10 -21.47
N ARG A 272 26.63 11.01 -20.29
CA ARG A 272 25.72 12.04 -19.81
C ARG A 272 26.21 12.62 -18.49
N VAL A 273 27.21 11.98 -17.90
CA VAL A 273 27.77 12.44 -16.63
C VAL A 273 26.76 12.28 -15.50
N MET A 1 9.40 -23.09 5.06
CA MET A 1 8.85 -21.96 4.32
C MET A 1 8.16 -22.44 3.04
N GLY A 2 6.83 -22.50 3.10
CA GLY A 2 6.06 -22.96 1.94
C GLY A 2 4.57 -22.94 2.20
N SER A 3 3.80 -22.62 1.16
CA SER A 3 2.35 -22.56 1.28
C SER A 3 1.70 -22.20 -0.05
N SER A 4 0.41 -22.51 -0.19
CA SER A 4 -0.31 -22.23 -1.42
C SER A 4 -1.78 -22.62 -1.29
N HIS A 5 -2.62 -22.08 -2.17
CA HIS A 5 -4.05 -22.39 -2.14
C HIS A 5 -4.68 -22.07 -3.49
N HIS A 6 -5.99 -22.28 -3.59
CA HIS A 6 -6.72 -22.02 -4.82
C HIS A 6 -7.92 -21.10 -4.56
N HIS A 7 -8.17 -20.19 -5.49
CA HIS A 7 -9.28 -19.25 -5.35
C HIS A 7 -9.36 -18.33 -6.57
N HIS A 8 -10.47 -17.61 -6.68
CA HIS A 8 -10.67 -16.68 -7.79
C HIS A 8 -11.65 -15.58 -7.41
N HIS A 9 -11.47 -14.40 -8.02
CA HIS A 9 -12.33 -13.27 -7.74
C HIS A 9 -11.97 -12.08 -8.63
N HIS A 10 -12.61 -10.94 -8.38
CA HIS A 10 -12.36 -9.74 -9.17
C HIS A 10 -12.81 -8.49 -8.41
N SER A 11 -12.63 -7.33 -9.03
CA SER A 11 -13.01 -6.06 -8.41
C SER A 11 -13.17 -4.97 -9.46
N SER A 12 -13.45 -3.76 -9.01
CA SER A 12 -13.63 -2.63 -9.91
C SER A 12 -13.80 -1.33 -9.12
N GLY A 13 -14.08 -0.24 -9.84
CA GLY A 13 -14.25 1.05 -9.19
C GLY A 13 -14.40 2.18 -10.19
N LEU A 14 -15.04 3.26 -9.76
CA LEU A 14 -15.26 4.41 -10.63
C LEU A 14 -15.87 5.58 -9.85
N VAL A 15 -15.17 6.71 -9.83
CA VAL A 15 -15.64 7.89 -9.13
C VAL A 15 -15.08 9.16 -9.74
N PRO A 16 -15.78 10.29 -9.54
CA PRO A 16 -15.37 11.59 -10.06
C PRO A 16 -14.12 12.13 -9.36
N ARG A 17 -13.65 13.29 -9.82
CA ARG A 17 -12.47 13.91 -9.23
C ARG A 17 -12.85 15.10 -8.37
N GLY A 18 -12.02 15.39 -7.37
CA GLY A 18 -12.28 16.52 -6.49
C GLY A 18 -11.38 16.52 -5.27
N SER A 19 -10.61 17.59 -5.11
CA SER A 19 -9.69 17.71 -3.98
C SER A 19 -10.46 17.75 -2.66
N HIS A 20 -9.73 17.90 -1.57
CA HIS A 20 -10.34 17.97 -0.24
C HIS A 20 -11.31 16.80 -0.04
N SER A 21 -10.94 15.63 -0.54
CA SER A 21 -11.78 14.44 -0.42
C SER A 21 -11.10 13.23 -1.05
N THR A 22 -9.77 13.23 -1.03
CA THR A 22 -9.00 12.13 -1.60
C THR A 22 -9.28 10.82 -0.86
N TRP A 23 -9.13 10.85 0.46
CA TRP A 23 -9.36 9.67 1.29
C TRP A 23 -10.48 8.81 0.69
N VAL A 24 -11.53 9.46 0.22
CA VAL A 24 -12.65 8.75 -0.37
C VAL A 24 -12.60 8.80 -1.90
N THR A 25 -12.05 9.89 -2.43
CA THR A 25 -11.94 10.07 -3.87
C THR A 25 -10.57 9.63 -4.37
N ARG A 26 -9.79 9.03 -3.48
CA ARG A 26 -8.45 8.57 -3.83
C ARG A 26 -8.37 7.05 -3.80
N THR A 27 -9.13 6.45 -2.89
CA THR A 27 -9.14 5.00 -2.74
C THR A 27 -9.96 4.34 -3.84
N ALA A 28 -10.85 5.12 -4.46
CA ALA A 28 -11.70 4.62 -5.53
C ALA A 28 -11.28 5.20 -6.89
N TYR A 29 -10.24 6.02 -6.87
CA TYR A 29 -9.75 6.65 -8.09
C TYR A 29 -9.45 5.61 -9.16
N SER A 30 -8.29 4.97 -9.05
CA SER A 30 -7.89 3.95 -10.00
C SER A 30 -7.72 4.54 -11.40
N SER A 31 -6.64 4.15 -12.08
CA SER A 31 -6.35 4.66 -13.42
C SER A 31 -5.01 4.14 -13.92
N PRO A 32 -3.93 4.46 -13.19
CA PRO A 32 -2.58 4.04 -13.54
C PRO A 32 -2.37 2.54 -13.35
N SER A 33 -3.47 1.81 -13.25
CA SER A 33 -3.40 0.36 -13.06
C SER A 33 -2.52 0.00 -11.87
N VAL A 34 -2.27 -1.29 -11.70
CA VAL A 34 -1.44 -1.76 -10.60
C VAL A 34 -0.79 -3.09 -10.93
N VAL A 35 -1.55 -3.97 -11.57
CA VAL A 35 -1.04 -5.29 -11.95
C VAL A 35 -0.06 -5.18 -13.11
N LEU A 36 -0.59 -4.95 -14.31
CA LEU A 36 0.24 -4.82 -15.50
C LEU A 36 -0.63 -4.56 -16.74
N PRO A 37 -1.52 -5.51 -17.04
CA PRO A 37 -2.42 -5.41 -18.20
C PRO A 37 -3.48 -4.33 -18.01
N SER A 38 -3.03 -3.08 -17.92
CA SER A 38 -3.94 -1.95 -17.73
C SER A 38 -4.98 -2.26 -16.67
N GLN A 39 -4.51 -2.57 -15.47
CA GLN A 39 -5.40 -2.89 -14.35
C GLN A 39 -5.95 -1.62 -13.71
N THR A 40 -6.47 -1.75 -12.50
CA THR A 40 -7.02 -0.61 -11.78
C THR A 40 -7.77 -1.07 -10.53
N PRO A 41 -7.06 -1.77 -9.63
CA PRO A 41 -7.63 -2.28 -8.39
C PRO A 41 -7.94 -1.16 -7.40
N ASP A 42 -6.94 -0.79 -6.61
CA ASP A 42 -7.10 0.27 -5.62
C ASP A 42 -7.41 1.60 -6.29
N GLY A 43 -7.38 2.67 -5.51
CA GLY A 43 -7.65 3.99 -6.05
C GLY A 43 -6.38 4.79 -6.33
N LYS A 44 -5.24 4.19 -6.02
CA LYS A 44 -3.95 4.84 -6.24
C LYS A 44 -3.66 5.85 -5.14
N LEU A 45 -4.71 6.49 -4.63
CA LEU A 45 -4.57 7.48 -3.58
C LEU A 45 -3.92 8.75 -4.11
N ALA A 46 -4.68 9.52 -4.88
CA ALA A 46 -4.18 10.76 -5.45
C ALA A 46 -3.43 11.59 -4.41
N LEU A 47 -3.92 11.55 -3.17
CA LEU A 47 -3.31 12.29 -2.08
C LEU A 47 -1.96 11.69 -1.70
N ILE A 48 -1.90 10.36 -1.67
CA ILE A 48 -0.67 9.66 -1.32
C ILE A 48 0.32 9.70 -2.47
N ASP A 49 -0.20 9.73 -3.70
CA ASP A 49 0.64 9.76 -4.89
C ASP A 49 1.59 10.96 -4.85
N ASP A 50 1.05 12.12 -4.47
CA ASP A 50 1.85 13.34 -4.38
C ASP A 50 2.83 13.27 -3.21
N PHE A 51 2.44 12.54 -2.17
CA PHE A 51 3.26 12.40 -0.98
C PHE A 51 4.46 11.48 -1.25
N ARG A 52 4.27 10.55 -2.17
CA ARG A 52 5.32 9.60 -2.52
C ARG A 52 6.46 10.30 -3.25
N GLU A 53 6.11 11.16 -4.21
CA GLU A 53 7.12 11.88 -4.97
C GLU A 53 7.98 12.75 -4.05
N ALA A 54 7.33 13.47 -3.14
CA ALA A 54 8.04 14.32 -2.21
C ALA A 54 9.10 13.55 -1.44
N TYR A 55 8.74 12.35 -1.00
CA TYR A 55 9.66 11.50 -0.25
C TYR A 55 10.68 10.85 -1.17
N TYR A 56 10.24 10.47 -2.36
CA TYR A 56 11.12 9.83 -3.35
C TYR A 56 12.11 10.84 -3.91
N TRP A 57 11.77 12.12 -3.81
CA TRP A 57 12.64 13.18 -4.32
C TRP A 57 13.71 13.55 -3.29
N LEU A 58 13.32 13.57 -2.02
CA LEU A 58 14.25 13.90 -0.95
C LEU A 58 14.95 12.65 -0.42
N ARG A 59 14.46 11.49 -0.85
CA ARG A 59 15.04 10.22 -0.42
C ARG A 59 15.45 9.38 -1.62
N MET A 60 15.30 9.95 -2.82
CA MET A 60 15.66 9.25 -4.04
C MET A 60 16.87 8.34 -3.81
N ASN A 61 17.90 8.87 -3.17
CA ASN A 61 19.11 8.11 -2.89
C ASN A 61 19.71 7.55 -4.17
N SER A 62 19.23 6.39 -4.60
CA SER A 62 19.72 5.76 -5.81
C SER A 62 18.89 6.17 -7.02
N ASP A 63 19.31 5.74 -8.20
CA ASP A 63 18.60 6.06 -9.43
C ASP A 63 17.96 4.81 -10.03
N GLU A 64 18.78 3.97 -10.66
CA GLU A 64 18.28 2.74 -11.27
C GLU A 64 17.69 1.80 -10.23
N ASP A 65 18.49 1.48 -9.22
CA ASP A 65 18.04 0.59 -8.16
C ASP A 65 16.97 1.25 -7.30
N SER A 66 17.25 2.47 -6.86
CA SER A 66 16.31 3.23 -6.03
C SER A 66 15.85 2.39 -4.84
N LYS A 67 16.78 2.05 -3.96
CA LYS A 67 16.47 1.25 -2.78
C LYS A 67 15.29 1.85 -2.01
N VAL A 68 15.57 2.93 -1.27
CA VAL A 68 14.53 3.60 -0.50
C VAL A 68 13.51 4.29 -1.41
N ALA A 69 13.92 4.56 -2.64
CA ALA A 69 13.05 5.21 -3.60
C ALA A 69 11.99 4.24 -4.14
N ALA A 70 12.25 2.95 -3.96
CA ALA A 70 11.32 1.91 -4.42
C ALA A 70 10.02 1.95 -3.62
N TRP A 71 10.14 2.21 -2.32
CA TRP A 71 8.97 2.27 -1.45
C TRP A 71 8.03 3.39 -1.88
N TRP A 72 8.59 4.52 -2.28
CA TRP A 72 7.81 5.67 -2.72
C TRP A 72 7.63 5.65 -4.23
N ASP A 73 8.35 4.77 -4.91
CA ASP A 73 8.28 4.66 -6.36
C ASP A 73 6.84 4.41 -6.81
N TYR A 74 6.10 3.65 -6.00
CA TYR A 74 4.71 3.32 -6.33
C TYR A 74 3.94 4.59 -6.68
N GLY A 75 4.33 5.71 -6.07
CA GLY A 75 3.64 6.97 -6.32
C GLY A 75 4.43 7.86 -7.27
N TYR A 76 5.74 7.71 -7.27
CA TYR A 76 6.61 8.51 -8.14
C TYR A 76 6.19 8.38 -9.60
N GLN A 77 5.54 7.26 -9.92
CA GLN A 77 5.08 7.01 -11.28
C GLN A 77 4.43 8.25 -11.88
N ILE A 78 3.80 9.05 -11.02
CA ILE A 78 3.13 10.27 -11.45
C ILE A 78 3.24 11.36 -10.39
N GLY A 79 4.04 11.11 -9.36
CA GLY A 79 4.22 12.08 -8.30
C GLY A 79 3.32 13.30 -8.47
N GLY A 80 2.14 13.25 -7.87
CA GLY A 80 1.21 14.35 -7.97
C GLY A 80 1.74 15.62 -7.35
N MET A 81 2.83 15.50 -6.59
CA MET A 81 3.45 16.65 -5.93
C MET A 81 3.82 17.72 -6.95
N ALA A 82 4.91 17.49 -7.68
CA ALA A 82 5.36 18.44 -8.69
C ALA A 82 6.55 17.88 -9.46
N ASP A 83 6.34 16.75 -10.13
CA ASP A 83 7.38 16.12 -10.91
C ASP A 83 6.83 15.55 -12.22
N ARG A 84 6.34 14.32 -12.16
CA ARG A 84 5.78 13.66 -13.34
C ARG A 84 6.69 13.83 -14.55
N THR A 85 7.98 13.96 -14.28
CA THR A 85 8.97 14.14 -15.35
C THR A 85 10.05 13.06 -15.28
N THR A 86 10.44 12.70 -14.07
CA THR A 86 11.46 11.67 -13.87
C THR A 86 10.96 10.31 -14.28
N LEU A 87 9.66 10.07 -14.11
CA LEU A 87 9.05 8.80 -14.47
C LEU A 87 9.22 8.52 -15.95
N VAL A 88 9.58 9.56 -16.71
CA VAL A 88 9.77 9.42 -18.16
C VAL A 88 10.92 8.46 -18.47
N ASP A 89 12.12 8.85 -18.07
CA ASP A 89 13.31 8.02 -18.30
C ASP A 89 13.48 7.00 -17.19
N ASN A 90 12.72 7.16 -16.11
CA ASN A 90 12.79 6.25 -14.98
C ASN A 90 11.66 5.22 -15.02
N ASN A 91 10.76 5.40 -15.98
CA ASN A 91 9.63 4.49 -16.14
C ASN A 91 10.10 3.04 -16.12
N THR A 92 11.28 2.80 -16.65
CA THR A 92 11.84 1.46 -16.71
C THR A 92 11.89 0.83 -15.32
N TRP A 93 12.20 1.63 -14.32
CA TRP A 93 12.27 1.15 -12.94
C TRP A 93 10.94 1.38 -12.21
N ASN A 94 9.98 1.96 -12.92
CA ASN A 94 8.67 2.23 -12.34
C ASN A 94 7.69 1.10 -12.65
N ASN A 95 7.79 0.56 -13.86
CA ASN A 95 6.91 -0.52 -14.30
C ASN A 95 7.30 -1.83 -13.62
N THR A 96 8.58 -1.97 -13.30
CA THR A 96 9.08 -3.19 -12.65
C THR A 96 8.81 -3.14 -11.15
N HIS A 97 8.69 -1.95 -10.61
CA HIS A 97 8.44 -1.78 -9.18
C HIS A 97 6.94 -1.80 -8.89
N ILE A 98 6.14 -1.48 -9.90
CA ILE A 98 4.69 -1.46 -9.76
C ILE A 98 4.09 -2.81 -10.14
N ALA A 99 4.78 -3.54 -11.02
CA ALA A 99 4.31 -4.85 -11.46
C ALA A 99 4.60 -5.92 -10.42
N ILE A 100 5.71 -5.76 -9.70
CA ILE A 100 6.10 -6.71 -8.67
C ILE A 100 5.02 -6.83 -7.60
N VAL A 101 4.51 -5.69 -7.14
CA VAL A 101 3.47 -5.67 -6.12
C VAL A 101 2.12 -6.05 -6.71
N GLY A 102 1.97 -5.87 -8.02
CA GLY A 102 0.72 -6.19 -8.68
C GLY A 102 0.67 -7.64 -9.14
N LYS A 103 1.82 -8.32 -9.09
CA LYS A 103 1.89 -9.71 -9.49
C LYS A 103 1.62 -10.65 -8.31
N ALA A 104 2.16 -10.28 -7.15
CA ALA A 104 1.96 -11.09 -5.95
C ALA A 104 0.50 -11.06 -5.49
N ASN A 105 -0.13 -9.90 -5.61
CA ASN A 105 -1.52 -9.73 -5.22
C ASN A 105 -2.46 -10.19 -6.33
N ALA A 106 -1.87 -10.55 -7.48
CA ALA A 106 -2.65 -11.00 -8.62
C ALA A 106 -2.74 -12.52 -8.66
N SER A 107 -1.74 -13.19 -8.08
CA SER A 107 -1.70 -14.64 -8.06
C SER A 107 -1.26 -15.15 -6.68
N PRO A 108 -1.68 -14.42 -5.63
CA PRO A 108 -1.34 -14.78 -4.25
C PRO A 108 -2.06 -16.04 -3.78
N GLU A 109 -2.07 -16.26 -2.47
CA GLU A 109 -2.73 -17.43 -1.90
C GLU A 109 -4.16 -17.55 -2.41
N GLU A 110 -4.76 -16.42 -2.75
CA GLU A 110 -6.14 -16.40 -3.24
C GLU A 110 -6.16 -16.21 -4.76
N LYS A 111 -5.19 -15.47 -5.27
CA LYS A 111 -5.10 -15.21 -6.71
C LYS A 111 -6.28 -14.36 -7.18
N SER A 112 -5.97 -13.18 -7.72
CA SER A 112 -7.01 -12.28 -8.21
C SER A 112 -8.08 -12.06 -7.15
N TYR A 113 -7.75 -11.26 -6.14
CA TYR A 113 -8.70 -10.97 -5.07
C TYR A 113 -8.72 -9.48 -4.75
N GLU A 114 -9.68 -9.07 -3.93
CA GLU A 114 -9.81 -7.68 -3.55
C GLU A 114 -8.68 -7.25 -2.62
N ILE A 115 -7.87 -8.21 -2.22
CA ILE A 115 -6.74 -7.94 -1.33
C ILE A 115 -5.64 -7.19 -2.07
N LEU A 116 -5.88 -6.88 -3.33
CA LEU A 116 -4.91 -6.15 -4.14
C LEU A 116 -5.29 -4.68 -4.28
N LYS A 117 -6.51 -4.35 -3.87
CA LYS A 117 -7.00 -2.99 -3.94
C LYS A 117 -7.24 -2.41 -2.54
N GLU A 118 -7.46 -3.31 -1.58
CA GLU A 118 -7.70 -2.90 -0.20
C GLU A 118 -6.40 -2.90 0.60
N HIS A 119 -5.35 -3.48 0.03
CA HIS A 119 -4.06 -3.55 0.69
C HIS A 119 -3.16 -2.41 0.25
N ASP A 120 -3.28 -2.02 -1.02
CA ASP A 120 -2.48 -0.93 -1.57
C ASP A 120 -2.80 0.39 -0.88
N VAL A 121 -4.09 0.64 -0.66
CA VAL A 121 -4.52 1.87 0.00
C VAL A 121 -4.21 1.83 1.49
N ASP A 122 -4.20 0.62 2.06
CA ASP A 122 -3.91 0.45 3.48
C ASP A 122 -2.42 0.26 3.72
N TYR A 123 -1.64 0.27 2.63
CA TYR A 123 -0.21 0.10 2.72
C TYR A 123 0.52 1.44 2.55
N VAL A 124 -0.15 2.39 1.91
CA VAL A 124 0.42 3.72 1.69
C VAL A 124 -0.20 4.74 2.61
N LEU A 125 -1.29 4.37 3.27
CA LEU A 125 -1.99 5.27 4.19
C LEU A 125 -1.76 4.85 5.64
N VAL A 126 -1.38 3.59 5.83
CA VAL A 126 -1.12 3.08 7.17
C VAL A 126 0.37 3.02 7.45
N ILE A 127 1.17 3.05 6.40
CA ILE A 127 2.62 3.00 6.54
C ILE A 127 3.18 4.36 6.97
N PHE A 128 2.55 5.42 6.51
CA PHE A 128 2.97 6.78 6.84
C PHE A 128 2.39 7.21 8.19
N GLY A 129 1.22 6.68 8.52
CA GLY A 129 0.57 7.02 9.78
C GLY A 129 1.03 6.13 10.92
N GLY A 130 1.85 5.13 10.60
CA GLY A 130 2.33 4.22 11.63
C GLY A 130 3.63 3.54 11.22
N LEU A 131 4.45 4.23 10.45
CA LEU A 131 5.72 3.70 9.99
C LEU A 131 6.53 3.14 11.16
N ILE A 132 6.24 3.65 12.36
CA ILE A 132 6.94 3.21 13.56
C ILE A 132 5.97 3.06 14.73
N GLY A 133 4.77 2.57 14.45
CA GLY A 133 3.78 2.39 15.49
C GLY A 133 3.59 3.64 16.34
N PHE A 134 3.52 4.79 15.68
CA PHE A 134 3.35 6.05 16.39
C PHE A 134 2.48 7.02 15.56
N GLY A 135 3.08 7.61 14.54
CA GLY A 135 2.36 8.53 13.70
C GLY A 135 3.15 8.98 12.49
N GLY A 136 2.62 9.92 11.73
CA GLY A 136 3.30 10.41 10.54
C GLY A 136 4.09 11.68 10.82
N ASP A 137 4.90 11.66 11.88
CA ASP A 137 5.70 12.82 12.24
C ASP A 137 6.96 12.90 11.37
N ASP A 138 7.04 12.03 10.38
CA ASP A 138 8.18 12.00 9.48
C ASP A 138 8.33 13.33 8.75
N ILE A 139 7.26 14.11 8.74
CA ILE A 139 7.26 15.41 8.08
C ILE A 139 8.10 15.37 6.80
N ASN A 140 7.48 14.97 5.71
CA ASN A 140 8.16 14.88 4.42
C ASN A 140 7.28 15.43 3.30
N LYS A 141 6.55 16.50 3.59
CA LYS A 141 5.67 17.12 2.61
C LYS A 141 6.44 18.13 1.74
N PHE A 142 7.35 17.62 0.93
CA PHE A 142 8.15 18.48 0.06
C PHE A 142 7.27 19.49 -0.67
N LEU A 143 6.04 19.07 -0.97
CA LEU A 143 5.10 19.95 -1.67
C LEU A 143 3.67 19.43 -1.52
N TRP A 144 3.32 18.42 -2.31
CA TRP A 144 1.99 17.83 -2.27
C TRP A 144 0.93 18.86 -2.65
N ASN A 145 0.55 18.86 -3.92
CA ASN A 145 -0.45 19.80 -4.42
C ASN A 145 -0.60 20.98 -3.47
N ILE A 146 -1.70 21.02 -2.73
CA ILE A 146 -1.97 22.09 -1.79
C ILE A 146 -3.37 21.99 -1.22
N ARG A 147 -4.36 21.77 -2.08
CA ARG A 147 -5.74 21.65 -1.66
C ARG A 147 -5.90 20.54 -0.62
N ILE A 148 -6.71 20.80 0.40
CA ILE A 148 -6.95 19.82 1.45
C ILE A 148 -7.97 20.34 2.47
N SER A 149 -8.90 19.48 2.86
CA SER A 149 -9.93 19.85 3.82
C SER A 149 -10.99 20.73 3.16
N GLU A 150 -12.25 20.50 3.53
CA GLU A 150 -13.36 21.28 2.98
C GLU A 150 -13.62 20.90 1.53
N GLY A 151 -14.59 20.02 1.32
CA GLY A 151 -14.93 19.58 -0.02
C GLY A 151 -15.61 18.23 -0.04
N ILE A 152 -15.17 17.33 0.84
CA ILE A 152 -15.73 16.00 0.91
C ILE A 152 -17.24 16.05 1.16
N TRP A 153 -18.01 15.51 0.22
CA TRP A 153 -19.46 15.50 0.34
C TRP A 153 -19.96 14.17 0.90
N PRO A 154 -21.15 14.19 1.51
CA PRO A 154 -21.76 12.99 2.09
C PRO A 154 -22.21 12.00 1.04
N GLU A 155 -21.31 11.68 0.10
CA GLU A 155 -21.63 10.74 -0.97
C GLU A 155 -20.63 9.58 -0.99
N GLU A 156 -19.34 9.92 -1.07
CA GLU A 156 -18.29 8.92 -1.09
C GLU A 156 -18.12 8.26 0.28
N ILE A 157 -18.55 8.97 1.31
CA ILE A 157 -18.45 8.47 2.68
C ILE A 157 -19.66 7.59 3.02
N LYS A 158 -20.77 7.83 2.35
CA LYS A 158 -21.98 7.07 2.58
C LYS A 158 -21.95 5.75 1.82
N GLU A 159 -21.31 5.76 0.65
CA GLU A 159 -21.20 4.55 -0.17
C GLU A 159 -20.08 3.65 0.33
N ARG A 160 -19.12 4.24 1.04
CA ARG A 160 -18.00 3.48 1.58
C ARG A 160 -18.32 2.94 2.97
N ASP A 161 -19.30 3.56 3.63
CA ASP A 161 -19.70 3.14 4.96
C ASP A 161 -21.08 2.50 4.94
N PHE A 162 -21.67 2.42 3.75
CA PHE A 162 -23.00 1.84 3.59
C PHE A 162 -23.04 0.42 4.13
N TYR A 163 -21.86 -0.20 4.22
CA TYR A 163 -21.76 -1.57 4.71
C TYR A 163 -20.31 -2.05 4.71
N THR A 164 -19.99 -2.97 5.60
CA THR A 164 -18.65 -3.51 5.70
C THR A 164 -18.54 -4.55 6.80
N ALA A 165 -19.30 -4.35 7.87
CA ALA A 165 -19.30 -5.27 9.01
C ALA A 165 -20.53 -6.18 8.96
N GLU A 166 -20.50 -7.23 9.79
CA GLU A 166 -21.61 -8.17 9.84
C GLU A 166 -22.38 -8.01 11.15
N GLY A 167 -21.72 -7.49 12.17
CA GLY A 167 -22.36 -7.30 13.45
C GLY A 167 -21.85 -6.08 14.19
N GLU A 168 -22.77 -5.24 14.64
CA GLU A 168 -22.40 -4.02 15.37
C GLU A 168 -21.75 -4.35 16.71
N TYR A 169 -20.44 -4.20 16.78
CA TYR A 169 -19.70 -4.49 18.00
C TYR A 169 -19.78 -5.97 18.34
N ARG A 170 -18.76 -6.47 19.05
CA ARG A 170 -18.72 -7.87 19.44
C ARG A 170 -18.95 -8.77 18.24
N VAL A 171 -19.17 -10.06 18.51
CA VAL A 171 -19.41 -11.03 17.46
C VAL A 171 -18.37 -10.92 16.35
N ASP A 172 -18.65 -11.53 15.21
CA ASP A 172 -17.73 -11.50 14.07
C ASP A 172 -16.45 -12.26 14.38
N ALA A 173 -16.51 -13.09 15.42
CA ALA A 173 -15.35 -13.88 15.83
C ALA A 173 -15.28 -15.20 15.04
N ARG A 174 -15.55 -16.30 15.71
CA ARG A 174 -15.52 -17.61 15.08
C ARG A 174 -14.30 -17.75 14.17
N ALA A 175 -14.37 -18.66 13.21
CA ALA A 175 -13.27 -18.88 12.27
C ALA A 175 -12.90 -17.59 11.54
N SER A 176 -13.80 -16.60 11.61
CA SER A 176 -13.56 -15.32 10.94
C SER A 176 -12.62 -14.47 11.76
N GLU A 177 -12.35 -14.88 12.99
CA GLU A 177 -11.46 -14.13 13.88
C GLU A 177 -10.01 -14.38 13.50
N THR A 178 -9.77 -15.42 12.72
CA THR A 178 -8.42 -15.77 12.29
C THR A 178 -8.32 -15.79 10.76
N MET A 179 -9.45 -15.92 10.10
CA MET A 179 -9.48 -15.95 8.64
C MET A 179 -10.14 -14.69 8.09
N ARG A 180 -10.99 -14.06 8.90
CA ARG A 180 -11.68 -12.85 8.49
C ARG A 180 -11.13 -11.64 9.24
N ASN A 181 -10.13 -11.87 10.09
CA ASN A 181 -9.53 -10.80 10.87
C ASN A 181 -8.30 -10.23 10.16
N SER A 182 -7.55 -11.11 9.49
CA SER A 182 -6.35 -10.70 8.77
C SER A 182 -6.71 -9.93 7.50
N LEU A 183 -7.76 -10.39 6.81
CA LEU A 183 -8.21 -9.75 5.59
C LEU A 183 -9.11 -8.56 5.90
N LEU A 184 -9.52 -8.44 7.15
CA LEU A 184 -10.39 -7.34 7.58
C LEU A 184 -9.56 -6.21 8.18
N TYR A 185 -8.47 -6.57 8.86
CA TYR A 185 -7.61 -5.59 9.49
C TYR A 185 -6.91 -4.72 8.43
N LYS A 186 -6.61 -5.32 7.28
CA LYS A 186 -5.96 -4.60 6.19
C LYS A 186 -6.99 -3.90 5.31
N MET A 187 -8.18 -4.48 5.22
CA MET A 187 -9.25 -3.89 4.42
C MET A 187 -10.01 -2.83 5.21
N SER A 188 -10.00 -2.96 6.52
CA SER A 188 -10.69 -2.01 7.38
C SER A 188 -9.97 -0.66 7.39
N TYR A 189 -8.66 -0.70 7.53
CA TYR A 189 -7.84 0.52 7.55
C TYR A 189 -7.91 1.23 6.21
N LYS A 190 -7.85 0.47 5.12
CA LYS A 190 -7.89 1.03 3.78
C LYS A 190 -9.20 1.81 3.56
N ASP A 191 -10.23 1.42 4.30
CA ASP A 191 -11.53 2.08 4.19
C ASP A 191 -11.63 3.24 5.18
N PHE A 192 -11.42 2.95 6.46
CA PHE A 192 -11.49 3.96 7.51
C PHE A 192 -11.60 3.31 8.88
N PRO A 193 -12.71 2.59 9.11
CA PRO A 193 -12.96 1.91 10.39
C PRO A 193 -12.03 0.72 10.59
N GLN A 194 -12.12 0.11 11.78
CA GLN A 194 -11.28 -1.04 12.10
C GLN A 194 -11.35 -1.36 13.59
N LEU A 195 -12.19 -2.33 13.95
CA LEU A 195 -12.36 -2.73 15.34
C LEU A 195 -13.46 -3.76 15.49
N PHE A 196 -13.57 -4.64 14.50
CA PHE A 196 -14.59 -5.70 14.51
C PHE A 196 -14.08 -6.93 15.23
N ASN A 197 -12.87 -6.83 15.80
CA ASN A 197 -12.27 -7.95 16.51
C ASN A 197 -13.30 -8.67 17.38
N GLY A 198 -13.66 -9.88 16.97
CA GLY A 198 -14.65 -10.65 17.72
C GLY A 198 -14.04 -11.31 18.95
N GLY A 199 -14.22 -10.66 20.10
CA GLY A 199 -13.68 -11.19 21.34
C GLY A 199 -12.21 -10.89 21.52
N GLN A 200 -11.42 -11.92 21.79
CA GLN A 200 -9.98 -11.76 22.00
C GLN A 200 -9.20 -12.51 20.93
N ALA A 201 -9.85 -13.50 20.32
CA ALA A 201 -9.21 -14.31 19.28
C ALA A 201 -8.64 -13.42 18.18
N THR A 202 -9.48 -12.59 17.58
CA THR A 202 -9.06 -11.69 16.52
C THR A 202 -7.83 -10.89 16.92
N ASP A 203 -7.82 -10.44 18.17
CA ASP A 203 -6.69 -9.66 18.69
C ASP A 203 -5.46 -10.55 18.87
N ARG A 204 -5.69 -11.83 19.10
CA ARG A 204 -4.60 -12.79 19.31
C ARG A 204 -4.01 -13.22 17.97
N VAL A 205 -4.82 -13.17 16.92
CA VAL A 205 -4.38 -13.56 15.59
C VAL A 205 -3.59 -12.44 14.92
N ARG A 206 -4.00 -11.20 15.19
CA ARG A 206 -3.34 -10.03 14.62
C ARG A 206 -2.00 -9.78 15.29
N GLN A 207 -1.95 -10.02 16.61
CA GLN A 207 -0.73 -9.81 17.37
C GLN A 207 0.33 -10.83 17.00
N GLN A 208 -0.11 -12.03 16.61
CA GLN A 208 0.80 -13.10 16.24
C GLN A 208 1.19 -12.97 14.77
N MET A 209 0.40 -12.22 14.01
CA MET A 209 0.67 -12.02 12.58
C MET A 209 1.89 -11.12 12.39
N ILE A 210 2.35 -10.50 13.46
CA ILE A 210 3.50 -9.62 13.39
C ILE A 210 4.58 -10.19 12.47
N THR A 211 4.90 -11.46 12.66
CA THR A 211 5.91 -12.13 11.84
C THR A 211 5.28 -13.15 10.91
N PRO A 212 4.80 -12.67 9.75
CA PRO A 212 4.17 -13.53 8.74
C PRO A 212 5.16 -14.46 8.07
N LEU A 213 5.70 -14.02 6.93
CA LEU A 213 6.66 -14.83 6.18
C LEU A 213 6.09 -16.21 5.86
N ASP A 214 4.98 -16.22 5.15
CA ASP A 214 4.33 -17.48 4.78
C ASP A 214 4.02 -17.50 3.28
N VAL A 215 2.93 -16.86 2.89
CA VAL A 215 2.54 -16.80 1.49
C VAL A 215 3.73 -16.49 0.59
N PRO A 216 3.72 -17.06 -0.62
CA PRO A 216 4.79 -16.87 -1.60
C PRO A 216 4.79 -15.45 -2.17
N PRO A 217 3.60 -14.84 -2.24
CA PRO A 217 3.44 -13.47 -2.76
C PRO A 217 4.05 -12.43 -1.83
N LEU A 218 5.35 -12.50 -1.64
CA LEU A 218 6.05 -11.55 -0.78
C LEU A 218 5.79 -10.11 -1.23
N ASP A 219 5.68 -9.92 -2.54
CA ASP A 219 5.42 -8.59 -3.09
C ASP A 219 4.11 -8.03 -2.59
N TYR A 220 3.14 -8.92 -2.36
CA TYR A 220 1.82 -8.50 -1.87
C TYR A 220 1.78 -8.52 -0.35
N PHE A 221 2.47 -9.48 0.25
CA PHE A 221 2.51 -9.59 1.70
C PHE A 221 3.40 -8.52 2.32
N ASP A 222 4.39 -8.07 1.54
CA ASP A 222 5.32 -7.04 2.00
C ASP A 222 4.60 -5.71 2.18
N GLU A 223 3.80 -5.34 1.20
CA GLU A 223 3.06 -4.08 1.25
C GLU A 223 2.24 -3.98 2.52
N VAL A 224 1.54 -5.07 2.87
CA VAL A 224 0.71 -5.10 4.07
C VAL A 224 1.56 -5.43 5.30
N PHE A 225 2.74 -5.98 5.07
CA PHE A 225 3.64 -6.34 6.17
C PHE A 225 4.50 -5.15 6.58
N THR A 226 4.57 -4.14 5.71
CA THR A 226 5.35 -2.95 5.98
C THR A 226 4.50 -1.87 6.65
N SER A 227 3.19 -1.94 6.43
CA SER A 227 2.27 -0.97 7.02
C SER A 227 1.52 -1.58 8.20
N GLU A 228 0.92 -2.74 7.98
CA GLU A 228 0.17 -3.44 9.02
C GLU A 228 -1.02 -2.59 9.48
N ASN A 229 -2.01 -3.26 10.05
CA ASN A 229 -3.22 -2.56 10.53
C ASN A 229 -2.89 -1.75 11.79
N TRP A 230 -3.83 -0.89 12.17
CA TRP A 230 -3.66 -0.05 13.36
C TRP A 230 -3.34 -0.90 14.58
N ASN A 231 -3.68 -2.18 14.51
CA ASN A 231 -3.42 -3.10 15.62
C ASN A 231 -2.21 -3.98 15.33
N VAL A 232 -1.88 -4.12 14.05
CA VAL A 232 -0.74 -4.93 13.64
C VAL A 232 0.50 -4.07 13.43
N ARG A 233 0.29 -2.79 13.16
CA ARG A 233 1.38 -1.85 12.95
C ARG A 233 2.09 -1.53 14.25
N ILE A 234 1.33 -1.51 15.34
CA ILE A 234 1.88 -1.21 16.66
C ILE A 234 2.54 -2.45 17.27
N TYR A 235 1.99 -3.62 16.96
CA TYR A 235 2.54 -4.87 17.47
C TYR A 235 3.74 -5.32 16.66
N GLN A 236 3.74 -4.97 15.37
CA GLN A 236 4.83 -5.33 14.47
C GLN A 236 6.06 -4.47 14.73
N LEU A 237 5.83 -3.24 15.18
CA LEU A 237 6.92 -2.31 15.46
C LEU A 237 7.79 -2.81 16.61
N LYS A 238 7.14 -3.25 17.68
CA LYS A 238 7.85 -3.78 18.84
C LYS A 238 8.48 -5.13 18.54
N LYS A 239 7.79 -5.93 17.72
CA LYS A 239 8.28 -7.25 17.35
C LYS A 239 9.38 -7.15 16.30
N ASP A 240 9.35 -6.06 15.54
CA ASP A 240 10.35 -5.84 14.49
C ASP A 240 11.70 -5.45 15.11
N ASP A 241 11.66 -4.59 16.11
CA ASP A 241 12.87 -4.14 16.78
C ASP A 241 13.62 -5.31 17.41
N ALA A 242 12.86 -6.32 17.84
CA ALA A 242 13.46 -7.49 18.46
C ALA A 242 13.68 -8.60 17.43
N GLN A 243 12.60 -9.05 16.80
CA GLN A 243 12.69 -10.10 15.80
C GLN A 243 13.49 -9.63 14.59
N GLY A 244 13.07 -8.53 13.99
CA GLY A 244 13.77 -8.00 12.83
C GLY A 244 13.00 -6.88 12.15
N ARG A 245 13.61 -5.70 12.10
CA ARG A 245 12.98 -4.55 11.48
C ARG A 245 13.51 -4.32 10.07
N THR A 246 12.98 -5.08 9.11
CA THR A 246 13.40 -4.97 7.72
C THR A 246 12.20 -4.81 6.79
N LEU A 247 11.01 -4.79 7.37
CA LEU A 247 9.78 -4.66 6.59
C LEU A 247 9.86 -3.45 5.66
N ARG A 248 10.70 -2.48 6.02
CA ARG A 248 10.87 -1.28 5.22
C ARG A 248 11.98 -1.48 4.17
N ASP A 249 13.00 -2.24 4.54
CA ASP A 249 14.12 -2.50 3.65
C ASP A 249 13.88 -3.78 2.85
N VAL A 250 12.72 -4.39 3.06
CA VAL A 250 12.37 -5.62 2.35
C VAL A 250 11.39 -5.34 1.22
N GLY A 251 10.62 -4.27 1.36
CA GLY A 251 9.65 -3.91 0.34
C GLY A 251 10.16 -2.81 -0.57
N GLU A 252 11.29 -2.22 -0.22
CA GLU A 252 11.87 -1.14 -1.01
C GLU A 252 13.22 -1.56 -1.59
N LEU A 253 13.89 -2.47 -0.91
CA LEU A 253 15.20 -2.96 -1.35
C LEU A 253 15.06 -4.32 -2.03
N THR A 254 13.89 -4.93 -1.90
CA THR A 254 13.63 -6.23 -2.49
C THR A 254 12.47 -6.18 -3.48
N ARG A 255 11.92 -4.97 -3.67
CA ARG A 255 10.80 -4.79 -4.57
C ARG A 255 11.10 -5.39 -5.94
N SER A 256 12.39 -5.50 -6.26
CA SER A 256 12.81 -6.07 -7.54
C SER A 256 14.33 -6.05 -7.66
N SER A 257 14.83 -6.47 -8.83
CA SER A 257 16.26 -6.51 -9.08
C SER A 257 16.65 -5.55 -10.20
N THR A 258 16.44 -5.98 -11.43
CA THR A 258 16.75 -5.16 -12.60
C THR A 258 18.17 -4.61 -12.51
N LYS A 259 18.50 -3.68 -13.40
CA LYS A 259 19.83 -3.08 -13.43
C LYS A 259 20.07 -2.24 -12.18
N THR A 260 21.29 -1.76 -12.01
CA THR A 260 21.64 -0.93 -10.87
C THR A 260 22.85 -0.05 -11.17
N ARG A 261 22.74 1.23 -10.87
CA ARG A 261 23.82 2.18 -11.10
C ARG A 261 23.58 3.48 -10.37
N ARG A 262 24.40 3.76 -9.36
CA ARG A 262 24.27 4.98 -8.58
C ARG A 262 24.19 6.20 -9.48
N SER A 263 24.77 6.08 -10.67
CA SER A 263 24.77 7.18 -11.64
C SER A 263 23.69 6.97 -12.70
N ILE A 264 22.47 6.71 -12.25
CA ILE A 264 21.35 6.49 -13.16
C ILE A 264 21.81 5.75 -14.42
N LYS A 265 21.79 4.43 -14.35
CA LYS A 265 22.19 3.60 -15.49
C LYS A 265 23.67 3.80 -15.81
N ARG A 266 24.02 3.63 -17.08
CA ARG A 266 25.40 3.79 -17.52
C ARG A 266 25.50 3.74 -19.04
N PRO A 267 25.10 2.60 -19.62
CA PRO A 267 25.13 2.40 -21.07
C PRO A 267 24.09 3.25 -21.80
N GLU A 268 24.54 4.01 -22.78
CA GLU A 268 23.66 4.88 -23.56
C GLU A 268 23.12 6.01 -22.69
N LEU A 269 23.65 6.14 -21.49
CA LEU A 269 23.23 7.18 -20.56
C LEU A 269 21.72 7.09 -20.30
N GLY A 270 21.36 6.40 -19.23
CA GLY A 270 19.96 6.25 -18.89
C GLY A 270 19.11 5.81 -20.07
N LEU A 271 19.64 4.87 -20.84
CA LEU A 271 18.92 4.36 -22.02
C LEU A 271 19.05 2.85 -22.12
N ARG A 272 20.07 2.30 -21.47
CA ARG A 272 20.31 0.86 -21.49
C ARG A 272 20.79 0.41 -22.86
N VAL A 273 21.94 0.91 -23.29
CA VAL A 273 22.50 0.56 -24.59
C VAL A 273 21.54 0.92 -25.72
N MET A 1 -48.26 7.80 46.38
CA MET A 1 -48.33 9.00 45.56
C MET A 1 -47.31 10.04 46.01
N GLY A 2 -46.31 10.29 45.17
CA GLY A 2 -45.28 11.25 45.50
C GLY A 2 -43.91 10.83 45.01
N SER A 3 -43.22 11.74 44.33
CA SER A 3 -41.89 11.47 43.80
C SER A 3 -41.29 12.70 43.16
N SER A 4 -39.98 12.67 42.92
CA SER A 4 -39.28 13.79 42.32
C SER A 4 -37.80 13.47 42.12
N HIS A 5 -37.26 13.86 40.97
CA HIS A 5 -35.86 13.62 40.67
C HIS A 5 -35.46 14.28 39.35
N HIS A 6 -34.16 14.45 39.15
CA HIS A 6 -33.65 15.08 37.93
C HIS A 6 -32.12 15.12 37.93
N HIS A 7 -31.51 14.78 36.81
CA HIS A 7 -30.06 14.79 36.68
C HIS A 7 -29.64 14.39 35.27
N HIS A 8 -28.65 15.10 34.74
CA HIS A 8 -28.14 14.83 33.40
C HIS A 8 -26.99 15.76 33.05
N HIS A 9 -26.02 15.25 32.32
CA HIS A 9 -24.86 16.04 31.92
C HIS A 9 -23.90 15.21 31.06
N HIS A 10 -23.54 15.73 29.90
CA HIS A 10 -22.63 15.05 29.00
C HIS A 10 -22.38 15.88 27.74
N SER A 11 -21.21 15.68 27.14
CA SER A 11 -20.84 16.42 25.93
C SER A 11 -19.47 15.97 25.42
N SER A 12 -19.25 16.15 24.12
CA SER A 12 -17.98 15.76 23.50
C SER A 12 -17.98 16.09 22.02
N GLY A 13 -16.87 15.81 21.36
CA GLY A 13 -16.75 16.08 19.93
C GLY A 13 -16.52 17.55 19.64
N LEU A 14 -15.61 17.83 18.72
CA LEU A 14 -15.30 19.21 18.36
C LEU A 14 -14.27 19.25 17.22
N VAL A 15 -14.04 20.44 16.68
CA VAL A 15 -13.09 20.62 15.60
C VAL A 15 -13.09 19.42 14.66
N PRO A 16 -14.09 19.37 13.77
CA PRO A 16 -14.23 18.28 12.80
C PRO A 16 -13.13 18.31 11.73
N ARG A 17 -12.10 17.51 11.94
CA ARG A 17 -10.99 17.44 10.99
C ARG A 17 -10.44 16.02 10.90
N GLY A 18 -9.64 15.77 9.86
CA GLY A 18 -9.06 14.45 9.68
C GLY A 18 -8.29 14.32 8.38
N SER A 19 -8.75 15.03 7.35
CA SER A 19 -8.09 15.01 6.05
C SER A 19 -8.05 13.58 5.50
N HIS A 20 -9.02 13.24 4.67
CA HIS A 20 -9.09 11.91 4.07
C HIS A 20 -10.17 11.86 3.00
N SER A 21 -9.84 11.25 1.86
CA SER A 21 -10.78 11.13 0.75
C SER A 21 -10.14 10.37 -0.42
N THR A 22 -8.85 10.58 -0.61
CA THR A 22 -8.13 9.92 -1.69
C THR A 22 -8.13 8.41 -1.51
N TRP A 23 -8.28 7.96 -0.27
CA TRP A 23 -8.30 6.54 0.04
C TRP A 23 -9.49 5.85 -0.63
N VAL A 24 -10.54 6.62 -0.89
CA VAL A 24 -11.74 6.09 -1.52
C VAL A 24 -12.05 6.83 -2.82
N THR A 25 -11.36 7.94 -3.04
CA THR A 25 -11.57 8.75 -4.24
C THR A 25 -10.40 8.59 -5.21
N ARG A 26 -9.21 8.34 -4.68
CA ARG A 26 -8.02 8.17 -5.48
C ARG A 26 -7.70 6.68 -5.67
N THR A 27 -8.28 5.85 -4.82
CA THR A 27 -8.05 4.42 -4.89
C THR A 27 -8.70 3.81 -6.14
N ALA A 28 -9.81 4.41 -6.57
CA ALA A 28 -10.52 3.93 -7.75
C ALA A 28 -10.09 4.72 -8.99
N TYR A 29 -9.14 5.62 -8.82
CA TYR A 29 -8.65 6.45 -9.91
C TYR A 29 -8.69 5.67 -11.22
N SER A 30 -8.12 4.48 -11.22
CA SER A 30 -8.09 3.64 -12.42
C SER A 30 -7.83 2.18 -12.06
N SER A 31 -8.26 1.27 -12.92
CA SER A 31 -8.07 -0.16 -12.69
C SER A 31 -7.72 -0.88 -13.98
N PRO A 32 -6.45 -0.73 -14.41
CA PRO A 32 -5.96 -1.36 -15.65
C PRO A 32 -5.84 -2.88 -15.51
N SER A 33 -4.69 -3.33 -15.02
CA SER A 33 -4.45 -4.75 -14.84
C SER A 33 -3.20 -5.00 -14.01
N VAL A 34 -2.21 -4.13 -14.17
CA VAL A 34 -0.96 -4.24 -13.42
C VAL A 34 -0.55 -5.71 -13.26
N VAL A 35 0.01 -6.28 -14.32
CA VAL A 35 0.44 -7.67 -14.29
C VAL A 35 1.91 -7.79 -14.69
N LEU A 36 2.25 -7.28 -15.87
CA LEU A 36 3.62 -7.34 -16.36
C LEU A 36 3.73 -6.70 -17.75
N PRO A 37 3.00 -7.27 -18.72
CA PRO A 37 2.98 -6.77 -20.09
C PRO A 37 2.28 -5.42 -20.22
N SER A 38 3.05 -4.35 -20.06
CA SER A 38 2.50 -3.00 -20.16
C SER A 38 1.25 -2.87 -19.28
N GLN A 39 1.47 -2.52 -18.02
CA GLN A 39 0.36 -2.35 -17.07
C GLN A 39 0.87 -1.94 -15.70
N THR A 40 0.41 -0.79 -15.21
CA THR A 40 0.83 -0.29 -13.91
C THR A 40 -0.32 0.42 -13.21
N PRO A 41 -0.26 0.46 -11.87
CA PRO A 41 -1.29 1.11 -11.04
C PRO A 41 -1.26 2.63 -11.18
N ASP A 42 -1.70 3.13 -12.33
CA ASP A 42 -1.73 4.56 -12.59
C ASP A 42 -3.00 5.19 -12.00
N GLY A 43 -2.83 5.88 -10.88
CA GLY A 43 -3.97 6.52 -10.24
C GLY A 43 -4.24 5.97 -8.85
N LYS A 44 -3.81 4.74 -8.62
CA LYS A 44 -4.01 4.09 -7.33
C LYS A 44 -3.49 4.96 -6.19
N LEU A 45 -4.39 5.71 -5.56
CA LEU A 45 -4.02 6.59 -4.46
C LEU A 45 -3.09 7.70 -4.94
N ALA A 46 -3.55 8.48 -5.92
CA ALA A 46 -2.76 9.57 -6.46
C ALA A 46 -2.14 10.40 -5.35
N LEU A 47 -2.87 10.57 -4.25
CA LEU A 47 -2.40 11.34 -3.11
C LEU A 47 -1.20 10.65 -2.45
N ILE A 48 -1.30 9.34 -2.28
CA ILE A 48 -0.23 8.57 -1.66
C ILE A 48 0.83 8.19 -2.68
N ASP A 49 0.47 8.25 -3.97
CA ASP A 49 1.39 7.92 -5.04
C ASP A 49 2.35 9.08 -5.31
N ASP A 50 1.82 10.30 -5.31
CA ASP A 50 2.62 11.49 -5.56
C ASP A 50 3.58 11.75 -4.40
N PHE A 51 3.26 11.18 -3.24
CA PHE A 51 4.09 11.35 -2.05
C PHE A 51 5.25 10.37 -2.05
N ARG A 52 5.00 9.16 -2.56
CA ARG A 52 6.03 8.13 -2.62
C ARG A 52 7.25 8.63 -3.39
N GLU A 53 7.01 9.16 -4.59
CA GLU A 53 8.09 9.67 -5.42
C GLU A 53 8.74 10.90 -4.79
N ALA A 54 7.90 11.84 -4.35
CA ALA A 54 8.38 13.06 -3.73
C ALA A 54 9.34 12.76 -2.58
N TYR A 55 9.25 11.53 -2.05
CA TYR A 55 10.11 11.12 -0.95
C TYR A 55 11.27 10.27 -1.46
N TYR A 56 11.07 9.62 -2.60
CA TYR A 56 12.09 8.76 -3.18
C TYR A 56 13.00 9.56 -4.11
N TRP A 57 12.58 10.79 -4.42
CA TRP A 57 13.37 11.66 -5.30
C TRP A 57 13.91 12.86 -4.53
N LEU A 58 13.33 13.13 -3.36
CA LEU A 58 13.75 14.26 -2.54
C LEU A 58 14.52 13.76 -1.32
N ARG A 59 14.40 12.47 -1.03
CA ARG A 59 15.08 11.88 0.11
C ARG A 59 16.13 10.87 -0.34
N MET A 60 15.93 10.33 -1.54
CA MET A 60 16.85 9.34 -2.08
C MET A 60 17.42 9.82 -3.42
N ASN A 61 16.70 10.72 -4.08
CA ASN A 61 17.12 11.25 -5.37
C ASN A 61 16.89 10.24 -6.48
N SER A 62 17.30 9.00 -6.24
CA SER A 62 17.14 7.93 -7.23
C SER A 62 18.12 8.11 -8.38
N ASP A 63 18.12 7.16 -9.31
CA ASP A 63 19.00 7.20 -10.46
C ASP A 63 18.79 5.99 -11.36
N GLU A 64 18.81 4.81 -10.76
CA GLU A 64 18.62 3.56 -11.52
C GLU A 64 18.35 2.40 -10.58
N ASP A 65 19.05 2.39 -9.45
CA ASP A 65 18.88 1.32 -8.46
C ASP A 65 17.86 1.72 -7.41
N SER A 66 18.08 2.85 -6.76
CA SER A 66 17.18 3.33 -5.72
C SER A 66 17.06 2.31 -4.58
N LYS A 67 18.10 2.24 -3.75
CA LYS A 67 18.11 1.31 -2.63
C LYS A 67 16.88 1.51 -1.75
N VAL A 68 16.90 2.55 -0.93
CA VAL A 68 15.78 2.85 -0.04
C VAL A 68 14.67 3.59 -0.78
N ALA A 69 14.95 3.98 -2.01
CA ALA A 69 13.98 4.70 -2.82
C ALA A 69 13.04 3.73 -3.54
N ALA A 70 13.55 2.54 -3.84
CA ALA A 70 12.75 1.53 -4.53
C ALA A 70 11.42 1.32 -3.83
N TRP A 71 11.43 1.29 -2.51
CA TRP A 71 10.21 1.10 -1.73
C TRP A 71 9.12 2.08 -2.18
N TRP A 72 9.53 3.30 -2.50
CA TRP A 72 8.58 4.32 -2.94
C TRP A 72 8.54 4.39 -4.47
N ASP A 73 9.54 3.81 -5.11
CA ASP A 73 9.61 3.82 -6.57
C ASP A 73 8.29 3.33 -7.17
N TYR A 74 7.64 2.40 -6.48
CA TYR A 74 6.38 1.85 -6.96
C TYR A 74 5.43 2.96 -7.39
N GLY A 75 5.49 4.09 -6.70
CA GLY A 75 4.63 5.21 -7.03
C GLY A 75 5.30 6.19 -7.99
N TYR A 76 6.62 6.27 -7.92
CA TYR A 76 7.37 7.17 -8.78
C TYR A 76 6.91 7.05 -10.23
N GLN A 77 6.41 5.88 -10.60
CA GLN A 77 5.93 5.63 -11.95
C GLN A 77 5.02 6.77 -12.42
N ILE A 78 4.38 7.42 -11.46
CA ILE A 78 3.48 8.53 -11.78
C ILE A 78 3.40 9.52 -10.63
N GLY A 79 4.24 9.31 -9.61
CA GLY A 79 4.26 10.20 -8.46
C GLY A 79 5.34 11.25 -8.55
N GLY A 80 5.49 12.04 -7.49
CA GLY A 80 6.50 13.09 -7.48
C GLY A 80 5.91 14.45 -7.14
N MET A 81 4.67 14.45 -6.67
CA MET A 81 4.00 15.69 -6.31
C MET A 81 3.51 16.43 -7.54
N ALA A 82 4.23 16.27 -8.65
CA ALA A 82 3.86 16.91 -9.90
C ALA A 82 4.96 16.74 -10.96
N ASP A 83 5.13 15.50 -11.40
CA ASP A 83 6.15 15.19 -12.41
C ASP A 83 5.69 14.04 -13.30
N ARG A 84 5.72 12.83 -12.76
CA ARG A 84 5.31 11.66 -13.52
C ARG A 84 5.81 11.72 -14.96
N THR A 85 7.02 12.22 -15.13
CA THR A 85 7.62 12.35 -16.46
C THR A 85 8.95 11.62 -16.54
N THR A 86 9.66 11.56 -15.41
CA THR A 86 10.95 10.88 -15.35
C THR A 86 10.80 9.38 -15.58
N LEU A 87 9.66 8.84 -15.17
CA LEU A 87 9.38 7.42 -15.33
C LEU A 87 9.64 6.97 -16.77
N VAL A 88 9.60 7.93 -17.69
CA VAL A 88 9.82 7.63 -19.10
C VAL A 88 11.18 6.98 -19.31
N ASP A 89 12.15 7.37 -18.49
CA ASP A 89 13.50 6.81 -18.59
C ASP A 89 13.70 5.67 -17.60
N ASN A 90 13.18 5.85 -16.39
CA ASN A 90 13.30 4.83 -15.35
C ASN A 90 12.30 3.70 -15.58
N ASN A 91 11.45 3.86 -16.59
CA ASN A 91 10.45 2.86 -16.92
C ASN A 91 11.07 1.47 -16.96
N THR A 92 12.35 1.40 -17.30
CA THR A 92 13.07 0.14 -17.37
C THR A 92 13.17 -0.52 -15.99
N TRP A 93 13.44 0.28 -14.99
CA TRP A 93 13.56 -0.22 -13.62
C TRP A 93 12.21 -0.25 -12.92
N ASN A 94 11.40 0.78 -13.17
CA ASN A 94 10.08 0.88 -12.57
C ASN A 94 9.19 -0.27 -13.03
N ASN A 95 9.34 -0.67 -14.30
CA ASN A 95 8.55 -1.76 -14.86
C ASN A 95 8.87 -3.08 -14.16
N THR A 96 10.15 -3.27 -13.84
CA THR A 96 10.59 -4.49 -13.17
C THR A 96 10.05 -4.57 -11.75
N HIS A 97 10.07 -3.43 -11.06
CA HIS A 97 9.59 -3.36 -9.68
C HIS A 97 8.07 -3.54 -9.63
N ILE A 98 7.40 -3.11 -10.68
CA ILE A 98 5.94 -3.22 -10.77
C ILE A 98 5.53 -4.53 -11.40
N ALA A 99 6.46 -5.18 -12.11
CA ALA A 99 6.19 -6.44 -12.76
C ALA A 99 6.31 -7.61 -11.78
N ILE A 100 7.28 -7.53 -10.88
CA ILE A 100 7.51 -8.57 -9.89
C ILE A 100 6.24 -8.83 -9.08
N VAL A 101 5.62 -7.75 -8.60
CA VAL A 101 4.40 -7.86 -7.81
C VAL A 101 3.28 -8.54 -8.61
N GLY A 102 3.20 -8.19 -9.89
CA GLY A 102 2.17 -8.77 -10.75
C GLY A 102 2.43 -10.23 -11.05
N LYS A 103 3.68 -10.64 -10.92
CA LYS A 103 4.07 -12.02 -11.19
C LYS A 103 3.82 -12.91 -9.97
N ALA A 104 4.01 -12.33 -8.78
CA ALA A 104 3.81 -13.06 -7.54
C ALA A 104 2.40 -13.65 -7.47
N ASN A 105 1.41 -12.80 -7.73
CA ASN A 105 0.01 -13.24 -7.69
C ASN A 105 -0.22 -14.40 -8.66
N ALA A 106 0.28 -14.26 -9.88
CA ALA A 106 0.13 -15.30 -10.89
C ALA A 106 0.57 -16.65 -10.36
N SER A 107 1.67 -16.65 -9.60
CA SER A 107 2.19 -17.89 -9.03
C SER A 107 1.11 -18.64 -8.25
N PRO A 108 1.46 -19.85 -7.78
CA PRO A 108 0.53 -20.69 -7.01
C PRO A 108 0.24 -20.12 -5.63
N GLU A 109 -0.59 -20.82 -4.87
CA GLU A 109 -0.95 -20.38 -3.52
C GLU A 109 -1.94 -19.22 -3.57
N GLU A 110 -1.48 -18.07 -4.05
CA GLU A 110 -2.33 -16.89 -4.14
C GLU A 110 -3.13 -16.90 -5.44
N LYS A 111 -2.46 -17.17 -6.55
CA LYS A 111 -3.10 -17.22 -7.85
C LYS A 111 -3.48 -15.82 -8.33
N SER A 112 -3.21 -15.53 -9.59
CA SER A 112 -3.51 -14.23 -10.16
C SER A 112 -4.99 -13.89 -9.96
N TYR A 113 -5.28 -13.09 -8.94
CA TYR A 113 -6.65 -12.70 -8.64
C TYR A 113 -6.75 -11.18 -8.46
N GLU A 114 -7.89 -10.72 -7.96
CA GLU A 114 -8.11 -9.30 -7.74
C GLU A 114 -7.42 -8.83 -6.47
N ILE A 115 -6.74 -9.75 -5.79
CA ILE A 115 -6.04 -9.43 -4.55
C ILE A 115 -4.71 -8.72 -4.84
N LEU A 116 -4.42 -8.52 -6.13
CA LEU A 116 -3.19 -7.85 -6.54
C LEU A 116 -3.43 -6.36 -6.77
N LYS A 117 -4.60 -6.04 -7.34
CA LYS A 117 -4.95 -4.66 -7.62
C LYS A 117 -5.42 -3.95 -6.34
N GLU A 118 -6.08 -4.69 -5.46
CA GLU A 118 -6.57 -4.14 -4.21
C GLU A 118 -5.42 -3.90 -3.23
N HIS A 119 -4.41 -4.76 -3.30
CA HIS A 119 -3.26 -4.64 -2.41
C HIS A 119 -2.36 -3.48 -2.83
N ASP A 120 -2.31 -3.22 -4.14
CA ASP A 120 -1.49 -2.13 -4.66
C ASP A 120 -1.95 -0.79 -4.11
N VAL A 121 -3.26 -0.58 -4.05
CA VAL A 121 -3.83 0.65 -3.54
C VAL A 121 -4.12 0.55 -2.05
N ASP A 122 -3.92 -0.64 -1.49
CA ASP A 122 -4.16 -0.87 -0.07
C ASP A 122 -2.86 -0.83 0.71
N TYR A 123 -1.76 -1.18 0.04
CA TYR A 123 -0.45 -1.18 0.68
C TYR A 123 0.19 0.20 0.60
N VAL A 124 -0.22 0.98 -0.39
CA VAL A 124 0.31 2.33 -0.57
C VAL A 124 -0.45 3.35 0.28
N LEU A 125 -1.71 3.04 0.56
CA LEU A 125 -2.55 3.94 1.36
C LEU A 125 -2.45 3.57 2.84
N VAL A 126 -1.93 2.39 3.13
CA VAL A 126 -1.79 1.92 4.50
C VAL A 126 -0.41 2.28 5.05
N ILE A 127 0.58 2.30 4.18
CA ILE A 127 1.95 2.62 4.57
C ILE A 127 2.00 3.94 5.35
N PHE A 128 1.29 4.94 4.84
CA PHE A 128 1.25 6.25 5.49
C PHE A 128 0.08 6.34 6.46
N GLY A 129 -0.84 5.39 6.36
CA GLY A 129 -2.00 5.39 7.23
C GLY A 129 -1.72 4.71 8.56
N GLY A 130 -0.56 4.06 8.66
CA GLY A 130 -0.19 3.39 9.89
C GLY A 130 0.05 4.34 11.03
N LEU A 131 0.66 5.48 10.73
CA LEU A 131 0.95 6.50 11.75
C LEU A 131 1.79 5.90 12.88
N ILE A 132 2.37 4.73 12.63
CA ILE A 132 3.21 4.07 13.62
C ILE A 132 4.35 3.30 12.95
N GLY A 133 4.01 2.16 12.35
CA GLY A 133 5.01 1.36 11.68
C GLY A 133 5.45 1.95 10.35
N PHE A 134 4.82 3.06 9.97
CA PHE A 134 5.14 3.72 8.71
C PHE A 134 6.60 4.16 8.68
N GLY A 135 6.90 5.11 7.80
CA GLY A 135 8.25 5.62 7.69
C GLY A 135 8.42 6.59 6.53
N GLY A 136 7.78 7.75 6.65
CA GLY A 136 7.88 8.75 5.59
C GLY A 136 7.85 10.16 6.14
N ASP A 137 8.00 10.29 7.45
CA ASP A 137 7.98 11.61 8.09
C ASP A 137 9.40 12.17 8.19
N ASP A 138 10.25 11.80 7.24
CA ASP A 138 11.63 12.27 7.22
C ASP A 138 11.70 13.71 6.70
N ILE A 139 11.38 13.88 5.42
CA ILE A 139 11.41 15.20 4.80
C ILE A 139 10.02 15.60 4.29
N ASN A 140 9.83 16.90 4.11
CA ASN A 140 8.55 17.41 3.62
C ASN A 140 8.76 18.60 2.69
N LYS A 141 9.79 18.51 1.86
CA LYS A 141 10.10 19.57 0.91
C LYS A 141 9.14 19.55 -0.27
N PHE A 142 8.75 18.34 -0.69
CA PHE A 142 7.83 18.18 -1.81
C PHE A 142 6.55 18.95 -1.58
N LEU A 143 5.59 18.78 -2.48
CA LEU A 143 4.30 19.47 -2.37
C LEU A 143 3.15 18.47 -2.33
N TRP A 144 2.70 18.06 -3.52
CA TRP A 144 1.61 17.10 -3.63
C TRP A 144 0.33 17.65 -2.99
N ASN A 145 -0.69 17.85 -3.81
CA ASN A 145 -1.97 18.39 -3.33
C ASN A 145 -3.04 18.28 -4.40
N ILE A 146 -2.65 18.51 -5.65
CA ILE A 146 -3.58 18.45 -6.77
C ILE A 146 -4.37 17.15 -6.74
N ARG A 147 -5.55 17.17 -7.37
CA ARG A 147 -6.41 16.00 -7.42
C ARG A 147 -6.92 15.63 -6.03
N ILE A 148 -8.16 15.98 -5.74
CA ILE A 148 -8.76 15.68 -4.45
C ILE A 148 -10.22 16.13 -4.39
N SER A 149 -11.11 15.21 -4.03
CA SER A 149 -12.52 15.50 -3.94
C SER A 149 -13.25 14.46 -3.10
N GLU A 150 -13.39 14.73 -1.81
CA GLU A 150 -14.06 13.81 -0.90
C GLU A 150 -15.48 13.51 -1.39
N GLY A 151 -15.91 12.27 -1.21
CA GLY A 151 -17.23 11.86 -1.63
C GLY A 151 -17.50 12.19 -3.09
N ILE A 152 -17.14 11.28 -3.98
CA ILE A 152 -17.35 11.47 -5.41
C ILE A 152 -18.09 10.29 -6.03
N TRP A 153 -19.40 10.45 -6.18
CA TRP A 153 -20.23 9.39 -6.77
C TRP A 153 -20.19 8.14 -5.90
N PRO A 154 -21.18 7.25 -6.11
CA PRO A 154 -21.29 6.00 -5.35
C PRO A 154 -20.20 5.00 -5.73
N GLU A 155 -19.33 5.40 -6.65
CA GLU A 155 -18.24 4.55 -7.10
C GLU A 155 -17.48 3.95 -5.91
N GLU A 156 -17.02 4.82 -5.01
CA GLU A 156 -16.29 4.38 -3.84
C GLU A 156 -17.11 3.39 -3.02
N ILE A 157 -18.41 3.67 -2.90
CA ILE A 157 -19.31 2.80 -2.15
C ILE A 157 -19.48 1.45 -2.83
N LYS A 158 -19.51 1.48 -4.16
CA LYS A 158 -19.67 0.26 -4.95
C LYS A 158 -18.42 -0.60 -4.86
N GLU A 159 -17.26 0.03 -4.80
CA GLU A 159 -15.99 -0.68 -4.71
C GLU A 159 -15.79 -1.25 -3.32
N ARG A 160 -16.34 -0.57 -2.32
CA ARG A 160 -16.21 -1.00 -0.93
C ARG A 160 -17.29 -2.03 -0.58
N ASP A 161 -18.35 -2.07 -1.38
CA ASP A 161 -19.45 -3.00 -1.16
C ASP A 161 -19.33 -4.20 -2.09
N PHE A 162 -18.42 -4.12 -3.05
CA PHE A 162 -18.21 -5.20 -3.99
C PHE A 162 -17.96 -6.52 -3.27
N TYR A 163 -17.45 -6.43 -2.05
CA TYR A 163 -17.16 -7.61 -1.24
C TYR A 163 -17.16 -7.27 0.24
N THR A 164 -17.67 -8.20 1.05
CA THR A 164 -17.72 -8.00 2.49
C THR A 164 -17.33 -9.27 3.24
N ALA A 165 -16.78 -10.23 2.50
CA ALA A 165 -16.36 -11.50 3.09
C ALA A 165 -17.47 -12.12 3.93
N GLU A 166 -17.13 -13.14 4.69
CA GLU A 166 -18.10 -13.82 5.55
C GLU A 166 -19.26 -14.37 4.72
N GLY A 167 -19.19 -15.66 4.38
CA GLY A 167 -20.23 -16.28 3.60
C GLY A 167 -21.52 -16.44 4.38
N GLU A 168 -21.44 -16.28 5.69
CA GLU A 168 -22.62 -16.41 6.55
C GLU A 168 -22.51 -15.51 7.77
N TYR A 169 -21.59 -15.86 8.68
CA TYR A 169 -21.38 -15.08 9.89
C TYR A 169 -20.29 -15.70 10.75
N ARG A 170 -20.21 -17.02 10.73
CA ARG A 170 -19.21 -17.74 11.52
C ARG A 170 -18.30 -18.56 10.61
N VAL A 171 -17.51 -19.45 11.21
CA VAL A 171 -16.59 -20.29 10.45
C VAL A 171 -15.51 -19.46 9.78
N ASP A 172 -15.47 -18.17 10.10
CA ASP A 172 -14.49 -17.26 9.52
C ASP A 172 -13.08 -17.68 9.93
N ALA A 173 -12.98 -18.57 10.91
CA ALA A 173 -11.69 -19.04 11.39
C ALA A 173 -11.17 -20.20 10.53
N ARG A 174 -10.47 -21.12 11.17
CA ARG A 174 -9.92 -22.27 10.47
C ARG A 174 -9.20 -21.85 9.20
N ALA A 175 -9.07 -22.77 8.24
CA ALA A 175 -8.40 -22.49 6.98
C ALA A 175 -9.01 -21.27 6.30
N SER A 176 -10.20 -20.87 6.76
CA SER A 176 -10.89 -19.71 6.19
C SER A 176 -10.24 -18.41 6.62
N GLU A 177 -9.59 -18.44 7.78
CA GLU A 177 -8.92 -17.26 8.31
C GLU A 177 -7.76 -16.84 7.40
N THR A 178 -6.97 -17.83 6.97
CA THR A 178 -5.83 -17.56 6.11
C THR A 178 -6.28 -17.14 4.72
N MET A 179 -7.32 -17.79 4.21
CA MET A 179 -7.84 -17.48 2.89
C MET A 179 -8.60 -16.16 2.91
N ARG A 180 -9.29 -15.88 4.00
CA ARG A 180 -10.06 -14.65 4.14
C ARG A 180 -9.15 -13.48 4.54
N ASN A 181 -8.07 -13.80 5.25
CA ASN A 181 -7.12 -12.79 5.70
C ASN A 181 -6.56 -12.02 4.51
N SER A 182 -6.12 -12.75 3.49
CA SER A 182 -5.55 -12.13 2.30
C SER A 182 -6.53 -11.14 1.68
N LEU A 183 -7.80 -11.51 1.66
CA LEU A 183 -8.84 -10.65 1.09
C LEU A 183 -9.44 -9.74 2.16
N LEU A 184 -8.92 -9.85 3.37
CA LEU A 184 -9.40 -9.04 4.49
C LEU A 184 -8.47 -7.85 4.74
N TYR A 185 -7.16 -8.11 4.68
CA TYR A 185 -6.17 -7.06 4.89
C TYR A 185 -6.23 -6.02 3.78
N LYS A 186 -6.44 -6.48 2.55
CA LYS A 186 -6.51 -5.59 1.40
C LYS A 186 -7.87 -4.90 1.34
N MET A 187 -8.85 -5.46 2.03
CA MET A 187 -10.19 -4.90 2.06
C MET A 187 -10.51 -4.28 3.41
N SER A 188 -9.50 -4.24 4.28
CA SER A 188 -9.66 -3.67 5.62
C SER A 188 -8.94 -2.33 5.74
N TYR A 189 -7.90 -2.16 4.92
CA TYR A 189 -7.13 -0.93 4.93
C TYR A 189 -7.43 -0.07 3.71
N LYS A 190 -8.12 -0.67 2.74
CA LYS A 190 -8.48 0.04 1.52
C LYS A 190 -9.99 0.05 1.33
N ASP A 191 -10.69 -0.76 2.12
CA ASP A 191 -12.14 -0.84 2.04
C ASP A 191 -12.78 -0.53 3.40
N PHE A 192 -12.00 0.05 4.30
CA PHE A 192 -12.47 0.39 5.63
C PHE A 192 -12.01 -0.64 6.65
N PRO A 193 -12.02 -0.24 7.94
CA PRO A 193 -11.60 -1.11 9.04
C PRO A 193 -12.59 -2.25 9.28
N GLN A 194 -12.06 -3.46 9.42
CA GLN A 194 -12.90 -4.63 9.66
C GLN A 194 -12.04 -5.88 9.81
N LEU A 195 -11.45 -6.33 8.71
CA LEU A 195 -10.61 -7.53 8.72
C LEU A 195 -11.43 -8.77 9.06
N PHE A 196 -12.75 -8.62 9.07
CA PHE A 196 -13.64 -9.72 9.38
C PHE A 196 -12.90 -10.83 10.11
N ASN A 197 -12.52 -10.56 11.36
CA ASN A 197 -11.80 -11.53 12.17
C ASN A 197 -12.74 -12.60 12.71
N GLY A 198 -12.55 -13.84 12.26
CA GLY A 198 -13.40 -14.93 12.70
C GLY A 198 -13.21 -15.25 14.18
N GLY A 199 -13.10 -16.54 14.49
CA GLY A 199 -12.91 -16.94 15.87
C GLY A 199 -11.57 -16.52 16.42
N GLN A 200 -10.62 -17.45 16.42
CA GLN A 200 -9.28 -17.17 16.93
C GLN A 200 -8.23 -17.39 15.85
N ALA A 201 -8.63 -18.03 14.76
CA ALA A 201 -7.72 -18.30 13.65
C ALA A 201 -7.16 -17.00 13.09
N THR A 202 -8.04 -16.07 12.72
CA THR A 202 -7.62 -14.80 12.17
C THR A 202 -6.52 -14.16 13.01
N ASP A 203 -6.69 -14.22 14.33
CA ASP A 203 -5.70 -13.65 15.25
C ASP A 203 -4.41 -14.47 15.23
N ARG A 204 -4.56 -15.77 15.07
CA ARG A 204 -3.39 -16.66 15.05
C ARG A 204 -2.62 -16.51 13.74
N VAL A 205 -3.33 -16.13 12.68
CA VAL A 205 -2.71 -15.94 11.38
C VAL A 205 -2.02 -14.59 11.28
N ARG A 206 -2.52 -13.62 12.04
CA ARG A 206 -1.95 -12.27 12.06
C ARG A 206 -0.77 -12.19 13.02
N GLN A 207 -0.78 -13.04 14.04
CA GLN A 207 0.28 -13.06 15.03
C GLN A 207 1.49 -13.84 14.52
N GLN A 208 1.23 -14.80 13.65
CA GLN A 208 2.30 -15.62 13.08
C GLN A 208 2.88 -14.97 11.83
N MET A 209 2.22 -13.92 11.35
CA MET A 209 2.67 -13.21 10.15
C MET A 209 3.84 -12.29 10.49
N ILE A 210 3.99 -11.97 11.77
CA ILE A 210 5.06 -11.09 12.21
C ILE A 210 6.39 -11.50 11.60
N THR A 211 6.66 -12.80 11.59
CA THR A 211 7.90 -13.33 11.03
C THR A 211 7.73 -13.69 9.56
N PRO A 212 8.36 -12.90 8.68
CA PRO A 212 8.30 -13.12 7.23
C PRO A 212 9.05 -14.38 6.81
N LEU A 213 9.36 -14.47 5.52
CA LEU A 213 10.07 -15.62 4.98
C LEU A 213 9.24 -16.88 5.08
N ASP A 214 8.42 -17.13 4.05
CA ASP A 214 7.56 -18.31 4.02
C ASP A 214 7.01 -18.54 2.61
N VAL A 215 5.94 -17.82 2.28
CA VAL A 215 5.32 -17.95 0.97
C VAL A 215 6.33 -17.71 -0.15
N PRO A 216 6.11 -18.36 -1.30
CA PRO A 216 7.00 -18.22 -2.46
C PRO A 216 6.88 -16.85 -3.12
N PRO A 217 5.70 -16.24 -3.03
CA PRO A 217 5.44 -14.91 -3.59
C PRO A 217 6.17 -13.81 -2.85
N LEU A 218 7.47 -13.67 -3.12
CA LEU A 218 8.28 -12.65 -2.47
C LEU A 218 8.04 -11.28 -3.09
N ASP A 219 7.14 -11.23 -4.07
CA ASP A 219 6.82 -9.98 -4.75
C ASP A 219 5.46 -9.45 -4.29
N TYR A 220 4.55 -10.36 -3.97
CA TYR A 220 3.22 -9.97 -3.52
C TYR A 220 3.14 -10.00 -2.00
N PHE A 221 3.97 -10.84 -1.38
CA PHE A 221 3.98 -10.96 0.07
C PHE A 221 4.88 -9.90 0.69
N ASP A 222 5.93 -9.52 -0.04
CA ASP A 222 6.86 -8.51 0.43
C ASP A 222 6.26 -7.12 0.35
N GLU A 223 5.44 -6.89 -0.68
CA GLU A 223 4.79 -5.60 -0.87
C GLU A 223 3.79 -5.31 0.25
N VAL A 224 3.04 -6.34 0.64
CA VAL A 224 2.05 -6.20 1.69
C VAL A 224 2.69 -6.30 3.07
N PHE A 225 3.83 -6.98 3.14
CA PHE A 225 4.55 -7.15 4.40
C PHE A 225 5.40 -5.92 4.71
N THR A 226 6.01 -5.35 3.67
CA THR A 226 6.84 -4.18 3.83
C THR A 226 6.01 -2.90 3.80
N SER A 227 4.73 -3.03 3.50
CA SER A 227 3.83 -1.88 3.45
C SER A 227 3.31 -1.54 4.84
N GLU A 228 2.23 -2.19 5.25
CA GLU A 228 1.64 -1.95 6.56
C GLU A 228 0.22 -2.51 6.63
N ASN A 229 -0.07 -3.21 7.72
CA ASN A 229 -1.39 -3.80 7.91
C ASN A 229 -1.91 -3.54 9.32
N TRP A 230 -3.23 -3.44 9.45
CA TRP A 230 -3.85 -3.20 10.75
C TRP A 230 -3.34 -4.18 11.80
N ASN A 231 -2.75 -5.28 11.33
CA ASN A 231 -2.22 -6.30 12.24
C ASN A 231 -0.73 -6.52 11.99
N VAL A 232 -0.23 -5.94 10.89
CA VAL A 232 1.18 -6.07 10.54
C VAL A 232 1.90 -4.73 10.62
N ARG A 233 1.14 -3.66 10.45
CA ARG A 233 1.70 -2.32 10.50
C ARG A 233 2.25 -2.01 11.89
N ILE A 234 1.53 -2.44 12.92
CA ILE A 234 1.96 -2.22 14.30
C ILE A 234 2.88 -3.33 14.77
N TYR A 235 2.73 -4.51 14.18
CA TYR A 235 3.56 -5.66 14.55
C TYR A 235 4.91 -5.59 13.85
N GLN A 236 4.94 -4.99 12.67
CA GLN A 236 6.17 -4.86 11.91
C GLN A 236 7.10 -3.82 12.52
N LEU A 237 6.51 -2.78 13.11
CA LEU A 237 7.27 -1.71 13.74
C LEU A 237 8.06 -2.24 14.94
N LYS A 238 7.40 -3.06 15.75
CA LYS A 238 8.04 -3.64 16.92
C LYS A 238 8.92 -4.84 16.54
N LYS A 239 8.58 -5.47 15.42
CA LYS A 239 9.33 -6.62 14.94
C LYS A 239 10.53 -6.19 14.11
N ASP A 240 10.41 -5.02 13.49
CA ASP A 240 11.49 -4.48 12.66
C ASP A 240 12.63 -3.97 13.52
N ASP A 241 12.31 -3.43 14.69
CA ASP A 241 13.31 -2.90 15.61
C ASP A 241 13.79 -4.00 16.56
N ALA A 242 13.06 -5.10 16.61
CA ALA A 242 13.41 -6.21 17.48
C ALA A 242 13.71 -7.47 16.67
N GLN A 243 12.65 -8.11 16.18
CA GLN A 243 12.80 -9.32 15.38
C GLN A 243 13.90 -9.16 14.33
N GLY A 244 13.95 -7.99 13.72
CA GLY A 244 14.95 -7.72 12.70
C GLY A 244 15.45 -6.29 12.72
N ARG A 245 15.75 -5.75 11.55
CA ARG A 245 16.24 -4.38 11.45
C ARG A 245 16.65 -4.06 10.02
N THR A 246 15.87 -4.54 9.06
CA THR A 246 16.16 -4.30 7.65
C THR A 246 15.18 -5.05 6.75
N LEU A 247 14.35 -5.88 7.36
CA LEU A 247 13.36 -6.65 6.63
C LEU A 247 12.58 -5.75 5.66
N ARG A 248 12.47 -4.48 6.02
CA ARG A 248 11.75 -3.51 5.19
C ARG A 248 12.67 -2.87 4.17
N ASP A 249 13.92 -2.66 4.56
CA ASP A 249 14.91 -2.06 3.67
C ASP A 249 15.67 -3.13 2.90
N VAL A 250 15.28 -4.39 3.08
CA VAL A 250 15.93 -5.51 2.41
C VAL A 250 15.04 -6.06 1.30
N GLY A 251 13.72 -5.94 1.47
CA GLY A 251 12.80 -6.43 0.47
C GLY A 251 12.53 -5.42 -0.62
N GLU A 252 12.77 -4.14 -0.32
CA GLU A 252 12.55 -3.08 -1.29
C GLU A 252 13.86 -2.65 -1.94
N LEU A 253 14.96 -2.87 -1.24
CA LEU A 253 16.28 -2.51 -1.74
C LEU A 253 16.73 -3.49 -2.84
N THR A 254 16.20 -4.72 -2.77
CA THR A 254 16.55 -5.74 -3.76
C THR A 254 16.26 -5.25 -5.17
N ARG A 255 15.38 -4.27 -5.29
CA ARG A 255 15.02 -3.72 -6.59
C ARG A 255 16.21 -3.02 -7.23
N SER A 256 17.25 -2.77 -6.44
CA SER A 256 18.45 -2.10 -6.92
C SER A 256 19.16 -2.95 -7.98
N SER A 257 19.95 -2.31 -8.83
CA SER A 257 20.67 -3.00 -9.88
C SER A 257 22.18 -2.82 -9.71
N THR A 258 22.56 -1.78 -8.97
CA THR A 258 23.97 -1.50 -8.73
C THR A 258 24.68 -1.10 -10.01
N LYS A 259 24.40 0.12 -10.48
CA LYS A 259 25.02 0.62 -11.70
C LYS A 259 24.49 2.02 -12.03
N THR A 260 25.05 3.04 -11.39
CA THR A 260 24.63 4.41 -11.62
C THR A 260 25.58 5.39 -10.95
N ARG A 261 25.18 6.66 -10.88
CA ARG A 261 26.00 7.69 -10.27
C ARG A 261 25.16 8.60 -9.38
N ARG A 262 24.18 8.02 -8.71
CA ARG A 262 23.30 8.78 -7.82
C ARG A 262 22.77 10.02 -8.53
N SER A 263 22.56 9.92 -9.83
CA SER A 263 22.07 11.04 -10.62
C SER A 263 21.52 10.56 -11.97
N ILE A 264 20.49 9.73 -11.92
CA ILE A 264 19.88 9.21 -13.14
C ILE A 264 20.93 8.96 -14.21
N LYS A 265 21.52 7.77 -14.18
CA LYS A 265 22.54 7.41 -15.16
C LYS A 265 22.17 6.12 -15.87
N ARG A 266 21.77 6.23 -17.14
CA ARG A 266 21.39 5.07 -17.93
C ARG A 266 20.94 5.48 -19.33
N PRO A 267 19.92 6.34 -19.39
CA PRO A 267 19.37 6.83 -20.66
C PRO A 267 20.33 7.78 -21.37
N GLU A 268 21.18 7.22 -22.23
CA GLU A 268 22.14 8.02 -22.98
C GLU A 268 23.12 8.71 -22.04
N LEU A 269 23.71 7.93 -21.13
CA LEU A 269 24.66 8.46 -20.17
C LEU A 269 23.99 9.45 -19.22
N GLY A 270 22.84 9.06 -18.67
CA GLY A 270 22.13 9.93 -17.76
C GLY A 270 21.85 11.30 -18.36
N LEU A 271 21.82 11.37 -19.68
CA LEU A 271 21.57 12.63 -20.37
C LEU A 271 20.07 12.82 -20.61
N ARG A 272 19.47 11.92 -21.38
CA ARG A 272 18.05 12.00 -21.68
C ARG A 272 17.67 11.03 -22.80
N VAL A 273 18.26 9.84 -22.77
CA VAL A 273 17.99 8.83 -23.78
C VAL A 273 18.47 9.28 -25.16
N MET A 1 21.58 -1.20 -22.90
CA MET A 1 21.46 -1.71 -21.54
C MET A 1 20.31 -1.03 -20.81
N GLY A 2 19.14 -1.02 -21.44
CA GLY A 2 17.98 -0.40 -20.83
C GLY A 2 16.85 -0.20 -21.82
N SER A 3 15.97 0.76 -21.53
CA SER A 3 14.83 1.04 -22.40
C SER A 3 14.29 2.45 -22.14
N SER A 4 13.37 2.89 -23.00
CA SER A 4 12.78 4.22 -22.87
C SER A 4 11.41 4.27 -23.53
N HIS A 5 10.55 5.14 -23.02
CA HIS A 5 9.20 5.28 -23.56
C HIS A 5 8.44 6.38 -22.83
N HIS A 6 7.14 6.49 -23.10
CA HIS A 6 6.29 7.49 -22.46
C HIS A 6 4.84 7.04 -22.44
N HIS A 7 4.12 7.46 -21.40
CA HIS A 7 2.72 7.10 -21.25
C HIS A 7 2.09 7.81 -20.05
N HIS A 8 0.95 8.45 -20.28
CA HIS A 8 0.26 9.16 -19.21
C HIS A 8 -1.08 9.71 -19.71
N HIS A 9 -2.03 9.85 -18.79
CA HIS A 9 -3.35 10.37 -19.14
C HIS A 9 -4.25 10.44 -17.91
N HIS A 10 -4.66 11.65 -17.56
CA HIS A 10 -5.52 11.86 -16.39
C HIS A 10 -5.90 13.33 -16.25
N SER A 11 -7.18 13.59 -16.02
CA SER A 11 -7.67 14.95 -15.87
C SER A 11 -8.51 15.10 -14.61
N SER A 12 -8.56 16.30 -14.06
CA SER A 12 -9.33 16.57 -12.86
C SER A 12 -9.30 18.06 -12.52
N GLY A 13 -10.49 18.63 -12.31
CA GLY A 13 -10.60 20.04 -11.99
C GLY A 13 -10.26 20.33 -10.53
N LEU A 14 -11.26 20.75 -9.78
CA LEU A 14 -11.06 21.06 -8.36
C LEU A 14 -12.26 20.60 -7.54
N VAL A 15 -12.15 20.73 -6.21
CA VAL A 15 -13.23 20.33 -5.31
C VAL A 15 -13.19 21.15 -4.03
N PRO A 16 -14.36 21.66 -3.62
CA PRO A 16 -14.49 22.47 -2.41
C PRO A 16 -14.30 21.64 -1.14
N ARG A 17 -13.05 21.58 -0.66
CA ARG A 17 -12.73 20.83 0.54
C ARG A 17 -11.26 21.00 0.91
N GLY A 18 -11.01 21.63 2.06
CA GLY A 18 -9.64 21.85 2.50
C GLY A 18 -9.14 20.72 3.39
N SER A 19 -9.11 19.51 2.84
CA SER A 19 -8.65 18.35 3.60
C SER A 19 -8.45 17.16 2.67
N HIS A 20 -8.07 16.02 3.26
CA HIS A 20 -7.85 14.80 2.49
C HIS A 20 -9.17 14.17 2.08
N SER A 21 -9.41 14.08 0.78
CA SER A 21 -10.64 13.49 0.26
C SER A 21 -10.34 12.23 -0.54
N THR A 22 -9.09 12.08 -0.96
CA THR A 22 -8.68 10.90 -1.73
C THR A 22 -9.05 9.61 -1.01
N TRP A 23 -9.01 9.65 0.31
CA TRP A 23 -9.35 8.48 1.12
C TRP A 23 -10.79 8.04 0.87
N VAL A 24 -11.57 8.91 0.26
CA VAL A 24 -12.97 8.62 -0.04
C VAL A 24 -13.30 8.94 -1.49
N THR A 25 -12.40 9.65 -2.16
CA THR A 25 -12.60 10.01 -3.56
C THR A 25 -11.64 9.26 -4.46
N ARG A 26 -10.55 8.74 -3.88
CA ARG A 26 -9.56 8.00 -4.64
C ARG A 26 -9.65 6.50 -4.34
N THR A 27 -10.13 6.18 -3.13
CA THR A 27 -10.26 4.78 -2.72
C THR A 27 -11.30 4.06 -3.57
N ALA A 28 -12.21 4.82 -4.18
CA ALA A 28 -13.25 4.25 -5.01
C ALA A 28 -12.77 4.09 -6.45
N TYR A 29 -11.49 4.40 -6.69
CA TYR A 29 -10.92 4.30 -8.02
C TYR A 29 -11.74 3.37 -8.91
N SER A 30 -12.00 2.16 -8.40
CA SER A 30 -12.77 1.18 -9.15
C SER A 30 -11.92 0.51 -10.22
N SER A 31 -12.06 -0.80 -10.35
CA SER A 31 -11.29 -1.56 -11.33
C SER A 31 -11.54 -3.05 -11.18
N PRO A 32 -11.05 -3.84 -12.15
CA PRO A 32 -11.20 -5.30 -12.14
C PRO A 32 -10.38 -5.97 -11.05
N SER A 33 -9.10 -5.60 -10.98
CA SER A 33 -8.20 -6.17 -9.98
C SER A 33 -6.79 -5.60 -10.13
N VAL A 34 -5.87 -6.13 -9.35
CA VAL A 34 -4.47 -5.68 -9.39
C VAL A 34 -3.51 -6.85 -9.16
N VAL A 35 -3.31 -7.65 -10.20
CA VAL A 35 -2.41 -8.80 -10.12
C VAL A 35 -1.35 -8.74 -11.19
N LEU A 36 -1.69 -9.17 -12.40
CA LEU A 36 -0.77 -9.16 -13.52
C LEU A 36 -1.43 -8.63 -14.79
N PRO A 37 -2.45 -9.37 -15.27
CA PRO A 37 -3.19 -8.99 -16.48
C PRO A 37 -4.06 -7.76 -16.27
N SER A 38 -4.84 -7.78 -15.18
CA SER A 38 -5.72 -6.67 -14.86
C SER A 38 -4.93 -5.47 -14.34
N GLN A 39 -4.18 -5.69 -13.26
CA GLN A 39 -3.38 -4.64 -12.66
C GLN A 39 -4.25 -3.46 -12.23
N THR A 40 -3.74 -2.65 -11.31
CA THR A 40 -4.48 -1.49 -10.81
C THR A 40 -4.62 -0.43 -11.90
N PRO A 41 -5.76 0.29 -11.87
CA PRO A 41 -6.04 1.35 -12.84
C PRO A 41 -5.15 2.57 -12.65
N ASP A 42 -4.20 2.47 -11.71
CA ASP A 42 -3.29 3.57 -11.44
C ASP A 42 -3.97 4.64 -10.60
N GLY A 43 -5.25 4.44 -10.30
CA GLY A 43 -6.00 5.40 -9.51
C GLY A 43 -6.18 4.93 -8.07
N LYS A 44 -5.83 3.69 -7.80
CA LYS A 44 -5.95 3.13 -6.46
C LYS A 44 -5.25 4.00 -5.44
N LEU A 45 -6.00 4.88 -4.79
CA LEU A 45 -5.44 5.77 -3.78
C LEU A 45 -4.49 6.78 -4.41
N ALA A 46 -4.99 7.56 -5.35
CA ALA A 46 -4.18 8.56 -6.03
C ALA A 46 -3.27 9.30 -5.05
N LEU A 47 -3.76 9.49 -3.83
CA LEU A 47 -2.99 10.18 -2.80
C LEU A 47 -1.82 9.32 -2.33
N ILE A 48 -2.09 8.03 -2.14
CA ILE A 48 -1.05 7.09 -1.70
C ILE A 48 -0.04 6.82 -2.80
N ASP A 49 -0.52 6.79 -4.04
CA ASP A 49 0.34 6.54 -5.20
C ASP A 49 1.42 7.62 -5.29
N ASP A 50 1.05 8.85 -4.98
CA ASP A 50 1.99 9.96 -5.04
C ASP A 50 3.03 9.86 -3.93
N PHE A 51 2.62 9.27 -2.81
CA PHE A 51 3.51 9.11 -1.66
C PHE A 51 4.69 8.21 -2.00
N ARG A 52 4.42 7.17 -2.80
CA ARG A 52 5.46 6.23 -3.20
C ARG A 52 6.51 6.92 -4.07
N GLU A 53 6.05 7.50 -5.19
CA GLU A 53 6.96 8.19 -6.10
C GLU A 53 7.81 9.22 -5.36
N ALA A 54 7.20 9.91 -4.42
CA ALA A 54 7.90 10.92 -3.63
C ALA A 54 9.06 10.31 -2.85
N TYR A 55 8.86 9.09 -2.35
CA TYR A 55 9.89 8.40 -1.59
C TYR A 55 11.11 8.11 -2.46
N TYR A 56 10.86 7.59 -3.66
CA TYR A 56 11.94 7.27 -4.58
C TYR A 56 12.66 8.53 -5.04
N TRP A 57 11.98 9.67 -4.92
CA TRP A 57 12.55 10.95 -5.33
C TRP A 57 13.57 11.44 -4.31
N LEU A 58 13.31 11.17 -3.04
CA LEU A 58 14.21 11.57 -1.97
C LEU A 58 14.92 10.37 -1.36
N ARG A 59 14.56 9.19 -1.83
CA ARG A 59 15.18 7.95 -1.34
C ARG A 59 15.68 7.10 -2.49
N MET A 60 15.51 7.60 -3.71
CA MET A 60 15.95 6.88 -4.90
C MET A 60 17.05 5.87 -4.55
N ASN A 61 18.14 6.36 -3.97
CA ASN A 61 19.25 5.51 -3.59
C ASN A 61 19.88 4.85 -4.82
N SER A 62 19.27 3.77 -5.28
CA SER A 62 19.76 3.05 -6.45
C SER A 62 18.87 3.28 -7.65
N ASP A 63 19.17 2.61 -8.75
CA ASP A 63 18.39 2.73 -9.97
C ASP A 63 17.62 1.46 -10.27
N GLU A 64 18.28 0.48 -10.85
CA GLU A 64 17.65 -0.80 -11.18
C GLU A 64 17.43 -1.63 -9.92
N ASP A 65 18.15 -1.30 -8.86
CA ASP A 65 18.03 -2.03 -7.60
C ASP A 65 16.96 -1.39 -6.71
N SER A 66 17.05 -0.08 -6.52
CA SER A 66 16.10 0.64 -5.69
C SER A 66 15.88 -0.08 -4.36
N LYS A 67 16.90 -0.08 -3.52
CA LYS A 67 16.82 -0.73 -2.21
C LYS A 67 15.65 -0.20 -1.42
N VAL A 68 15.81 0.98 -0.82
CA VAL A 68 14.76 1.60 -0.02
C VAL A 68 13.62 2.09 -0.91
N ALA A 69 13.86 2.12 -2.22
CA ALA A 69 12.86 2.56 -3.18
C ALA A 69 11.90 1.43 -3.53
N ALA A 70 12.38 0.20 -3.41
CA ALA A 70 11.56 -0.98 -3.72
C ALA A 70 10.30 -1.01 -2.87
N TRP A 71 10.46 -0.72 -1.57
CA TRP A 71 9.33 -0.71 -0.66
C TRP A 71 8.18 0.11 -1.21
N TRP A 72 8.51 1.18 -1.93
CA TRP A 72 7.50 2.05 -2.51
C TRP A 72 7.38 1.82 -4.01
N ASP A 73 8.25 0.97 -4.55
CA ASP A 73 8.24 0.66 -5.98
C ASP A 73 6.84 0.29 -6.44
N TYR A 74 6.07 -0.33 -5.56
CA TYR A 74 4.71 -0.74 -5.88
C TYR A 74 3.90 0.44 -6.42
N GLY A 75 4.29 1.65 -6.02
CA GLY A 75 3.60 2.84 -6.47
C GLY A 75 4.28 3.49 -7.66
N TYR A 76 5.59 3.41 -7.71
CA TYR A 76 6.36 4.00 -8.80
C TYR A 76 5.73 3.66 -10.15
N GLN A 77 5.14 2.47 -10.25
CA GLN A 77 4.49 2.03 -11.48
C GLN A 77 3.78 3.20 -12.16
N ILE A 78 3.13 4.04 -11.36
CA ILE A 78 2.41 5.19 -11.89
C ILE A 78 2.69 6.44 -11.08
N GLY A 79 3.54 6.30 -10.06
CA GLY A 79 3.89 7.43 -9.21
C GLY A 79 2.98 8.63 -9.44
N GLY A 80 1.77 8.56 -8.91
CA GLY A 80 0.82 9.64 -9.08
C GLY A 80 1.41 10.99 -8.70
N MET A 81 2.48 10.97 -7.91
CA MET A 81 3.14 12.18 -7.48
C MET A 81 3.44 13.10 -8.68
N ALA A 82 4.43 12.72 -9.47
CA ALA A 82 4.81 13.49 -10.64
C ALA A 82 5.94 12.82 -11.41
N ASP A 83 5.68 11.61 -11.90
CA ASP A 83 6.68 10.87 -12.65
C ASP A 83 6.04 10.09 -13.80
N ARG A 84 5.55 8.89 -13.49
CA ARG A 84 4.90 8.06 -14.50
C ARG A 84 5.82 7.86 -15.71
N THR A 85 7.12 8.01 -15.49
CA THR A 85 8.09 7.87 -16.55
C THR A 85 9.12 6.80 -16.21
N THR A 86 9.55 6.77 -14.95
CA THR A 86 10.52 5.79 -14.49
C THR A 86 9.96 4.38 -14.52
N LEU A 87 8.64 4.28 -14.56
CA LEU A 87 7.96 2.98 -14.59
C LEU A 87 8.34 2.22 -15.85
N VAL A 88 8.80 2.94 -16.87
CA VAL A 88 9.19 2.32 -18.14
C VAL A 88 10.39 1.40 -17.94
N ASP A 89 11.50 1.98 -17.48
CA ASP A 89 12.72 1.21 -17.25
C ASP A 89 12.63 0.41 -15.95
N ASN A 90 11.72 0.84 -15.07
CA ASN A 90 11.54 0.18 -13.78
C ASN A 90 10.46 -0.89 -13.87
N ASN A 91 9.82 -0.98 -15.03
CA ASN A 91 8.76 -1.96 -15.25
C ASN A 91 9.27 -3.38 -15.00
N THR A 92 10.56 -3.59 -15.24
CA THR A 92 11.18 -4.89 -15.04
C THR A 92 11.16 -5.30 -13.57
N TRP A 93 11.63 -4.40 -12.72
CA TRP A 93 11.66 -4.66 -11.29
C TRP A 93 10.31 -4.34 -10.63
N ASN A 94 9.47 -3.60 -11.36
CA ASN A 94 8.16 -3.23 -10.86
C ASN A 94 7.16 -4.36 -11.04
N ASN A 95 7.26 -5.07 -12.16
CA ASN A 95 6.37 -6.18 -12.45
C ASN A 95 6.54 -7.29 -11.42
N THR A 96 7.79 -7.54 -11.03
CA THR A 96 8.09 -8.58 -10.05
C THR A 96 7.53 -8.23 -8.67
N HIS A 97 7.71 -6.97 -8.28
CA HIS A 97 7.22 -6.50 -6.99
C HIS A 97 5.70 -6.39 -6.99
N ILE A 98 5.12 -6.18 -8.17
CA ILE A 98 3.68 -6.06 -8.31
C ILE A 98 3.03 -7.42 -8.51
N ALA A 99 3.83 -8.40 -8.89
CA ALA A 99 3.34 -9.75 -9.12
C ALA A 99 3.10 -10.47 -7.79
N ILE A 100 4.05 -10.35 -6.88
CA ILE A 100 3.95 -10.99 -5.57
C ILE A 100 2.64 -10.61 -4.88
N VAL A 101 2.38 -9.31 -4.78
CA VAL A 101 1.17 -8.82 -4.14
C VAL A 101 -0.08 -9.42 -4.80
N GLY A 102 -0.04 -9.53 -6.12
CA GLY A 102 -1.17 -10.09 -6.85
C GLY A 102 -1.38 -11.56 -6.55
N LYS A 103 -0.28 -12.30 -6.40
CA LYS A 103 -0.35 -13.72 -6.11
C LYS A 103 -0.82 -13.98 -4.69
N ALA A 104 -0.57 -13.01 -3.81
CA ALA A 104 -0.96 -13.12 -2.41
C ALA A 104 -2.47 -13.32 -2.29
N ASN A 105 -3.25 -12.49 -2.98
CA ASN A 105 -4.70 -12.59 -2.95
C ASN A 105 -5.17 -13.91 -3.54
N ALA A 106 -4.64 -14.26 -4.70
CA ALA A 106 -5.01 -15.50 -5.37
C ALA A 106 -4.61 -16.72 -4.53
N SER A 107 -3.54 -16.56 -3.76
CA SER A 107 -3.05 -17.65 -2.92
C SER A 107 -4.17 -18.21 -2.05
N PRO A 108 -3.87 -19.32 -1.35
CA PRO A 108 -4.85 -19.98 -0.48
C PRO A 108 -5.17 -19.16 0.77
N GLU A 109 -6.10 -19.66 1.57
CA GLU A 109 -6.49 -18.96 2.79
C GLU A 109 -7.39 -17.77 2.48
N GLU A 110 -6.86 -16.84 1.69
CA GLU A 110 -7.62 -15.66 1.31
C GLU A 110 -8.32 -15.85 -0.03
N LYS A 111 -7.56 -16.26 -1.04
CA LYS A 111 -8.13 -16.51 -2.36
C LYS A 111 -8.52 -15.19 -3.03
N SER A 112 -8.27 -15.09 -4.33
CA SER A 112 -8.59 -13.89 -5.09
C SER A 112 -10.03 -13.45 -4.82
N TYR A 113 -10.18 -12.42 -3.99
CA TYR A 113 -11.51 -11.92 -3.65
C TYR A 113 -11.49 -10.39 -3.54
N GLU A 114 -12.67 -9.81 -3.34
CA GLU A 114 -12.79 -8.36 -3.23
C GLU A 114 -11.81 -7.82 -2.19
N ILE A 115 -11.43 -8.67 -1.25
CA ILE A 115 -10.50 -8.28 -0.20
C ILE A 115 -9.20 -7.72 -0.80
N LEU A 116 -8.92 -8.10 -2.03
CA LEU A 116 -7.71 -7.64 -2.71
C LEU A 116 -7.76 -6.13 -2.94
N LYS A 117 -8.96 -5.62 -3.17
CA LYS A 117 -9.14 -4.18 -3.39
C LYS A 117 -9.60 -3.48 -2.12
N GLU A 118 -10.07 -4.27 -1.15
CA GLU A 118 -10.54 -3.72 0.11
C GLU A 118 -9.40 -3.67 1.13
N HIS A 119 -8.44 -4.58 0.99
CA HIS A 119 -7.30 -4.63 1.89
C HIS A 119 -6.17 -3.75 1.40
N ASP A 120 -6.11 -3.55 0.09
CA ASP A 120 -5.06 -2.71 -0.52
C ASP A 120 -5.30 -1.24 -0.20
N VAL A 121 -6.56 -0.88 0.02
CA VAL A 121 -6.91 0.49 0.33
C VAL A 121 -7.15 0.68 1.82
N ASP A 122 -7.23 -0.44 2.54
CA ASP A 122 -7.46 -0.40 3.98
C ASP A 122 -6.13 -0.46 4.75
N TYR A 123 -5.18 -1.23 4.20
CA TYR A 123 -3.88 -1.38 4.84
C TYR A 123 -2.99 -0.17 4.53
N VAL A 124 -3.18 0.41 3.35
CA VAL A 124 -2.40 1.57 2.95
C VAL A 124 -2.79 2.80 3.75
N LEU A 125 -4.08 2.96 3.99
CA LEU A 125 -4.59 4.11 4.74
C LEU A 125 -4.07 4.08 6.18
N VAL A 126 -4.09 2.89 6.79
CA VAL A 126 -3.63 2.73 8.16
C VAL A 126 -2.11 2.89 8.24
N ILE A 127 -1.42 2.55 7.17
CA ILE A 127 0.03 2.66 7.12
C ILE A 127 0.47 4.12 7.18
N PHE A 128 -0.37 5.01 6.66
CA PHE A 128 -0.07 6.43 6.65
C PHE A 128 -0.36 7.06 8.00
N GLY A 129 -1.42 6.59 8.66
CA GLY A 129 -1.79 7.12 9.95
C GLY A 129 -0.88 6.63 11.06
N GLY A 130 -0.09 5.59 10.76
CA GLY A 130 0.81 5.04 11.76
C GLY A 130 2.11 4.54 11.13
N LEU A 131 2.56 5.22 10.10
CA LEU A 131 3.80 4.83 9.41
C LEU A 131 4.94 4.65 10.41
N ILE A 132 4.79 5.25 11.59
CA ILE A 132 5.80 5.14 12.63
C ILE A 132 5.19 5.28 14.01
N GLY A 133 4.66 4.17 14.54
CA GLY A 133 4.05 4.18 15.85
C GLY A 133 3.12 5.36 16.04
N PHE A 134 2.16 5.50 15.13
CA PHE A 134 1.20 6.59 15.21
C PHE A 134 1.88 7.94 14.98
N GLY A 135 2.16 8.25 13.71
CA GLY A 135 2.80 9.51 13.39
C GLY A 135 3.60 9.44 12.10
N GLY A 136 4.52 10.38 11.91
CA GLY A 136 5.34 10.40 10.71
C GLY A 136 4.72 11.23 9.61
N ASP A 137 3.49 11.68 9.82
CA ASP A 137 2.79 12.50 8.84
C ASP A 137 3.07 13.98 9.05
N ASP A 138 4.34 14.30 9.32
CA ASP A 138 4.75 15.68 9.55
C ASP A 138 4.58 16.51 8.28
N ILE A 139 5.37 16.19 7.26
CA ILE A 139 5.31 16.91 5.99
C ILE A 139 6.24 16.28 4.96
N ASN A 140 5.96 16.53 3.68
CA ASN A 140 6.78 16.00 2.61
C ASN A 140 6.89 16.99 1.45
N LYS A 141 7.95 16.87 0.68
CA LYS A 141 8.18 17.76 -0.46
C LYS A 141 7.39 17.29 -1.69
N PHE A 142 7.61 16.03 -2.07
CA PHE A 142 6.92 15.46 -3.22
C PHE A 142 5.60 14.81 -2.80
N LEU A 143 4.50 15.34 -3.34
CA LEU A 143 3.18 14.81 -3.02
C LEU A 143 2.10 15.55 -3.81
N TRP A 144 1.60 14.92 -4.87
CA TRP A 144 0.57 15.51 -5.70
C TRP A 144 0.91 16.96 -6.03
N ASN A 145 -0.08 17.68 -6.57
CA ASN A 145 0.11 19.08 -6.92
C ASN A 145 -0.88 19.97 -6.19
N ILE A 146 -0.38 20.79 -5.28
CA ILE A 146 -1.21 21.69 -4.51
C ILE A 146 -2.04 20.94 -3.48
N ARG A 147 -1.79 19.63 -3.36
CA ARG A 147 -2.51 18.79 -2.42
C ARG A 147 -4.02 18.89 -2.65
N ILE A 148 -4.55 17.98 -3.45
CA ILE A 148 -5.98 17.97 -3.76
C ILE A 148 -6.29 17.02 -4.90
N SER A 149 -7.38 16.28 -4.77
CA SER A 149 -7.79 15.33 -5.80
C SER A 149 -9.30 15.35 -5.99
N GLU A 150 -9.78 16.21 -6.88
CA GLU A 150 -11.20 16.32 -7.14
C GLU A 150 -11.79 14.99 -7.59
N GLY A 151 -13.11 14.90 -7.62
CA GLY A 151 -13.76 13.68 -8.03
C GLY A 151 -14.78 13.19 -7.02
N ILE A 152 -15.43 14.12 -6.33
CA ILE A 152 -16.43 13.78 -5.33
C ILE A 152 -17.55 12.94 -5.93
N TRP A 153 -17.70 11.73 -5.42
CA TRP A 153 -18.73 10.82 -5.91
C TRP A 153 -19.43 10.11 -4.75
N PRO A 154 -20.62 9.56 -5.03
CA PRO A 154 -21.40 8.84 -4.01
C PRO A 154 -20.77 7.51 -3.61
N GLU A 155 -19.69 7.14 -4.30
CA GLU A 155 -18.99 5.90 -4.01
C GLU A 155 -18.65 5.80 -2.53
N GLU A 156 -18.14 6.88 -1.97
CA GLU A 156 -17.78 6.91 -0.55
C GLU A 156 -19.00 6.63 0.33
N ILE A 157 -20.12 7.22 -0.03
CA ILE A 157 -21.36 7.03 0.72
C ILE A 157 -21.88 5.61 0.57
N LYS A 158 -21.73 5.05 -0.62
CA LYS A 158 -22.18 3.69 -0.89
C LYS A 158 -21.28 2.66 -0.22
N GLU A 159 -20.00 3.02 -0.08
CA GLU A 159 -19.03 2.13 0.56
C GLU A 159 -19.12 2.21 2.08
N ARG A 160 -19.57 3.36 2.58
CA ARG A 160 -19.70 3.56 4.01
C ARG A 160 -21.09 3.14 4.50
N ASP A 161 -22.01 2.96 3.56
CA ASP A 161 -23.37 2.55 3.89
C ASP A 161 -23.63 1.11 3.44
N PHE A 162 -22.70 0.56 2.68
CA PHE A 162 -22.83 -0.80 2.19
C PHE A 162 -23.13 -1.76 3.33
N TYR A 163 -22.57 -1.47 4.50
CA TYR A 163 -22.78 -2.32 5.68
C TYR A 163 -22.48 -3.78 5.36
N THR A 164 -21.22 -4.17 5.54
CA THR A 164 -20.80 -5.53 5.27
C THR A 164 -20.42 -6.26 6.57
N ALA A 165 -21.18 -5.99 7.63
CA ALA A 165 -20.93 -6.63 8.91
C ALA A 165 -22.19 -7.28 9.47
N GLU A 166 -22.06 -8.54 9.87
CA GLU A 166 -23.19 -9.28 10.42
C GLU A 166 -22.77 -10.70 10.81
N GLY A 167 -23.12 -11.09 12.04
CA GLY A 167 -22.77 -12.42 12.51
C GLY A 167 -23.91 -13.08 13.25
N GLU A 168 -23.72 -14.35 13.61
CA GLU A 168 -24.75 -15.10 14.32
C GLU A 168 -24.13 -16.28 15.07
N TYR A 169 -24.42 -16.37 16.36
CA TYR A 169 -23.90 -17.45 17.19
C TYR A 169 -22.38 -17.33 17.35
N ARG A 170 -21.65 -17.75 16.33
CA ARG A 170 -20.20 -17.69 16.35
C ARG A 170 -19.69 -16.46 15.59
N VAL A 171 -18.38 -16.42 15.36
CA VAL A 171 -17.77 -15.29 14.65
C VAL A 171 -18.24 -13.96 15.22
N ASP A 172 -18.04 -12.89 14.46
CA ASP A 172 -18.44 -11.56 14.88
C ASP A 172 -17.58 -11.08 16.05
N ALA A 173 -16.27 -11.20 15.91
CA ALA A 173 -15.34 -10.77 16.94
C ALA A 173 -15.45 -11.68 18.17
N ARG A 174 -14.31 -12.25 18.57
CA ARG A 174 -14.28 -13.14 19.73
C ARG A 174 -14.55 -12.37 21.01
N ALA A 175 -14.61 -11.05 20.90
CA ALA A 175 -14.86 -10.19 22.05
C ALA A 175 -13.66 -10.16 22.99
N SER A 176 -12.54 -10.71 22.53
CA SER A 176 -11.32 -10.74 23.31
C SER A 176 -10.17 -10.05 22.58
N GLU A 177 -9.46 -10.80 21.76
CA GLU A 177 -8.34 -10.26 21.00
C GLU A 177 -8.79 -9.10 20.12
N THR A 178 -10.05 -9.14 19.71
CA THR A 178 -10.61 -8.09 18.85
C THR A 178 -11.04 -6.88 19.68
N MET A 179 -11.54 -7.14 20.88
CA MET A 179 -11.99 -6.08 21.77
C MET A 179 -10.86 -5.10 22.05
N ARG A 180 -9.69 -5.63 22.41
CA ARG A 180 -8.53 -4.81 22.72
C ARG A 180 -7.88 -4.31 21.43
N ASN A 181 -8.15 -4.98 20.32
CA ASN A 181 -7.58 -4.61 19.03
C ASN A 181 -8.60 -3.82 18.20
N SER A 182 -9.75 -3.56 18.79
CA SER A 182 -10.81 -2.82 18.11
C SER A 182 -11.12 -1.52 18.84
N LEU A 183 -10.30 -1.20 19.83
CA LEU A 183 -10.50 0.02 20.61
C LEU A 183 -9.37 1.02 20.34
N LEU A 184 -8.20 0.49 19.98
CA LEU A 184 -7.05 1.33 19.69
C LEU A 184 -6.62 1.20 18.22
N TYR A 185 -6.98 0.07 17.62
CA TYR A 185 -6.64 -0.18 16.22
C TYR A 185 -7.86 -0.01 15.32
N LYS A 186 -9.03 0.16 15.94
CA LYS A 186 -10.27 0.33 15.20
C LYS A 186 -10.40 1.76 14.70
N MET A 187 -10.13 2.72 15.59
CA MET A 187 -10.21 4.13 15.23
C MET A 187 -9.20 4.49 14.15
N SER A 188 -8.13 3.71 14.07
CA SER A 188 -7.08 3.94 13.08
C SER A 188 -7.58 3.62 11.67
N TYR A 189 -8.18 2.45 11.52
CA TYR A 189 -8.70 2.02 10.23
C TYR A 189 -10.14 2.49 10.04
N LYS A 190 -10.76 2.91 11.13
CA LYS A 190 -12.13 3.39 11.09
C LYS A 190 -12.27 4.62 10.20
N ASP A 191 -11.14 5.30 9.97
CA ASP A 191 -11.13 6.50 9.13
C ASP A 191 -11.92 6.26 7.84
N PHE A 192 -11.95 5.01 7.40
CA PHE A 192 -12.66 4.66 6.18
C PHE A 192 -12.87 3.15 6.09
N PRO A 193 -11.77 2.40 6.07
CA PRO A 193 -11.81 0.93 5.99
C PRO A 193 -12.34 0.30 7.27
N GLN A 194 -12.42 -1.03 7.27
CA GLN A 194 -12.90 -1.77 8.43
C GLN A 194 -13.04 -3.25 8.13
N LEU A 195 -12.16 -4.05 8.74
CA LEU A 195 -12.17 -5.49 8.53
C LEU A 195 -13.23 -6.16 9.39
N PHE A 196 -13.55 -5.54 10.53
CA PHE A 196 -14.54 -6.07 11.45
C PHE A 196 -14.07 -7.37 12.06
N ASN A 197 -12.75 -7.58 12.07
CA ASN A 197 -12.17 -8.79 12.63
C ASN A 197 -12.90 -10.04 12.11
N GLY A 198 -13.80 -10.56 12.92
CA GLY A 198 -14.56 -11.74 12.54
C GLY A 198 -14.29 -12.92 13.44
N GLY A 199 -13.79 -14.01 12.86
CA GLY A 199 -13.50 -15.20 13.64
C GLY A 199 -12.02 -15.53 13.65
N GLN A 200 -11.44 -15.72 12.47
CA GLN A 200 -10.02 -16.05 12.36
C GLN A 200 -9.16 -14.79 12.42
N ALA A 201 -9.79 -13.64 12.20
CA ALA A 201 -9.09 -12.36 12.23
C ALA A 201 -8.63 -12.03 13.66
N THR A 202 -9.45 -12.38 14.64
CA THR A 202 -9.12 -12.12 16.04
C THR A 202 -7.86 -12.86 16.46
N ASP A 203 -7.66 -14.05 15.90
CA ASP A 203 -6.49 -14.85 16.21
C ASP A 203 -5.33 -14.52 15.28
N ARG A 204 -5.66 -14.06 14.07
CA ARG A 204 -4.65 -13.71 13.09
C ARG A 204 -4.13 -12.29 13.32
N VAL A 205 -4.94 -11.47 13.97
CA VAL A 205 -4.56 -10.10 14.26
C VAL A 205 -3.56 -10.03 15.41
N ARG A 206 -3.73 -10.92 16.39
CA ARG A 206 -2.84 -10.95 17.55
C ARG A 206 -1.53 -11.63 17.19
N GLN A 207 -1.58 -12.55 16.23
CA GLN A 207 -0.39 -13.27 15.80
C GLN A 207 0.39 -12.47 14.76
N GLN A 208 -0.33 -11.76 13.90
CA GLN A 208 0.28 -10.96 12.85
C GLN A 208 0.94 -9.72 13.45
N MET A 209 0.71 -9.48 14.73
CA MET A 209 1.28 -8.32 15.41
C MET A 209 2.79 -8.25 15.19
N ILE A 210 3.45 -9.40 15.27
CA ILE A 210 4.89 -9.46 15.07
C ILE A 210 5.25 -9.49 13.59
N THR A 211 5.30 -10.68 13.02
CA THR A 211 5.62 -10.85 11.61
C THR A 211 5.67 -12.32 11.21
N PRO A 212 4.59 -13.05 11.50
CA PRO A 212 4.48 -14.48 11.19
C PRO A 212 4.38 -14.74 9.70
N LEU A 213 4.91 -15.88 9.26
CA LEU A 213 4.88 -16.25 7.84
C LEU A 213 4.20 -17.60 7.66
N ASP A 214 2.92 -17.67 7.96
CA ASP A 214 2.16 -18.91 7.82
C ASP A 214 2.04 -19.31 6.35
N VAL A 215 0.95 -19.99 6.01
CA VAL A 215 0.71 -20.43 4.65
C VAL A 215 1.40 -19.50 3.65
N PRO A 216 1.01 -18.22 3.66
CA PRO A 216 1.58 -17.21 2.77
C PRO A 216 3.03 -16.88 3.11
N PRO A 217 3.87 -16.78 2.07
CA PRO A 217 5.30 -16.47 2.25
C PRO A 217 5.52 -15.02 2.68
N LEU A 218 6.76 -14.56 2.56
CA LEU A 218 7.10 -13.20 2.94
C LEU A 218 6.72 -12.21 1.84
N ASP A 219 6.07 -12.71 0.80
CA ASP A 219 5.64 -11.87 -0.31
C ASP A 219 4.13 -11.69 -0.31
N TYR A 220 3.43 -12.61 0.34
CA TYR A 220 1.97 -12.55 0.41
C TYR A 220 1.51 -12.25 1.84
N PHE A 221 2.37 -12.55 2.80
CA PHE A 221 2.06 -12.31 4.20
C PHE A 221 2.84 -11.11 4.74
N ASP A 222 3.55 -10.43 3.85
CA ASP A 222 4.33 -9.26 4.24
C ASP A 222 3.70 -7.98 3.70
N GLU A 223 3.03 -8.08 2.56
CA GLU A 223 2.38 -6.94 1.93
C GLU A 223 1.14 -6.53 2.72
N VAL A 224 0.35 -7.52 3.13
CA VAL A 224 -0.86 -7.26 3.88
C VAL A 224 -0.57 -7.12 5.38
N PHE A 225 0.63 -7.54 5.78
CA PHE A 225 1.03 -7.47 7.17
C PHE A 225 1.79 -6.16 7.46
N THR A 226 2.66 -5.79 6.53
CA THR A 226 3.45 -4.56 6.68
C THR A 226 2.54 -3.34 6.73
N SER A 227 1.34 -3.47 6.18
CA SER A 227 0.38 -2.37 6.15
C SER A 227 -0.91 -2.76 6.87
N GLU A 228 -0.90 -3.93 7.50
CA GLU A 228 -2.06 -4.41 8.23
C GLU A 228 -2.87 -3.26 8.80
N ASN A 229 -2.39 -2.71 9.92
CA ASN A 229 -3.08 -1.60 10.57
C ASN A 229 -2.35 -1.20 11.85
N TRP A 230 -2.96 -0.30 12.60
CA TRP A 230 -2.38 0.18 13.86
C TRP A 230 -1.78 -0.99 14.65
N ASN A 231 -2.43 -2.14 14.59
CA ASN A 231 -1.96 -3.33 15.30
C ASN A 231 -0.58 -3.74 14.80
N VAL A 232 -0.37 -3.64 13.48
CA VAL A 232 0.90 -4.00 12.87
C VAL A 232 1.83 -2.80 12.80
N ARG A 233 1.24 -1.61 12.77
CA ARG A 233 2.02 -0.37 12.70
C ARG A 233 2.72 -0.09 14.02
N ILE A 234 2.01 -0.34 15.12
CA ILE A 234 2.56 -0.10 16.45
C ILE A 234 3.58 -1.18 16.82
N TYR A 235 3.31 -2.40 16.40
CA TYR A 235 4.20 -3.52 16.68
C TYR A 235 5.38 -3.53 15.71
N GLN A 236 5.18 -2.98 14.53
CA GLN A 236 6.23 -2.92 13.52
C GLN A 236 7.37 -2.02 13.98
N LEU A 237 7.03 -0.89 14.57
CA LEU A 237 8.03 0.06 15.06
C LEU A 237 8.83 -0.53 16.21
N LYS A 238 8.13 -1.24 17.10
CA LYS A 238 8.78 -1.86 18.26
C LYS A 238 9.57 -3.09 17.84
N LYS A 239 9.05 -3.82 16.86
CA LYS A 239 9.71 -5.02 16.35
C LYS A 239 10.92 -4.66 15.50
N ASP A 240 10.79 -3.59 14.71
CA ASP A 240 11.87 -3.15 13.84
C ASP A 240 13.13 -2.85 14.65
N ASP A 241 12.94 -2.30 15.85
CA ASP A 241 14.06 -1.97 16.73
C ASP A 241 14.39 -3.13 17.66
N ALA A 242 13.45 -4.07 17.79
CA ALA A 242 13.64 -5.22 18.64
C ALA A 242 13.56 -6.52 17.83
N GLN A 243 12.35 -7.04 17.67
CA GLN A 243 12.15 -8.27 16.92
C GLN A 243 11.80 -7.98 15.46
N GLY A 244 12.85 -7.73 14.66
CA GLY A 244 12.64 -7.44 13.25
C GLY A 244 13.87 -6.83 12.60
N ARG A 245 13.70 -5.66 11.99
CA ARG A 245 14.80 -4.99 11.32
C ARG A 245 15.27 -5.79 10.10
N THR A 246 14.34 -6.47 9.45
CA THR A 246 14.66 -7.27 8.28
C THR A 246 13.52 -7.22 7.25
N LEU A 247 12.29 -7.32 7.74
CA LEU A 247 11.13 -7.28 6.87
C LEU A 247 11.21 -6.11 5.89
N ARG A 248 11.79 -5.01 6.35
CA ARG A 248 11.94 -3.82 5.51
C ARG A 248 13.10 -3.99 4.53
N ASP A 249 14.17 -4.64 4.99
CA ASP A 249 15.35 -4.86 4.16
C ASP A 249 15.23 -6.17 3.39
N VAL A 250 14.09 -6.84 3.54
CA VAL A 250 13.84 -8.10 2.86
C VAL A 250 12.89 -7.91 1.68
N GLY A 251 12.03 -6.90 1.78
CA GLY A 251 11.07 -6.64 0.72
C GLY A 251 11.44 -5.41 -0.09
N GLU A 252 12.55 -4.78 0.27
CA GLU A 252 13.00 -3.58 -0.43
C GLU A 252 14.36 -3.81 -1.08
N LEU A 253 15.17 -4.68 -0.46
CA LEU A 253 16.49 -4.99 -0.98
C LEU A 253 16.45 -6.25 -1.83
N THR A 254 15.30 -6.91 -1.87
CA THR A 254 15.14 -8.13 -2.64
C THR A 254 14.70 -7.82 -4.07
N ARG A 255 14.10 -6.64 -4.26
CA ARG A 255 13.62 -6.23 -5.57
C ARG A 255 14.71 -6.41 -6.62
N SER A 256 15.96 -6.23 -6.22
CA SER A 256 17.09 -6.37 -7.13
C SER A 256 18.41 -6.06 -6.41
N SER A 257 19.50 -6.54 -7.00
CA SER A 257 20.82 -6.31 -6.41
C SER A 257 21.91 -6.96 -7.26
N THR A 258 22.30 -6.27 -8.34
CA THR A 258 23.32 -6.78 -9.24
C THR A 258 23.80 -5.69 -10.19
N LYS A 259 22.86 -4.91 -10.72
CA LYS A 259 23.19 -3.83 -11.64
C LYS A 259 22.43 -2.56 -11.28
N THR A 260 23.09 -1.41 -11.41
CA THR A 260 22.47 -0.13 -11.10
C THR A 260 23.47 1.01 -11.20
N ARG A 261 23.03 2.13 -11.76
CA ARG A 261 23.90 3.30 -11.92
C ARG A 261 23.87 4.17 -10.67
N ARG A 262 23.18 3.69 -9.64
CA ARG A 262 23.07 4.43 -8.38
C ARG A 262 22.63 5.87 -8.63
N SER A 263 21.89 6.08 -9.72
CA SER A 263 21.41 7.41 -10.07
C SER A 263 20.52 7.34 -11.31
N ILE A 264 19.51 6.48 -11.27
CA ILE A 264 18.59 6.32 -12.39
C ILE A 264 19.32 6.49 -13.73
N LYS A 265 19.95 5.41 -14.18
CA LYS A 265 20.67 5.44 -15.45
C LYS A 265 21.84 6.41 -15.38
N ARG A 266 22.20 6.97 -16.53
CA ARG A 266 23.30 7.93 -16.61
C ARG A 266 23.38 8.56 -17.99
N PRO A 267 23.56 7.73 -19.02
CA PRO A 267 23.64 8.20 -20.41
C PRO A 267 22.31 8.72 -20.93
N GLU A 268 22.31 9.95 -21.44
CA GLU A 268 21.11 10.55 -21.98
C GLU A 268 20.10 10.84 -20.87
N LEU A 269 20.54 10.67 -19.63
CA LEU A 269 19.68 10.90 -18.46
C LEU A 269 18.42 10.03 -18.54
N GLY A 270 18.47 8.87 -17.90
CA GLY A 270 17.33 7.97 -17.91
C GLY A 270 16.78 7.75 -19.30
N LEU A 271 17.67 7.54 -20.26
CA LEU A 271 17.25 7.32 -21.64
C LEU A 271 18.09 6.22 -22.29
N ARG A 272 19.31 6.04 -21.77
CA ARG A 272 20.21 5.02 -22.30
C ARG A 272 20.81 5.46 -23.62
N VAL A 273 21.54 6.57 -23.60
CA VAL A 273 22.17 7.10 -24.81
C VAL A 273 21.13 7.44 -25.86
N MET A 1 10.48 -16.97 -7.29
CA MET A 1 10.12 -17.91 -8.35
C MET A 1 8.97 -17.38 -9.19
N GLY A 2 9.32 -16.58 -10.21
CA GLY A 2 8.31 -16.01 -11.07
C GLY A 2 8.89 -15.10 -12.14
N SER A 3 8.04 -14.60 -13.02
CA SER A 3 8.48 -13.72 -14.08
C SER A 3 7.29 -13.11 -14.83
N SER A 4 7.49 -11.92 -15.39
CA SER A 4 6.43 -11.24 -16.13
C SER A 4 6.98 -10.05 -16.89
N HIS A 5 6.09 -9.28 -17.51
CA HIS A 5 6.49 -8.10 -18.28
C HIS A 5 5.27 -7.34 -18.78
N HIS A 6 5.46 -6.06 -19.08
CA HIS A 6 4.36 -5.22 -19.57
C HIS A 6 4.86 -3.81 -19.85
N HIS A 7 4.01 -3.01 -20.49
CA HIS A 7 4.35 -1.63 -20.82
C HIS A 7 3.15 -0.89 -21.40
N HIS A 8 2.54 -0.04 -20.59
CA HIS A 8 1.38 0.73 -21.03
C HIS A 8 0.87 1.65 -19.91
N HIS A 9 0.71 2.93 -20.24
CA HIS A 9 0.24 3.90 -19.25
C HIS A 9 0.14 5.29 -19.88
N HIS A 10 -0.87 6.05 -19.45
CA HIS A 10 -1.09 7.39 -19.97
C HIS A 10 -2.29 8.05 -19.30
N SER A 11 -2.19 9.36 -19.08
CA SER A 11 -3.27 10.10 -18.44
C SER A 11 -2.92 11.58 -18.32
N SER A 12 -3.93 12.42 -18.14
CA SER A 12 -3.73 13.86 -18.02
C SER A 12 -5.05 14.58 -17.80
N GLY A 13 -4.98 15.87 -17.46
CA GLY A 13 -6.18 16.65 -17.23
C GLY A 13 -5.87 18.04 -16.72
N LEU A 14 -6.91 18.85 -16.57
CA LEU A 14 -6.75 20.21 -16.08
C LEU A 14 -7.67 20.49 -14.90
N VAL A 15 -7.07 20.67 -13.71
CA VAL A 15 -7.84 20.94 -12.51
C VAL A 15 -6.99 21.69 -11.49
N PRO A 16 -7.67 22.39 -10.57
CA PRO A 16 -7.01 23.17 -9.52
C PRO A 16 -6.34 22.28 -8.48
N ARG A 17 -5.85 22.89 -7.40
CA ARG A 17 -5.19 22.16 -6.34
C ARG A 17 -5.89 22.39 -5.00
N GLY A 18 -5.24 21.94 -3.92
CA GLY A 18 -5.83 22.11 -2.59
C GLY A 18 -5.16 21.22 -1.56
N SER A 19 -5.95 20.74 -0.61
CA SER A 19 -5.43 19.89 0.45
C SER A 19 -6.56 19.38 1.34
N HIS A 20 -6.29 18.30 2.08
CA HIS A 20 -7.28 17.72 2.97
C HIS A 20 -8.56 17.39 2.22
N SER A 21 -8.58 16.25 1.55
CA SER A 21 -9.74 15.81 0.79
C SER A 21 -9.48 14.48 0.09
N THR A 22 -8.23 14.26 -0.28
CA THR A 22 -7.84 13.03 -0.97
C THR A 22 -8.25 11.80 -0.16
N TRP A 23 -7.94 11.81 1.13
CA TRP A 23 -8.28 10.70 2.00
C TRP A 23 -9.63 10.10 1.62
N VAL A 24 -10.57 10.95 1.25
CA VAL A 24 -11.90 10.50 0.86
C VAL A 24 -12.06 10.51 -0.66
N THR A 25 -11.32 11.41 -1.31
CA THR A 25 -11.38 11.53 -2.77
C THR A 25 -10.22 10.80 -3.42
N ARG A 26 -9.45 10.08 -2.62
CA ARG A 26 -8.30 9.32 -3.12
C ARG A 26 -8.57 7.83 -3.08
N THR A 27 -9.20 7.37 -2.01
CA THR A 27 -9.53 5.96 -1.84
C THR A 27 -10.55 5.50 -2.87
N ALA A 28 -11.45 6.41 -3.24
CA ALA A 28 -12.48 6.11 -4.23
C ALA A 28 -12.14 6.70 -5.59
N TYR A 29 -10.96 7.30 -5.69
CA TYR A 29 -10.52 7.91 -6.94
C TYR A 29 -11.20 7.25 -8.14
N SER A 30 -10.76 6.03 -8.45
CA SER A 30 -11.32 5.29 -9.58
C SER A 30 -10.48 4.06 -9.89
N SER A 31 -10.13 3.32 -8.83
CA SER A 31 -9.32 2.11 -8.99
C SER A 31 -10.19 0.86 -8.84
N PRO A 32 -10.59 0.28 -9.98
CA PRO A 32 -11.42 -0.92 -10.01
C PRO A 32 -10.68 -2.16 -9.54
N SER A 33 -9.46 -2.35 -10.07
CA SER A 33 -8.65 -3.49 -9.70
C SER A 33 -7.20 -3.07 -9.47
N VAL A 34 -6.46 -3.91 -8.76
CA VAL A 34 -5.05 -3.63 -8.46
C VAL A 34 -4.21 -4.89 -8.58
N VAL A 35 -4.71 -5.87 -9.29
CA VAL A 35 -4.00 -7.13 -9.49
C VAL A 35 -3.15 -7.10 -10.76
N LEU A 36 -3.81 -7.28 -11.90
CA LEU A 36 -3.12 -7.26 -13.19
C LEU A 36 -4.08 -7.60 -14.33
N PRO A 37 -4.68 -8.79 -14.25
CA PRO A 37 -5.64 -9.26 -15.26
C PRO A 37 -6.95 -8.48 -15.23
N SER A 38 -7.48 -8.26 -14.03
CA SER A 38 -8.74 -7.53 -13.87
C SER A 38 -8.69 -6.21 -14.63
N GLN A 39 -8.04 -5.21 -14.04
CA GLN A 39 -7.92 -3.90 -14.67
C GLN A 39 -6.67 -3.18 -14.20
N THR A 40 -6.85 -2.14 -13.38
CA THR A 40 -5.74 -1.36 -12.87
C THR A 40 -6.22 -0.11 -12.16
N PRO A 41 -5.46 0.33 -11.14
CA PRO A 41 -5.79 1.53 -10.36
C PRO A 41 -5.62 2.80 -11.17
N ASP A 42 -6.58 3.72 -11.03
CA ASP A 42 -6.54 4.99 -11.74
C ASP A 42 -5.79 6.04 -10.93
N GLY A 43 -6.20 6.23 -9.69
CA GLY A 43 -5.56 7.21 -8.83
C GLY A 43 -5.75 6.91 -7.36
N LYS A 44 -5.93 5.63 -7.04
CA LYS A 44 -6.13 5.20 -5.66
C LYS A 44 -5.07 5.82 -4.75
N LEU A 45 -5.48 6.77 -3.92
CA LEU A 45 -4.57 7.44 -3.00
C LEU A 45 -3.66 8.39 -3.74
N ALA A 46 -4.25 9.38 -4.41
CA ALA A 46 -3.48 10.37 -5.16
C ALA A 46 -2.59 11.18 -4.23
N LEU A 47 -2.97 11.26 -2.97
CA LEU A 47 -2.20 12.01 -1.98
C LEU A 47 -1.16 11.12 -1.30
N ILE A 48 -1.34 9.81 -1.43
CA ILE A 48 -0.42 8.85 -0.84
C ILE A 48 0.49 8.24 -1.91
N ASP A 49 0.04 8.28 -3.15
CA ASP A 49 0.81 7.72 -4.26
C ASP A 49 1.89 8.71 -4.72
N ASP A 50 1.63 9.99 -4.51
CA ASP A 50 2.58 11.02 -4.90
C ASP A 50 3.81 11.01 -3.99
N PHE A 51 3.58 10.81 -2.70
CA PHE A 51 4.67 10.78 -1.73
C PHE A 51 5.56 9.57 -1.96
N ARG A 52 4.93 8.44 -2.28
CA ARG A 52 5.68 7.20 -2.51
C ARG A 52 6.56 7.33 -3.75
N GLU A 53 6.00 7.89 -4.82
CA GLU A 53 6.75 8.08 -6.06
C GLU A 53 7.80 9.16 -5.91
N ALA A 54 7.43 10.26 -5.27
CA ALA A 54 8.35 11.37 -5.06
C ALA A 54 9.44 10.99 -4.05
N TYR A 55 9.26 9.86 -3.40
CA TYR A 55 10.23 9.38 -2.41
C TYR A 55 11.11 8.27 -2.99
N TYR A 56 10.53 7.47 -3.87
CA TYR A 56 11.24 6.38 -4.50
C TYR A 56 12.15 6.88 -5.62
N TRP A 57 11.94 8.13 -6.02
CA TRP A 57 12.73 8.73 -7.08
C TRP A 57 13.58 9.87 -6.54
N LEU A 58 13.17 10.44 -5.43
CA LEU A 58 13.90 11.54 -4.79
C LEU A 58 14.70 11.05 -3.60
N ARG A 59 14.33 9.88 -3.09
CA ARG A 59 15.02 9.30 -1.94
C ARG A 59 15.68 7.98 -2.31
N MET A 60 15.22 7.38 -3.41
CA MET A 60 15.76 6.11 -3.88
C MET A 60 16.32 6.25 -5.29
N ASN A 61 15.86 7.26 -6.01
CA ASN A 61 16.31 7.50 -7.38
C ASN A 61 15.69 6.49 -8.34
N SER A 62 15.82 5.20 -8.01
CA SER A 62 15.27 4.14 -8.85
C SER A 62 16.13 3.95 -10.10
N ASP A 63 16.43 2.69 -10.41
CA ASP A 63 17.24 2.36 -11.58
C ASP A 63 16.94 0.94 -12.05
N GLU A 64 15.71 0.70 -12.48
CA GLU A 64 15.31 -0.62 -12.96
C GLU A 64 15.09 -1.58 -11.79
N ASP A 65 16.13 -1.74 -10.97
CA ASP A 65 16.06 -2.64 -9.81
C ASP A 65 15.24 -2.00 -8.69
N SER A 66 15.56 -0.76 -8.36
CA SER A 66 14.84 -0.06 -7.30
C SER A 66 14.66 -0.95 -6.08
N LYS A 67 15.77 -1.29 -5.42
CA LYS A 67 15.73 -2.14 -4.24
C LYS A 67 14.82 -1.54 -3.17
N VAL A 68 15.34 -0.58 -2.43
CA VAL A 68 14.57 0.09 -1.37
C VAL A 68 13.40 0.86 -1.95
N ALA A 69 13.45 1.09 -3.26
CA ALA A 69 12.38 1.83 -3.94
C ALA A 69 11.11 0.99 -4.05
N ALA A 70 11.29 -0.33 -4.01
CA ALA A 70 10.16 -1.26 -4.11
C ALA A 70 9.09 -0.93 -3.07
N TRP A 71 9.54 -0.63 -1.85
CA TRP A 71 8.62 -0.31 -0.77
C TRP A 71 7.66 0.80 -1.17
N TRP A 72 8.18 1.79 -1.89
CA TRP A 72 7.37 2.91 -2.35
C TRP A 72 6.77 2.62 -3.72
N ASP A 73 7.34 1.65 -4.42
CA ASP A 73 6.86 1.28 -5.76
C ASP A 73 5.35 1.07 -5.74
N TYR A 74 4.84 0.53 -4.64
CA TYR A 74 3.42 0.27 -4.51
C TYR A 74 2.60 1.50 -4.86
N GLY A 75 3.17 2.68 -4.62
CA GLY A 75 2.48 3.92 -4.92
C GLY A 75 3.06 4.61 -6.14
N TYR A 76 4.31 4.32 -6.44
CA TYR A 76 4.98 4.93 -7.59
C TYR A 76 4.33 4.48 -8.90
N GLN A 77 3.60 3.37 -8.84
CA GLN A 77 2.92 2.83 -10.01
C GLN A 77 2.18 3.94 -10.77
N ILE A 78 1.67 4.92 -10.02
CA ILE A 78 0.94 6.03 -10.62
C ILE A 78 1.58 7.36 -10.25
N GLY A 79 2.35 7.36 -9.16
CA GLY A 79 3.01 8.58 -8.72
C GLY A 79 2.11 9.79 -8.81
N GLY A 80 1.39 10.09 -7.73
CA GLY A 80 0.49 11.22 -7.72
C GLY A 80 1.23 12.55 -7.84
N MET A 81 2.55 12.49 -7.76
CA MET A 81 3.37 13.68 -7.85
C MET A 81 3.53 14.12 -9.31
N ALA A 82 4.17 13.27 -10.12
CA ALA A 82 4.37 13.57 -11.52
C ALA A 82 3.28 12.94 -12.38
N ASP A 83 2.85 11.74 -11.99
CA ASP A 83 1.81 11.03 -12.72
C ASP A 83 2.29 10.66 -14.12
N ARG A 84 2.87 9.47 -14.25
CA ARG A 84 3.37 8.98 -15.52
C ARG A 84 4.67 9.70 -15.90
N THR A 85 5.75 9.33 -15.22
CA THR A 85 7.06 9.94 -15.48
C THR A 85 8.19 9.02 -15.02
N THR A 86 8.09 8.53 -13.79
CA THR A 86 9.11 7.65 -13.23
C THR A 86 8.76 6.19 -13.49
N LEU A 87 7.48 5.92 -13.74
CA LEU A 87 7.03 4.56 -14.00
C LEU A 87 6.93 4.30 -15.50
N VAL A 88 7.36 5.27 -16.29
CA VAL A 88 7.32 5.14 -17.74
C VAL A 88 8.12 3.92 -18.21
N ASP A 89 9.43 3.98 -18.04
CA ASP A 89 10.31 2.89 -18.44
C ASP A 89 10.55 1.93 -17.28
N ASN A 90 9.96 2.25 -16.14
CA ASN A 90 10.11 1.42 -14.94
C ASN A 90 8.83 0.64 -14.65
N ASN A 91 7.78 0.95 -15.41
CA ASN A 91 6.49 0.28 -15.23
C ASN A 91 6.67 -1.23 -15.16
N THR A 92 7.65 -1.74 -15.90
CA THR A 92 7.93 -3.17 -15.93
C THR A 92 8.13 -3.72 -14.52
N TRP A 93 8.71 -2.91 -13.66
CA TRP A 93 8.96 -3.31 -12.28
C TRP A 93 7.76 -3.00 -11.40
N ASN A 94 6.89 -2.13 -11.88
CA ASN A 94 5.70 -1.74 -11.13
C ASN A 94 4.62 -2.83 -11.22
N ASN A 95 4.47 -3.40 -12.42
CA ASN A 95 3.48 -4.45 -12.63
C ASN A 95 3.84 -5.71 -11.85
N THR A 96 5.15 -5.95 -11.69
CA THR A 96 5.62 -7.12 -10.96
C THR A 96 5.33 -6.99 -9.47
N HIS A 97 5.60 -5.81 -8.92
CA HIS A 97 5.36 -5.56 -7.50
C HIS A 97 3.87 -5.54 -7.19
N ILE A 98 3.07 -5.15 -8.17
CA ILE A 98 1.62 -5.08 -8.01
C ILE A 98 0.97 -6.41 -8.37
N ALA A 99 1.71 -7.25 -9.10
CA ALA A 99 1.19 -8.55 -9.52
C ALA A 99 1.20 -9.54 -8.36
N ILE A 100 2.29 -9.52 -7.58
CA ILE A 100 2.43 -10.42 -6.44
C ILE A 100 1.27 -10.25 -5.48
N VAL A 101 1.05 -9.01 -5.03
CA VAL A 101 -0.03 -8.71 -4.10
C VAL A 101 -1.40 -9.09 -4.70
N GLY A 102 -1.51 -8.97 -6.01
CA GLY A 102 -2.76 -9.29 -6.68
C GLY A 102 -3.01 -10.78 -6.74
N LYS A 103 -1.93 -11.56 -6.78
CA LYS A 103 -2.05 -13.02 -6.83
C LYS A 103 -2.49 -13.57 -5.49
N ALA A 104 -1.88 -13.09 -4.41
CA ALA A 104 -2.22 -13.55 -3.07
C ALA A 104 -3.72 -13.78 -2.93
N ASN A 105 -4.51 -12.75 -3.26
CA ASN A 105 -5.96 -12.85 -3.18
C ASN A 105 -6.46 -14.15 -3.81
N ALA A 106 -6.06 -14.38 -5.05
CA ALA A 106 -6.46 -15.59 -5.77
C ALA A 106 -5.81 -16.83 -5.17
N SER A 107 -4.51 -16.73 -4.88
CA SER A 107 -3.77 -17.84 -4.31
C SER A 107 -4.31 -18.20 -2.92
N PRO A 108 -3.70 -19.23 -2.30
CA PRO A 108 -4.10 -19.69 -0.97
C PRO A 108 -3.76 -18.69 0.12
N GLU A 109 -4.52 -17.61 0.18
CA GLU A 109 -4.30 -16.57 1.18
C GLU A 109 -5.41 -15.53 1.15
N GLU A 110 -5.87 -15.13 2.33
CA GLU A 110 -6.94 -14.14 2.44
C GLU A 110 -8.27 -14.72 1.96
N LYS A 111 -8.44 -14.80 0.64
CA LYS A 111 -9.66 -15.33 0.06
C LYS A 111 -10.15 -14.43 -1.08
N SER A 112 -9.26 -14.12 -2.00
CA SER A 112 -9.60 -13.27 -3.14
C SER A 112 -10.54 -12.14 -2.72
N TYR A 113 -11.37 -11.69 -3.65
CA TYR A 113 -12.32 -10.61 -3.37
C TYR A 113 -11.69 -9.25 -3.65
N GLU A 114 -12.47 -8.19 -3.43
CA GLU A 114 -11.99 -6.83 -3.66
C GLU A 114 -11.03 -6.41 -2.56
N ILE A 115 -10.76 -7.31 -1.62
CA ILE A 115 -9.86 -7.02 -0.52
C ILE A 115 -8.57 -6.37 -1.01
N LEU A 116 -8.22 -6.65 -2.26
CA LEU A 116 -7.01 -6.08 -2.86
C LEU A 116 -7.11 -4.57 -2.96
N LYS A 117 -8.25 -4.09 -3.46
CA LYS A 117 -8.47 -2.66 -3.60
C LYS A 117 -8.56 -1.97 -2.24
N GLU A 118 -9.22 -2.63 -1.30
CA GLU A 118 -9.37 -2.09 0.04
C GLU A 118 -8.10 -2.31 0.87
N HIS A 119 -7.18 -3.08 0.32
CA HIS A 119 -5.92 -3.36 1.00
C HIS A 119 -4.89 -2.28 0.71
N ASP A 120 -4.80 -1.87 -0.56
CA ASP A 120 -3.85 -0.84 -0.97
C ASP A 120 -4.09 0.45 -0.20
N VAL A 121 -5.35 0.85 -0.09
CA VAL A 121 -5.71 2.06 0.64
C VAL A 121 -5.64 1.85 2.14
N ASP A 122 -5.69 0.60 2.56
CA ASP A 122 -5.64 0.25 3.98
C ASP A 122 -4.22 0.37 4.51
N TYR A 123 -3.26 -0.14 3.74
CA TYR A 123 -1.85 -0.09 4.14
C TYR A 123 -1.41 1.35 4.39
N VAL A 124 -1.79 2.25 3.48
CA VAL A 124 -1.43 3.66 3.60
C VAL A 124 -2.36 4.38 4.57
N LEU A 125 -3.45 3.73 4.94
CA LEU A 125 -4.42 4.31 5.87
C LEU A 125 -4.07 3.95 7.31
N VAL A 126 -3.47 2.79 7.50
CA VAL A 126 -3.09 2.33 8.83
C VAL A 126 -1.73 2.90 9.23
N ILE A 127 -0.86 3.09 8.24
CA ILE A 127 0.48 3.63 8.49
C ILE A 127 0.43 5.13 8.75
N PHE A 128 -0.47 5.82 8.04
CA PHE A 128 -0.61 7.26 8.20
C PHE A 128 -1.57 7.59 9.33
N GLY A 129 -2.39 6.61 9.71
CA GLY A 129 -3.34 6.82 10.79
C GLY A 129 -2.70 6.72 12.16
N GLY A 130 -1.55 6.05 12.23
CA GLY A 130 -0.85 5.90 13.49
C GLY A 130 -0.05 7.13 13.86
N LEU A 131 0.63 7.71 12.87
CA LEU A 131 1.45 8.89 13.09
C LEU A 131 2.32 8.72 14.33
N ILE A 132 2.70 7.48 14.62
CA ILE A 132 3.54 7.18 15.78
C ILE A 132 4.59 6.13 15.43
N GLY A 133 4.18 5.13 14.65
CA GLY A 133 5.09 4.08 14.26
C GLY A 133 5.68 4.29 12.88
N PHE A 134 4.80 4.56 11.91
CA PHE A 134 5.23 4.77 10.54
C PHE A 134 4.23 5.64 9.78
N GLY A 135 4.05 6.87 10.26
CA GLY A 135 3.12 7.79 9.62
C GLY A 135 3.55 9.23 9.74
N GLY A 136 2.67 10.14 9.31
CA GLY A 136 2.99 11.56 9.39
C GLY A 136 3.62 12.08 8.11
N ASP A 137 4.41 11.23 7.45
CA ASP A 137 5.08 11.61 6.22
C ASP A 137 4.20 11.30 5.01
N ASP A 138 3.02 11.92 4.98
CA ASP A 138 2.08 11.72 3.87
C ASP A 138 1.92 13.01 3.06
N ILE A 139 2.24 14.14 3.68
CA ILE A 139 2.12 15.43 3.02
C ILE A 139 2.89 15.44 1.70
N ASN A 140 2.75 16.52 0.95
CA ASN A 140 3.43 16.67 -0.34
C ASN A 140 4.92 16.37 -0.20
N LYS A 141 5.39 15.39 -0.96
CA LYS A 141 6.80 15.00 -0.93
C LYS A 141 7.63 15.89 -1.84
N PHE A 142 7.59 15.59 -3.14
CA PHE A 142 8.33 16.36 -4.13
C PHE A 142 7.50 17.52 -4.66
N LEU A 143 6.21 17.25 -4.90
CA LEU A 143 5.30 18.28 -5.41
C LEU A 143 3.85 17.90 -5.11
N TRP A 144 3.28 17.06 -5.97
CA TRP A 144 1.90 16.62 -5.80
C TRP A 144 0.94 17.81 -5.83
N ASN A 145 0.32 18.03 -6.99
CA ASN A 145 -0.61 19.14 -7.16
C ASN A 145 -1.31 19.06 -8.51
N ILE A 146 -2.29 18.17 -8.61
CA ILE A 146 -3.04 18.00 -9.85
C ILE A 146 -4.54 18.04 -9.60
N ARG A 147 -5.06 16.97 -9.01
CA ARG A 147 -6.48 16.88 -8.71
C ARG A 147 -6.71 16.71 -7.21
N ILE A 148 -7.87 17.18 -6.74
CA ILE A 148 -8.22 17.08 -5.32
C ILE A 148 -9.60 17.66 -5.06
N SER A 149 -10.39 16.95 -4.27
CA SER A 149 -11.74 17.38 -3.94
C SER A 149 -12.50 17.79 -5.20
N GLU A 150 -12.34 17.02 -6.26
CA GLU A 150 -13.02 17.29 -7.52
C GLU A 150 -13.65 16.03 -8.10
N GLY A 151 -14.77 15.61 -7.51
CA GLY A 151 -15.45 14.41 -7.98
C GLY A 151 -16.69 14.11 -7.19
N ILE A 152 -16.79 12.89 -6.67
CA ILE A 152 -17.94 12.48 -5.88
C ILE A 152 -17.64 12.50 -4.39
N TRP A 153 -18.02 13.58 -3.73
CA TRP A 153 -17.78 13.72 -2.29
C TRP A 153 -18.27 12.48 -1.54
N PRO A 154 -19.55 12.16 -1.71
CA PRO A 154 -20.17 11.00 -1.05
C PRO A 154 -19.65 9.67 -1.61
N GLU A 155 -18.35 9.47 -1.52
CA GLU A 155 -17.73 8.24 -2.02
C GLU A 155 -17.02 7.49 -0.90
N GLU A 156 -16.40 8.24 0.01
CA GLU A 156 -15.68 7.65 1.13
C GLU A 156 -16.66 7.13 2.19
N ILE A 157 -17.78 7.83 2.34
CA ILE A 157 -18.78 7.45 3.32
C ILE A 157 -19.59 6.24 2.83
N LYS A 158 -19.78 6.16 1.51
CA LYS A 158 -20.53 5.06 0.92
C LYS A 158 -19.68 3.79 0.88
N GLU A 159 -18.37 3.96 0.78
CA GLU A 159 -17.45 2.82 0.73
C GLU A 159 -17.15 2.31 2.14
N ARG A 160 -17.28 3.19 3.11
CA ARG A 160 -17.01 2.83 4.51
C ARG A 160 -18.27 2.26 5.17
N ASP A 161 -19.42 2.57 4.60
CA ASP A 161 -20.69 2.10 5.13
C ASP A 161 -21.23 0.94 4.31
N PHE A 162 -20.58 0.67 3.18
CA PHE A 162 -20.99 -0.42 2.29
C PHE A 162 -21.06 -1.74 3.04
N TYR A 163 -20.29 -1.82 4.14
CA TYR A 163 -20.25 -3.03 4.95
C TYR A 163 -20.21 -2.70 6.43
N THR A 164 -20.59 -3.67 7.26
CA THR A 164 -20.59 -3.47 8.71
C THR A 164 -20.16 -4.74 9.43
N ALA A 165 -19.60 -5.69 8.68
CA ALA A 165 -19.15 -6.94 9.25
C ALA A 165 -20.23 -7.59 10.10
N GLU A 166 -19.86 -8.64 10.84
CA GLU A 166 -20.81 -9.33 11.70
C GLU A 166 -21.88 -10.03 10.85
N GLY A 167 -21.83 -11.36 10.83
CA GLY A 167 -22.80 -12.12 10.07
C GLY A 167 -22.21 -12.67 8.77
N GLU A 168 -21.59 -13.84 8.87
CA GLU A 168 -20.98 -14.47 7.70
C GLU A 168 -20.38 -15.83 8.06
N TYR A 169 -21.01 -16.52 9.01
CA TYR A 169 -20.54 -17.82 9.44
C TYR A 169 -19.17 -17.71 10.11
N ARG A 170 -19.13 -17.97 11.41
CA ARG A 170 -17.87 -17.90 12.17
C ARG A 170 -17.22 -16.53 12.00
N VAL A 171 -15.99 -16.41 12.49
CA VAL A 171 -15.25 -15.16 12.39
C VAL A 171 -15.96 -14.04 13.14
N ASP A 172 -16.60 -14.39 14.26
CA ASP A 172 -17.31 -13.41 15.07
C ASP A 172 -16.44 -12.91 16.20
N ALA A 173 -15.14 -12.83 15.96
CA ALA A 173 -14.19 -12.36 16.96
C ALA A 173 -14.09 -13.35 18.11
N ARG A 174 -12.88 -13.85 18.35
CA ARG A 174 -12.64 -14.81 19.42
C ARG A 174 -12.89 -14.16 20.78
N ALA A 175 -13.01 -12.85 20.79
CA ALA A 175 -13.26 -12.11 22.03
C ALA A 175 -12.02 -12.08 22.92
N SER A 176 -10.88 -12.45 22.33
CA SER A 176 -9.63 -12.48 23.08
C SER A 176 -8.57 -11.59 22.40
N GLU A 177 -7.92 -12.14 21.38
CA GLU A 177 -6.90 -11.41 20.65
C GLU A 177 -7.51 -10.28 19.84
N THR A 178 -8.82 -10.37 19.60
CA THR A 178 -9.53 -9.36 18.83
C THR A 178 -10.40 -8.49 19.74
N MET A 179 -10.28 -8.71 21.04
CA MET A 179 -11.05 -7.94 22.02
C MET A 179 -10.20 -6.83 22.63
N ARG A 180 -8.94 -7.13 22.92
CA ARG A 180 -8.03 -6.16 23.50
C ARG A 180 -7.23 -5.45 22.42
N ASN A 181 -7.10 -6.08 21.26
CA ASN A 181 -6.35 -5.52 20.15
C ASN A 181 -7.26 -4.65 19.28
N SER A 182 -8.53 -5.02 19.20
CA SER A 182 -9.50 -4.28 18.40
C SER A 182 -9.69 -2.87 18.95
N LEU A 183 -9.70 -2.75 20.27
CA LEU A 183 -9.87 -1.46 20.93
C LEU A 183 -8.82 -0.46 20.44
N LEU A 184 -7.60 -0.94 20.26
CA LEU A 184 -6.50 -0.10 19.80
C LEU A 184 -6.44 -0.07 18.27
N TYR A 185 -6.97 -1.12 17.65
CA TYR A 185 -6.96 -1.22 16.20
C TYR A 185 -8.26 -0.68 15.61
N LYS A 186 -9.21 -0.37 16.48
CA LYS A 186 -10.50 0.17 16.06
C LYS A 186 -10.43 1.69 15.91
N MET A 187 -9.62 2.33 16.74
CA MET A 187 -9.47 3.78 16.69
C MET A 187 -8.68 4.21 15.47
N SER A 188 -7.58 3.50 15.20
CA SER A 188 -6.73 3.81 14.05
C SER A 188 -7.36 3.30 12.76
N TYR A 189 -8.17 2.25 12.88
CA TYR A 189 -8.83 1.66 11.73
C TYR A 189 -10.23 2.24 11.54
N LYS A 190 -10.72 2.93 12.57
CA LYS A 190 -12.04 3.53 12.52
C LYS A 190 -12.21 4.38 11.26
N ASP A 191 -11.16 5.10 10.90
CA ASP A 191 -11.19 5.95 9.71
C ASP A 191 -11.60 5.15 8.48
N PHE A 192 -11.44 3.84 8.56
CA PHE A 192 -11.78 2.96 7.45
C PHE A 192 -11.73 1.49 7.87
N PRO A 193 -12.84 1.01 8.45
CA PRO A 193 -12.95 -0.37 8.92
C PRO A 193 -13.00 -1.37 7.77
N GLN A 194 -13.40 -2.60 8.08
CA GLN A 194 -13.49 -3.65 7.06
C GLN A 194 -12.14 -4.31 6.84
N LEU A 195 -11.75 -5.18 7.77
CA LEU A 195 -10.47 -5.88 7.66
C LEU A 195 -10.67 -7.39 7.83
N PHE A 196 -11.83 -7.78 8.33
CA PHE A 196 -12.14 -9.19 8.53
C PHE A 196 -11.37 -9.75 9.73
N ASN A 197 -11.61 -9.16 10.90
CA ASN A 197 -10.95 -9.60 12.12
C ASN A 197 -11.88 -10.45 12.98
N GLY A 198 -11.59 -11.73 13.06
CA GLY A 198 -12.42 -12.63 13.85
C GLY A 198 -12.18 -14.09 13.52
N GLY A 199 -12.48 -14.97 14.46
CA GLY A 199 -12.28 -16.40 14.24
C GLY A 199 -10.82 -16.78 14.23
N GLN A 200 -10.28 -17.00 13.03
CA GLN A 200 -8.88 -17.38 12.88
C GLN A 200 -8.01 -16.15 12.66
N ALA A 201 -8.63 -15.03 12.30
CA ALA A 201 -7.91 -13.80 12.06
C ALA A 201 -7.42 -13.18 13.36
N THR A 202 -8.19 -13.36 14.43
CA THR A 202 -7.83 -12.82 15.74
C THR A 202 -6.54 -13.45 16.25
N ASP A 203 -6.42 -14.77 16.08
CA ASP A 203 -5.22 -15.48 16.53
C ASP A 203 -4.04 -15.20 15.60
N ARG A 204 -4.34 -15.08 14.30
CA ARG A 204 -3.30 -14.82 13.32
C ARG A 204 -2.88 -13.35 13.33
N VAL A 205 -3.75 -12.50 13.88
CA VAL A 205 -3.47 -11.07 13.97
C VAL A 205 -2.53 -10.76 15.12
N ARG A 206 -2.71 -11.48 16.23
CA ARG A 206 -1.89 -11.27 17.41
C ARG A 206 -0.53 -11.95 17.24
N GLN A 207 -0.48 -12.96 16.39
CA GLN A 207 0.76 -13.69 16.15
C GLN A 207 1.56 -13.05 15.02
N GLN A 208 0.86 -12.33 14.15
CA GLN A 208 1.50 -11.65 13.02
C GLN A 208 1.92 -10.25 13.40
N MET A 209 1.15 -9.62 14.29
CA MET A 209 1.45 -8.26 14.74
C MET A 209 2.84 -8.18 15.35
N ILE A 210 3.35 -9.32 15.78
CA ILE A 210 4.69 -9.38 16.40
C ILE A 210 5.50 -10.53 15.83
N THR A 211 5.98 -10.36 14.59
CA THR A 211 6.78 -11.38 13.93
C THR A 211 5.91 -12.56 13.50
N PRO A 212 5.29 -12.44 12.32
CA PRO A 212 4.42 -13.48 11.77
C PRO A 212 5.21 -14.72 11.33
N LEU A 213 5.67 -14.71 10.08
CA LEU A 213 6.44 -15.83 9.56
C LEU A 213 5.57 -17.08 9.42
N ASP A 214 4.26 -16.89 9.54
CA ASP A 214 3.32 -18.00 9.43
C ASP A 214 3.03 -18.32 7.97
N VAL A 215 2.12 -17.55 7.36
CA VAL A 215 1.75 -17.76 5.96
C VAL A 215 2.99 -17.88 5.08
N PRO A 216 2.89 -18.69 4.03
CA PRO A 216 3.99 -18.92 3.09
C PRO A 216 4.27 -17.69 2.23
N PRO A 217 3.22 -16.90 1.96
CA PRO A 217 3.33 -15.68 1.15
C PRO A 217 4.11 -14.59 1.86
N LEU A 218 4.93 -13.86 1.10
CA LEU A 218 5.72 -12.78 1.67
C LEU A 218 5.48 -11.47 0.90
N ASP A 219 5.65 -11.52 -0.41
CA ASP A 219 5.44 -10.34 -1.25
C ASP A 219 4.05 -9.77 -1.04
N TYR A 220 3.07 -10.65 -0.87
CA TYR A 220 1.69 -10.24 -0.66
C TYR A 220 1.38 -10.09 0.82
N PHE A 221 1.90 -11.00 1.63
CA PHE A 221 1.68 -10.96 3.07
C PHE A 221 2.35 -9.74 3.70
N ASP A 222 3.41 -9.27 3.06
CA ASP A 222 4.14 -8.10 3.55
C ASP A 222 3.27 -6.86 3.51
N GLU A 223 2.61 -6.64 2.37
CA GLU A 223 1.74 -5.48 2.19
C GLU A 223 0.48 -5.62 3.04
N VAL A 224 -0.02 -6.85 3.14
CA VAL A 224 -1.23 -7.11 3.92
C VAL A 224 -0.93 -7.10 5.42
N PHE A 225 0.29 -7.45 5.78
CA PHE A 225 0.70 -7.47 7.18
C PHE A 225 0.68 -6.06 7.78
N THR A 226 1.25 -5.12 7.05
CA THR A 226 1.30 -3.72 7.50
C THR A 226 -0.10 -3.13 7.62
N SER A 227 -1.07 -3.78 6.97
CA SER A 227 -2.45 -3.32 7.01
C SER A 227 -2.97 -3.27 8.44
N GLU A 228 -3.29 -4.44 8.99
CA GLU A 228 -3.80 -4.53 10.36
C GLU A 228 -4.20 -3.16 10.88
N ASN A 229 -3.40 -2.63 11.80
CA ASN A 229 -3.66 -1.31 12.38
C ASN A 229 -2.66 -0.99 13.49
N TRP A 230 -3.12 -0.29 14.51
CA TRP A 230 -2.26 0.09 15.63
C TRP A 230 -1.42 -1.10 16.09
N ASN A 231 -1.95 -2.30 15.89
CA ASN A 231 -1.24 -3.52 16.28
C ASN A 231 -0.01 -3.74 15.42
N VAL A 232 -0.12 -3.42 14.13
CA VAL A 232 0.99 -3.59 13.20
C VAL A 232 1.69 -2.25 12.94
N ARG A 233 1.04 -1.17 13.36
CA ARG A 233 1.61 0.17 13.17
C ARG A 233 2.61 0.49 14.27
N ILE A 234 2.32 0.02 15.49
CA ILE A 234 3.19 0.27 16.62
C ILE A 234 4.24 -0.84 16.76
N TYR A 235 3.90 -2.03 16.28
CA TYR A 235 4.81 -3.17 16.36
C TYR A 235 5.84 -3.11 15.24
N GLN A 236 5.45 -2.52 14.11
CA GLN A 236 6.34 -2.40 12.96
C GLN A 236 7.48 -1.43 13.26
N LEU A 237 7.15 -0.31 13.90
CA LEU A 237 8.14 0.70 14.24
C LEU A 237 9.05 0.22 15.36
N LYS A 238 8.49 -0.56 16.27
CA LYS A 238 9.24 -1.10 17.40
C LYS A 238 10.02 -2.35 16.98
N LYS A 239 9.56 -3.00 15.92
CA LYS A 239 10.22 -4.20 15.42
C LYS A 239 11.35 -3.85 14.45
N ASP A 240 11.15 -2.78 13.69
CA ASP A 240 12.15 -2.33 12.72
C ASP A 240 13.26 -1.53 13.41
N ASP A 241 13.01 -1.16 14.67
CA ASP A 241 13.98 -0.41 15.44
C ASP A 241 14.66 -1.29 16.49
N ALA A 242 13.96 -2.33 16.92
CA ALA A 242 14.49 -3.25 17.91
C ALA A 242 14.50 -4.68 17.39
N GLN A 243 13.38 -5.39 17.59
CA GLN A 243 13.27 -6.76 17.14
C GLN A 243 14.46 -7.16 16.26
N GLY A 244 14.43 -6.74 15.00
CA GLY A 244 15.51 -7.06 14.09
C GLY A 244 15.47 -6.23 12.82
N ARG A 245 14.26 -5.93 12.36
CA ARG A 245 14.08 -5.15 11.15
C ARG A 245 14.55 -5.92 9.92
N THR A 246 13.61 -6.24 9.03
CA THR A 246 13.93 -6.98 7.82
C THR A 246 12.76 -6.98 6.85
N LEU A 247 11.54 -6.94 7.40
CA LEU A 247 10.33 -6.93 6.58
C LEU A 247 10.46 -5.92 5.43
N ARG A 248 11.13 -4.81 5.70
CA ARG A 248 11.32 -3.76 4.71
C ARG A 248 12.45 -4.13 3.76
N ASP A 249 13.48 -4.78 4.29
CA ASP A 249 14.64 -5.18 3.49
C ASP A 249 14.39 -6.54 2.83
N VAL A 250 13.21 -7.11 3.07
CA VAL A 250 12.86 -8.40 2.50
C VAL A 250 11.94 -8.24 1.30
N GLY A 251 11.08 -7.23 1.34
CA GLY A 251 10.17 -6.98 0.25
C GLY A 251 10.67 -5.90 -0.69
N GLU A 252 11.84 -5.35 -0.39
CA GLU A 252 12.42 -4.30 -1.21
C GLU A 252 13.55 -4.85 -2.08
N LEU A 253 14.35 -5.76 -1.50
CA LEU A 253 15.46 -6.36 -2.22
C LEU A 253 14.99 -7.56 -3.04
N THR A 254 13.85 -8.11 -2.66
CA THR A 254 13.29 -9.27 -3.36
C THR A 254 12.63 -8.85 -4.66
N ARG A 255 12.11 -7.62 -4.69
CA ARG A 255 11.46 -7.10 -5.88
C ARG A 255 12.45 -6.89 -7.02
N SER A 256 13.71 -6.65 -6.66
CA SER A 256 14.76 -6.44 -7.65
C SER A 256 15.73 -7.62 -7.67
N SER A 257 16.77 -7.50 -8.50
CA SER A 257 17.76 -8.56 -8.63
C SER A 257 18.84 -8.18 -9.63
N THR A 258 19.15 -6.88 -9.68
CA THR A 258 20.17 -6.37 -10.60
C THR A 258 20.51 -4.92 -10.29
N LYS A 259 21.35 -4.33 -11.13
CA LYS A 259 21.75 -2.94 -10.95
C LYS A 259 22.15 -2.30 -12.28
N THR A 260 22.05 -0.98 -12.36
CA THR A 260 22.39 -0.27 -13.58
C THR A 260 21.42 -0.60 -14.71
N ARG A 261 20.76 0.42 -15.24
CA ARG A 261 19.81 0.24 -16.33
C ARG A 261 19.08 1.54 -16.63
N ARG A 262 18.10 1.87 -15.79
CA ARG A 262 17.32 3.10 -15.98
C ARG A 262 18.18 4.33 -15.81
N SER A 263 18.83 4.44 -14.64
CA SER A 263 19.69 5.58 -14.35
C SER A 263 20.80 5.18 -13.39
N ILE A 264 20.88 3.89 -13.08
CA ILE A 264 21.89 3.39 -12.17
C ILE A 264 21.97 4.24 -10.90
N LYS A 265 20.91 4.98 -10.63
CA LYS A 265 20.86 5.84 -9.45
C LYS A 265 22.25 6.34 -9.08
N ARG A 266 22.74 7.32 -9.85
CA ARG A 266 24.05 7.89 -9.60
C ARG A 266 24.23 9.20 -10.36
N PRO A 267 24.17 9.13 -11.70
CA PRO A 267 24.31 10.30 -12.56
C PRO A 267 23.13 11.24 -12.47
N GLU A 268 23.22 12.20 -11.54
CA GLU A 268 22.15 13.17 -11.35
C GLU A 268 20.90 12.50 -10.80
N LEU A 269 21.07 11.32 -10.23
CA LEU A 269 19.95 10.56 -9.67
C LEU A 269 18.79 10.49 -10.65
N GLY A 270 19.11 10.47 -11.94
CA GLY A 270 18.09 10.40 -12.97
C GLY A 270 18.67 10.24 -14.36
N LEU A 271 19.88 9.69 -14.43
CA LEU A 271 20.56 9.47 -15.70
C LEU A 271 20.91 10.80 -16.37
N ARG A 272 20.81 11.89 -15.60
CA ARG A 272 21.12 13.22 -16.11
C ARG A 272 22.60 13.54 -15.90
N VAL A 273 23.28 12.72 -15.12
CA VAL A 273 24.70 12.93 -14.84
C VAL A 273 24.96 14.33 -14.32
N MET A 1 -34.37 21.30 -35.97
CA MET A 1 -34.99 21.70 -34.72
C MET A 1 -34.99 20.54 -33.72
N GLY A 2 -33.88 20.39 -32.99
CA GLY A 2 -33.78 19.33 -32.01
C GLY A 2 -32.64 19.55 -31.04
N SER A 3 -31.71 18.60 -30.99
CA SER A 3 -30.57 18.69 -30.08
C SER A 3 -29.31 18.10 -30.73
N SER A 4 -28.30 18.94 -30.90
CA SER A 4 -27.05 18.50 -31.51
C SER A 4 -25.85 18.99 -30.70
N HIS A 5 -25.85 18.67 -29.40
CA HIS A 5 -24.78 19.08 -28.52
C HIS A 5 -23.98 17.87 -28.04
N HIS A 6 -24.65 16.72 -27.97
CA HIS A 6 -24.00 15.49 -27.53
C HIS A 6 -22.88 15.10 -28.48
N HIS A 7 -21.75 14.68 -27.91
CA HIS A 7 -20.59 14.27 -28.69
C HIS A 7 -19.66 13.37 -27.89
N HIS A 8 -18.51 13.04 -28.48
CA HIS A 8 -17.54 12.18 -27.80
C HIS A 8 -16.14 12.42 -28.35
N HIS A 9 -15.33 13.14 -27.58
CA HIS A 9 -13.96 13.45 -27.99
C HIS A 9 -13.25 14.27 -26.91
N HIS A 10 -11.96 13.99 -26.72
CA HIS A 10 -11.17 14.71 -25.73
C HIS A 10 -9.84 15.17 -26.33
N SER A 11 -8.92 14.23 -26.52
CA SER A 11 -7.62 14.55 -27.08
C SER A 11 -6.95 15.69 -26.30
N SER A 12 -6.24 15.32 -25.25
CA SER A 12 -5.55 16.30 -24.41
C SER A 12 -4.13 15.85 -24.09
N GLY A 13 -4.02 14.82 -23.25
CA GLY A 13 -2.71 14.31 -22.88
C GLY A 13 -2.41 14.52 -21.41
N LEU A 14 -2.00 15.74 -21.06
CA LEU A 14 -1.68 16.07 -19.68
C LEU A 14 -2.95 16.21 -18.83
N VAL A 15 -3.19 15.22 -17.98
CA VAL A 15 -4.37 15.23 -17.12
C VAL A 15 -4.02 14.74 -15.72
N PRO A 16 -4.49 15.49 -14.70
CA PRO A 16 -4.24 15.16 -13.30
C PRO A 16 -5.00 13.90 -12.86
N ARG A 17 -4.96 13.63 -11.56
CA ARG A 17 -5.65 12.47 -11.00
C ARG A 17 -7.02 12.85 -10.46
N GLY A 18 -7.66 11.92 -9.76
CA GLY A 18 -8.97 12.18 -9.20
C GLY A 18 -8.90 12.77 -7.80
N SER A 19 -9.98 13.42 -7.38
CA SER A 19 -10.03 14.05 -6.06
C SER A 19 -10.98 13.30 -5.14
N HIS A 20 -11.94 12.60 -5.74
CA HIS A 20 -12.93 11.84 -4.98
C HIS A 20 -12.44 10.42 -4.74
N SER A 21 -13.28 9.60 -4.09
CA SER A 21 -12.93 8.22 -3.80
C SER A 21 -11.60 8.14 -3.05
N THR A 22 -11.29 9.20 -2.31
CA THR A 22 -10.05 9.25 -1.55
C THR A 22 -10.31 9.09 -0.06
N TRP A 23 -11.52 8.66 0.28
CA TRP A 23 -11.90 8.46 1.68
C TRP A 23 -12.35 7.03 1.92
N VAL A 24 -13.06 6.46 0.95
CA VAL A 24 -13.54 5.09 1.06
C VAL A 24 -12.78 4.16 0.14
N THR A 25 -12.06 4.74 -0.81
CA THR A 25 -11.28 3.95 -1.77
C THR A 25 -9.78 4.19 -1.58
N ARG A 26 -9.44 5.24 -0.84
CA ARG A 26 -8.04 5.58 -0.58
C ARG A 26 -7.49 4.75 0.57
N THR A 27 -8.28 4.62 1.64
CA THR A 27 -7.86 3.85 2.81
C THR A 27 -8.43 2.44 2.76
N ALA A 28 -9.40 2.21 1.88
CA ALA A 28 -10.03 0.91 1.74
C ALA A 28 -9.72 0.29 0.38
N TYR A 29 -8.83 0.93 -0.36
CA TYR A 29 -8.44 0.46 -1.68
C TYR A 29 -9.20 -0.83 -2.04
N SER A 30 -8.77 -1.94 -1.46
CA SER A 30 -9.40 -3.23 -1.72
C SER A 30 -8.85 -3.86 -2.99
N SER A 31 -9.51 -4.91 -3.47
CA SER A 31 -9.09 -5.61 -4.67
C SER A 31 -7.66 -6.10 -4.54
N PRO A 32 -7.48 -7.26 -3.89
CA PRO A 32 -6.16 -7.86 -3.67
C PRO A 32 -5.55 -8.38 -4.97
N SER A 33 -4.59 -7.63 -5.51
CA SER A 33 -3.93 -8.02 -6.76
C SER A 33 -2.44 -7.67 -6.70
N VAL A 34 -2.12 -6.45 -7.12
CA VAL A 34 -0.74 -5.99 -7.13
C VAL A 34 0.22 -7.12 -7.48
N VAL A 35 -0.15 -7.90 -8.49
CA VAL A 35 0.68 -9.02 -8.93
C VAL A 35 1.31 -8.74 -10.29
N LEU A 36 0.51 -8.86 -11.34
CA LEU A 36 0.99 -8.61 -12.70
C LEU A 36 -0.17 -8.53 -13.68
N PRO A 37 -0.90 -9.64 -13.83
CA PRO A 37 -2.04 -9.72 -14.74
C PRO A 37 -3.22 -8.88 -14.25
N SER A 38 -3.30 -8.68 -12.93
CA SER A 38 -4.38 -7.90 -12.34
C SER A 38 -3.82 -6.78 -11.47
N GLN A 39 -2.54 -6.47 -11.65
CA GLN A 39 -1.89 -5.42 -10.88
C GLN A 39 -2.78 -4.19 -10.78
N THR A 40 -3.41 -4.01 -9.63
CA THR A 40 -4.30 -2.87 -9.41
C THR A 40 -5.35 -2.77 -10.51
N PRO A 41 -6.54 -3.34 -10.25
CA PRO A 41 -7.64 -3.33 -11.21
C PRO A 41 -8.25 -1.94 -11.38
N ASP A 42 -8.75 -1.39 -10.29
CA ASP A 42 -9.36 -0.06 -10.31
C ASP A 42 -9.93 0.30 -8.95
N GLY A 43 -9.08 0.23 -7.92
CA GLY A 43 -9.52 0.55 -6.57
C GLY A 43 -9.35 2.01 -6.24
N LYS A 44 -9.24 2.85 -7.27
CA LYS A 44 -9.07 4.28 -7.09
C LYS A 44 -7.77 4.58 -6.34
N LEU A 45 -7.87 4.67 -5.01
CA LEU A 45 -6.71 4.95 -4.18
C LEU A 45 -6.18 6.37 -4.43
N ALA A 46 -6.13 7.16 -3.36
CA ALA A 46 -5.64 8.53 -3.47
C ALA A 46 -4.44 8.76 -2.56
N LEU A 47 -4.71 9.07 -1.30
CA LEU A 47 -3.65 9.31 -0.32
C LEU A 47 -2.58 8.22 -0.40
N ILE A 48 -2.98 7.05 -0.90
CA ILE A 48 -2.05 5.93 -1.03
C ILE A 48 -1.29 5.99 -2.36
N ASP A 49 -1.97 6.45 -3.40
CA ASP A 49 -1.37 6.56 -4.72
C ASP A 49 -0.30 7.65 -4.74
N ASP A 50 -0.60 8.77 -4.08
CA ASP A 50 0.33 9.90 -4.02
C ASP A 50 1.32 9.73 -2.88
N PHE A 51 1.20 8.62 -2.15
CA PHE A 51 2.08 8.34 -1.03
C PHE A 51 3.33 7.59 -1.51
N ARG A 52 3.15 6.68 -2.46
CA ARG A 52 4.25 5.90 -2.99
C ARG A 52 5.23 6.79 -3.77
N GLU A 53 4.71 7.46 -4.79
CA GLU A 53 5.54 8.35 -5.60
C GLU A 53 6.29 9.34 -4.73
N ALA A 54 5.60 9.89 -3.75
CA ALA A 54 6.21 10.86 -2.83
C ALA A 54 7.39 10.26 -2.10
N TYR A 55 7.32 8.96 -1.83
CA TYR A 55 8.39 8.26 -1.13
C TYR A 55 9.67 8.24 -1.96
N TYR A 56 9.53 7.91 -3.24
CA TYR A 56 10.67 7.85 -4.14
C TYR A 56 11.29 9.24 -4.33
N TRP A 57 10.44 10.27 -4.27
CA TRP A 57 10.90 11.64 -4.44
C TRP A 57 11.84 12.04 -3.31
N LEU A 58 11.71 11.38 -2.17
CA LEU A 58 12.54 11.66 -1.01
C LEU A 58 13.41 10.45 -0.65
N ARG A 59 13.19 9.34 -1.36
CA ARG A 59 13.95 8.12 -1.11
C ARG A 59 14.52 7.57 -2.41
N MET A 60 14.31 8.30 -3.50
CA MET A 60 14.81 7.88 -4.80
C MET A 60 16.08 7.04 -4.66
N ASN A 61 17.05 7.58 -3.93
CA ASN A 61 18.31 6.88 -3.72
C ASN A 61 18.91 6.42 -5.05
N SER A 62 18.57 5.21 -5.45
CA SER A 62 19.09 4.65 -6.70
C SER A 62 18.02 4.70 -7.79
N ASP A 63 18.42 4.36 -9.02
CA ASP A 63 17.49 4.38 -10.14
C ASP A 63 17.23 2.96 -10.64
N GLU A 64 18.20 2.39 -11.34
CA GLU A 64 18.06 1.03 -11.87
C GLU A 64 17.74 0.04 -10.76
N ASP A 65 18.67 -0.12 -9.82
CA ASP A 65 18.49 -1.03 -8.70
C ASP A 65 17.40 -0.53 -7.77
N SER A 66 17.42 0.77 -7.49
CA SER A 66 16.45 1.38 -6.60
C SER A 66 16.31 0.58 -5.31
N LYS A 67 17.36 0.60 -4.49
CA LYS A 67 17.37 -0.12 -3.23
C LYS A 67 16.10 0.19 -2.41
N VAL A 68 16.07 1.38 -1.82
CA VAL A 68 14.92 1.79 -1.02
C VAL A 68 13.73 2.13 -1.91
N ALA A 69 14.01 2.49 -3.16
CA ALA A 69 12.96 2.84 -4.11
C ALA A 69 12.10 1.63 -4.45
N ALA A 70 12.71 0.44 -4.38
CA ALA A 70 11.99 -0.80 -4.68
C ALA A 70 10.67 -0.86 -3.92
N TRP A 71 10.67 -0.35 -2.70
CA TRP A 71 9.46 -0.35 -1.88
C TRP A 71 8.40 0.59 -2.45
N TRP A 72 8.85 1.54 -3.27
CA TRP A 72 7.94 2.50 -3.89
C TRP A 72 7.56 2.07 -5.30
N ASP A 73 8.45 1.29 -5.93
CA ASP A 73 8.21 0.82 -7.29
C ASP A 73 6.88 0.06 -7.37
N TYR A 74 6.36 -0.33 -6.22
CA TYR A 74 5.10 -1.07 -6.16
C TYR A 74 3.91 -0.13 -6.38
N GLY A 75 4.13 1.16 -6.11
CA GLY A 75 3.08 2.14 -6.28
C GLY A 75 3.36 3.12 -7.40
N TYR A 76 4.64 3.36 -7.65
CA TYR A 76 5.05 4.29 -8.70
C TYR A 76 4.33 3.98 -10.01
N GLN A 77 3.90 2.73 -10.16
CA GLN A 77 3.19 2.30 -11.36
C GLN A 77 2.12 3.31 -11.75
N ILE A 78 1.60 4.03 -10.75
CA ILE A 78 0.56 5.02 -10.99
C ILE A 78 0.62 6.14 -9.94
N GLY A 79 1.76 6.25 -9.27
CA GLY A 79 1.93 7.27 -8.25
C GLY A 79 1.02 8.47 -8.48
N GLY A 80 -0.10 8.51 -7.76
CA GLY A 80 -1.03 9.61 -7.90
C GLY A 80 -0.39 10.95 -7.61
N MET A 81 0.77 10.92 -6.96
CA MET A 81 1.48 12.15 -6.62
C MET A 81 1.62 13.06 -7.84
N ALA A 82 2.61 12.79 -8.67
CA ALA A 82 2.83 13.58 -9.87
C ALA A 82 3.98 13.01 -10.69
N ASP A 83 3.75 11.84 -11.29
CA ASP A 83 4.76 11.19 -12.12
C ASP A 83 4.12 10.21 -13.09
N ARG A 84 3.94 8.98 -12.65
CA ARG A 84 3.34 7.94 -13.48
C ARG A 84 3.95 7.96 -14.89
N THR A 85 5.21 8.36 -14.98
CA THR A 85 5.90 8.43 -16.26
C THR A 85 7.16 7.57 -16.25
N THR A 86 7.88 7.59 -15.14
CA THR A 86 9.10 6.82 -15.00
C THR A 86 8.86 5.34 -15.29
N LEU A 87 7.63 4.89 -15.05
CA LEU A 87 7.26 3.50 -15.28
C LEU A 87 7.61 3.08 -16.71
N VAL A 88 7.73 4.06 -17.59
CA VAL A 88 8.07 3.80 -18.99
C VAL A 88 9.48 3.23 -19.12
N ASP A 89 10.37 3.68 -18.24
CA ASP A 89 11.75 3.23 -18.25
C ASP A 89 12.05 2.35 -17.03
N ASN A 90 11.13 2.36 -16.07
CA ASN A 90 11.29 1.57 -14.86
C ASN A 90 10.45 0.30 -14.91
N ASN A 91 9.63 0.19 -15.96
CA ASN A 91 8.78 -0.98 -16.13
C ASN A 91 9.59 -2.27 -16.00
N THR A 92 10.85 -2.21 -16.41
CA THR A 92 11.72 -3.38 -16.34
C THR A 92 11.99 -3.78 -14.90
N TRP A 93 12.43 -2.81 -14.10
CA TRP A 93 12.74 -3.06 -12.70
C TRP A 93 11.47 -2.98 -11.84
N ASN A 94 10.33 -2.74 -12.50
CA ASN A 94 9.06 -2.63 -11.80
C ASN A 94 8.34 -3.97 -11.79
N ASN A 95 8.41 -4.68 -12.92
CA ASN A 95 7.75 -5.99 -13.04
C ASN A 95 8.37 -6.99 -12.09
N THR A 96 9.69 -6.89 -11.89
CA THR A 96 10.40 -7.80 -11.00
C THR A 96 10.26 -7.37 -9.54
N HIS A 97 9.94 -6.10 -9.33
CA HIS A 97 9.77 -5.57 -7.98
C HIS A 97 8.32 -5.69 -7.53
N ILE A 98 7.40 -5.74 -8.49
CA ILE A 98 5.98 -5.87 -8.19
C ILE A 98 5.55 -7.33 -8.18
N ALA A 99 6.30 -8.17 -8.89
CA ALA A 99 6.00 -9.59 -8.96
C ALA A 99 6.45 -10.32 -7.70
N ILE A 100 7.55 -9.85 -7.11
CA ILE A 100 8.09 -10.46 -5.90
C ILE A 100 7.06 -10.42 -4.77
N VAL A 101 6.43 -9.27 -4.59
CA VAL A 101 5.43 -9.10 -3.54
C VAL A 101 4.11 -9.75 -3.94
N GLY A 102 3.94 -9.99 -5.24
CA GLY A 102 2.72 -10.61 -5.73
C GLY A 102 2.83 -12.12 -5.79
N LYS A 103 4.04 -12.63 -5.69
CA LYS A 103 4.28 -14.06 -5.74
C LYS A 103 4.20 -14.68 -4.35
N ALA A 104 4.62 -13.92 -3.35
CA ALA A 104 4.59 -14.39 -1.96
C ALA A 104 3.15 -14.58 -1.48
N ASN A 105 2.28 -13.63 -1.83
CA ASN A 105 0.88 -13.69 -1.43
C ASN A 105 0.21 -14.93 -2.02
N ALA A 106 0.39 -15.13 -3.32
CA ALA A 106 -0.21 -16.28 -3.99
C ALA A 106 0.31 -17.59 -3.41
N SER A 107 1.55 -17.58 -2.96
CA SER A 107 2.16 -18.78 -2.38
C SER A 107 1.26 -19.39 -1.32
N PRO A 108 1.64 -20.58 -0.84
CA PRO A 108 0.88 -21.30 0.19
C PRO A 108 0.95 -20.61 1.55
N GLU A 109 0.32 -21.22 2.55
CA GLU A 109 0.32 -20.68 3.90
C GLU A 109 -0.66 -19.52 4.02
N GLU A 110 -0.49 -18.52 3.16
CA GLU A 110 -1.36 -17.35 3.17
C GLU A 110 -2.28 -17.35 1.95
N LYS A 111 -1.71 -17.60 0.78
CA LYS A 111 -2.47 -17.64 -0.45
C LYS A 111 -3.01 -16.25 -0.81
N SER A 112 -3.09 -15.96 -2.10
CA SER A 112 -3.57 -14.67 -2.56
C SER A 112 -4.88 -14.30 -1.87
N TYR A 113 -4.79 -13.43 -0.88
CA TYR A 113 -5.96 -12.99 -0.13
C TYR A 113 -6.01 -11.48 -0.02
N GLU A 114 -6.87 -10.98 0.87
CA GLU A 114 -7.01 -9.53 1.07
C GLU A 114 -5.91 -9.01 1.97
N ILE A 115 -5.07 -9.92 2.47
CA ILE A 115 -3.97 -9.55 3.35
C ILE A 115 -2.94 -8.68 2.61
N LEU A 116 -3.06 -8.62 1.30
CA LEU A 116 -2.15 -7.83 0.48
C LEU A 116 -2.67 -6.41 0.30
N LYS A 117 -3.99 -6.28 0.19
CA LYS A 117 -4.62 -4.98 0.03
C LYS A 117 -4.62 -4.20 1.35
N GLU A 118 -4.62 -4.93 2.46
CA GLU A 118 -4.62 -4.32 3.78
C GLU A 118 -3.23 -3.83 4.15
N HIS A 119 -2.22 -4.57 3.71
CA HIS A 119 -0.83 -4.21 4.01
C HIS A 119 -0.44 -2.92 3.30
N ASP A 120 -0.85 -2.79 2.04
CA ASP A 120 -0.53 -1.60 1.26
C ASP A 120 -1.08 -0.35 1.93
N VAL A 121 -2.35 -0.39 2.32
CA VAL A 121 -2.98 0.74 2.98
C VAL A 121 -2.54 0.85 4.44
N ASP A 122 -1.92 -0.21 4.94
CA ASP A 122 -1.44 -0.24 6.31
C ASP A 122 -0.05 0.39 6.42
N TYR A 123 0.77 0.19 5.41
CA TYR A 123 2.12 0.73 5.39
C TYR A 123 2.09 2.26 5.29
N VAL A 124 1.08 2.77 4.59
CA VAL A 124 0.93 4.21 4.42
C VAL A 124 0.48 4.88 5.72
N LEU A 125 -0.42 4.22 6.42
CA LEU A 125 -0.94 4.75 7.68
C LEU A 125 0.04 4.52 8.82
N VAL A 126 1.03 3.66 8.58
CA VAL A 126 2.04 3.34 9.57
C VAL A 126 3.33 4.11 9.30
N ILE A 127 3.61 4.37 8.04
CA ILE A 127 4.81 5.10 7.65
C ILE A 127 4.66 6.59 7.94
N PHE A 128 3.44 7.10 7.79
CA PHE A 128 3.16 8.51 8.03
C PHE A 128 2.49 8.70 9.39
N GLY A 129 1.89 7.64 9.90
CA GLY A 129 1.21 7.71 11.18
C GLY A 129 2.11 7.32 12.34
N GLY A 130 3.15 6.54 12.04
CA GLY A 130 4.07 6.12 13.08
C GLY A 130 5.50 6.04 12.58
N LEU A 131 5.69 6.31 11.30
CA LEU A 131 7.02 6.26 10.69
C LEU A 131 7.89 5.21 11.39
N ILE A 132 7.38 3.99 11.48
CA ILE A 132 8.12 2.90 12.10
C ILE A 132 8.21 3.09 13.62
N GLY A 133 7.09 2.89 14.30
CA GLY A 133 7.05 3.06 15.75
C GLY A 133 7.12 4.51 16.16
N PHE A 134 5.98 5.19 16.12
CA PHE A 134 5.92 6.59 16.50
C PHE A 134 6.65 7.46 15.49
N GLY A 135 5.99 8.52 15.02
CA GLY A 135 6.60 9.42 14.06
C GLY A 135 5.70 9.70 12.88
N GLY A 136 6.29 10.14 11.78
CA GLY A 136 5.52 10.44 10.59
C GLY A 136 4.87 11.81 10.64
N ASP A 137 5.52 12.74 11.34
CA ASP A 137 5.00 14.10 11.46
C ASP A 137 5.40 14.95 10.26
N ASP A 138 6.06 14.32 9.29
CA ASP A 138 6.49 15.02 8.09
C ASP A 138 5.30 15.65 7.35
N ILE A 139 4.29 14.83 7.08
CA ILE A 139 3.10 15.31 6.39
C ILE A 139 3.43 15.74 4.97
N ASN A 140 3.16 14.85 4.02
CA ASN A 140 3.42 15.15 2.61
C ASN A 140 4.92 15.29 2.36
N LYS A 141 5.44 14.46 1.46
CA LYS A 141 6.86 14.49 1.13
C LYS A 141 7.15 15.55 0.06
N PHE A 142 6.90 15.19 -1.19
CA PHE A 142 7.12 16.10 -2.31
C PHE A 142 5.86 16.91 -2.62
N LEU A 143 4.91 16.26 -3.28
CA LEU A 143 3.65 16.91 -3.63
C LEU A 143 2.47 16.26 -2.93
N TRP A 144 2.03 15.12 -3.46
CA TRP A 144 0.90 14.39 -2.88
C TRP A 144 -0.37 15.22 -2.94
N ASN A 145 -1.30 14.79 -3.79
CA ASN A 145 -2.57 15.50 -3.95
C ASN A 145 -3.26 15.68 -2.60
N ILE A 146 -3.96 16.80 -2.45
CA ILE A 146 -4.65 17.09 -1.21
C ILE A 146 -6.15 17.33 -1.46
N ARG A 147 -6.50 17.48 -2.74
CA ARG A 147 -7.89 17.71 -3.11
C ARG A 147 -8.80 16.63 -2.52
N ILE A 148 -9.96 17.06 -2.04
CA ILE A 148 -10.92 16.13 -1.45
C ILE A 148 -12.16 16.87 -0.95
N SER A 149 -13.16 17.01 -1.82
CA SER A 149 -14.40 17.69 -1.47
C SER A 149 -15.31 17.82 -2.69
N GLU A 150 -16.29 16.94 -2.77
CA GLU A 150 -17.23 16.96 -3.88
C GLU A 150 -18.35 15.93 -3.69
N GLY A 151 -18.96 15.97 -2.51
CA GLY A 151 -20.03 15.03 -2.21
C GLY A 151 -19.64 13.59 -2.50
N ILE A 152 -19.11 12.91 -1.50
CA ILE A 152 -18.68 11.53 -1.65
C ILE A 152 -19.70 10.58 -1.03
N TRP A 153 -20.30 9.74 -1.87
CA TRP A 153 -21.30 8.78 -1.41
C TRP A 153 -20.65 7.44 -1.05
N PRO A 154 -21.35 6.64 -0.24
CA PRO A 154 -20.85 5.32 0.20
C PRO A 154 -20.81 4.32 -0.94
N GLU A 155 -21.31 4.72 -2.10
CA GLU A 155 -21.32 3.84 -3.27
C GLU A 155 -19.95 3.22 -3.51
N GLU A 156 -18.90 3.98 -3.18
CA GLU A 156 -17.53 3.50 -3.36
C GLU A 156 -17.16 2.49 -2.28
N ILE A 157 -17.66 2.72 -1.06
CA ILE A 157 -17.38 1.83 0.06
C ILE A 157 -18.22 0.56 -0.03
N LYS A 158 -19.36 0.65 -0.70
CA LYS A 158 -20.26 -0.49 -0.86
C LYS A 158 -19.77 -1.40 -1.99
N GLU A 159 -19.11 -0.80 -2.98
CA GLU A 159 -18.60 -1.56 -4.12
C GLU A 159 -17.27 -2.23 -3.77
N ARG A 160 -16.51 -1.59 -2.88
CA ARG A 160 -15.22 -2.12 -2.46
C ARG A 160 -15.37 -3.06 -1.26
N ASP A 161 -16.54 -3.02 -0.65
CA ASP A 161 -16.82 -3.88 0.51
C ASP A 161 -17.94 -4.86 0.21
N PHE A 162 -18.49 -4.77 -1.01
CA PHE A 162 -19.57 -5.66 -1.42
C PHE A 162 -19.16 -7.12 -1.29
N TYR A 163 -17.86 -7.37 -1.30
CA TYR A 163 -17.33 -8.73 -1.18
C TYR A 163 -16.08 -8.75 -0.31
N THR A 164 -16.25 -9.10 0.96
CA THR A 164 -15.14 -9.17 1.90
C THR A 164 -15.47 -10.06 3.09
N ALA A 165 -16.47 -9.65 3.87
CA ALA A 165 -16.88 -10.41 5.04
C ALA A 165 -18.08 -9.75 5.73
N GLU A 166 -18.46 -10.29 6.88
CA GLU A 166 -19.59 -9.76 7.63
C GLU A 166 -19.80 -10.53 8.93
N GLY A 167 -19.78 -11.86 8.82
CA GLY A 167 -19.96 -12.70 10.00
C GLY A 167 -21.41 -12.74 10.45
N GLU A 168 -21.75 -13.78 11.22
CA GLU A 168 -23.12 -13.94 11.71
C GLU A 168 -23.17 -13.72 13.22
N TYR A 169 -22.69 -14.71 13.98
CA TYR A 169 -22.68 -14.62 15.43
C TYR A 169 -21.27 -14.43 15.96
N ARG A 170 -20.48 -15.50 15.93
CA ARG A 170 -19.10 -15.46 16.40
C ARG A 170 -18.13 -15.66 15.26
N VAL A 171 -16.83 -15.57 15.56
CA VAL A 171 -15.80 -15.74 14.55
C VAL A 171 -15.66 -14.49 13.69
N ASP A 172 -16.55 -13.53 13.90
CA ASP A 172 -16.54 -12.29 13.14
C ASP A 172 -15.64 -11.25 13.83
N ALA A 173 -14.71 -11.73 14.64
CA ALA A 173 -13.80 -10.84 15.35
C ALA A 173 -14.54 -9.96 16.34
N ARG A 174 -14.54 -10.38 17.61
CA ARG A 174 -15.23 -9.63 18.65
C ARG A 174 -15.33 -10.45 19.93
N ALA A 175 -14.21 -10.59 20.63
CA ALA A 175 -14.17 -11.36 21.87
C ALA A 175 -12.92 -11.02 22.69
N SER A 176 -11.78 -11.51 22.23
CA SER A 176 -10.52 -11.26 22.92
C SER A 176 -9.57 -10.45 22.05
N GLU A 177 -8.97 -11.11 21.05
CA GLU A 177 -8.05 -10.44 20.15
C GLU A 177 -8.70 -9.22 19.50
N THR A 178 -9.99 -9.33 19.22
CA THR A 178 -10.73 -8.23 18.60
C THR A 178 -11.13 -7.19 19.64
N MET A 179 -11.51 -7.66 20.83
CA MET A 179 -11.92 -6.77 21.90
C MET A 179 -10.73 -5.99 22.46
N ARG A 180 -9.52 -6.44 22.11
CA ARG A 180 -8.31 -5.79 22.57
C ARG A 180 -7.55 -5.15 21.40
N ASN A 181 -7.93 -5.52 20.18
CA ASN A 181 -7.30 -4.98 18.98
C ASN A 181 -8.28 -4.13 18.19
N SER A 182 -9.49 -3.99 18.71
CA SER A 182 -10.52 -3.19 18.05
C SER A 182 -10.98 -2.04 18.94
N LEU A 183 -10.34 -1.90 20.09
CA LEU A 183 -10.68 -0.84 21.02
C LEU A 183 -9.60 0.25 21.04
N LEU A 184 -8.37 -0.15 20.75
CA LEU A 184 -7.25 0.79 20.73
C LEU A 184 -6.74 0.99 19.30
N TYR A 185 -7.11 0.08 18.42
CA TYR A 185 -6.70 0.15 17.02
C TYR A 185 -7.83 0.67 16.13
N LYS A 186 -9.06 0.45 16.59
CA LYS A 186 -10.23 0.89 15.84
C LYS A 186 -10.33 2.41 15.82
N MET A 187 -9.99 3.04 16.95
CA MET A 187 -10.03 4.49 17.06
C MET A 187 -8.99 5.13 16.16
N SER A 188 -7.79 4.54 16.11
CA SER A 188 -6.71 5.06 15.28
C SER A 188 -6.98 4.81 13.81
N TYR A 189 -7.54 3.64 13.51
CA TYR A 189 -7.85 3.27 12.13
C TYR A 189 -9.12 3.97 11.65
N LYS A 190 -10.06 4.16 12.55
CA LYS A 190 -11.32 4.82 12.23
C LYS A 190 -11.07 6.10 11.44
N ASP A 191 -9.96 6.76 11.72
CA ASP A 191 -9.60 7.99 11.04
C ASP A 191 -9.76 7.84 9.53
N PHE A 192 -9.51 6.63 9.02
CA PHE A 192 -9.62 6.35 7.60
C PHE A 192 -9.87 4.87 7.35
N PRO A 193 -8.86 4.05 7.65
CA PRO A 193 -8.94 2.60 7.47
C PRO A 193 -9.90 1.94 8.46
N GLN A 194 -9.97 0.62 8.41
CA GLN A 194 -10.85 -0.14 9.30
C GLN A 194 -10.97 -1.60 8.85
N LEU A 195 -10.23 -2.47 9.52
CA LEU A 195 -10.25 -3.90 9.20
C LEU A 195 -11.21 -4.65 10.11
N PHE A 196 -11.38 -4.14 11.32
CA PHE A 196 -12.27 -4.76 12.30
C PHE A 196 -11.96 -6.24 12.45
N ASN A 197 -10.71 -6.61 12.15
CA ASN A 197 -10.28 -8.00 12.25
C ASN A 197 -11.31 -8.93 11.62
N GLY A 198 -11.21 -10.21 11.97
CA GLY A 198 -12.15 -11.20 11.43
C GLY A 198 -11.68 -12.62 11.67
N GLY A 199 -11.88 -13.11 12.88
CA GLY A 199 -11.47 -14.47 13.20
C GLY A 199 -9.98 -14.69 12.99
N GLN A 200 -9.63 -15.12 11.78
CA GLN A 200 -8.23 -15.38 11.44
C GLN A 200 -7.41 -14.10 11.54
N ALA A 201 -8.08 -12.96 11.56
CA ALA A 201 -7.42 -11.67 11.66
C ALA A 201 -7.10 -11.32 13.11
N THR A 202 -7.94 -11.78 14.02
CA THR A 202 -7.76 -11.51 15.44
C THR A 202 -6.57 -12.28 15.99
N ASP A 203 -6.42 -13.53 15.56
CA ASP A 203 -5.32 -14.37 16.01
C ASP A 203 -4.03 -14.04 15.26
N ARG A 204 -4.19 -13.47 14.07
CA ARG A 204 -3.03 -13.11 13.25
C ARG A 204 -2.55 -11.71 13.59
N VAL A 205 -3.44 -10.88 14.13
CA VAL A 205 -3.10 -9.52 14.50
C VAL A 205 -2.54 -9.46 15.91
N ARG A 206 -2.86 -10.46 16.71
CA ARG A 206 -2.40 -10.53 18.10
C ARG A 206 -1.15 -11.41 18.20
N GLN A 207 -0.90 -12.21 17.18
CA GLN A 207 0.25 -13.10 17.16
C GLN A 207 1.39 -12.50 16.35
N GLN A 208 1.05 -11.69 15.36
CA GLN A 208 2.05 -11.04 14.51
C GLN A 208 2.53 -9.73 15.15
N MET A 209 1.88 -9.33 16.23
CA MET A 209 2.24 -8.10 16.92
C MET A 209 3.71 -8.10 17.31
N ILE A 210 4.23 -9.27 17.64
CA ILE A 210 5.63 -9.42 18.04
C ILE A 210 6.16 -10.81 17.70
N THR A 211 6.63 -10.98 16.47
CA THR A 211 7.16 -12.26 16.03
C THR A 211 7.88 -12.13 14.69
N PRO A 212 8.83 -13.05 14.44
CA PRO A 212 9.62 -13.05 13.19
C PRO A 212 8.77 -13.43 11.98
N LEU A 213 9.44 -13.79 10.89
CA LEU A 213 8.75 -14.17 9.67
C LEU A 213 8.91 -15.67 9.40
N ASP A 214 8.13 -16.48 10.12
CA ASP A 214 8.18 -17.93 9.96
C ASP A 214 7.44 -18.36 8.70
N VAL A 215 7.77 -17.72 7.58
CA VAL A 215 7.13 -18.04 6.30
C VAL A 215 8.05 -17.73 5.14
N PRO A 216 7.96 -18.54 4.07
CA PRO A 216 8.78 -18.36 2.87
C PRO A 216 8.40 -17.12 2.08
N PRO A 217 7.12 -16.75 2.14
CA PRO A 217 6.60 -15.57 1.44
C PRO A 217 7.10 -14.26 2.04
N LEU A 218 8.40 -14.21 2.33
CA LEU A 218 9.01 -13.02 2.91
C LEU A 218 8.63 -11.77 2.10
N ASP A 219 8.37 -11.96 0.82
CA ASP A 219 8.00 -10.85 -0.05
C ASP A 219 6.68 -10.21 0.40
N TYR A 220 5.76 -11.03 0.89
CA TYR A 220 4.48 -10.55 1.36
C TYR A 220 4.50 -10.28 2.86
N PHE A 221 5.33 -11.03 3.57
CA PHE A 221 5.46 -10.87 5.02
C PHE A 221 6.29 -9.64 5.36
N ASP A 222 7.28 -9.35 4.52
CA ASP A 222 8.14 -8.19 4.73
C ASP A 222 7.37 -6.90 4.52
N GLU A 223 6.56 -6.86 3.46
CA GLU A 223 5.77 -5.68 3.15
C GLU A 223 4.75 -5.40 4.24
N VAL A 224 4.13 -6.47 4.74
CA VAL A 224 3.12 -6.34 5.79
C VAL A 224 3.77 -6.10 7.16
N PHE A 225 4.92 -6.73 7.37
CA PHE A 225 5.65 -6.59 8.62
C PHE A 225 6.02 -5.13 8.87
N THR A 226 6.32 -4.41 7.79
CA THR A 226 6.70 -3.01 7.89
C THR A 226 5.48 -2.13 8.14
N SER A 227 4.32 -2.58 7.67
CA SER A 227 3.08 -1.83 7.83
C SER A 227 2.45 -2.13 9.19
N GLU A 228 1.71 -3.22 9.26
CA GLU A 228 1.04 -3.62 10.50
C GLU A 228 0.00 -2.58 10.91
N ASN A 229 -0.88 -2.97 11.82
CA ASN A 229 -1.92 -2.07 12.31
C ASN A 229 -1.39 -1.14 13.39
N TRP A 230 -2.20 -0.17 13.78
CA TRP A 230 -1.81 0.79 14.81
C TRP A 230 -1.38 0.08 16.09
N ASN A 231 -1.84 -1.16 16.25
CA ASN A 231 -1.51 -1.95 17.43
C ASN A 231 -0.39 -2.94 17.12
N VAL A 232 -0.25 -3.29 15.84
CA VAL A 232 0.78 -4.22 15.41
C VAL A 232 1.98 -3.48 14.82
N ARG A 233 1.83 -2.17 14.64
CA ARG A 233 2.90 -1.36 14.07
C ARG A 233 3.84 -0.86 15.17
N ILE A 234 3.29 -0.63 16.36
CA ILE A 234 4.07 -0.16 17.49
C ILE A 234 4.75 -1.31 18.20
N TYR A 235 4.14 -2.49 18.14
CA TYR A 235 4.68 -3.68 18.79
C TYR A 235 5.70 -4.37 17.89
N GLN A 236 5.54 -4.19 16.59
CA GLN A 236 6.45 -4.80 15.62
C GLN A 236 7.77 -4.05 15.56
N LEU A 237 7.71 -2.74 15.78
CA LEU A 237 8.91 -1.90 15.76
C LEU A 237 9.81 -2.21 16.95
N LYS A 238 9.21 -2.38 18.11
CA LYS A 238 9.96 -2.69 19.32
C LYS A 238 10.59 -4.07 19.24
N LYS A 239 9.83 -5.04 18.73
CA LYS A 239 10.32 -6.41 18.59
C LYS A 239 11.26 -6.53 17.39
N ASP A 240 11.15 -5.59 16.46
CA ASP A 240 11.99 -5.59 15.27
C ASP A 240 13.36 -4.99 15.57
N ASP A 241 13.38 -3.95 16.39
CA ASP A 241 14.63 -3.29 16.76
C ASP A 241 15.56 -4.25 17.49
N ALA A 242 14.97 -5.15 18.27
CA ALA A 242 15.74 -6.13 19.03
C ALA A 242 15.89 -7.43 18.25
N GLN A 243 15.20 -7.52 17.11
CA GLN A 243 15.24 -8.71 16.28
C GLN A 243 16.20 -8.53 15.10
N GLY A 244 15.97 -7.48 14.32
CA GLY A 244 16.82 -7.21 13.18
C GLY A 244 16.88 -5.74 12.83
N ARG A 245 15.73 -5.08 12.83
CA ARG A 245 15.66 -3.67 12.51
C ARG A 245 16.01 -3.41 11.05
N THR A 246 15.42 -4.19 10.16
CA THR A 246 15.68 -4.07 8.73
C THR A 246 14.49 -4.51 7.91
N LEU A 247 13.37 -4.76 8.59
CA LEU A 247 12.15 -5.20 7.92
C LEU A 247 11.80 -4.27 6.76
N ARG A 248 12.22 -3.02 6.87
CA ARG A 248 11.95 -2.03 5.83
C ARG A 248 13.11 -1.96 4.83
N ASP A 249 14.30 -2.28 5.29
CA ASP A 249 15.49 -2.26 4.44
C ASP A 249 15.72 -3.63 3.80
N VAL A 250 14.84 -4.58 4.12
CA VAL A 250 14.96 -5.93 3.57
C VAL A 250 13.94 -6.16 2.45
N GLY A 251 12.77 -5.54 2.58
CA GLY A 251 11.74 -5.69 1.58
C GLY A 251 11.98 -4.81 0.36
N GLU A 252 12.85 -3.83 0.51
CA GLU A 252 13.18 -2.92 -0.58
C GLU A 252 14.49 -3.32 -1.25
N LEU A 253 15.40 -3.87 -0.46
CA LEU A 253 16.70 -4.29 -0.97
C LEU A 253 16.61 -5.68 -1.60
N THR A 254 15.62 -6.44 -1.18
CA THR A 254 15.42 -7.79 -1.69
C THR A 254 14.80 -7.77 -3.08
N ARG A 255 14.08 -6.68 -3.39
CA ARG A 255 13.43 -6.54 -4.69
C ARG A 255 14.42 -6.80 -5.82
N SER A 256 15.68 -6.47 -5.58
CA SER A 256 16.73 -6.66 -6.58
C SER A 256 18.09 -6.30 -6.03
N SER A 257 19.13 -6.51 -6.83
CA SER A 257 20.50 -6.20 -6.41
C SER A 257 21.48 -6.49 -7.54
N THR A 258 21.74 -5.48 -8.37
CA THR A 258 22.66 -5.62 -9.48
C THR A 258 22.74 -4.33 -10.30
N LYS A 259 23.91 -4.08 -10.88
CA LYS A 259 24.11 -2.88 -11.69
C LYS A 259 23.72 -1.63 -10.92
N THR A 260 23.55 -0.53 -11.64
CA THR A 260 23.17 0.74 -11.02
C THR A 260 24.36 1.38 -10.31
N ARG A 261 24.31 2.70 -10.19
CA ARG A 261 25.39 3.43 -9.53
C ARG A 261 24.83 4.53 -8.63
N ARG A 262 23.56 4.39 -8.26
CA ARG A 262 22.89 5.37 -7.40
C ARG A 262 22.76 6.71 -8.12
N SER A 263 22.82 6.68 -9.45
CA SER A 263 22.70 7.89 -10.25
C SER A 263 21.74 7.68 -11.41
N ILE A 264 22.20 6.92 -12.42
CA ILE A 264 21.38 6.64 -13.59
C ILE A 264 22.11 5.71 -14.55
N LYS A 265 21.44 4.63 -14.95
CA LYS A 265 22.03 3.67 -15.88
C LYS A 265 22.59 4.37 -17.10
N ARG A 266 21.83 5.31 -17.65
CA ARG A 266 22.26 6.05 -18.82
C ARG A 266 21.23 7.12 -19.20
N PRO A 267 21.72 8.32 -19.56
CA PRO A 267 20.87 9.44 -19.94
C PRO A 267 20.17 9.22 -21.28
N GLU A 268 19.14 8.38 -21.28
CA GLU A 268 18.41 8.07 -22.49
C GLU A 268 17.29 7.07 -22.22
N LEU A 269 17.67 5.88 -21.77
CA LEU A 269 16.69 4.84 -21.47
C LEU A 269 16.57 4.63 -19.95
N GLY A 270 17.67 4.86 -19.25
CA GLY A 270 17.67 4.69 -17.80
C GLY A 270 16.52 5.42 -17.14
N LEU A 271 16.29 6.66 -17.54
CA LEU A 271 15.20 7.47 -16.98
C LEU A 271 15.11 8.82 -17.67
N ARG A 272 15.44 8.84 -18.97
CA ARG A 272 15.40 10.07 -19.74
C ARG A 272 16.52 11.02 -19.32
N VAL A 273 17.41 10.53 -18.48
CA VAL A 273 18.54 11.33 -18.01
C VAL A 273 19.38 10.55 -16.99
N MET A 1 -6.93 41.32 -23.19
CA MET A 1 -7.17 39.95 -23.61
C MET A 1 -5.86 39.19 -23.75
N GLY A 2 -5.81 37.98 -23.21
CA GLY A 2 -4.61 37.17 -23.29
C GLY A 2 -4.40 36.31 -22.07
N SER A 3 -4.69 35.02 -22.20
CA SER A 3 -4.53 34.09 -21.09
C SER A 3 -4.83 32.66 -21.53
N SER A 4 -4.15 31.70 -20.91
CA SER A 4 -4.33 30.29 -21.24
C SER A 4 -3.83 29.40 -20.12
N HIS A 5 -3.99 28.09 -20.29
CA HIS A 5 -3.55 27.12 -19.29
C HIS A 5 -3.63 25.70 -19.84
N HIS A 6 -2.74 24.83 -19.37
CA HIS A 6 -2.70 23.45 -19.81
C HIS A 6 -2.85 22.50 -18.63
N HIS A 7 -4.10 22.23 -18.24
CA HIS A 7 -4.38 21.34 -17.13
C HIS A 7 -5.86 20.96 -17.10
N HIS A 8 -6.13 19.65 -17.15
CA HIS A 8 -7.50 19.16 -17.14
C HIS A 8 -7.69 18.12 -16.03
N HIS A 9 -8.70 18.34 -15.20
CA HIS A 9 -8.99 17.43 -14.10
C HIS A 9 -10.50 17.20 -13.96
N HIS A 10 -10.87 16.05 -13.39
CA HIS A 10 -12.27 15.71 -13.20
C HIS A 10 -12.64 15.72 -11.72
N SER A 11 -13.92 15.98 -11.44
CA SER A 11 -14.39 16.02 -10.06
C SER A 11 -15.89 16.29 -10.01
N SER A 12 -16.40 16.53 -8.81
CA SER A 12 -17.82 16.81 -8.63
C SER A 12 -18.11 17.28 -7.20
N GLY A 13 -19.39 17.42 -6.88
CA GLY A 13 -19.77 17.86 -5.55
C GLY A 13 -19.13 17.02 -4.46
N LEU A 14 -18.38 17.67 -3.58
CA LEU A 14 -17.72 16.98 -2.48
C LEU A 14 -17.90 17.73 -1.17
N VAL A 15 -17.43 17.14 -0.08
CA VAL A 15 -17.54 17.76 1.24
C VAL A 15 -16.17 18.13 1.78
N PRO A 16 -15.62 19.25 1.28
CA PRO A 16 -14.30 19.75 1.70
C PRO A 16 -14.31 20.28 3.13
N ARG A 17 -14.29 19.37 4.10
CA ARG A 17 -14.31 19.74 5.50
C ARG A 17 -14.13 18.52 6.40
N GLY A 18 -13.26 18.64 7.40
CA GLY A 18 -13.02 17.55 8.31
C GLY A 18 -11.71 16.83 8.04
N SER A 19 -11.49 16.49 6.77
CA SER A 19 -10.26 15.79 6.37
C SER A 19 -10.20 15.64 4.86
N HIS A 20 -9.12 15.02 4.37
CA HIS A 20 -8.94 14.80 2.94
C HIS A 20 -10.09 13.99 2.37
N SER A 21 -9.98 13.65 1.08
CA SER A 21 -11.01 12.87 0.42
C SER A 21 -10.44 11.61 -0.20
N THR A 22 -9.11 11.46 -0.09
CA THR A 22 -8.43 10.29 -0.63
C THR A 22 -8.82 9.02 0.13
N TRP A 23 -8.71 9.09 1.45
CA TRP A 23 -9.05 7.95 2.30
C TRP A 23 -10.30 7.24 1.79
N VAL A 24 -11.20 8.00 1.17
CA VAL A 24 -12.44 7.44 0.63
C VAL A 24 -12.37 7.32 -0.89
N THR A 25 -11.59 8.20 -1.52
CA THR A 25 -11.44 8.18 -2.97
C THR A 25 -10.10 7.57 -3.37
N ARG A 26 -9.40 7.02 -2.40
CA ARG A 26 -8.10 6.39 -2.65
C ARG A 26 -8.16 4.88 -2.42
N THR A 27 -8.94 4.47 -1.43
CA THR A 27 -9.09 3.06 -1.11
C THR A 27 -9.96 2.35 -2.13
N ALA A 28 -10.85 3.11 -2.77
CA ALA A 28 -11.75 2.55 -3.77
C ALA A 28 -11.41 3.09 -5.16
N TYR A 29 -10.33 3.85 -5.25
CA TYR A 29 -9.90 4.43 -6.52
C TYR A 29 -10.55 3.69 -7.70
N SER A 30 -10.05 2.48 -7.96
CA SER A 30 -10.57 1.67 -9.07
C SER A 30 -10.36 0.19 -8.79
N SER A 31 -10.75 -0.65 -9.76
CA SER A 31 -10.61 -2.09 -9.62
C SER A 31 -9.22 -2.45 -9.10
N PRO A 32 -9.16 -2.83 -7.82
CA PRO A 32 -7.90 -3.22 -7.17
C PRO A 32 -7.35 -4.54 -7.71
N SER A 33 -6.98 -4.55 -8.98
CA SER A 33 -6.44 -5.75 -9.60
C SER A 33 -5.21 -6.25 -8.86
N VAL A 34 -4.13 -5.46 -8.93
CA VAL A 34 -2.88 -5.81 -8.26
C VAL A 34 -2.63 -7.31 -8.34
N VAL A 35 -2.06 -7.74 -9.47
CA VAL A 35 -1.76 -9.16 -9.67
C VAL A 35 -0.62 -9.34 -10.66
N LEU A 36 -0.93 -9.17 -11.95
CA LEU A 36 0.07 -9.31 -12.99
C LEU A 36 -0.52 -8.96 -14.35
N PRO A 37 -1.53 -9.73 -14.79
CA PRO A 37 -2.19 -9.51 -16.07
C PRO A 37 -3.04 -8.24 -16.08
N SER A 38 -3.46 -7.82 -14.89
CA SER A 38 -4.28 -6.61 -14.76
C SER A 38 -3.70 -5.67 -13.71
N GLN A 39 -2.60 -6.09 -13.10
CA GLN A 39 -1.95 -5.30 -12.06
C GLN A 39 -1.92 -3.82 -12.45
N THR A 40 -1.97 -2.95 -11.45
CA THR A 40 -1.94 -1.51 -11.69
C THR A 40 -2.08 -0.73 -10.38
N PRO A 41 -3.18 -0.99 -9.65
CA PRO A 41 -3.44 -0.33 -8.37
C PRO A 41 -2.48 -0.77 -7.27
N ASP A 42 -2.85 -1.83 -6.57
CA ASP A 42 -2.02 -2.36 -5.49
C ASP A 42 -1.78 -1.30 -4.42
N GLY A 43 -2.76 -1.13 -3.53
CA GLY A 43 -2.64 -0.15 -2.47
C GLY A 43 -2.61 1.27 -3.00
N LYS A 44 -3.41 1.53 -4.03
CA LYS A 44 -3.47 2.87 -4.63
C LYS A 44 -3.13 3.94 -3.60
N LEU A 45 -4.15 4.39 -2.87
CA LEU A 45 -3.95 5.42 -1.85
C LEU A 45 -3.38 6.69 -2.46
N ALA A 46 -4.14 7.30 -3.37
CA ALA A 46 -3.70 8.52 -4.03
C ALA A 46 -2.77 9.33 -3.12
N LEU A 47 -3.14 9.46 -1.86
CA LEU A 47 -2.33 10.20 -0.89
C LEU A 47 -0.96 9.55 -0.70
N ILE A 48 -0.97 8.23 -0.53
CA ILE A 48 0.26 7.49 -0.34
C ILE A 48 0.89 7.11 -1.68
N ASP A 49 0.09 7.16 -2.73
CA ASP A 49 0.56 6.84 -4.07
C ASP A 49 1.27 8.02 -4.71
N ASP A 50 0.79 9.22 -4.39
CA ASP A 50 1.38 10.45 -4.93
C ASP A 50 2.58 10.88 -4.11
N PHE A 51 2.85 10.15 -3.02
CA PHE A 51 3.97 10.48 -2.14
C PHE A 51 5.20 9.64 -2.51
N ARG A 52 4.97 8.40 -2.92
CA ARG A 52 6.05 7.50 -3.30
C ARG A 52 6.96 8.16 -4.33
N GLU A 53 6.39 8.55 -5.46
CA GLU A 53 7.14 9.19 -6.53
C GLU A 53 7.96 10.36 -5.98
N ALA A 54 7.34 11.17 -5.12
CA ALA A 54 8.00 12.31 -4.53
C ALA A 54 9.39 11.95 -4.03
N TYR A 55 9.49 10.78 -3.39
CA TYR A 55 10.76 10.31 -2.86
C TYR A 55 11.70 9.87 -3.98
N TYR A 56 11.13 9.28 -5.02
CA TYR A 56 11.91 8.81 -6.16
C TYR A 56 12.80 9.92 -6.70
N TRP A 57 12.26 11.13 -6.75
CA TRP A 57 13.02 12.29 -7.24
C TRP A 57 14.23 12.56 -6.37
N LEU A 58 14.05 12.44 -5.06
CA LEU A 58 15.14 12.68 -4.12
C LEU A 58 15.83 11.38 -3.75
N ARG A 59 15.33 10.27 -4.29
CA ARG A 59 15.91 8.96 -4.02
C ARG A 59 16.26 8.24 -5.32
N MET A 60 16.05 8.92 -6.44
CA MET A 60 16.36 8.35 -7.74
C MET A 60 17.75 7.74 -7.76
N ASN A 61 18.63 8.23 -6.88
CA ASN A 61 20.00 7.73 -6.80
C ASN A 61 20.02 6.21 -6.88
N SER A 62 20.23 5.69 -8.08
CA SER A 62 20.27 4.25 -8.30
C SER A 62 20.09 3.90 -9.77
N ASP A 63 20.88 2.95 -10.25
CA ASP A 63 20.80 2.53 -11.64
C ASP A 63 19.67 1.53 -11.86
N GLU A 64 19.91 0.28 -11.47
CA GLU A 64 18.91 -0.76 -11.61
C GLU A 64 18.50 -1.32 -10.25
N ASP A 65 19.49 -1.55 -9.38
CA ASP A 65 19.23 -2.08 -8.06
C ASP A 65 18.10 -1.31 -7.37
N SER A 66 18.06 0.00 -7.60
CA SER A 66 17.03 0.84 -7.01
C SER A 66 16.67 0.35 -5.60
N LYS A 67 17.69 0.23 -4.75
CA LYS A 67 17.49 -0.22 -3.38
C LYS A 67 16.28 0.46 -2.76
N VAL A 68 16.45 1.71 -2.34
CA VAL A 68 15.38 2.48 -1.73
C VAL A 68 14.38 2.96 -2.78
N ALA A 69 14.80 2.96 -4.04
CA ALA A 69 13.96 3.41 -5.13
C ALA A 69 12.78 2.44 -5.34
N ALA A 70 12.97 1.21 -4.91
CA ALA A 70 11.92 0.19 -5.04
C ALA A 70 10.83 0.39 -3.99
N TRP A 71 11.18 1.04 -2.90
CA TRP A 71 10.23 1.29 -1.82
C TRP A 71 9.06 2.13 -2.31
N TRP A 72 9.36 3.17 -3.09
CA TRP A 72 8.33 4.05 -3.63
C TRP A 72 7.90 3.59 -5.01
N ASP A 73 8.70 2.72 -5.62
CA ASP A 73 8.39 2.21 -6.95
C ASP A 73 6.96 1.71 -7.02
N TYR A 74 6.41 1.32 -5.88
CA TYR A 74 5.04 0.80 -5.82
C TYR A 74 4.05 1.89 -6.23
N GLY A 75 4.37 3.14 -5.93
CA GLY A 75 3.50 4.24 -6.28
C GLY A 75 3.98 5.00 -7.50
N TYR A 76 5.28 4.94 -7.76
CA TYR A 76 5.86 5.63 -8.90
C TYR A 76 5.17 5.20 -10.20
N GLN A 77 4.57 4.02 -10.19
CA GLN A 77 3.89 3.51 -11.37
C GLN A 77 3.03 4.59 -12.02
N ILE A 78 2.53 5.51 -11.20
CA ILE A 78 1.70 6.61 -11.70
C ILE A 78 2.25 7.96 -11.26
N GLY A 79 3.26 7.93 -10.40
CA GLY A 79 3.85 9.15 -9.91
C GLY A 79 2.87 10.31 -9.90
N GLY A 80 2.00 10.34 -8.90
CA GLY A 80 1.01 11.41 -8.81
C GLY A 80 1.64 12.74 -8.46
N MET A 81 2.66 12.72 -7.62
CA MET A 81 3.35 13.93 -7.21
C MET A 81 3.55 14.87 -8.40
N ALA A 82 3.88 14.29 -9.55
CA ALA A 82 4.11 15.07 -10.76
C ALA A 82 5.01 14.32 -11.73
N ASP A 83 4.68 13.07 -12.02
CA ASP A 83 5.46 12.25 -12.93
C ASP A 83 4.56 11.42 -13.83
N ARG A 84 4.15 10.26 -13.34
CA ARG A 84 3.27 9.37 -14.10
C ARG A 84 3.93 8.96 -15.42
N THR A 85 5.21 8.60 -15.35
CA THR A 85 5.96 8.19 -16.52
C THR A 85 5.58 6.78 -16.95
N THR A 86 4.41 6.33 -16.52
CA THR A 86 3.93 5.00 -16.86
C THR A 86 5.00 3.94 -16.61
N LEU A 87 5.76 4.12 -15.53
CA LEU A 87 6.82 3.19 -15.18
C LEU A 87 7.61 2.76 -16.42
N VAL A 88 7.85 3.72 -17.32
CA VAL A 88 8.59 3.44 -18.54
C VAL A 88 10.03 3.05 -18.23
N ASP A 89 10.67 3.80 -17.33
CA ASP A 89 12.04 3.52 -16.95
C ASP A 89 12.10 2.72 -15.65
N ASN A 90 10.95 2.60 -14.99
CA ASN A 90 10.86 1.85 -13.74
C ASN A 90 10.26 0.48 -13.97
N ASN A 91 9.66 0.28 -15.13
CA ASN A 91 9.03 -0.99 -15.47
C ASN A 91 9.93 -2.16 -15.06
N THR A 92 11.23 -1.95 -15.15
CA THR A 92 12.21 -2.98 -14.79
C THR A 92 12.06 -3.38 -13.33
N TRP A 93 12.15 -2.39 -12.44
CA TRP A 93 12.02 -2.64 -11.01
C TRP A 93 10.60 -2.38 -10.52
N ASN A 94 9.72 -2.04 -11.45
CA ASN A 94 8.32 -1.76 -11.12
C ASN A 94 7.45 -2.99 -11.40
N ASN A 95 7.79 -3.73 -12.45
CA ASN A 95 7.04 -4.92 -12.81
C ASN A 95 7.38 -6.08 -11.89
N THR A 96 8.60 -6.08 -11.36
CA THR A 96 9.07 -7.14 -10.48
C THR A 96 8.61 -6.88 -9.05
N HIS A 97 8.44 -5.61 -8.70
CA HIS A 97 8.00 -5.23 -7.36
C HIS A 97 6.49 -5.24 -7.26
N ILE A 98 5.82 -4.99 -8.38
CA ILE A 98 4.36 -4.97 -8.42
C ILE A 98 3.80 -6.37 -8.67
N ALA A 99 4.64 -7.25 -9.19
CA ALA A 99 4.23 -8.62 -9.48
C ALA A 99 4.46 -9.52 -8.27
N ILE A 100 5.52 -9.24 -7.52
CA ILE A 100 5.86 -10.02 -6.34
C ILE A 100 4.67 -10.13 -5.39
N VAL A 101 3.99 -9.00 -5.19
CA VAL A 101 2.83 -8.96 -4.31
C VAL A 101 1.60 -9.57 -4.97
N GLY A 102 1.57 -9.52 -6.30
CA GLY A 102 0.45 -10.07 -7.04
C GLY A 102 0.62 -11.54 -7.34
N LYS A 103 1.78 -12.09 -6.99
CA LYS A 103 2.06 -13.49 -7.22
C LYS A 103 1.80 -14.32 -5.95
N ALA A 104 2.16 -13.76 -4.81
CA ALA A 104 1.95 -14.44 -3.53
C ALA A 104 0.47 -14.71 -3.29
N ASN A 105 -0.38 -13.77 -3.70
CA ASN A 105 -1.82 -13.91 -3.53
C ASN A 105 -2.37 -15.00 -4.43
N ALA A 106 -1.82 -15.09 -5.64
CA ALA A 106 -2.26 -16.09 -6.60
C ALA A 106 -1.59 -17.44 -6.34
N SER A 107 -0.53 -17.42 -5.53
CA SER A 107 0.21 -18.63 -5.21
C SER A 107 -0.74 -19.74 -4.76
N PRO A 108 -0.20 -20.96 -4.64
CA PRO A 108 -0.99 -22.13 -4.22
C PRO A 108 -1.41 -22.06 -2.75
N GLU A 109 -0.60 -21.37 -1.95
CA GLU A 109 -0.90 -21.23 -0.53
C GLU A 109 -2.26 -20.58 -0.31
N GLU A 110 -2.30 -19.26 -0.41
CA GLU A 110 -3.55 -18.52 -0.23
C GLU A 110 -4.48 -18.72 -1.42
N LYS A 111 -4.17 -18.04 -2.53
CA LYS A 111 -4.98 -18.15 -3.74
C LYS A 111 -6.19 -17.22 -3.65
N SER A 112 -6.62 -16.92 -2.43
CA SER A 112 -7.78 -16.05 -2.23
C SER A 112 -7.72 -14.83 -3.14
N TYR A 113 -6.58 -14.16 -3.15
CA TYR A 113 -6.39 -12.98 -3.99
C TYR A 113 -7.17 -11.79 -3.43
N GLU A 114 -8.46 -12.02 -3.18
CA GLU A 114 -9.34 -10.98 -2.65
C GLU A 114 -8.79 -10.43 -1.34
N ILE A 115 -7.84 -11.14 -0.76
CA ILE A 115 -7.23 -10.73 0.50
C ILE A 115 -6.00 -9.87 0.27
N LEU A 116 -5.68 -9.64 -0.99
CA LEU A 116 -4.53 -8.82 -1.35
C LEU A 116 -4.96 -7.51 -2.00
N LYS A 117 -6.27 -7.34 -2.15
CA LYS A 117 -6.81 -6.12 -2.76
C LYS A 117 -7.45 -5.23 -1.70
N GLU A 118 -8.01 -5.85 -0.67
CA GLU A 118 -8.65 -5.11 0.41
C GLU A 118 -7.71 -4.94 1.59
N HIS A 119 -6.63 -5.72 1.61
CA HIS A 119 -5.65 -5.66 2.68
C HIS A 119 -4.43 -4.84 2.25
N ASP A 120 -4.23 -4.73 0.94
CA ASP A 120 -3.10 -3.98 0.41
C ASP A 120 -3.30 -2.48 0.60
N VAL A 121 -4.50 -2.00 0.28
CA VAL A 121 -4.82 -0.59 0.42
C VAL A 121 -5.14 -0.23 1.86
N ASP A 122 -5.55 -1.22 2.64
CA ASP A 122 -5.88 -1.02 4.05
C ASP A 122 -4.61 -0.96 4.89
N TYR A 123 -3.61 -1.74 4.50
CA TYR A 123 -2.34 -1.77 5.23
C TYR A 123 -1.65 -0.40 5.20
N VAL A 124 -1.59 0.18 4.00
CA VAL A 124 -0.96 1.48 3.83
C VAL A 124 -1.83 2.60 4.41
N LEU A 125 -3.13 2.33 4.54
CA LEU A 125 -4.06 3.30 5.09
C LEU A 125 -4.06 3.27 6.61
N VAL A 126 -3.93 2.07 7.17
CA VAL A 126 -3.90 1.91 8.62
C VAL A 126 -2.65 2.54 9.22
N ILE A 127 -1.52 2.36 8.55
CA ILE A 127 -0.25 2.92 9.01
C ILE A 127 -0.32 4.44 9.09
N PHE A 128 -0.91 5.06 8.08
CA PHE A 128 -1.04 6.51 8.03
C PHE A 128 -2.13 6.99 8.99
N GLY A 129 -3.09 6.10 9.26
CA GLY A 129 -4.18 6.45 10.15
C GLY A 129 -3.72 6.61 11.59
N GLY A 130 -2.72 5.83 11.97
CA GLY A 130 -2.20 5.90 13.33
C GLY A 130 -1.51 7.21 13.63
N LEU A 131 -0.86 7.77 12.62
CA LEU A 131 -0.15 9.03 12.78
C LEU A 131 1.09 8.86 13.65
N ILE A 132 1.30 7.64 14.14
CA ILE A 132 2.43 7.34 14.98
C ILE A 132 2.81 5.86 14.89
N GLY A 133 1.81 5.01 14.75
CA GLY A 133 2.06 3.58 14.65
C GLY A 133 2.65 3.19 13.31
N PHE A 134 3.96 3.39 13.16
CA PHE A 134 4.65 3.06 11.91
C PHE A 134 4.19 3.97 10.78
N GLY A 135 3.63 5.13 11.15
CA GLY A 135 3.17 6.08 10.15
C GLY A 135 3.85 7.42 10.27
N GLY A 136 4.39 7.70 11.46
CA GLY A 136 5.07 8.97 11.68
C GLY A 136 6.12 9.25 10.63
N ASP A 137 6.70 8.20 10.07
CA ASP A 137 7.73 8.33 9.05
C ASP A 137 7.11 8.43 7.66
N ASP A 138 6.24 9.42 7.47
CA ASP A 138 5.58 9.61 6.19
C ASP A 138 6.42 10.48 5.26
N ILE A 139 6.63 11.74 5.66
CA ILE A 139 7.42 12.67 4.87
C ILE A 139 6.74 12.99 3.54
N ASN A 140 6.97 14.18 3.03
CA ASN A 140 6.38 14.61 1.77
C ASN A 140 6.74 16.06 1.45
N LYS A 141 7.98 16.43 1.77
CA LYS A 141 8.45 17.79 1.51
C LYS A 141 8.99 17.93 0.10
N PHE A 142 8.77 16.89 -0.71
CA PHE A 142 9.22 16.90 -2.09
C PHE A 142 8.15 17.47 -3.03
N LEU A 143 7.05 16.73 -3.18
CA LEU A 143 5.95 17.16 -4.03
C LEU A 143 4.63 16.58 -3.55
N TRP A 144 3.64 16.56 -4.43
CA TRP A 144 2.32 16.02 -4.10
C TRP A 144 1.72 16.78 -2.92
N ASN A 145 0.97 17.84 -3.23
CA ASN A 145 0.32 18.65 -2.20
C ASN A 145 -1.08 18.14 -1.92
N ILE A 146 -2.03 18.57 -2.74
CA ILE A 146 -3.42 18.16 -2.58
C ILE A 146 -4.18 18.27 -3.89
N ARG A 147 -4.97 17.24 -4.20
CA ARG A 147 -5.75 17.22 -5.44
C ARG A 147 -6.51 15.90 -5.57
N ILE A 148 -7.78 15.91 -5.21
CA ILE A 148 -8.61 14.71 -5.30
C ILE A 148 -9.01 14.43 -6.74
N SER A 149 -8.02 14.17 -7.59
CA SER A 149 -8.27 13.89 -9.00
C SER A 149 -8.93 12.52 -9.17
N GLU A 150 -10.24 12.48 -9.01
CA GLU A 150 -10.99 11.23 -9.14
C GLU A 150 -12.48 11.46 -8.96
N GLY A 151 -13.24 11.24 -10.03
CA GLY A 151 -14.67 11.43 -9.98
C GLY A 151 -15.31 10.74 -8.79
N ILE A 152 -15.73 11.52 -7.81
CA ILE A 152 -16.36 10.96 -6.61
C ILE A 152 -17.41 9.92 -6.97
N TRP A 153 -17.08 8.65 -6.77
CA TRP A 153 -18.00 7.56 -7.08
C TRP A 153 -18.61 6.98 -5.80
N PRO A 154 -19.71 6.25 -5.95
CA PRO A 154 -20.41 5.63 -4.82
C PRO A 154 -19.61 4.48 -4.20
N GLU A 155 -18.41 4.26 -4.72
CA GLU A 155 -17.56 3.19 -4.22
C GLU A 155 -17.22 3.40 -2.74
N GLU A 156 -16.97 4.65 -2.38
CA GLU A 156 -16.64 4.98 -0.99
C GLU A 156 -17.81 4.66 -0.06
N ILE A 157 -19.02 5.01 -0.48
CA ILE A 157 -20.21 4.76 0.32
C ILE A 157 -20.62 3.29 0.22
N LYS A 158 -20.19 2.62 -0.85
CA LYS A 158 -20.51 1.22 -1.05
C LYS A 158 -19.53 0.32 -0.31
N GLU A 159 -18.33 0.83 -0.08
CA GLU A 159 -17.30 0.08 0.63
C GLU A 159 -17.49 0.18 2.14
N ARG A 160 -18.00 1.33 2.60
CA ARG A 160 -18.22 1.55 4.02
C ARG A 160 -19.56 0.95 4.46
N ASP A 161 -20.43 0.70 3.50
CA ASP A 161 -21.75 0.14 3.79
C ASP A 161 -21.78 -1.35 3.40
N PHE A 162 -20.76 -1.78 2.68
CA PHE A 162 -20.68 -3.18 2.24
C PHE A 162 -20.85 -4.12 3.42
N TYR A 163 -20.44 -3.68 4.60
CA TYR A 163 -20.54 -4.48 5.81
C TYR A 163 -19.68 -5.74 5.69
N THR A 164 -18.57 -5.76 6.43
CA THR A 164 -17.66 -6.90 6.42
C THR A 164 -17.47 -7.45 7.83
N ALA A 165 -18.48 -7.30 8.67
CA ALA A 165 -18.41 -7.79 10.04
C ALA A 165 -19.73 -8.45 10.46
N GLU A 166 -19.72 -9.11 11.61
CA GLU A 166 -20.91 -9.77 12.11
C GLU A 166 -21.30 -10.94 11.21
N GLY A 167 -20.34 -11.46 10.45
CA GLY A 167 -20.59 -12.56 9.56
C GLY A 167 -21.09 -13.80 10.29
N GLU A 168 -20.74 -13.91 11.57
CA GLU A 168 -21.17 -15.04 12.38
C GLU A 168 -20.81 -16.36 11.69
N TYR A 169 -21.31 -17.46 12.25
CA TYR A 169 -21.04 -18.78 11.69
C TYR A 169 -19.56 -19.12 11.79
N ARG A 170 -19.14 -19.58 12.96
CA ARG A 170 -17.74 -19.94 13.19
C ARG A 170 -16.87 -18.70 13.29
N VAL A 171 -16.79 -17.94 12.20
CA VAL A 171 -15.99 -16.72 12.16
C VAL A 171 -16.69 -15.58 12.89
N ASP A 172 -16.98 -15.79 14.17
CA ASP A 172 -17.64 -14.78 14.98
C ASP A 172 -16.74 -14.33 16.13
N ALA A 173 -15.44 -14.20 15.85
CA ALA A 173 -14.49 -13.78 16.86
C ALA A 173 -14.28 -14.87 17.91
N ARG A 174 -13.05 -15.34 18.03
CA ARG A 174 -12.72 -16.38 19.00
C ARG A 174 -13.02 -15.92 20.43
N ALA A 175 -13.28 -14.62 20.57
CA ALA A 175 -13.58 -14.04 21.88
C ALA A 175 -12.31 -13.81 22.68
N SER A 176 -11.16 -14.09 22.07
CA SER A 176 -9.88 -13.92 22.73
C SER A 176 -8.99 -12.95 21.94
N GLU A 177 -8.29 -13.48 20.94
CA GLU A 177 -7.41 -12.66 20.11
C GLU A 177 -8.21 -11.65 19.30
N THR A 178 -9.48 -11.98 19.04
CA THR A 178 -10.35 -11.10 18.27
C THR A 178 -11.26 -10.29 19.19
N MET A 179 -11.12 -10.49 20.50
CA MET A 179 -11.93 -9.79 21.47
C MET A 179 -11.19 -8.56 22.00
N ARG A 180 -9.89 -8.71 22.22
CA ARG A 180 -9.07 -7.61 22.73
C ARG A 180 -8.59 -6.73 21.59
N ASN A 181 -8.39 -7.33 20.43
CA ASN A 181 -7.92 -6.59 19.25
C ASN A 181 -9.09 -5.96 18.52
N SER A 182 -10.30 -6.47 18.75
CA SER A 182 -11.49 -5.95 18.11
C SER A 182 -11.78 -4.52 18.57
N LEU A 183 -11.60 -4.27 19.87
CA LEU A 183 -11.84 -2.96 20.44
C LEU A 183 -10.81 -1.94 19.93
N LEU A 184 -9.60 -2.41 19.69
CA LEU A 184 -8.53 -1.55 19.19
C LEU A 184 -8.66 -1.33 17.69
N TYR A 185 -8.94 -2.40 16.96
CA TYR A 185 -9.09 -2.32 15.52
C TYR A 185 -10.42 -1.67 15.14
N LYS A 186 -11.40 -1.79 16.03
CA LYS A 186 -12.72 -1.20 15.80
C LYS A 186 -12.62 0.29 15.53
N MET A 187 -11.84 0.99 16.36
CA MET A 187 -11.65 2.43 16.22
C MET A 187 -11.11 2.76 14.84
N SER A 188 -10.09 2.02 14.41
CA SER A 188 -9.46 2.24 13.11
C SER A 188 -10.29 1.59 12.00
N TYR A 189 -11.24 0.77 12.38
CA TYR A 189 -12.10 0.08 11.42
C TYR A 189 -13.30 0.93 11.05
N LYS A 190 -13.90 1.57 12.06
CA LYS A 190 -15.06 2.43 11.84
C LYS A 190 -14.74 3.54 10.86
N ASP A 191 -13.47 3.94 10.81
CA ASP A 191 -13.04 5.00 9.92
C ASP A 191 -13.41 4.68 8.47
N PHE A 192 -13.21 3.43 8.07
CA PHE A 192 -13.53 2.98 6.72
C PHE A 192 -13.09 1.54 6.50
N PRO A 193 -11.80 1.27 6.74
CA PRO A 193 -11.24 -0.08 6.58
C PRO A 193 -11.74 -1.05 7.63
N GLN A 194 -11.42 -2.33 7.45
CA GLN A 194 -11.84 -3.36 8.39
C GLN A 194 -10.72 -4.37 8.62
N LEU A 195 -11.05 -5.65 8.50
CA LEU A 195 -10.08 -6.72 8.69
C LEU A 195 -10.77 -8.08 8.72
N PHE A 196 -12.06 -8.08 9.03
CA PHE A 196 -12.82 -9.32 9.09
C PHE A 196 -12.46 -10.12 10.33
N ASN A 197 -12.08 -9.41 11.39
CA ASN A 197 -11.71 -10.07 12.65
C ASN A 197 -12.78 -11.07 13.08
N GLY A 198 -12.46 -12.35 12.95
CA GLY A 198 -13.40 -13.39 13.33
C GLY A 198 -13.10 -14.72 12.67
N GLY A 199 -12.81 -15.73 13.49
CA GLY A 199 -12.51 -17.04 12.94
C GLY A 199 -11.05 -17.19 12.56
N GLN A 200 -10.80 -17.44 11.28
CA GLN A 200 -9.44 -17.60 10.78
C GLN A 200 -8.63 -16.32 10.99
N ALA A 201 -9.32 -15.19 11.03
CA ALA A 201 -8.67 -13.90 11.23
C ALA A 201 -8.05 -13.81 12.62
N THR A 202 -8.70 -14.42 13.60
CA THR A 202 -8.22 -14.41 14.98
C THR A 202 -6.84 -15.07 15.07
N ASP A 203 -6.68 -16.19 14.38
CA ASP A 203 -5.42 -16.93 14.40
C ASP A 203 -4.37 -16.21 13.56
N ARG A 204 -4.80 -15.61 12.45
CA ARG A 204 -3.90 -14.90 11.56
C ARG A 204 -3.49 -13.55 12.16
N VAL A 205 -4.35 -13.01 13.02
CA VAL A 205 -4.08 -11.73 13.66
C VAL A 205 -3.10 -11.89 14.82
N ARG A 206 -3.14 -13.06 15.46
CA ARG A 206 -2.26 -13.34 16.58
C ARG A 206 -0.82 -13.51 16.11
N GLN A 207 -0.64 -14.23 15.00
CA GLN A 207 0.69 -14.46 14.44
C GLN A 207 1.22 -13.19 13.77
N GLN A 208 0.33 -12.45 13.13
CA GLN A 208 0.72 -11.22 12.44
C GLN A 208 0.75 -10.04 13.41
N MET A 209 0.27 -10.27 14.62
CA MET A 209 0.26 -9.22 15.65
C MET A 209 1.68 -8.86 16.09
N ILE A 210 2.62 -9.72 15.74
CA ILE A 210 4.02 -9.50 16.09
C ILE A 210 4.96 -10.21 15.12
N THR A 211 5.20 -9.57 13.97
CA THR A 211 6.08 -10.14 12.96
C THR A 211 5.38 -11.25 12.19
N PRO A 212 5.03 -10.97 10.93
CA PRO A 212 4.36 -11.94 10.05
C PRO A 212 5.27 -13.10 9.64
N LEU A 213 4.99 -13.68 8.49
CA LEU A 213 5.79 -14.80 7.99
C LEU A 213 5.36 -16.11 8.64
N ASP A 214 4.89 -17.05 7.82
CA ASP A 214 4.45 -18.35 8.32
C ASP A 214 4.50 -19.40 7.22
N VAL A 215 3.40 -19.51 6.46
CA VAL A 215 3.31 -20.48 5.38
C VAL A 215 3.68 -19.83 4.05
N PRO A 216 2.93 -18.78 3.67
CA PRO A 216 3.14 -18.05 2.42
C PRO A 216 4.44 -17.24 2.44
N PRO A 217 4.77 -16.63 1.29
CA PRO A 217 5.99 -15.82 1.15
C PRO A 217 5.90 -14.52 1.93
N LEU A 218 6.75 -13.56 1.58
CA LEU A 218 6.78 -12.27 2.25
C LEU A 218 6.09 -11.20 1.41
N ASP A 219 5.42 -11.64 0.35
CA ASP A 219 4.71 -10.73 -0.54
C ASP A 219 3.25 -10.62 -0.16
N TYR A 220 2.60 -11.76 0.04
CA TYR A 220 1.20 -11.80 0.40
C TYR A 220 1.02 -11.60 1.91
N PHE A 221 1.97 -12.09 2.68
CA PHE A 221 1.92 -11.96 4.13
C PHE A 221 2.52 -10.64 4.58
N ASP A 222 2.86 -9.79 3.62
CA ASP A 222 3.44 -8.49 3.91
C ASP A 222 2.42 -7.37 3.71
N GLU A 223 1.60 -7.51 2.68
CA GLU A 223 0.58 -6.50 2.38
C GLU A 223 -0.80 -6.98 2.85
N VAL A 224 -0.85 -8.19 3.39
CA VAL A 224 -2.10 -8.75 3.89
C VAL A 224 -2.00 -9.11 5.36
N PHE A 225 -0.79 -9.47 5.80
CA PHE A 225 -0.55 -9.85 7.19
C PHE A 225 -0.07 -8.64 7.99
N THR A 226 0.33 -7.59 7.29
CA THR A 226 0.82 -6.38 7.94
C THR A 226 -0.25 -5.28 7.94
N SER A 227 -1.40 -5.60 7.37
CA SER A 227 -2.50 -4.64 7.31
C SER A 227 -3.31 -4.64 8.60
N GLU A 228 -4.10 -5.69 8.79
CA GLU A 228 -4.93 -5.81 9.99
C GLU A 228 -5.67 -4.51 10.28
N ASN A 229 -5.12 -3.72 11.20
CA ASN A 229 -5.74 -2.44 11.57
C ASN A 229 -5.00 -1.80 12.74
N TRP A 230 -5.72 -1.00 13.51
CA TRP A 230 -5.13 -0.32 14.66
C TRP A 230 -4.08 -1.20 15.34
N ASN A 231 -4.40 -2.48 15.47
CA ASN A 231 -3.49 -3.44 16.10
C ASN A 231 -2.16 -3.49 15.36
N VAL A 232 -2.23 -3.53 14.02
CA VAL A 232 -1.03 -3.58 13.20
C VAL A 232 -0.26 -2.27 13.27
N ARG A 233 -1.00 -1.17 13.32
CA ARG A 233 -0.38 0.15 13.39
C ARG A 233 0.56 0.25 14.57
N ILE A 234 0.16 -0.32 15.70
CA ILE A 234 0.97 -0.29 16.91
C ILE A 234 1.98 -1.45 16.93
N TYR A 235 1.59 -2.57 16.31
CA TYR A 235 2.46 -3.74 16.25
C TYR A 235 3.61 -3.51 15.27
N GLN A 236 3.37 -2.69 14.26
CA GLN A 236 4.39 -2.39 13.27
C GLN A 236 5.37 -1.35 13.79
N LEU A 237 4.88 -0.43 14.60
CA LEU A 237 5.72 0.62 15.17
C LEU A 237 6.61 0.06 16.27
N LYS A 238 6.13 -0.95 16.98
CA LYS A 238 6.89 -1.57 18.05
C LYS A 238 7.86 -2.61 17.50
N LYS A 239 7.54 -3.15 16.33
CA LYS A 239 8.38 -4.15 15.69
C LYS A 239 9.50 -3.49 14.88
N ASP A 240 9.27 -2.26 14.46
CA ASP A 240 10.25 -1.51 13.68
C ASP A 240 11.19 -0.73 14.60
N ASP A 241 10.72 -0.43 15.81
CA ASP A 241 11.51 0.32 16.77
C ASP A 241 12.20 -0.64 17.75
N ALA A 242 11.67 -1.85 17.87
CA ALA A 242 12.24 -2.84 18.77
C ALA A 242 12.77 -4.04 17.99
N GLN A 243 11.87 -4.79 17.37
CA GLN A 243 12.26 -5.96 16.59
C GLN A 243 13.25 -5.59 15.50
N GLY A 244 13.23 -4.32 15.09
CA GLY A 244 14.14 -3.86 14.06
C GLY A 244 13.42 -3.50 12.77
N ARG A 245 13.39 -2.21 12.46
CA ARG A 245 12.73 -1.74 11.25
C ARG A 245 13.46 -2.22 10.00
N THR A 246 13.13 -3.43 9.56
CA THR A 246 13.76 -4.00 8.38
C THR A 246 12.72 -4.36 7.32
N LEU A 247 11.52 -4.70 7.77
CA LEU A 247 10.43 -5.07 6.86
C LEU A 247 10.29 -4.04 5.75
N ARG A 248 10.69 -2.80 6.05
CA ARG A 248 10.60 -1.71 5.07
C ARG A 248 11.90 -1.58 4.29
N ASP A 249 13.01 -1.94 4.93
CA ASP A 249 14.32 -1.86 4.30
C ASP A 249 14.67 -3.17 3.61
N VAL A 250 13.77 -4.14 3.69
CA VAL A 250 13.99 -5.44 3.08
C VAL A 250 13.18 -5.58 1.79
N GLY A 251 12.00 -4.96 1.77
CA GLY A 251 11.15 -5.03 0.59
C GLY A 251 11.68 -4.19 -0.56
N GLU A 252 12.40 -3.13 -0.23
CA GLU A 252 12.96 -2.24 -1.24
C GLU A 252 14.36 -2.71 -1.66
N LEU A 253 15.11 -3.24 -0.71
CA LEU A 253 16.45 -3.73 -0.99
C LEU A 253 16.42 -5.05 -1.73
N THR A 254 15.43 -5.89 -1.39
CA THR A 254 15.27 -7.19 -2.03
C THR A 254 15.08 -7.04 -3.53
N ARG A 255 14.55 -5.90 -3.95
CA ARG A 255 14.32 -5.65 -5.37
C ARG A 255 15.64 -5.52 -6.12
N SER A 256 16.66 -5.00 -5.44
CA SER A 256 17.97 -4.83 -6.05
C SER A 256 18.44 -6.13 -6.70
N SER A 257 19.45 -6.02 -7.56
CA SER A 257 20.00 -7.18 -8.25
C SER A 257 21.15 -6.79 -9.17
N THR A 258 22.29 -6.46 -8.58
CA THR A 258 23.46 -6.06 -9.35
C THR A 258 23.24 -4.71 -10.02
N LYS A 259 24.18 -3.78 -9.80
CA LYS A 259 24.09 -2.45 -10.38
C LYS A 259 24.80 -2.40 -11.72
N THR A 260 24.87 -1.20 -12.31
CA THR A 260 25.52 -1.02 -13.59
C THR A 260 26.61 0.05 -13.50
N ARG A 261 26.20 1.31 -13.51
CA ARG A 261 27.15 2.42 -13.44
C ARG A 261 26.52 3.60 -12.70
N ARG A 262 25.76 3.31 -11.65
CA ARG A 262 25.12 4.35 -10.87
C ARG A 262 24.26 5.26 -11.75
N SER A 263 23.90 4.74 -12.92
CA SER A 263 23.08 5.49 -13.87
C SER A 263 21.67 4.91 -13.97
N ILE A 264 21.54 3.85 -14.74
CA ILE A 264 20.25 3.18 -14.92
C ILE A 264 20.37 1.96 -15.83
N LYS A 265 21.56 1.35 -15.83
CA LYS A 265 21.81 0.17 -16.65
C LYS A 265 21.42 0.43 -18.10
N ARG A 266 22.37 0.95 -18.88
CA ARG A 266 22.13 1.24 -20.29
C ARG A 266 23.41 1.09 -21.09
N PRO A 267 23.48 0.02 -21.91
CA PRO A 267 24.65 -0.25 -22.75
C PRO A 267 24.79 0.74 -23.89
N GLU A 268 25.02 2.01 -23.55
CA GLU A 268 25.18 3.06 -24.54
C GLU A 268 25.29 4.43 -23.87
N LEU A 269 24.61 4.59 -22.73
CA LEU A 269 24.65 5.85 -22.00
C LEU A 269 25.88 5.93 -21.11
N GLY A 270 25.82 5.27 -19.97
CA GLY A 270 26.94 5.28 -19.04
C GLY A 270 28.27 5.50 -19.74
N LEU A 271 28.57 4.65 -20.72
CA LEU A 271 29.81 4.75 -21.47
C LEU A 271 29.93 3.62 -22.49
N ARG A 272 28.82 3.25 -23.09
CA ARG A 272 28.79 2.19 -24.08
C ARG A 272 29.00 0.82 -23.42
N VAL A 273 28.06 0.44 -22.57
CA VAL A 273 28.13 -0.83 -21.87
C VAL A 273 29.25 -0.83 -20.83
N MET A 1 -18.35 -7.45 -27.71
CA MET A 1 -17.46 -6.55 -28.44
C MET A 1 -16.44 -5.91 -27.49
N GLY A 2 -15.61 -6.73 -26.86
CA GLY A 2 -14.62 -6.22 -25.95
C GLY A 2 -13.20 -6.42 -26.46
N SER A 3 -12.25 -5.71 -25.86
CA SER A 3 -10.85 -5.79 -26.26
C SER A 3 -9.95 -5.07 -25.27
N SER A 4 -8.65 -5.11 -25.53
CA SER A 4 -7.67 -4.46 -24.66
C SER A 4 -6.78 -3.52 -25.45
N HIS A 5 -5.96 -2.74 -24.74
CA HIS A 5 -5.06 -1.79 -25.38
C HIS A 5 -3.87 -1.49 -24.47
N HIS A 6 -2.97 -0.63 -24.96
CA HIS A 6 -1.79 -0.25 -24.18
C HIS A 6 -1.24 1.09 -24.66
N HIS A 7 -0.41 1.71 -23.83
CA HIS A 7 0.18 3.00 -24.16
C HIS A 7 1.11 3.47 -23.04
N HIS A 8 1.62 4.69 -23.18
CA HIS A 8 2.52 5.26 -22.19
C HIS A 8 2.36 6.78 -22.12
N HIS A 9 3.08 7.41 -21.19
CA HIS A 9 3.02 8.86 -21.02
C HIS A 9 3.94 9.31 -19.90
N HIS A 10 3.93 10.61 -19.61
CA HIS A 10 4.77 11.17 -18.57
C HIS A 10 4.39 12.62 -18.27
N SER A 11 4.77 13.10 -17.10
CA SER A 11 4.45 14.47 -16.69
C SER A 11 5.13 14.81 -15.38
N SER A 12 5.26 16.11 -15.11
CA SER A 12 5.91 16.58 -13.89
C SER A 12 5.60 18.04 -13.64
N GLY A 13 5.05 18.34 -12.46
CA GLY A 13 4.71 19.72 -12.12
C GLY A 13 5.23 20.12 -10.76
N LEU A 14 4.66 21.19 -10.21
CA LEU A 14 5.08 21.67 -8.89
C LEU A 14 4.03 22.62 -8.31
N VAL A 15 2.76 22.21 -8.39
CA VAL A 15 1.66 23.01 -7.86
C VAL A 15 0.82 22.21 -6.88
N PRO A 16 1.41 21.88 -5.72
CA PRO A 16 0.71 21.12 -4.68
C PRO A 16 -0.39 21.92 -4.00
N ARG A 17 -1.42 21.22 -3.53
CA ARG A 17 -2.54 21.87 -2.86
C ARG A 17 -3.01 21.04 -1.68
N GLY A 18 -4.13 21.47 -1.07
CA GLY A 18 -4.67 20.75 0.07
C GLY A 18 -5.26 19.41 -0.31
N SER A 19 -5.87 18.74 0.65
CA SER A 19 -6.48 17.43 0.42
C SER A 19 -7.57 17.15 1.45
N HIS A 20 -8.80 17.07 0.98
CA HIS A 20 -9.93 16.80 1.86
C HIS A 20 -10.97 15.91 1.18
N SER A 21 -10.55 15.29 0.07
CA SER A 21 -11.44 14.41 -0.69
C SER A 21 -10.86 13.00 -0.78
N THR A 22 -9.61 12.85 -0.35
CA THR A 22 -8.94 11.56 -0.38
C THR A 22 -9.61 10.57 0.56
N TRP A 23 -9.80 10.98 1.80
CA TRP A 23 -10.43 10.11 2.80
C TRP A 23 -11.59 9.34 2.19
N VAL A 24 -12.41 10.03 1.40
CA VAL A 24 -13.55 9.39 0.74
C VAL A 24 -13.13 8.71 -0.56
N THR A 25 -12.11 9.25 -1.19
CA THR A 25 -11.61 8.71 -2.45
C THR A 25 -10.39 7.82 -2.23
N ARG A 26 -10.04 7.61 -0.96
CA ARG A 26 -8.89 6.78 -0.61
C ARG A 26 -9.28 5.31 -0.57
N THR A 27 -10.38 5.01 0.10
CA THR A 27 -10.87 3.63 0.21
C THR A 27 -12.06 3.39 -0.69
N ALA A 28 -12.66 4.48 -1.18
CA ALA A 28 -13.82 4.38 -2.06
C ALA A 28 -13.47 4.86 -3.47
N TYR A 29 -12.21 5.22 -3.67
CA TYR A 29 -11.77 5.70 -4.97
C TYR A 29 -12.75 5.31 -6.07
N SER A 30 -12.70 4.04 -6.48
CA SER A 30 -13.59 3.54 -7.52
C SER A 30 -13.38 2.05 -7.75
N SER A 31 -13.51 1.27 -6.68
CA SER A 31 -13.32 -0.17 -6.76
C SER A 31 -12.00 -0.51 -7.45
N PRO A 32 -10.89 -0.06 -6.85
CA PRO A 32 -9.55 -0.31 -7.40
C PRO A 32 -9.13 -1.77 -7.27
N SER A 33 -8.96 -2.42 -8.42
CA SER A 33 -8.58 -3.83 -8.44
C SER A 33 -7.16 -4.00 -7.91
N VAL A 34 -6.19 -3.42 -8.62
CA VAL A 34 -4.79 -3.51 -8.22
C VAL A 34 -4.47 -4.88 -7.64
N VAL A 35 -4.24 -5.85 -8.52
CA VAL A 35 -3.93 -7.20 -8.08
C VAL A 35 -3.09 -7.94 -9.13
N LEU A 36 -2.46 -7.18 -10.01
CA LEU A 36 -1.62 -7.75 -11.07
C LEU A 36 -1.08 -6.65 -11.98
N PRO A 37 -0.09 -7.02 -12.80
CA PRO A 37 0.55 -6.08 -13.75
C PRO A 37 -0.38 -5.68 -14.88
N SER A 38 -1.47 -5.00 -14.54
CA SER A 38 -2.45 -4.56 -15.54
C SER A 38 -3.60 -3.83 -14.88
N GLN A 39 -3.96 -4.24 -13.67
CA GLN A 39 -5.05 -3.63 -12.93
C GLN A 39 -4.68 -2.21 -12.50
N THR A 40 -3.75 -2.11 -11.56
CA THR A 40 -3.30 -0.81 -11.06
C THR A 40 -4.44 -0.10 -10.33
N PRO A 41 -4.13 0.45 -9.15
CA PRO A 41 -5.11 1.18 -8.33
C PRO A 41 -5.50 2.52 -8.95
N ASP A 42 -4.50 3.30 -9.34
CA ASP A 42 -4.74 4.60 -9.95
C ASP A 42 -5.71 5.42 -9.11
N GLY A 43 -5.70 5.19 -7.81
CA GLY A 43 -6.59 5.92 -6.91
C GLY A 43 -6.48 5.45 -5.48
N LYS A 44 -6.24 4.15 -5.29
CA LYS A 44 -6.11 3.58 -3.96
C LYS A 44 -5.39 4.54 -3.02
N LEU A 45 -6.16 5.19 -2.15
CA LEU A 45 -5.59 6.14 -1.19
C LEU A 45 -5.02 7.37 -1.91
N ALA A 46 -5.91 8.29 -2.28
CA ALA A 46 -5.50 9.51 -2.96
C ALA A 46 -4.54 10.33 -2.10
N LEU A 47 -4.44 9.96 -0.83
CA LEU A 47 -3.56 10.66 0.10
C LEU A 47 -2.28 9.86 0.36
N ILE A 48 -2.24 8.64 -0.15
CA ILE A 48 -1.08 7.77 0.01
C ILE A 48 -0.43 7.47 -1.32
N ASP A 49 -1.21 7.56 -2.39
CA ASP A 49 -0.69 7.31 -3.73
C ASP A 49 0.16 8.47 -4.22
N ASP A 50 -0.24 9.68 -3.87
CA ASP A 50 0.49 10.89 -4.26
C ASP A 50 1.70 11.11 -3.36
N PHE A 51 1.85 10.25 -2.35
CA PHE A 51 2.95 10.38 -1.42
C PHE A 51 4.00 9.28 -1.66
N ARG A 52 3.64 8.31 -2.50
CA ARG A 52 4.53 7.19 -2.81
C ARG A 52 5.68 7.67 -3.69
N GLU A 53 5.35 8.15 -4.89
CA GLU A 53 6.36 8.64 -5.83
C GLU A 53 6.94 9.97 -5.36
N ALA A 54 6.12 10.77 -4.70
CA ALA A 54 6.55 12.08 -4.20
C ALA A 54 7.63 11.92 -3.13
N TYR A 55 7.60 10.78 -2.44
CA TYR A 55 8.57 10.52 -1.39
C TYR A 55 9.76 9.74 -1.93
N TYR A 56 9.52 8.94 -2.96
CA TYR A 56 10.58 8.14 -3.57
C TYR A 56 11.42 9.00 -4.52
N TRP A 57 10.96 10.21 -4.78
CA TRP A 57 11.66 11.12 -5.67
C TRP A 57 12.07 12.40 -4.94
N LEU A 58 11.34 12.72 -3.88
CA LEU A 58 11.64 13.91 -3.08
C LEU A 58 12.32 13.54 -1.76
N ARG A 59 12.21 12.26 -1.39
CA ARG A 59 12.82 11.79 -0.16
C ARG A 59 13.84 10.67 -0.44
N MET A 60 13.67 10.01 -1.58
CA MET A 60 14.57 8.92 -1.97
C MET A 60 15.19 9.21 -3.34
N ASN A 61 14.59 10.12 -4.08
CA ASN A 61 15.09 10.49 -5.40
C ASN A 61 15.19 9.26 -6.30
N SER A 62 16.35 8.61 -6.29
CA SER A 62 16.57 7.42 -7.11
C SER A 62 16.27 7.71 -8.58
N ASP A 63 16.47 6.70 -9.42
CA ASP A 63 16.22 6.84 -10.85
C ASP A 63 16.01 5.48 -11.50
N GLU A 64 16.80 4.50 -11.07
CA GLU A 64 16.71 3.14 -11.62
C GLU A 64 16.69 2.11 -10.50
N ASP A 65 17.81 1.99 -9.79
CA ASP A 65 17.92 1.03 -8.70
C ASP A 65 16.84 1.28 -7.65
N SER A 66 16.70 2.53 -7.23
CA SER A 66 15.70 2.89 -6.23
C SER A 66 15.71 1.90 -5.07
N LYS A 67 16.81 1.88 -4.33
CA LYS A 67 16.95 0.99 -3.18
C LYS A 67 15.80 1.18 -2.20
N VAL A 68 15.87 2.24 -1.40
CA VAL A 68 14.83 2.53 -0.42
C VAL A 68 13.60 3.14 -1.09
N ALA A 69 13.75 3.53 -2.35
CA ALA A 69 12.65 4.12 -3.11
C ALA A 69 11.77 3.04 -3.73
N ALA A 70 12.29 1.84 -3.82
CA ALA A 70 11.55 0.71 -4.40
C ALA A 70 10.25 0.48 -3.64
N TRP A 71 10.30 0.61 -2.33
CA TRP A 71 9.12 0.41 -1.49
C TRP A 71 7.99 1.34 -1.92
N TRP A 72 8.34 2.55 -2.32
CA TRP A 72 7.36 3.53 -2.76
C TRP A 72 7.12 3.44 -4.26
N ASP A 73 8.08 2.88 -4.97
CA ASP A 73 7.98 2.72 -6.42
C ASP A 73 6.65 2.10 -6.80
N TYR A 74 6.19 1.14 -6.00
CA TYR A 74 4.93 0.45 -6.26
C TYR A 74 3.82 1.46 -6.55
N GLY A 75 3.89 2.62 -5.91
CA GLY A 75 2.89 3.65 -6.12
C GLY A 75 3.33 4.70 -7.11
N TYR A 76 4.64 4.77 -7.34
CA TYR A 76 5.20 5.75 -8.27
C TYR A 76 4.54 5.63 -9.65
N GLN A 77 4.18 4.41 -10.03
CA GLN A 77 3.54 4.16 -11.31
C GLN A 77 2.03 4.30 -11.21
N ILE A 78 1.56 4.66 -10.02
CA ILE A 78 0.12 4.84 -9.78
C ILE A 78 -0.18 6.24 -9.29
N GLY A 79 0.86 7.06 -9.12
CA GLY A 79 0.68 8.41 -8.66
C GLY A 79 1.93 8.98 -8.01
N GLY A 80 1.80 9.41 -6.76
CA GLY A 80 2.93 9.98 -6.05
C GLY A 80 3.05 11.47 -6.22
N MET A 81 2.16 12.05 -7.03
CA MET A 81 2.16 13.48 -7.29
C MET A 81 1.53 13.80 -8.63
N ALA A 82 1.77 12.93 -9.61
CA ALA A 82 1.22 13.12 -10.95
C ALA A 82 -0.09 12.37 -11.12
N ASP A 83 -0.01 11.04 -11.13
CA ASP A 83 -1.20 10.21 -11.27
C ASP A 83 -0.82 8.79 -11.69
N ARG A 84 0.22 8.68 -12.53
CA ARG A 84 0.68 7.39 -13.01
C ARG A 84 1.71 7.56 -14.11
N THR A 85 2.98 7.67 -13.72
CA THR A 85 4.07 7.84 -14.67
C THR A 85 4.31 6.56 -15.46
N THR A 86 3.31 5.68 -15.48
CA THR A 86 3.43 4.42 -16.20
C THR A 86 4.77 3.75 -15.94
N LEU A 87 5.28 3.90 -14.72
CA LEU A 87 6.56 3.32 -14.35
C LEU A 87 7.55 3.38 -15.51
N VAL A 88 7.56 4.53 -16.20
CA VAL A 88 8.46 4.72 -17.33
C VAL A 88 9.89 4.35 -16.96
N ASP A 89 10.36 4.84 -15.82
CA ASP A 89 11.71 4.56 -15.34
C ASP A 89 11.68 3.64 -14.13
N ASN A 90 10.48 3.21 -13.75
CA ASN A 90 10.32 2.32 -12.60
C ASN A 90 9.86 0.93 -13.05
N ASN A 91 9.51 0.81 -14.32
CA ASN A 91 9.06 -0.46 -14.87
C ASN A 91 9.98 -1.61 -14.43
N THR A 92 11.24 -1.26 -14.16
CA THR A 92 12.22 -2.25 -13.73
C THR A 92 11.99 -2.66 -12.28
N TRP A 93 11.69 -1.68 -11.44
CA TRP A 93 11.44 -1.93 -10.02
C TRP A 93 9.95 -1.86 -9.70
N ASN A 94 9.14 -1.68 -10.74
CA ASN A 94 7.69 -1.60 -10.56
C ASN A 94 7.01 -2.86 -11.06
N ASN A 95 7.57 -3.45 -12.11
CA ASN A 95 7.01 -4.67 -12.68
C ASN A 95 7.18 -5.85 -11.74
N THR A 96 8.29 -5.86 -11.01
CA THR A 96 8.58 -6.93 -10.06
C THR A 96 7.99 -6.62 -8.69
N HIS A 97 7.65 -5.35 -8.47
CA HIS A 97 7.08 -4.93 -7.20
C HIS A 97 5.55 -4.95 -7.25
N ILE A 98 5.01 -4.78 -8.45
CA ILE A 98 3.56 -4.78 -8.64
C ILE A 98 3.04 -6.19 -8.88
N ALA A 99 3.93 -7.08 -9.31
CA ALA A 99 3.55 -8.47 -9.57
C ALA A 99 3.41 -9.25 -8.27
N ILE A 100 4.34 -9.02 -7.35
CA ILE A 100 4.32 -9.71 -6.05
C ILE A 100 3.05 -9.37 -5.28
N VAL A 101 2.71 -8.08 -5.26
CA VAL A 101 1.51 -7.63 -4.54
C VAL A 101 0.26 -8.23 -5.14
N GLY A 102 0.22 -8.33 -6.47
CA GLY A 102 -0.93 -8.90 -7.15
C GLY A 102 -1.09 -10.38 -6.89
N LYS A 103 0.03 -11.09 -6.84
CA LYS A 103 0.01 -12.53 -6.61
C LYS A 103 0.02 -12.83 -5.11
N ALA A 104 0.21 -11.79 -4.30
CA ALA A 104 0.23 -11.95 -2.85
C ALA A 104 -1.17 -11.91 -2.27
N ASN A 105 -2.00 -11.02 -2.80
CA ASN A 105 -3.38 -10.88 -2.34
C ASN A 105 -4.24 -12.03 -2.85
N ALA A 106 -3.76 -12.71 -3.88
CA ALA A 106 -4.50 -13.82 -4.47
C ALA A 106 -3.67 -15.12 -4.39
N SER A 107 -2.50 -15.03 -3.76
CA SER A 107 -1.63 -16.19 -3.62
C SER A 107 -2.42 -17.41 -3.15
N PRO A 108 -1.87 -18.60 -3.42
CA PRO A 108 -2.50 -19.87 -3.03
C PRO A 108 -2.47 -20.09 -1.52
N GLU A 109 -3.45 -19.53 -0.82
CA GLU A 109 -3.53 -19.66 0.62
C GLU A 109 -4.75 -18.93 1.18
N GLU A 110 -4.64 -18.44 2.40
CA GLU A 110 -5.72 -17.71 3.04
C GLU A 110 -6.18 -16.55 2.17
N LYS A 111 -5.33 -16.15 1.24
CA LYS A 111 -5.65 -15.04 0.34
C LYS A 111 -6.66 -15.47 -0.72
N SER A 112 -6.50 -14.94 -1.94
CA SER A 112 -7.40 -15.26 -3.03
C SER A 112 -8.85 -15.05 -2.63
N TYR A 113 -9.16 -13.82 -2.23
CA TYR A 113 -10.52 -13.48 -1.82
C TYR A 113 -10.71 -11.97 -1.77
N GLU A 114 -11.91 -11.54 -1.38
CA GLU A 114 -12.21 -10.12 -1.29
C GLU A 114 -11.20 -9.39 -0.41
N ILE A 115 -10.52 -10.14 0.45
CA ILE A 115 -9.52 -9.57 1.34
C ILE A 115 -8.41 -8.87 0.54
N LEU A 116 -8.33 -9.19 -0.74
CA LEU A 116 -7.32 -8.58 -1.61
C LEU A 116 -7.61 -7.10 -1.84
N LYS A 117 -8.88 -6.76 -1.96
CA LYS A 117 -9.29 -5.37 -2.17
C LYS A 117 -9.40 -4.64 -0.84
N GLU A 118 -9.61 -5.38 0.23
CA GLU A 118 -9.74 -4.80 1.56
C GLU A 118 -8.37 -4.63 2.21
N HIS A 119 -7.44 -5.51 1.87
CA HIS A 119 -6.10 -5.47 2.42
C HIS A 119 -5.22 -4.49 1.63
N ASP A 120 -5.57 -4.28 0.37
CA ASP A 120 -4.81 -3.38 -0.49
C ASP A 120 -4.96 -1.94 -0.02
N VAL A 121 -6.19 -1.53 0.27
CA VAL A 121 -6.48 -0.18 0.73
C VAL A 121 -6.05 0.00 2.18
N ASP A 122 -6.16 -1.06 2.96
CA ASP A 122 -5.78 -1.02 4.38
C ASP A 122 -4.27 -1.01 4.53
N TYR A 123 -3.58 -1.76 3.66
CA TYR A 123 -2.13 -1.84 3.71
C TYR A 123 -1.49 -0.52 3.29
N VAL A 124 -2.13 0.14 2.33
CA VAL A 124 -1.63 1.42 1.83
C VAL A 124 -2.14 2.58 2.68
N LEU A 125 -3.11 2.29 3.54
CA LEU A 125 -3.68 3.31 4.41
C LEU A 125 -3.08 3.24 5.82
N VAL A 126 -2.67 2.04 6.22
CA VAL A 126 -2.07 1.84 7.53
C VAL A 126 -0.55 1.96 7.46
N ILE A 127 -0.01 1.84 6.26
CA ILE A 127 1.44 1.94 6.07
C ILE A 127 1.91 3.38 6.24
N PHE A 128 1.14 4.32 5.69
CA PHE A 128 1.49 5.73 5.77
C PHE A 128 1.09 6.31 7.13
N GLY A 129 0.01 5.78 7.69
CA GLY A 129 -0.46 6.25 8.98
C GLY A 129 0.25 5.58 10.13
N GLY A 130 1.14 4.65 9.82
CA GLY A 130 1.88 3.95 10.85
C GLY A 130 3.20 3.41 10.35
N LEU A 131 3.78 4.10 9.37
CA LEU A 131 5.06 3.68 8.81
C LEU A 131 6.11 3.49 9.90
N ILE A 132 5.88 4.12 11.05
CA ILE A 132 6.80 4.00 12.17
C ILE A 132 6.05 4.00 13.50
N GLY A 133 5.05 3.12 13.61
CA GLY A 133 4.26 3.03 14.82
C GLY A 133 3.76 4.38 15.29
N PHE A 134 3.33 5.21 14.34
CA PHE A 134 2.82 6.54 14.67
C PHE A 134 2.15 7.18 13.46
N GLY A 135 2.97 7.67 12.54
CA GLY A 135 2.45 8.30 11.33
C GLY A 135 2.12 9.77 11.56
N GLY A 136 2.58 10.61 10.63
CA GLY A 136 2.32 12.04 10.75
C GLY A 136 3.49 12.88 10.26
N ASP A 137 4.69 12.52 10.69
CA ASP A 137 5.90 13.25 10.29
C ASP A 137 6.47 12.67 9.01
N ASP A 138 5.66 12.65 7.96
CA ASP A 138 6.09 12.12 6.67
C ASP A 138 6.14 13.23 5.62
N ILE A 139 5.68 14.41 6.00
CA ILE A 139 5.66 15.55 5.09
C ILE A 139 4.73 15.31 3.91
N ASN A 140 4.30 16.40 3.28
CA ASN A 140 3.41 16.30 2.13
C ASN A 140 3.65 17.44 1.14
N LYS A 141 4.80 17.40 0.48
CA LYS A 141 5.17 18.42 -0.49
C LYS A 141 4.55 18.11 -1.86
N PHE A 142 5.14 17.14 -2.56
CA PHE A 142 4.65 16.76 -3.88
C PHE A 142 3.42 15.86 -3.76
N LEU A 143 2.38 16.20 -4.50
CA LEU A 143 1.14 15.43 -4.48
C LEU A 143 0.24 15.80 -5.66
N TRP A 144 -0.81 15.02 -5.88
CA TRP A 144 -1.74 15.28 -6.97
C TRP A 144 -1.61 16.71 -7.47
N ASN A 145 -1.09 16.85 -8.69
CA ASN A 145 -0.91 18.16 -9.30
C ASN A 145 -2.20 18.99 -9.20
N ILE A 146 -3.33 18.33 -9.39
CA ILE A 146 -4.62 19.00 -9.33
C ILE A 146 -5.10 19.14 -7.89
N ARG A 147 -5.66 20.29 -7.57
CA ARG A 147 -6.17 20.55 -6.22
C ARG A 147 -7.06 19.40 -5.74
N ILE A 148 -6.55 18.63 -4.78
CA ILE A 148 -7.29 17.50 -4.24
C ILE A 148 -8.12 16.81 -5.32
N SER A 149 -7.51 15.84 -6.00
CA SER A 149 -8.18 15.11 -7.06
C SER A 149 -9.36 14.31 -6.50
N GLU A 150 -10.52 14.94 -6.43
CA GLU A 150 -11.72 14.29 -5.92
C GLU A 150 -12.35 13.41 -6.98
N GLY A 151 -12.70 12.18 -6.60
CA GLY A 151 -13.31 11.26 -7.54
C GLY A 151 -14.58 11.82 -8.16
N ILE A 152 -15.72 11.48 -7.57
CA ILE A 152 -17.00 11.95 -8.08
C ILE A 152 -18.01 12.13 -6.94
N TRP A 153 -17.84 13.18 -6.17
CA TRP A 153 -18.73 13.48 -5.05
C TRP A 153 -18.69 12.36 -4.01
N PRO A 154 -19.11 12.66 -2.78
CA PRO A 154 -19.12 11.70 -1.68
C PRO A 154 -20.18 10.61 -1.88
N GLU A 155 -20.10 9.91 -3.00
CA GLU A 155 -21.04 8.84 -3.31
C GLU A 155 -20.37 7.47 -3.23
N GLU A 156 -19.05 7.46 -3.43
CA GLU A 156 -18.29 6.22 -3.39
C GLU A 156 -18.00 5.80 -1.95
N ILE A 157 -17.72 6.79 -1.10
CA ILE A 157 -17.42 6.52 0.31
C ILE A 157 -18.67 6.11 1.06
N LYS A 158 -19.82 6.64 0.65
CA LYS A 158 -21.09 6.33 1.29
C LYS A 158 -21.53 4.90 0.95
N GLU A 159 -21.25 4.48 -0.28
CA GLU A 159 -21.62 3.14 -0.72
C GLU A 159 -20.64 2.10 -0.18
N ARG A 160 -19.40 2.52 0.05
CA ARG A 160 -18.37 1.63 0.58
C ARG A 160 -18.40 1.60 2.10
N ASP A 161 -19.05 2.60 2.69
CA ASP A 161 -19.15 2.69 4.14
C ASP A 161 -20.46 2.07 4.63
N PHE A 162 -21.40 1.89 3.72
CA PHE A 162 -22.70 1.32 4.05
C PHE A 162 -22.53 0.02 4.82
N TYR A 163 -21.40 -0.65 4.61
CA TYR A 163 -21.12 -1.91 5.27
C TYR A 163 -21.30 -1.78 6.78
N THR A 164 -21.22 -2.91 7.49
CA THR A 164 -21.37 -2.92 8.93
C THR A 164 -20.38 -3.87 9.59
N ALA A 165 -19.23 -4.07 8.92
CA ALA A 165 -18.20 -4.94 9.43
C ALA A 165 -18.75 -6.31 9.80
N GLU A 166 -17.96 -7.10 10.51
CA GLU A 166 -18.38 -8.44 10.94
C GLU A 166 -18.58 -9.35 9.73
N GLY A 167 -17.73 -10.37 9.62
CA GLY A 167 -17.81 -11.29 8.51
C GLY A 167 -18.79 -12.43 8.77
N GLU A 168 -18.31 -13.66 8.61
CA GLU A 168 -19.15 -14.84 8.83
C GLU A 168 -18.43 -15.86 9.70
N TYR A 169 -19.21 -16.68 10.40
CA TYR A 169 -18.64 -17.70 11.27
C TYR A 169 -18.06 -17.08 12.54
N ARG A 170 -18.94 -16.70 13.46
CA ARG A 170 -18.52 -16.09 14.72
C ARG A 170 -17.85 -14.74 14.47
N VAL A 171 -16.56 -14.77 14.14
CA VAL A 171 -15.81 -13.56 13.88
C VAL A 171 -16.00 -12.53 14.99
N ASP A 172 -15.57 -11.31 14.74
CA ASP A 172 -15.71 -10.23 15.72
C ASP A 172 -15.06 -10.62 17.05
N ALA A 173 -13.73 -10.59 17.09
CA ALA A 173 -13.00 -10.95 18.29
C ALA A 173 -13.11 -12.45 18.59
N ARG A 174 -12.39 -13.24 17.81
CA ARG A 174 -12.41 -14.69 17.98
C ARG A 174 -11.33 -15.13 18.96
N ALA A 175 -10.73 -14.16 19.65
CA ALA A 175 -9.69 -14.45 20.62
C ALA A 175 -9.14 -13.17 21.23
N SER A 176 -8.69 -13.26 22.49
CA SER A 176 -8.15 -12.11 23.19
C SER A 176 -7.29 -11.25 22.25
N GLU A 177 -6.64 -11.91 21.30
CA GLU A 177 -5.79 -11.20 20.34
C GLU A 177 -6.55 -10.04 19.70
N THR A 178 -7.80 -10.29 19.33
CA THR A 178 -8.63 -9.27 18.70
C THR A 178 -9.50 -8.55 19.73
N MET A 179 -9.78 -9.24 20.83
CA MET A 179 -10.60 -8.68 21.90
C MET A 179 -9.88 -7.53 22.59
N ARG A 180 -8.60 -7.74 22.88
CA ARG A 180 -7.79 -6.73 23.55
C ARG A 180 -7.30 -5.69 22.56
N ASN A 181 -7.02 -6.11 21.34
CA ASN A 181 -6.55 -5.22 20.29
C ASN A 181 -7.67 -4.32 19.79
N SER A 182 -8.85 -4.90 19.62
CA SER A 182 -10.02 -4.16 19.13
C SER A 182 -10.23 -2.90 19.97
N LEU A 183 -9.94 -2.99 21.26
CA LEU A 183 -10.10 -1.86 22.16
C LEU A 183 -9.28 -0.66 21.70
N LEU A 184 -8.14 -0.95 21.08
CA LEU A 184 -7.26 0.11 20.58
C LEU A 184 -7.06 -0.02 19.07
N TYR A 185 -7.72 -1.00 18.47
CA TYR A 185 -7.61 -1.23 17.04
C TYR A 185 -8.96 -1.05 16.35
N LYS A 186 -10.03 -1.32 17.10
CA LYS A 186 -11.39 -1.18 16.57
C LYS A 186 -11.75 0.28 16.37
N MET A 187 -11.29 1.12 17.30
CA MET A 187 -11.57 2.55 17.23
C MET A 187 -10.84 3.19 16.05
N SER A 188 -9.60 2.77 15.83
CA SER A 188 -8.81 3.31 14.72
C SER A 188 -9.27 2.73 13.39
N TYR A 189 -9.69 1.48 13.40
CA TYR A 189 -10.16 0.81 12.19
C TYR A 189 -11.63 1.11 11.95
N LYS A 190 -12.32 1.57 12.98
CA LYS A 190 -13.75 1.89 12.88
C LYS A 190 -14.00 2.84 11.71
N ASP A 191 -13.05 3.76 11.48
CA ASP A 191 -13.17 4.72 10.40
C ASP A 191 -13.27 4.02 9.05
N PHE A 192 -12.80 2.77 8.99
CA PHE A 192 -12.84 1.99 7.77
C PHE A 192 -12.40 0.55 8.02
N PRO A 193 -13.28 -0.23 8.68
CA PRO A 193 -13.01 -1.62 9.00
C PRO A 193 -12.99 -2.52 7.76
N GLN A 194 -12.12 -3.53 7.78
CA GLN A 194 -12.01 -4.45 6.64
C GLN A 194 -10.85 -5.41 6.85
N LEU A 195 -11.00 -6.33 7.79
CA LEU A 195 -9.95 -7.31 8.08
C LEU A 195 -10.54 -8.55 8.74
N PHE A 196 -11.84 -8.75 8.55
CA PHE A 196 -12.53 -9.90 9.13
C PHE A 196 -11.97 -10.23 10.52
N ASN A 197 -11.83 -9.20 11.34
CA ASN A 197 -11.31 -9.39 12.69
C ASN A 197 -12.06 -10.50 13.43
N GLY A 198 -11.46 -11.69 13.47
CA GLY A 198 -12.08 -12.81 14.14
C GLY A 198 -11.70 -14.14 13.52
N GLY A 199 -12.22 -14.39 12.33
CA GLY A 199 -11.92 -15.65 11.65
C GLY A 199 -10.46 -16.02 11.73
N GLN A 200 -9.64 -15.43 10.87
CA GLN A 200 -8.21 -15.70 10.85
C GLN A 200 -7.41 -14.45 11.16
N ALA A 201 -8.11 -13.33 11.32
CA ALA A 201 -7.46 -12.06 11.63
C ALA A 201 -6.89 -12.05 13.04
N THR A 202 -7.70 -12.50 14.00
CA THR A 202 -7.27 -12.54 15.39
C THR A 202 -5.97 -13.33 15.54
N ASP A 203 -5.76 -14.31 14.66
CA ASP A 203 -4.56 -15.12 14.70
C ASP A 203 -3.44 -14.49 13.87
N ARG A 204 -3.84 -13.77 12.82
CA ARG A 204 -2.87 -13.13 11.94
C ARG A 204 -2.41 -11.80 12.53
N VAL A 205 -3.22 -11.23 13.41
CA VAL A 205 -2.89 -9.96 14.05
C VAL A 205 -1.96 -10.17 15.24
N ARG A 206 -2.14 -11.28 15.93
CA ARG A 206 -1.30 -11.59 17.09
C ARG A 206 0.12 -11.89 16.67
N GLN A 207 0.28 -12.57 15.54
CA GLN A 207 1.61 -12.91 15.03
C GLN A 207 2.27 -11.69 14.42
N GLN A 208 1.49 -10.88 13.70
CA GLN A 208 2.01 -9.67 13.07
C GLN A 208 2.17 -8.54 14.07
N MET A 209 1.56 -8.72 15.25
CA MET A 209 1.63 -7.70 16.29
C MET A 209 3.05 -7.61 16.87
N ILE A 210 3.85 -8.65 16.62
CA ILE A 210 5.22 -8.68 17.11
C ILE A 210 6.21 -8.79 15.97
N THR A 211 6.05 -9.83 15.15
CA THR A 211 6.94 -10.05 14.02
C THR A 211 6.25 -10.90 12.95
N PRO A 212 6.43 -10.52 11.68
CA PRO A 212 5.84 -11.23 10.54
C PRO A 212 6.48 -12.59 10.32
N LEU A 213 6.33 -13.12 9.10
CA LEU A 213 6.89 -14.43 8.77
C LEU A 213 6.17 -15.54 9.51
N ASP A 214 5.39 -16.33 8.78
CA ASP A 214 4.65 -17.43 9.38
C ASP A 214 4.57 -18.62 8.43
N VAL A 215 3.58 -18.59 7.54
CA VAL A 215 3.39 -19.66 6.57
C VAL A 215 4.01 -19.29 5.22
N PRO A 216 3.50 -18.21 4.62
CA PRO A 216 3.99 -17.72 3.32
C PRO A 216 5.39 -17.14 3.40
N PRO A 217 5.99 -16.85 2.25
CA PRO A 217 7.34 -16.27 2.17
C PRO A 217 7.38 -14.83 2.66
N LEU A 218 7.37 -13.88 1.73
CA LEU A 218 7.42 -12.48 2.07
C LEU A 218 6.41 -11.68 1.25
N ASP A 219 6.42 -11.90 -0.07
CA ASP A 219 5.51 -11.21 -0.97
C ASP A 219 4.07 -11.34 -0.49
N TYR A 220 3.70 -12.55 -0.07
CA TYR A 220 2.35 -12.80 0.40
C TYR A 220 2.21 -12.44 1.88
N PHE A 221 3.32 -12.04 2.48
CA PHE A 221 3.33 -11.66 3.89
C PHE A 221 3.91 -10.26 4.07
N ASP A 222 4.11 -9.56 2.97
CA ASP A 222 4.65 -8.21 2.99
C ASP A 222 3.65 -7.19 2.48
N GLU A 223 2.59 -7.70 1.84
CA GLU A 223 1.55 -6.84 1.29
C GLU A 223 0.24 -7.01 2.04
N VAL A 224 0.08 -8.18 2.67
CA VAL A 224 -1.14 -8.47 3.43
C VAL A 224 -0.83 -8.56 4.92
N PHE A 225 0.43 -8.78 5.25
CA PHE A 225 0.85 -8.88 6.64
C PHE A 225 1.51 -7.60 7.11
N THR A 226 1.96 -6.78 6.16
CA THR A 226 2.62 -5.52 6.48
C THR A 226 1.60 -4.43 6.78
N SER A 227 0.38 -4.61 6.28
CA SER A 227 -0.68 -3.64 6.49
C SER A 227 -0.76 -3.22 7.96
N GLU A 228 -0.74 -4.22 8.85
CA GLU A 228 -0.81 -3.96 10.28
C GLU A 228 -2.00 -3.07 10.61
N ASN A 229 -2.02 -2.57 11.84
CA ASN A 229 -3.10 -1.69 12.29
C ASN A 229 -2.62 -0.74 13.38
N TRP A 230 -3.52 0.11 13.86
CA TRP A 230 -3.19 1.07 14.90
C TRP A 230 -2.69 0.36 16.17
N ASN A 231 -2.98 -0.93 16.26
CA ASN A 231 -2.56 -1.73 17.41
C ASN A 231 -1.57 -2.81 17.00
N VAL A 232 -1.46 -3.04 15.69
CA VAL A 232 -0.55 -4.04 15.17
C VAL A 232 0.67 -3.40 14.52
N ARG A 233 0.57 -2.09 14.27
CA ARG A 233 1.66 -1.36 13.63
C ARG A 233 2.59 -0.77 14.69
N ILE A 234 2.03 -0.40 15.83
CA ILE A 234 2.81 0.19 16.91
C ILE A 234 3.54 -0.90 17.70
N TYR A 235 2.92 -2.06 17.81
CA TYR A 235 3.51 -3.18 18.54
C TYR A 235 4.46 -3.98 17.65
N GLN A 236 4.35 -3.75 16.35
CA GLN A 236 5.20 -4.44 15.38
C GLN A 236 6.52 -3.70 15.19
N LEU A 237 6.49 -2.38 15.34
CA LEU A 237 7.68 -1.56 15.18
C LEU A 237 8.60 -1.70 16.39
N LYS A 238 8.00 -1.74 17.57
CA LYS A 238 8.77 -1.87 18.81
C LYS A 238 9.33 -3.29 18.96
N LYS A 239 8.54 -4.28 18.55
CA LYS A 239 8.95 -5.67 18.63
C LYS A 239 10.04 -5.97 17.61
N ASP A 240 9.97 -5.31 16.45
CA ASP A 240 10.95 -5.51 15.40
C ASP A 240 12.32 -4.96 15.80
N ASP A 241 12.31 -3.79 16.45
CA ASP A 241 13.55 -3.16 16.90
C ASP A 241 14.30 -4.06 17.88
N ALA A 242 13.55 -4.92 18.57
CA ALA A 242 14.14 -5.82 19.54
C ALA A 242 14.11 -7.26 19.03
N GLN A 243 13.60 -7.45 17.82
CA GLN A 243 13.50 -8.77 17.22
C GLN A 243 14.43 -8.89 16.01
N GLY A 244 14.26 -7.98 15.06
CA GLY A 244 15.09 -8.00 13.87
C GLY A 244 14.82 -6.81 12.97
N ARG A 245 13.60 -6.30 13.01
CA ARG A 245 13.21 -5.15 12.18
C ARG A 245 13.77 -5.30 10.75
N THR A 246 13.91 -4.17 10.07
CA THR A 246 14.42 -4.18 8.70
C THR A 246 13.35 -4.61 7.71
N LEU A 247 12.13 -4.76 8.21
CA LEU A 247 11.00 -5.18 7.37
C LEU A 247 10.75 -4.15 6.27
N ARG A 248 11.15 -2.91 6.52
CA ARG A 248 10.96 -1.83 5.55
C ARG A 248 12.18 -1.69 4.65
N ASP A 249 13.35 -2.02 5.18
CA ASP A 249 14.59 -1.93 4.42
C ASP A 249 14.89 -3.25 3.72
N VAL A 250 14.05 -4.25 3.97
CA VAL A 250 14.22 -5.56 3.35
C VAL A 250 13.33 -5.73 2.13
N GLY A 251 12.18 -5.04 2.15
CA GLY A 251 11.25 -5.12 1.04
C GLY A 251 11.57 -4.14 -0.06
N GLU A 252 12.37 -3.12 0.27
CA GLU A 252 12.76 -2.11 -0.70
C GLU A 252 14.08 -2.46 -1.37
N LEU A 253 14.95 -3.13 -0.61
CA LEU A 253 16.26 -3.53 -1.13
C LEU A 253 16.17 -4.85 -1.87
N THR A 254 15.17 -5.66 -1.53
CA THR A 254 14.97 -6.95 -2.17
C THR A 254 14.53 -6.80 -3.61
N ARG A 255 13.74 -5.76 -3.88
CA ARG A 255 13.25 -5.50 -5.22
C ARG A 255 14.40 -5.35 -6.21
N SER A 256 15.58 -5.03 -5.68
CA SER A 256 16.76 -4.85 -6.51
C SER A 256 17.46 -6.19 -6.75
N SER A 257 18.26 -6.25 -7.82
CA SER A 257 18.97 -7.47 -8.17
C SER A 257 19.82 -7.26 -9.42
N THR A 258 19.29 -6.47 -10.36
CA THR A 258 20.00 -6.19 -11.61
C THR A 258 20.96 -5.03 -11.45
N LYS A 259 21.57 -4.62 -12.55
CA LYS A 259 22.53 -3.51 -12.53
C LYS A 259 21.81 -2.18 -12.66
N THR A 260 22.09 -1.27 -11.73
CA THR A 260 21.46 0.05 -11.74
C THR A 260 22.29 1.05 -10.94
N ARG A 261 21.78 2.28 -10.83
CA ARG A 261 22.47 3.32 -10.10
C ARG A 261 21.55 4.51 -9.84
N ARG A 262 21.40 4.89 -8.57
CA ARG A 262 20.55 6.00 -8.20
C ARG A 262 20.81 7.21 -9.10
N SER A 263 22.02 7.30 -9.62
CA SER A 263 22.39 8.41 -10.50
C SER A 263 21.93 8.17 -11.92
N ILE A 264 20.64 7.87 -12.08
CA ILE A 264 20.06 7.61 -13.39
C ILE A 264 21.05 6.86 -14.28
N LYS A 265 21.04 5.52 -14.18
CA LYS A 265 21.93 4.69 -14.97
C LYS A 265 21.65 4.88 -16.46
N ARG A 266 22.69 5.27 -17.21
CA ARG A 266 22.56 5.48 -18.65
C ARG A 266 22.43 4.14 -19.38
N PRO A 267 23.43 3.26 -19.19
CA PRO A 267 23.46 1.95 -19.83
C PRO A 267 22.39 1.02 -19.26
N GLU A 268 21.46 1.57 -18.51
CA GLU A 268 20.39 0.78 -17.91
C GLU A 268 19.20 1.67 -17.53
N LEU A 269 19.07 2.81 -18.22
CA LEU A 269 17.99 3.74 -17.95
C LEU A 269 16.64 3.11 -18.29
N GLY A 270 16.10 2.34 -17.35
CA GLY A 270 14.82 1.70 -17.56
C GLY A 270 14.95 0.38 -18.30
N LEU A 271 15.84 0.34 -19.27
CA LEU A 271 16.05 -0.87 -20.05
C LEU A 271 17.25 -0.71 -21.00
N ARG A 272 18.34 -0.16 -20.47
CA ARG A 272 19.54 0.05 -21.27
C ARG A 272 19.42 1.30 -22.14
N VAL A 273 19.79 2.45 -21.58
CA VAL A 273 19.71 3.70 -22.30
C VAL A 273 18.34 3.91 -22.92
N MET A 1 -3.64 10.21 22.65
CA MET A 1 -4.17 11.54 22.95
C MET A 1 -5.47 11.45 23.73
N GLY A 2 -5.35 11.42 25.06
CA GLY A 2 -6.53 11.32 25.90
C GLY A 2 -6.93 9.90 26.20
N SER A 3 -7.77 9.72 27.21
CA SER A 3 -8.23 8.38 27.59
C SER A 3 -9.72 8.39 27.91
N SER A 4 -10.30 7.20 28.03
CA SER A 4 -11.71 7.06 28.33
C SER A 4 -12.04 5.66 28.82
N HIS A 5 -13.32 5.41 29.11
CA HIS A 5 -13.76 4.11 29.58
C HIS A 5 -15.00 3.65 28.83
N HIS A 6 -14.84 2.58 28.04
CA HIS A 6 -15.95 2.04 27.27
C HIS A 6 -15.55 0.72 26.60
N HIS A 7 -15.16 -0.25 27.42
CA HIS A 7 -14.75 -1.56 26.91
C HIS A 7 -14.51 -2.53 28.06
N HIS A 8 -14.74 -3.81 27.79
CA HIS A 8 -14.54 -4.85 28.80
C HIS A 8 -14.75 -6.24 28.20
N HIS A 9 -14.29 -6.41 26.96
CA HIS A 9 -14.42 -7.69 26.28
C HIS A 9 -13.80 -7.63 24.88
N HIS A 10 -13.10 -8.69 24.50
CA HIS A 10 -12.45 -8.76 23.19
C HIS A 10 -12.42 -10.19 22.67
N SER A 11 -13.06 -10.42 21.54
CA SER A 11 -13.10 -11.75 20.94
C SER A 11 -12.80 -11.68 19.44
N SER A 12 -13.56 -10.86 18.72
CA SER A 12 -13.37 -10.72 17.28
C SER A 12 -14.44 -9.79 16.69
N GLY A 13 -14.11 -8.51 16.58
CA GLY A 13 -15.04 -7.54 16.03
C GLY A 13 -14.50 -6.85 14.79
N LEU A 14 -15.23 -5.85 14.32
CA LEU A 14 -14.81 -5.11 13.14
C LEU A 14 -15.69 -3.87 12.94
N VAL A 15 -15.16 -2.89 12.22
CA VAL A 15 -15.90 -1.66 11.94
C VAL A 15 -15.21 -0.82 10.89
N PRO A 16 -15.88 -0.60 9.75
CA PRO A 16 -15.35 0.19 8.64
C PRO A 16 -15.25 1.66 8.97
N ARG A 17 -15.04 2.49 7.94
CA ARG A 17 -14.93 3.93 8.13
C ARG A 17 -14.63 4.63 6.81
N GLY A 18 -14.49 5.95 6.86
CA GLY A 18 -14.21 6.71 5.66
C GLY A 18 -14.15 8.21 5.93
N SER A 19 -13.16 8.87 5.34
CA SER A 19 -13.00 10.31 5.51
C SER A 19 -12.11 10.90 4.43
N HIS A 20 -11.04 10.17 4.09
CA HIS A 20 -10.10 10.61 3.07
C HIS A 20 -10.83 10.96 1.78
N SER A 21 -10.09 11.47 0.80
CA SER A 21 -10.67 11.85 -0.48
C SER A 21 -9.95 11.14 -1.63
N THR A 22 -8.69 11.51 -1.84
CA THR A 22 -7.89 10.91 -2.91
C THR A 22 -7.91 9.39 -2.82
N TRP A 23 -8.20 8.86 -1.64
CA TRP A 23 -8.24 7.43 -1.42
C TRP A 23 -9.43 6.81 -2.15
N VAL A 24 -10.47 7.61 -2.37
CA VAL A 24 -11.66 7.14 -3.07
C VAL A 24 -11.94 7.98 -4.31
N THR A 25 -11.21 9.08 -4.45
CA THR A 25 -11.38 9.96 -5.60
C THR A 25 -10.19 9.85 -6.55
N ARG A 26 -9.02 9.55 -6.01
CA ARG A 26 -7.82 9.41 -6.81
C ARG A 26 -7.54 7.94 -7.12
N THR A 27 -8.15 7.05 -6.35
CA THR A 27 -7.96 5.62 -6.54
C THR A 27 -8.64 5.14 -7.83
N ALA A 28 -9.77 5.76 -8.16
CA ALA A 28 -10.51 5.40 -9.36
C ALA A 28 -10.11 6.28 -10.54
N TYR A 29 -9.11 7.12 -10.32
CA TYR A 29 -8.62 8.03 -11.37
C TYR A 29 -8.92 7.45 -12.75
N SER A 30 -8.37 6.27 -13.03
CA SER A 30 -8.57 5.62 -14.32
C SER A 30 -8.27 4.13 -14.22
N SER A 31 -8.48 3.43 -15.33
CA SER A 31 -8.23 1.98 -15.37
C SER A 31 -7.01 1.67 -16.22
N PRO A 32 -5.83 1.67 -15.58
CA PRO A 32 -4.56 1.38 -16.25
C PRO A 32 -4.45 -0.09 -16.68
N SER A 33 -3.90 -0.91 -15.79
CA SER A 33 -3.72 -2.33 -16.06
C SER A 33 -2.85 -2.99 -15.01
N VAL A 34 -1.69 -2.39 -14.75
CA VAL A 34 -0.75 -2.92 -13.77
C VAL A 34 -0.75 -4.44 -13.78
N VAL A 35 -0.23 -5.02 -14.85
CA VAL A 35 -0.16 -6.47 -14.98
C VAL A 35 1.17 -6.91 -15.56
N LEU A 36 1.37 -6.67 -16.85
CA LEU A 36 2.60 -7.04 -17.53
C LEU A 36 2.61 -6.52 -18.96
N PRO A 37 1.60 -6.93 -19.75
CA PRO A 37 1.47 -6.52 -21.16
C PRO A 37 1.11 -5.05 -21.29
N SER A 38 0.81 -4.41 -20.17
CA SER A 38 0.45 -3.00 -20.16
C SER A 38 0.38 -2.45 -18.74
N GLN A 39 1.29 -2.94 -17.89
CA GLN A 39 1.34 -2.50 -16.49
C GLN A 39 1.73 -1.04 -16.40
N THR A 40 0.95 -0.27 -15.64
CA THR A 40 1.21 1.15 -15.46
C THR A 40 0.10 1.82 -14.65
N PRO A 41 0.16 1.63 -13.33
CA PRO A 41 -0.84 2.21 -12.41
C PRO A 41 -0.71 3.73 -12.30
N ASP A 42 -1.52 4.44 -13.07
CA ASP A 42 -1.50 5.90 -13.05
C ASP A 42 -2.73 6.46 -12.33
N GLY A 43 -3.67 5.57 -12.02
CA GLY A 43 -4.88 6.00 -11.33
C GLY A 43 -4.96 5.47 -9.92
N LYS A 44 -3.84 4.98 -9.41
CA LYS A 44 -3.78 4.43 -8.06
C LYS A 44 -3.29 5.47 -7.07
N LEU A 45 -4.21 6.30 -6.58
CA LEU A 45 -3.87 7.35 -5.63
C LEU A 45 -2.91 8.36 -6.25
N ALA A 46 -3.45 9.25 -7.07
CA ALA A 46 -2.66 10.28 -7.73
C ALA A 46 -2.01 11.21 -6.70
N LEU A 47 -2.66 11.34 -5.55
CA LEU A 47 -2.16 12.21 -4.49
C LEU A 47 -1.09 11.49 -3.66
N ILE A 48 -1.32 10.21 -3.41
CA ILE A 48 -0.38 9.41 -2.63
C ILE A 48 0.81 8.99 -3.47
N ASP A 49 0.57 8.82 -4.78
CA ASP A 49 1.63 8.41 -5.69
C ASP A 49 2.74 9.47 -5.74
N ASP A 50 2.36 10.72 -5.91
CA ASP A 50 3.32 11.82 -5.98
C ASP A 50 4.00 12.01 -4.63
N PHE A 51 3.44 11.40 -3.59
CA PHE A 51 4.00 11.51 -2.25
C PHE A 51 4.74 10.24 -1.86
N ARG A 52 4.56 9.19 -2.66
CA ARG A 52 5.21 7.92 -2.40
C ARG A 52 6.63 7.90 -2.95
N GLU A 53 6.78 8.36 -4.19
CA GLU A 53 8.09 8.40 -4.84
C GLU A 53 8.94 9.54 -4.28
N ALA A 54 8.32 10.70 -4.13
CA ALA A 54 9.02 11.87 -3.60
C ALA A 54 9.56 11.60 -2.20
N TYR A 55 9.05 10.55 -1.57
CA TYR A 55 9.48 10.19 -0.22
C TYR A 55 10.61 9.15 -0.27
N TYR A 56 10.49 8.22 -1.20
CA TYR A 56 11.49 7.17 -1.36
C TYR A 56 12.51 7.53 -2.43
N TRP A 57 12.37 8.72 -3.00
CA TRP A 57 13.28 9.20 -4.04
C TRP A 57 14.29 10.18 -3.47
N LEU A 58 13.85 10.99 -2.51
CA LEU A 58 14.72 11.98 -1.89
C LEU A 58 15.54 11.35 -0.77
N ARG A 59 15.08 10.22 -0.27
CA ARG A 59 15.78 9.51 0.80
C ARG A 59 17.01 8.78 0.26
N MET A 60 16.81 8.04 -0.82
CA MET A 60 17.90 7.29 -1.43
C MET A 60 18.46 8.03 -2.65
N ASN A 61 17.84 9.17 -2.96
CA ASN A 61 18.28 9.98 -4.10
C ASN A 61 17.91 9.31 -5.41
N SER A 62 18.61 8.23 -5.75
CA SER A 62 18.36 7.50 -6.98
C SER A 62 19.25 6.27 -7.08
N ASP A 63 19.90 6.11 -8.23
CA ASP A 63 20.79 4.97 -8.44
C ASP A 63 20.00 3.75 -8.86
N GLU A 64 19.60 3.69 -10.13
CA GLU A 64 18.84 2.57 -10.65
C GLU A 64 17.43 2.56 -10.07
N ASP A 65 16.76 3.70 -10.16
CA ASP A 65 15.40 3.81 -9.64
C ASP A 65 15.38 3.76 -8.12
N SER A 66 16.57 3.89 -7.51
CA SER A 66 16.69 3.85 -6.06
C SER A 66 16.18 2.54 -5.51
N LYS A 67 17.09 1.62 -5.20
CA LYS A 67 16.72 0.32 -4.66
C LYS A 67 15.58 0.45 -3.65
N VAL A 68 15.87 1.07 -2.51
CA VAL A 68 14.87 1.26 -1.47
C VAL A 68 13.58 1.84 -2.05
N ALA A 69 13.72 2.69 -3.05
CA ALA A 69 12.56 3.31 -3.69
C ALA A 69 11.74 2.28 -4.46
N ALA A 70 12.41 1.23 -4.92
CA ALA A 70 11.73 0.17 -5.68
C ALA A 70 10.43 -0.24 -4.99
N TRP A 71 10.48 -0.36 -3.67
CA TRP A 71 9.30 -0.74 -2.90
C TRP A 71 8.14 0.20 -3.16
N TRP A 72 8.44 1.50 -3.19
CA TRP A 72 7.42 2.52 -3.43
C TRP A 72 7.42 2.95 -4.89
N ASP A 73 8.33 2.38 -5.68
CA ASP A 73 8.44 2.72 -7.09
C ASP A 73 7.10 2.58 -7.79
N TYR A 74 6.28 1.65 -7.30
CA TYR A 74 4.97 1.41 -7.88
C TYR A 74 4.26 2.73 -8.21
N GLY A 75 4.43 3.71 -7.33
CA GLY A 75 3.81 5.00 -7.54
C GLY A 75 4.69 5.94 -8.35
N TYR A 76 5.99 5.82 -8.18
CA TYR A 76 6.95 6.66 -8.89
C TYR A 76 6.57 6.78 -10.37
N GLN A 77 6.05 5.70 -10.93
CA GLN A 77 5.65 5.68 -12.32
C GLN A 77 4.91 6.96 -12.70
N ILE A 78 4.22 7.55 -11.72
CA ILE A 78 3.48 8.78 -11.95
C ILE A 78 3.55 9.70 -10.74
N GLY A 79 4.32 9.29 -9.74
CA GLY A 79 4.47 10.09 -8.54
C GLY A 79 5.76 10.89 -8.52
N GLY A 80 6.31 11.08 -7.34
CA GLY A 80 7.56 11.83 -7.20
C GLY A 80 7.32 13.33 -7.10
N MET A 81 6.05 13.71 -7.01
CA MET A 81 5.70 15.13 -6.90
C MET A 81 5.78 15.82 -8.26
N ALA A 82 6.77 15.42 -9.07
CA ALA A 82 6.94 16.00 -10.39
C ALA A 82 8.04 15.26 -11.16
N ASP A 83 8.06 13.93 -11.02
CA ASP A 83 9.05 13.12 -11.70
C ASP A 83 8.37 12.02 -12.53
N ARG A 84 7.05 12.08 -12.62
CA ARG A 84 6.28 11.09 -13.37
C ARG A 84 6.83 10.95 -14.78
N THR A 85 7.39 12.02 -15.31
CA THR A 85 7.95 12.01 -16.66
C THR A 85 9.40 11.55 -16.65
N THR A 86 10.04 11.62 -15.48
CA THR A 86 11.43 11.21 -15.35
C THR A 86 11.54 9.69 -15.30
N LEU A 87 10.56 9.05 -14.67
CA LEU A 87 10.55 7.59 -14.55
C LEU A 87 10.69 6.93 -15.92
N VAL A 88 10.34 7.69 -16.97
CA VAL A 88 10.41 7.18 -18.33
C VAL A 88 11.72 6.45 -18.58
N ASP A 89 12.79 6.95 -17.96
CA ASP A 89 14.11 6.34 -18.11
C ASP A 89 14.31 5.23 -17.09
N ASN A 90 13.74 5.41 -15.91
CA ASN A 90 13.85 4.41 -14.85
C ASN A 90 12.86 3.27 -15.06
N ASN A 91 12.05 3.37 -16.11
CA ASN A 91 11.06 2.35 -16.42
C ASN A 91 11.71 0.96 -16.47
N THR A 92 13.01 0.94 -16.73
CA THR A 92 13.75 -0.32 -16.81
C THR A 92 13.67 -1.08 -15.48
N TRP A 93 13.83 -0.36 -14.38
CA TRP A 93 13.77 -0.97 -13.06
C TRP A 93 12.38 -0.84 -12.46
N ASN A 94 11.61 0.10 -12.97
CA ASN A 94 10.25 0.33 -12.48
C ASN A 94 9.28 -0.68 -13.09
N ASN A 95 9.51 -1.03 -14.35
CA ASN A 95 8.64 -1.98 -15.04
C ASN A 95 8.77 -3.37 -14.44
N THR A 96 9.99 -3.72 -14.02
CA THR A 96 10.25 -5.03 -13.42
C THR A 96 9.58 -5.14 -12.06
N HIS A 97 9.56 -4.04 -11.32
CA HIS A 97 8.96 -4.02 -9.99
C HIS A 97 7.44 -3.96 -10.09
N ILE A 98 6.94 -3.37 -11.18
CA ILE A 98 5.50 -3.24 -11.39
C ILE A 98 4.94 -4.48 -12.08
N ALA A 99 5.79 -5.16 -12.85
CA ALA A 99 5.38 -6.37 -13.56
C ALA A 99 5.30 -7.57 -12.61
N ILE A 100 6.25 -7.65 -11.69
CA ILE A 100 6.29 -8.74 -10.73
C ILE A 100 4.97 -8.86 -9.97
N VAL A 101 4.47 -7.72 -9.47
CA VAL A 101 3.21 -7.69 -8.73
C VAL A 101 2.03 -7.89 -9.67
N GLY A 102 2.21 -7.52 -10.93
CA GLY A 102 1.13 -7.66 -11.90
C GLY A 102 1.03 -9.07 -12.45
N LYS A 103 2.08 -9.86 -12.24
CA LYS A 103 2.10 -11.24 -12.72
C LYS A 103 1.43 -12.18 -11.72
N ALA A 104 1.68 -11.92 -10.43
CA ALA A 104 1.10 -12.75 -9.37
C ALA A 104 -0.41 -12.85 -9.52
N ASN A 105 -1.07 -11.71 -9.64
CA ASN A 105 -2.53 -11.68 -9.80
C ASN A 105 -2.96 -12.52 -11.00
N ALA A 106 -2.28 -12.32 -12.12
CA ALA A 106 -2.60 -13.06 -13.34
C ALA A 106 -2.36 -14.56 -13.15
N SER A 107 -1.42 -14.90 -12.28
CA SER A 107 -1.08 -16.29 -12.01
C SER A 107 -2.28 -17.03 -11.43
N PRO A 108 -2.20 -18.37 -11.41
CA PRO A 108 -3.26 -19.23 -10.89
C PRO A 108 -3.40 -19.12 -9.38
N GLU A 109 -4.28 -18.21 -8.93
CA GLU A 109 -4.51 -18.01 -7.51
C GLU A 109 -5.50 -16.89 -7.27
N GLU A 110 -5.04 -15.64 -7.41
CA GLU A 110 -5.88 -14.48 -7.21
C GLU A 110 -6.61 -14.12 -8.50
N LYS A 111 -6.01 -14.46 -9.64
CA LYS A 111 -6.60 -14.17 -10.94
C LYS A 111 -6.60 -12.66 -11.21
N SER A 112 -6.09 -12.28 -12.38
CA SER A 112 -6.04 -10.88 -12.75
C SER A 112 -7.38 -10.19 -12.53
N TYR A 113 -7.49 -9.48 -11.41
CA TYR A 113 -8.72 -8.77 -11.07
C TYR A 113 -8.44 -7.35 -10.64
N GLU A 114 -9.44 -6.69 -10.07
CA GLU A 114 -9.30 -5.31 -9.62
C GLU A 114 -8.51 -5.26 -8.31
N ILE A 115 -8.26 -6.42 -7.72
CA ILE A 115 -7.52 -6.50 -6.47
C ILE A 115 -6.17 -5.78 -6.58
N LEU A 116 -5.68 -5.67 -7.80
CA LEU A 116 -4.40 -5.00 -8.05
C LEU A 116 -4.48 -3.52 -7.66
N LYS A 117 -5.58 -2.87 -8.04
CA LYS A 117 -5.78 -1.46 -7.73
C LYS A 117 -6.12 -1.27 -6.26
N GLU A 118 -6.78 -2.26 -5.67
CA GLU A 118 -7.16 -2.20 -4.26
C GLU A 118 -5.99 -2.54 -3.36
N HIS A 119 -4.93 -3.09 -3.96
CA HIS A 119 -3.74 -3.46 -3.21
C HIS A 119 -2.71 -2.34 -3.24
N ASP A 120 -2.60 -1.66 -4.38
CA ASP A 120 -1.66 -0.56 -4.53
C ASP A 120 -2.25 0.75 -4.01
N VAL A 121 -3.48 0.67 -3.51
CA VAL A 121 -4.16 1.85 -2.98
C VAL A 121 -4.52 1.65 -1.51
N ASP A 122 -4.50 0.41 -1.07
CA ASP A 122 -4.82 0.09 0.32
C ASP A 122 -3.59 -0.41 1.07
N TYR A 123 -2.62 -0.92 0.32
CA TYR A 123 -1.40 -1.44 0.91
C TYR A 123 -0.21 -0.52 0.61
N VAL A 124 -0.50 0.58 -0.07
CA VAL A 124 0.54 1.55 -0.43
C VAL A 124 0.52 2.74 0.53
N LEU A 125 -0.68 3.12 0.97
CA LEU A 125 -0.83 4.25 1.89
C LEU A 125 -0.52 3.83 3.32
N VAL A 126 -0.79 2.56 3.63
CA VAL A 126 -0.53 2.03 4.96
C VAL A 126 0.95 2.04 5.29
N ILE A 127 1.77 1.62 4.32
CA ILE A 127 3.22 1.58 4.51
C ILE A 127 3.77 2.96 4.81
N PHE A 128 3.17 3.98 4.19
CA PHE A 128 3.60 5.37 4.39
C PHE A 128 3.19 5.86 5.77
N GLY A 129 2.02 5.44 6.23
CA GLY A 129 1.53 5.86 7.53
C GLY A 129 2.47 5.44 8.66
N GLY A 130 2.97 4.22 8.58
CA GLY A 130 3.87 3.72 9.60
C GLY A 130 5.33 3.93 9.25
N LEU A 131 5.61 3.99 7.94
CA LEU A 131 6.98 4.19 7.47
C LEU A 131 7.78 2.90 7.56
N ILE A 132 7.50 2.10 8.58
CA ILE A 132 8.19 0.84 8.78
C ILE A 132 7.66 0.09 10.00
N GLY A 133 6.38 0.30 10.30
CA GLY A 133 5.76 -0.35 11.44
C GLY A 133 6.12 0.31 12.75
N PHE A 134 6.18 1.64 12.74
CA PHE A 134 6.52 2.39 13.94
C PHE A 134 5.91 3.80 13.90
N GLY A 135 6.20 4.52 12.82
CA GLY A 135 5.66 5.87 12.66
C GLY A 135 6.35 6.64 11.55
N GLY A 136 5.70 7.70 11.09
CA GLY A 136 6.27 8.51 10.02
C GLY A 136 7.08 9.67 10.54
N ASP A 137 7.77 9.46 11.67
CA ASP A 137 8.58 10.51 12.27
C ASP A 137 9.59 11.05 11.27
N ASP A 138 9.96 10.23 10.29
CA ASP A 138 10.92 10.62 9.28
C ASP A 138 10.52 11.94 8.62
N ILE A 139 9.31 11.99 8.09
CA ILE A 139 8.80 13.19 7.45
C ILE A 139 9.64 13.55 6.23
N ASN A 140 9.08 13.36 5.04
CA ASN A 140 9.78 13.67 3.80
C ASN A 140 8.82 14.29 2.77
N LYS A 141 8.34 15.49 3.07
CA LYS A 141 7.41 16.19 2.18
C LYS A 141 8.18 16.96 1.11
N PHE A 142 8.71 16.24 0.12
CA PHE A 142 9.45 16.85 -0.96
C PHE A 142 8.74 18.08 -1.50
N LEU A 143 7.49 17.90 -1.91
CA LEU A 143 6.69 19.00 -2.44
C LEU A 143 5.29 18.52 -2.81
N TRP A 144 5.11 18.11 -4.06
CA TRP A 144 3.82 17.62 -4.54
C TRP A 144 2.68 18.49 -3.98
N ASN A 145 2.42 19.60 -4.65
CA ASN A 145 1.36 20.51 -4.22
C ASN A 145 0.00 19.80 -4.22
N ILE A 146 -1.05 20.58 -4.05
CA ILE A 146 -2.41 20.03 -4.05
C ILE A 146 -2.57 18.98 -2.95
N ARG A 147 -3.07 19.41 -1.80
CA ARG A 147 -3.27 18.51 -0.66
C ARG A 147 -4.70 18.59 -0.15
N ILE A 148 -5.25 17.46 0.27
CA ILE A 148 -6.60 17.41 0.79
C ILE A 148 -7.60 17.87 -0.26
N SER A 149 -8.27 16.91 -0.90
CA SER A 149 -9.25 17.22 -1.93
C SER A 149 -10.67 17.09 -1.39
N GLU A 150 -11.00 17.95 -0.42
CA GLU A 150 -12.33 17.93 0.19
C GLU A 150 -13.42 17.82 -0.87
N GLY A 151 -14.02 16.64 -0.98
CA GLY A 151 -15.07 16.42 -1.96
C GLY A 151 -15.36 14.95 -2.18
N ILE A 152 -16.06 14.34 -1.23
CA ILE A 152 -16.40 12.92 -1.32
C ILE A 152 -17.36 12.66 -2.47
N TRP A 153 -17.07 11.65 -3.27
CA TRP A 153 -17.92 11.30 -4.42
C TRP A 153 -18.90 10.19 -4.04
N PRO A 154 -19.96 10.04 -4.85
CA PRO A 154 -20.98 9.02 -4.63
C PRO A 154 -20.46 7.61 -4.88
N GLU A 155 -19.23 7.52 -5.36
CA GLU A 155 -18.62 6.22 -5.64
C GLU A 155 -18.04 5.61 -4.37
N GLU A 156 -17.50 6.46 -3.50
CA GLU A 156 -16.92 5.99 -2.25
C GLU A 156 -18.00 5.55 -1.27
N ILE A 157 -19.16 6.19 -1.34
CA ILE A 157 -20.27 5.86 -0.46
C ILE A 157 -20.98 4.60 -0.93
N LYS A 158 -20.98 4.37 -2.24
CA LYS A 158 -21.61 3.19 -2.82
C LYS A 158 -20.73 1.95 -2.64
N GLU A 159 -19.42 2.17 -2.58
CA GLU A 159 -18.47 1.08 -2.42
C GLU A 159 -18.35 0.68 -0.95
N ARG A 160 -18.59 1.64 -0.06
CA ARG A 160 -18.51 1.38 1.38
C ARG A 160 -19.83 0.82 1.90
N ASP A 161 -20.91 1.09 1.18
CA ASP A 161 -22.22 0.60 1.57
C ASP A 161 -22.57 -0.69 0.84
N PHE A 162 -21.86 -0.97 -0.24
CA PHE A 162 -22.08 -2.17 -1.02
C PHE A 162 -21.93 -3.42 -0.16
N TYR A 163 -21.20 -3.30 0.94
CA TYR A 163 -20.97 -4.41 1.84
C TYR A 163 -21.59 -4.13 3.21
N THR A 164 -22.31 -5.12 3.74
CA THR A 164 -22.96 -4.98 5.05
C THR A 164 -22.54 -6.11 5.98
N ALA A 165 -21.35 -6.66 5.76
CA ALA A 165 -20.83 -7.74 6.59
C ALA A 165 -21.81 -8.91 6.63
N GLU A 166 -21.55 -9.87 7.51
CA GLU A 166 -22.41 -11.04 7.65
C GLU A 166 -23.73 -10.67 8.32
N GLY A 167 -23.67 -10.44 9.63
CA GLY A 167 -24.87 -10.08 10.36
C GLY A 167 -25.93 -11.16 10.31
N GLU A 168 -26.00 -11.99 11.35
CA GLU A 168 -26.97 -13.07 11.41
C GLU A 168 -27.39 -13.35 12.85
N TYR A 169 -26.50 -13.98 13.61
CA TYR A 169 -26.77 -14.31 14.99
C TYR A 169 -25.46 -14.46 15.78
N ARG A 170 -24.59 -15.34 15.30
CA ARG A 170 -23.31 -15.58 15.96
C ARG A 170 -22.26 -14.59 15.48
N VAL A 171 -21.02 -14.77 15.94
CA VAL A 171 -19.93 -13.89 15.55
C VAL A 171 -20.40 -12.44 15.41
N ASP A 172 -20.75 -12.07 14.18
CA ASP A 172 -21.23 -10.72 13.91
C ASP A 172 -20.42 -9.69 14.71
N ALA A 173 -19.12 -9.89 14.77
CA ALA A 173 -18.23 -8.99 15.50
C ALA A 173 -18.49 -9.07 17.00
N ARG A 174 -17.41 -9.08 17.78
CA ARG A 174 -17.51 -9.15 19.23
C ARG A 174 -17.09 -7.84 19.88
N ALA A 175 -15.78 -7.64 20.01
CA ALA A 175 -15.25 -6.43 20.61
C ALA A 175 -13.72 -6.47 20.66
N SER A 176 -13.12 -7.15 19.69
CA SER A 176 -11.68 -7.26 19.63
C SER A 176 -11.10 -6.37 18.53
N GLU A 177 -11.12 -6.86 17.30
CA GLU A 177 -10.61 -6.11 16.16
C GLU A 177 -11.34 -4.78 16.02
N THR A 178 -12.58 -4.73 16.48
CA THR A 178 -13.38 -3.51 16.40
C THR A 178 -13.00 -2.54 17.51
N MET A 179 -12.09 -2.96 18.39
CA MET A 179 -11.63 -2.12 19.48
C MET A 179 -10.11 -1.98 19.46
N ARG A 180 -9.45 -2.87 18.73
CA ARG A 180 -7.99 -2.85 18.64
C ARG A 180 -7.55 -2.65 17.19
N ASN A 181 -8.45 -2.94 16.26
CA ASN A 181 -8.15 -2.79 14.83
C ASN A 181 -9.00 -1.69 14.21
N SER A 182 -10.14 -1.40 14.84
CA SER A 182 -11.05 -0.37 14.34
C SER A 182 -10.62 1.01 14.82
N LEU A 183 -9.50 1.06 15.54
CA LEU A 183 -8.98 2.32 16.06
C LEU A 183 -7.61 2.61 15.48
N LEU A 184 -6.89 1.57 15.10
CA LEU A 184 -5.55 1.71 14.53
C LEU A 184 -5.49 1.12 13.13
N TYR A 185 -6.38 0.16 12.85
CA TYR A 185 -6.42 -0.48 11.54
C TYR A 185 -7.62 0.01 10.74
N LYS A 186 -8.49 0.78 11.38
CA LYS A 186 -9.67 1.31 10.73
C LYS A 186 -9.33 2.54 9.88
N MET A 187 -8.51 3.41 10.43
CA MET A 187 -8.09 4.62 9.72
C MET A 187 -7.33 4.27 8.44
N SER A 188 -6.52 3.21 8.50
CA SER A 188 -5.75 2.77 7.35
C SER A 188 -6.57 1.84 6.47
N TYR A 189 -7.67 1.33 7.01
CA TYR A 189 -8.54 0.42 6.27
C TYR A 189 -9.66 1.19 5.58
N LYS A 190 -10.10 2.27 6.21
CA LYS A 190 -11.18 3.09 5.66
C LYS A 190 -10.91 3.42 4.20
N ASP A 191 -9.63 3.60 3.85
CA ASP A 191 -9.24 3.92 2.49
C ASP A 191 -9.98 3.04 1.49
N PHE A 192 -10.21 1.78 1.88
CA PHE A 192 -10.90 0.84 1.01
C PHE A 192 -11.60 -0.24 1.84
N PRO A 193 -12.93 -0.33 1.70
CA PRO A 193 -13.73 -1.31 2.43
C PRO A 193 -13.50 -2.74 1.94
N GLN A 194 -12.38 -3.33 2.37
CA GLN A 194 -12.05 -4.68 1.97
C GLN A 194 -10.66 -5.08 2.49
N LEU A 195 -10.64 -5.89 3.54
CA LEU A 195 -9.38 -6.33 4.14
C LEU A 195 -9.64 -7.34 5.27
N PHE A 196 -10.72 -8.10 5.14
CA PHE A 196 -11.08 -9.09 6.14
C PHE A 196 -11.41 -8.43 7.47
N ASN A 197 -12.70 -8.32 7.76
CA ASN A 197 -13.15 -7.71 9.01
C ASN A 197 -14.50 -8.28 9.44
N GLY A 198 -14.53 -8.86 10.64
CA GLY A 198 -15.76 -9.43 11.15
C GLY A 198 -15.52 -10.36 12.33
N GLY A 199 -16.38 -11.36 12.49
CA GLY A 199 -16.25 -12.29 13.59
C GLY A 199 -15.10 -13.26 13.39
N GLN A 200 -14.94 -13.73 12.15
CA GLN A 200 -13.87 -14.67 11.83
C GLN A 200 -12.65 -13.94 11.26
N ALA A 201 -12.84 -12.68 10.91
CA ALA A 201 -11.76 -11.87 10.36
C ALA A 201 -10.71 -11.57 11.42
N THR A 202 -11.15 -11.15 12.58
CA THR A 202 -10.25 -10.82 13.68
C THR A 202 -9.18 -11.89 13.84
N ASP A 203 -9.60 -13.15 13.86
CA ASP A 203 -8.67 -14.26 14.00
C ASP A 203 -7.79 -14.40 12.76
N ARG A 204 -8.37 -14.14 11.59
CA ARG A 204 -7.63 -14.25 10.34
C ARG A 204 -6.85 -12.96 10.07
N VAL A 205 -6.98 -12.00 10.97
CA VAL A 205 -6.27 -10.73 10.83
C VAL A 205 -5.04 -10.68 11.73
N ARG A 206 -5.08 -11.42 12.83
CA ARG A 206 -3.97 -11.46 13.77
C ARG A 206 -3.13 -12.72 13.57
N GLN A 207 -3.64 -13.63 12.76
CA GLN A 207 -2.94 -14.88 12.49
C GLN A 207 -2.28 -14.85 11.11
N GLN A 208 -2.77 -13.96 10.24
CA GLN A 208 -2.23 -13.83 8.90
C GLN A 208 -1.34 -12.60 8.79
N MET A 209 -1.34 -11.77 9.82
CA MET A 209 -0.54 -10.55 9.83
C MET A 209 0.90 -10.87 10.22
N ILE A 210 1.12 -12.05 10.80
CA ILE A 210 2.44 -12.47 11.22
C ILE A 210 3.37 -12.63 10.01
N THR A 211 3.22 -13.75 9.30
CA THR A 211 4.04 -14.02 8.13
C THR A 211 3.25 -14.79 7.08
N PRO A 212 3.55 -14.51 5.80
CA PRO A 212 2.87 -15.17 4.67
C PRO A 212 3.26 -16.64 4.54
N LEU A 213 4.28 -16.91 3.74
CA LEU A 213 4.74 -18.28 3.53
C LEU A 213 3.61 -19.16 2.98
N ASP A 214 3.10 -18.79 1.81
CA ASP A 214 2.03 -19.55 1.18
C ASP A 214 1.74 -19.02 -0.22
N VAL A 215 0.81 -19.68 -0.92
CA VAL A 215 0.46 -19.28 -2.27
C VAL A 215 1.69 -19.04 -3.13
N PRO A 216 1.64 -19.48 -4.39
CA PRO A 216 2.75 -19.33 -5.34
C PRO A 216 2.96 -17.87 -5.75
N PRO A 217 1.87 -17.09 -5.74
CA PRO A 217 1.91 -15.66 -6.10
C PRO A 217 2.65 -14.82 -5.07
N LEU A 218 3.93 -15.12 -4.87
CA LEU A 218 4.76 -14.39 -3.91
C LEU A 218 4.66 -12.90 -4.15
N ASP A 219 4.58 -12.50 -5.42
CA ASP A 219 4.49 -11.09 -5.78
C ASP A 219 3.25 -10.46 -5.15
N TYR A 220 2.13 -11.16 -5.22
CA TYR A 220 0.88 -10.67 -4.66
C TYR A 220 0.83 -10.90 -3.15
N PHE A 221 1.49 -11.96 -2.69
CA PHE A 221 1.51 -12.29 -1.28
C PHE A 221 2.65 -11.55 -0.57
N ASP A 222 3.36 -10.73 -1.33
CA ASP A 222 4.48 -9.96 -0.77
C ASP A 222 4.12 -8.48 -0.66
N GLU A 223 3.25 -8.03 -1.55
CA GLU A 223 2.81 -6.63 -1.56
C GLU A 223 1.44 -6.48 -0.93
N VAL A 224 0.83 -7.61 -0.57
CA VAL A 224 -0.49 -7.61 0.05
C VAL A 224 -0.44 -8.18 1.46
N PHE A 225 0.53 -9.06 1.70
CA PHE A 225 0.68 -9.68 3.01
C PHE A 225 1.76 -8.96 3.83
N THR A 226 2.46 -8.04 3.19
CA THR A 226 3.51 -7.29 3.86
C THR A 226 3.06 -5.87 4.18
N SER A 227 2.06 -5.39 3.45
CA SER A 227 1.52 -4.05 3.65
C SER A 227 0.02 -4.10 3.92
N GLU A 228 -0.52 -5.31 4.06
CA GLU A 228 -1.93 -5.49 4.32
C GLU A 228 -2.55 -4.22 4.89
N ASN A 229 -2.14 -3.85 6.10
CA ASN A 229 -2.65 -2.67 6.77
C ASN A 229 -1.90 -2.41 8.07
N TRP A 230 -2.40 -1.46 8.85
CA TRP A 230 -1.79 -1.12 10.14
C TRP A 230 -1.48 -2.37 10.95
N ASN A 231 -2.31 -3.40 10.76
CA ASN A 231 -2.12 -4.66 11.47
C ASN A 231 -0.89 -5.40 10.96
N VAL A 232 -0.68 -5.35 9.66
CA VAL A 232 0.45 -6.02 9.03
C VAL A 232 1.70 -5.13 9.06
N ARG A 233 1.48 -3.82 9.11
CA ARG A 233 2.58 -2.87 9.13
C ARG A 233 3.32 -2.94 10.46
N ILE A 234 2.59 -3.17 11.54
CA ILE A 234 3.19 -3.27 12.86
C ILE A 234 3.72 -4.68 13.12
N TYR A 235 3.05 -5.68 12.56
CA TYR A 235 3.45 -7.06 12.73
C TYR A 235 4.66 -7.38 11.86
N GLN A 236 4.73 -6.75 10.69
CA GLN A 236 5.84 -6.98 9.77
C GLN A 236 7.15 -6.47 10.36
N LEU A 237 7.09 -5.33 11.04
CA LEU A 237 8.28 -4.74 11.65
C LEU A 237 8.80 -5.62 12.77
N LYS A 238 7.88 -6.13 13.60
CA LYS A 238 8.25 -6.99 14.71
C LYS A 238 8.61 -8.38 14.22
N LYS A 239 7.95 -8.83 13.16
CA LYS A 239 8.20 -10.15 12.60
C LYS A 239 9.45 -10.14 11.73
N ASP A 240 9.81 -8.96 11.24
CA ASP A 240 10.99 -8.81 10.39
C ASP A 240 12.28 -8.94 11.21
N ASP A 241 12.28 -8.32 12.39
CA ASP A 241 13.44 -8.35 13.27
C ASP A 241 13.51 -9.70 14.00
N ALA A 242 12.38 -10.37 14.11
CA ALA A 242 12.31 -11.65 14.78
C ALA A 242 12.21 -12.80 13.78
N GLN A 243 11.02 -12.99 13.23
CA GLN A 243 10.79 -14.05 12.26
C GLN A 243 11.84 -14.01 11.15
N GLY A 244 11.94 -12.87 10.47
CA GLY A 244 12.91 -12.73 9.40
C GLY A 244 12.68 -11.47 8.58
N ARG A 245 13.74 -10.69 8.39
CA ARG A 245 13.64 -9.46 7.62
C ARG A 245 14.30 -9.62 6.25
N THR A 246 13.54 -10.18 5.31
CA THR A 246 14.05 -10.40 3.96
C THR A 246 13.02 -9.96 2.92
N LEU A 247 11.76 -10.21 3.20
CA LEU A 247 10.68 -9.84 2.28
C LEU A 247 10.70 -8.35 1.99
N ARG A 248 11.29 -7.58 2.91
CA ARG A 248 11.39 -6.14 2.75
C ARG A 248 12.68 -5.74 2.05
N ASP A 249 13.74 -6.48 2.33
CA ASP A 249 15.04 -6.21 1.71
C ASP A 249 15.20 -6.98 0.41
N VAL A 250 14.14 -7.68 0.00
CA VAL A 250 14.15 -8.46 -1.23
C VAL A 250 13.34 -7.77 -2.32
N GLY A 251 12.34 -7.00 -1.90
CA GLY A 251 11.49 -6.31 -2.86
C GLY A 251 11.97 -4.90 -3.13
N GLU A 252 12.93 -4.43 -2.35
CA GLU A 252 13.47 -3.10 -2.51
C GLU A 252 14.96 -3.14 -2.83
N LEU A 253 15.51 -4.35 -2.88
CA LEU A 253 16.92 -4.55 -3.18
C LEU A 253 17.11 -5.45 -4.40
N THR A 254 16.11 -6.27 -4.68
CA THR A 254 16.16 -7.18 -5.82
C THR A 254 15.45 -6.58 -7.02
N ARG A 255 14.91 -5.38 -6.86
CA ARG A 255 14.19 -4.71 -7.93
C ARG A 255 15.09 -3.69 -8.63
N SER A 256 16.33 -3.60 -8.18
CA SER A 256 17.29 -2.66 -8.75
C SER A 256 18.69 -3.27 -8.78
N SER A 257 19.53 -2.76 -9.69
CA SER A 257 20.90 -3.26 -9.81
C SER A 257 21.65 -2.49 -10.91
N THR A 258 22.92 -2.83 -11.09
CA THR A 258 23.74 -2.18 -12.10
C THR A 258 23.95 -0.70 -11.76
N LYS A 259 24.49 0.04 -12.72
CA LYS A 259 24.75 1.47 -12.53
C LYS A 259 24.81 2.19 -13.86
N THR A 260 24.95 3.51 -13.81
CA THR A 260 25.03 4.33 -15.02
C THR A 260 23.70 4.30 -15.78
N ARG A 261 23.44 5.38 -16.51
CA ARG A 261 22.20 5.48 -17.28
C ARG A 261 21.00 5.73 -16.37
N ARG A 262 20.70 4.75 -15.53
CA ARG A 262 19.57 4.86 -14.60
C ARG A 262 20.05 5.22 -13.21
N SER A 263 21.37 5.34 -13.05
CA SER A 263 21.96 5.68 -11.75
C SER A 263 22.75 6.99 -11.84
N ILE A 264 22.93 7.47 -13.07
CA ILE A 264 23.66 8.72 -13.28
C ILE A 264 22.70 9.88 -13.58
N LYS A 265 21.47 9.55 -13.92
CA LYS A 265 20.46 10.56 -14.22
C LYS A 265 19.78 11.04 -12.94
N ARG A 266 20.04 12.29 -12.58
CA ARG A 266 19.44 12.87 -11.37
C ARG A 266 19.49 14.39 -11.43
N PRO A 267 18.57 15.04 -10.70
CA PRO A 267 18.49 16.50 -10.64
C PRO A 267 19.66 17.12 -9.89
N GLU A 268 20.85 17.03 -10.48
CA GLU A 268 22.05 17.58 -9.86
C GLU A 268 23.28 17.33 -10.75
N LEU A 269 23.28 16.21 -11.44
CA LEU A 269 24.40 15.85 -12.31
C LEU A 269 23.89 15.43 -13.69
N GLY A 270 23.35 14.21 -13.78
CA GLY A 270 22.84 13.72 -15.04
C GLY A 270 21.76 14.61 -15.61
N LEU A 271 21.05 15.31 -14.74
CA LEU A 271 19.98 16.21 -15.17
C LEU A 271 20.35 17.66 -14.92
N ARG A 272 21.38 17.87 -14.11
CA ARG A 272 21.84 19.22 -13.79
C ARG A 272 20.79 19.97 -12.99
N VAL A 273 20.06 19.25 -12.16
CA VAL A 273 19.01 19.85 -11.33
C VAL A 273 18.27 20.94 -12.10
N MET A 1 -19.23 -16.61 -10.24
CA MET A 1 -19.67 -16.76 -11.62
C MET A 1 -18.59 -16.28 -12.59
N GLY A 2 -17.38 -16.81 -12.45
CA GLY A 2 -16.29 -16.42 -13.32
C GLY A 2 -15.22 -17.49 -13.43
N SER A 3 -14.67 -17.66 -14.62
CA SER A 3 -13.64 -18.66 -14.86
C SER A 3 -13.03 -18.49 -16.26
N SER A 4 -12.01 -17.66 -16.35
CA SER A 4 -11.34 -17.41 -17.63
C SER A 4 -9.96 -16.80 -17.40
N HIS A 5 -9.26 -16.51 -18.50
CA HIS A 5 -7.93 -15.92 -18.42
C HIS A 5 -7.83 -14.68 -19.30
N HIS A 6 -8.71 -13.71 -19.05
CA HIS A 6 -8.72 -12.48 -19.82
C HIS A 6 -9.70 -11.47 -19.23
N HIS A 7 -9.19 -10.29 -18.89
CA HIS A 7 -10.03 -9.24 -18.31
C HIS A 7 -9.56 -7.87 -18.76
N HIS A 8 -9.51 -7.67 -20.07
CA HIS A 8 -9.07 -6.39 -20.64
C HIS A 8 -9.12 -6.44 -22.17
N HIS A 9 -9.09 -5.25 -22.78
CA HIS A 9 -9.13 -5.15 -24.24
C HIS A 9 -8.37 -3.92 -24.72
N HIS A 10 -8.98 -2.75 -24.53
CA HIS A 10 -8.36 -1.50 -24.94
C HIS A 10 -9.26 -0.32 -24.58
N SER A 11 -8.79 0.52 -23.66
CA SER A 11 -9.54 1.68 -23.23
C SER A 11 -8.75 2.50 -22.21
N SER A 12 -8.73 3.81 -22.43
CA SER A 12 -8.00 4.71 -21.53
C SER A 12 -8.16 6.17 -21.97
N GLY A 13 -8.24 7.05 -20.99
CA GLY A 13 -8.42 8.47 -21.28
C GLY A 13 -9.24 9.19 -20.23
N LEU A 14 -9.49 10.48 -20.46
CA LEU A 14 -10.27 11.28 -19.53
C LEU A 14 -9.60 11.32 -18.16
N VAL A 15 -10.17 12.12 -17.26
CA VAL A 15 -9.63 12.24 -15.91
C VAL A 15 -10.74 12.49 -14.88
N PRO A 16 -10.71 11.75 -13.77
CA PRO A 16 -11.71 11.88 -12.70
C PRO A 16 -11.59 13.20 -11.96
N ARG A 17 -12.45 13.39 -10.96
CA ARG A 17 -12.44 14.61 -10.17
C ARG A 17 -12.64 14.30 -8.69
N GLY A 18 -12.56 15.33 -7.86
CA GLY A 18 -12.72 15.14 -6.42
C GLY A 18 -11.63 15.82 -5.62
N SER A 19 -11.84 15.93 -4.31
CA SER A 19 -10.87 16.56 -3.43
C SER A 19 -11.37 16.56 -1.98
N HIS A 20 -10.57 17.13 -1.09
CA HIS A 20 -10.92 17.19 0.32
C HIS A 20 -11.64 15.92 0.76
N SER A 21 -11.08 14.77 0.42
CA SER A 21 -11.67 13.49 0.77
C SER A 21 -10.82 12.34 0.26
N THR A 22 -9.50 12.50 0.36
CA THR A 22 -8.57 11.47 -0.10
C THR A 22 -8.46 10.34 0.92
N TRP A 23 -9.31 10.39 1.95
CA TRP A 23 -9.30 9.37 2.99
C TRP A 23 -10.51 8.45 2.85
N VAL A 24 -11.53 8.93 2.15
CA VAL A 24 -12.75 8.14 1.94
C VAL A 24 -13.06 8.02 0.45
N THR A 25 -12.47 8.89 -0.35
CA THR A 25 -12.69 8.88 -1.79
C THR A 25 -11.46 8.34 -2.53
N ARG A 26 -10.34 8.28 -1.82
CA ARG A 26 -9.10 7.78 -2.42
C ARG A 26 -8.75 6.41 -1.86
N THR A 27 -9.18 6.14 -0.62
CA THR A 27 -8.90 4.88 0.03
C THR A 27 -9.67 3.74 -0.65
N ALA A 28 -10.80 4.07 -1.26
CA ALA A 28 -11.62 3.09 -1.95
C ALA A 28 -11.54 3.25 -3.45
N TYR A 29 -10.63 4.12 -3.90
CA TYR A 29 -10.46 4.37 -5.33
C TYR A 29 -10.92 3.18 -6.16
N SER A 30 -10.36 2.00 -5.86
CA SER A 30 -10.71 0.79 -6.57
C SER A 30 -10.23 0.85 -8.02
N SER A 31 -9.98 -0.31 -8.61
CA SER A 31 -9.52 -0.39 -9.99
C SER A 31 -9.89 -1.73 -10.62
N PRO A 32 -9.86 -1.78 -11.95
CA PRO A 32 -10.18 -2.99 -12.71
C PRO A 32 -9.14 -4.09 -12.54
N SER A 33 -7.88 -3.68 -12.44
CA SER A 33 -6.78 -4.63 -12.28
C SER A 33 -6.06 -4.40 -10.96
N VAL A 34 -4.88 -5.00 -10.82
CA VAL A 34 -4.08 -4.85 -9.61
C VAL A 34 -2.59 -4.89 -9.92
N VAL A 35 -2.12 -6.04 -10.43
CA VAL A 35 -0.72 -6.20 -10.77
C VAL A 35 -0.54 -7.20 -11.90
N LEU A 36 -1.15 -8.38 -11.74
CA LEU A 36 -1.06 -9.43 -12.75
C LEU A 36 -1.70 -8.97 -14.06
N PRO A 37 -2.98 -8.61 -14.01
CA PRO A 37 -3.73 -8.16 -15.18
C PRO A 37 -3.27 -6.79 -15.66
N SER A 38 -4.21 -5.99 -16.16
CA SER A 38 -3.90 -4.65 -16.65
C SER A 38 -2.98 -3.91 -15.68
N GLN A 39 -2.96 -4.36 -14.43
CA GLN A 39 -2.13 -3.75 -13.41
C GLN A 39 -2.84 -2.56 -12.76
N THR A 40 -2.33 -2.12 -11.61
CA THR A 40 -2.92 -1.00 -10.89
C THR A 40 -4.12 -1.44 -10.07
N PRO A 41 -3.88 -1.65 -8.76
CA PRO A 41 -4.93 -2.09 -7.83
C PRO A 41 -5.97 -0.99 -7.57
N ASP A 42 -5.50 0.25 -7.49
CA ASP A 42 -6.38 1.39 -7.26
C ASP A 42 -5.59 2.61 -6.79
N GLY A 43 -6.23 3.77 -6.85
CA GLY A 43 -5.57 4.99 -6.43
C GLY A 43 -4.99 4.90 -5.04
N LYS A 44 -5.46 3.91 -4.27
CA LYS A 44 -4.98 3.71 -2.91
C LYS A 44 -4.39 4.99 -2.34
N LEU A 45 -5.24 5.91 -1.91
CA LEU A 45 -4.81 7.17 -1.35
C LEU A 45 -4.09 8.02 -2.40
N ALA A 46 -4.85 8.48 -3.39
CA ALA A 46 -4.30 9.30 -4.46
C ALA A 46 -3.55 10.50 -3.90
N LEU A 47 -3.78 10.79 -2.62
CA LEU A 47 -3.13 11.91 -1.95
C LEU A 47 -1.86 11.47 -1.25
N ILE A 48 -1.80 10.20 -0.88
CA ILE A 48 -0.62 9.66 -0.21
C ILE A 48 0.22 8.81 -1.16
N ASP A 49 -0.36 8.48 -2.31
CA ASP A 49 0.34 7.68 -3.31
C ASP A 49 1.29 8.55 -4.13
N ASP A 50 0.87 9.77 -4.43
CA ASP A 50 1.69 10.69 -5.20
C ASP A 50 2.90 11.17 -4.39
N PHE A 51 2.71 11.24 -3.07
CA PHE A 51 3.79 11.68 -2.19
C PHE A 51 4.92 10.66 -2.15
N ARG A 52 4.55 9.38 -2.10
CA ARG A 52 5.55 8.31 -2.06
C ARG A 52 6.50 8.40 -3.26
N GLU A 53 5.93 8.49 -4.45
CA GLU A 53 6.73 8.59 -5.67
C GLU A 53 7.62 9.83 -5.63
N ALA A 54 7.02 10.97 -5.31
CA ALA A 54 7.76 12.23 -5.24
C ALA A 54 8.83 12.18 -4.15
N TYR A 55 8.72 11.20 -3.27
CA TYR A 55 9.68 11.04 -2.18
C TYR A 55 10.97 10.38 -2.68
N TYR A 56 10.82 9.29 -3.42
CA TYR A 56 11.97 8.56 -3.95
C TYR A 56 12.79 9.45 -4.87
N TRP A 57 12.11 10.24 -5.69
CA TRP A 57 12.78 11.15 -6.62
C TRP A 57 13.25 12.41 -5.91
N LEU A 58 12.90 12.53 -4.64
CA LEU A 58 13.30 13.69 -3.85
C LEU A 58 14.11 13.27 -2.63
N ARG A 59 14.23 11.96 -2.43
CA ARG A 59 14.98 11.43 -1.31
C ARG A 59 16.01 10.40 -1.77
N MET A 60 15.64 9.63 -2.79
CA MET A 60 16.53 8.61 -3.34
C MET A 60 17.20 9.09 -4.62
N ASN A 61 16.48 9.91 -5.38
CA ASN A 61 16.99 10.46 -6.63
C ASN A 61 17.56 9.34 -7.51
N SER A 62 17.08 8.12 -7.29
CA SER A 62 17.55 6.97 -8.05
C SER A 62 17.10 7.07 -9.51
N ASP A 63 17.68 6.22 -10.36
CA ASP A 63 17.34 6.21 -11.77
C ASP A 63 16.66 4.90 -12.16
N GLU A 64 17.44 3.85 -12.26
CA GLU A 64 16.92 2.53 -12.63
C GLU A 64 17.12 1.53 -11.50
N ASP A 65 18.17 1.74 -10.71
CA ASP A 65 18.47 0.86 -9.59
C ASP A 65 17.43 0.99 -8.49
N SER A 66 17.38 2.17 -7.87
CA SER A 66 16.42 2.41 -6.79
C SER A 66 16.57 1.39 -5.68
N LYS A 67 17.68 1.48 -4.94
CA LYS A 67 17.95 0.56 -3.85
C LYS A 67 16.93 0.74 -2.73
N VAL A 68 17.13 1.76 -1.90
CA VAL A 68 16.22 2.03 -0.80
C VAL A 68 14.86 2.51 -1.31
N ALA A 69 14.85 3.08 -2.50
CA ALA A 69 13.62 3.58 -3.10
C ALA A 69 12.60 2.45 -3.25
N ALA A 70 13.07 1.29 -3.69
CA ALA A 70 12.19 0.14 -3.88
C ALA A 70 11.00 0.19 -2.92
N TRP A 71 11.28 0.47 -1.66
CA TRP A 71 10.23 0.56 -0.65
C TRP A 71 9.16 1.57 -1.04
N TRP A 72 9.47 2.38 -2.06
CA TRP A 72 8.54 3.40 -2.54
C TRP A 72 7.81 2.92 -3.78
N ASP A 73 8.42 1.97 -4.49
CA ASP A 73 7.82 1.42 -5.70
C ASP A 73 6.39 0.96 -5.44
N TYR A 74 6.11 0.61 -4.20
CA TYR A 74 4.78 0.13 -3.82
C TYR A 74 3.72 1.17 -4.17
N GLY A 75 4.02 2.44 -3.93
CA GLY A 75 3.09 3.50 -4.22
C GLY A 75 3.42 4.23 -5.50
N TYR A 76 4.70 4.28 -5.84
CA TYR A 76 5.15 4.95 -7.06
C TYR A 76 4.40 4.42 -8.28
N GLN A 77 3.98 3.16 -8.20
CA GLN A 77 3.25 2.54 -9.30
C GLN A 77 2.03 3.37 -9.70
N ILE A 78 1.57 4.21 -8.77
CA ILE A 78 0.41 5.05 -9.02
C ILE A 78 0.67 6.48 -8.55
N GLY A 79 1.84 6.70 -7.95
CA GLY A 79 2.17 8.02 -7.45
C GLY A 79 3.00 8.82 -8.45
N GLY A 80 3.66 9.86 -7.97
CA GLY A 80 4.48 10.68 -8.85
C GLY A 80 4.10 12.15 -8.78
N MET A 81 3.38 12.52 -7.73
CA MET A 81 2.93 13.90 -7.56
C MET A 81 1.86 14.26 -8.58
N ALA A 82 1.72 13.43 -9.61
CA ALA A 82 0.73 13.66 -10.65
C ALA A 82 -0.16 12.43 -10.84
N ASP A 83 0.34 11.27 -10.42
CA ASP A 83 -0.39 10.02 -10.56
C ASP A 83 -0.34 9.51 -11.99
N ARG A 84 0.66 8.66 -12.27
CA ARG A 84 0.82 8.10 -13.60
C ARG A 84 1.43 9.12 -14.55
N THR A 85 2.71 9.44 -14.33
CA THR A 85 3.41 10.41 -15.17
C THR A 85 4.92 10.27 -15.03
N THR A 86 5.37 10.00 -13.80
CA THR A 86 6.80 9.84 -13.53
C THR A 86 7.23 8.39 -13.70
N LEU A 87 6.28 7.47 -13.53
CA LEU A 87 6.56 6.05 -13.66
C LEU A 87 6.50 5.61 -15.12
N VAL A 88 6.22 6.57 -16.01
CA VAL A 88 6.14 6.28 -17.44
C VAL A 88 7.44 5.66 -17.95
N ASP A 89 8.56 6.22 -17.54
CA ASP A 89 9.87 5.71 -17.96
C ASP A 89 10.37 4.64 -16.99
N ASN A 90 9.75 4.59 -15.81
CA ASN A 90 10.14 3.61 -14.80
C ASN A 90 9.28 2.36 -14.90
N ASN A 91 8.34 2.37 -15.84
CA ASN A 91 7.45 1.23 -16.03
C ASN A 91 8.23 -0.08 -16.05
N THR A 92 9.46 -0.02 -16.58
CA THR A 92 10.32 -1.20 -16.66
C THR A 92 10.61 -1.76 -15.27
N TRP A 93 10.91 -0.88 -14.33
CA TRP A 93 11.21 -1.29 -12.97
C TRP A 93 9.94 -1.40 -12.13
N ASN A 94 8.83 -0.95 -12.71
CA ASN A 94 7.54 -0.98 -12.02
C ASN A 94 6.90 -2.36 -12.15
N ASN A 95 6.94 -2.91 -13.36
CA ASN A 95 6.35 -4.22 -13.62
C ASN A 95 7.00 -5.29 -12.73
N THR A 96 8.30 -5.15 -12.51
CA THR A 96 9.04 -6.11 -11.68
C THR A 96 8.63 -5.98 -10.21
N HIS A 97 8.49 -4.74 -9.75
CA HIS A 97 8.11 -4.49 -8.37
C HIS A 97 6.60 -4.71 -8.17
N ILE A 98 5.87 -4.77 -9.28
CA ILE A 98 4.43 -4.98 -9.22
C ILE A 98 4.07 -6.45 -9.42
N ALA A 99 4.92 -7.15 -10.18
CA ALA A 99 4.69 -8.57 -10.45
C ALA A 99 4.97 -9.42 -9.22
N ILE A 100 5.85 -8.93 -8.35
CA ILE A 100 6.19 -9.64 -7.12
C ILE A 100 4.98 -9.80 -6.22
N VAL A 101 4.27 -8.68 -5.98
CA VAL A 101 3.09 -8.70 -5.14
C VAL A 101 1.99 -9.55 -5.74
N GLY A 102 1.85 -9.50 -7.06
CA GLY A 102 0.84 -10.28 -7.75
C GLY A 102 1.17 -11.76 -7.78
N LYS A 103 2.46 -12.07 -7.80
CA LYS A 103 2.91 -13.45 -7.84
C LYS A 103 3.20 -13.97 -6.43
N ALA A 104 3.16 -13.07 -5.45
CA ALA A 104 3.41 -13.44 -4.07
C ALA A 104 2.13 -13.93 -3.38
N ASN A 105 1.01 -13.29 -3.71
CA ASN A 105 -0.28 -13.66 -3.14
C ASN A 105 -0.81 -14.94 -3.76
N ALA A 106 -0.73 -15.02 -5.09
CA ALA A 106 -1.21 -16.20 -5.82
C ALA A 106 -0.32 -17.40 -5.55
N SER A 107 0.86 -17.15 -4.97
CA SER A 107 1.80 -18.22 -4.66
C SER A 107 1.10 -19.36 -3.93
N PRO A 108 1.81 -20.50 -3.80
CA PRO A 108 1.28 -21.69 -3.12
C PRO A 108 1.15 -21.48 -1.62
N GLU A 109 0.12 -20.74 -1.22
CA GLU A 109 -0.13 -20.47 0.19
C GLU A 109 -1.34 -19.56 0.38
N GLU A 110 -1.46 -18.57 -0.51
CA GLU A 110 -2.57 -17.62 -0.44
C GLU A 110 -3.20 -17.42 -1.81
N LYS A 111 -3.77 -16.25 -2.04
CA LYS A 111 -4.40 -15.92 -3.31
C LYS A 111 -4.71 -14.43 -3.41
N SER A 112 -4.02 -13.75 -4.32
CA SER A 112 -4.22 -12.32 -4.51
C SER A 112 -5.67 -11.94 -4.27
N TYR A 113 -6.56 -12.45 -5.10
CA TYR A 113 -7.99 -12.16 -4.98
C TYR A 113 -8.22 -10.69 -4.66
N GLU A 114 -9.30 -10.41 -3.93
CA GLU A 114 -9.63 -9.04 -3.56
C GLU A 114 -8.79 -8.59 -2.36
N ILE A 115 -7.92 -9.47 -1.89
CA ILE A 115 -7.06 -9.16 -0.75
C ILE A 115 -5.90 -8.27 -1.16
N LEU A 116 -5.62 -8.24 -2.47
CA LEU A 116 -4.54 -7.42 -3.00
C LEU A 116 -4.91 -5.95 -2.97
N LYS A 117 -6.16 -5.65 -3.28
CA LYS A 117 -6.65 -4.27 -3.29
C LYS A 117 -6.89 -3.77 -1.86
N GLU A 118 -7.21 -4.69 -0.96
CA GLU A 118 -7.48 -4.34 0.42
C GLU A 118 -6.18 -3.98 1.14
N HIS A 119 -5.13 -4.76 0.89
CA HIS A 119 -3.83 -4.53 1.50
C HIS A 119 -3.05 -3.45 0.74
N ASP A 120 -3.47 -3.18 -0.48
CA ASP A 120 -2.81 -2.19 -1.32
C ASP A 120 -3.02 -0.78 -0.74
N VAL A 121 -4.25 -0.50 -0.31
CA VAL A 121 -4.57 0.80 0.25
C VAL A 121 -4.26 0.84 1.75
N ASP A 122 -4.29 -0.33 2.39
CA ASP A 122 -4.01 -0.43 3.81
C ASP A 122 -2.51 -0.38 4.08
N TYR A 123 -1.72 -0.95 3.18
CA TYR A 123 -0.28 -0.97 3.32
C TYR A 123 0.31 0.42 3.07
N VAL A 124 -0.24 1.12 2.09
CA VAL A 124 0.22 2.46 1.75
C VAL A 124 -0.07 3.44 2.87
N LEU A 125 -1.14 3.18 3.62
CA LEU A 125 -1.53 4.04 4.73
C LEU A 125 -0.66 3.78 5.96
N VAL A 126 -0.35 2.50 6.20
CA VAL A 126 0.48 2.11 7.34
C VAL A 126 1.96 2.31 7.03
N ILE A 127 2.28 2.55 5.76
CA ILE A 127 3.65 2.74 5.34
C ILE A 127 4.15 4.13 5.75
N PHE A 128 3.25 5.11 5.72
CA PHE A 128 3.61 6.48 6.09
C PHE A 128 3.25 6.76 7.54
N GLY A 129 2.30 5.98 8.08
CA GLY A 129 1.87 6.15 9.44
C GLY A 129 2.66 5.28 10.41
N GLY A 130 3.45 4.36 9.86
CA GLY A 130 4.25 3.47 10.70
C GLY A 130 5.68 3.37 10.24
N LEU A 131 6.10 4.30 9.38
CA LEU A 131 7.46 4.30 8.86
C LEU A 131 8.48 4.38 9.99
N ILE A 132 8.03 4.81 11.17
CA ILE A 132 8.90 4.93 12.33
C ILE A 132 8.09 4.86 13.62
N GLY A 133 7.07 4.00 13.64
CA GLY A 133 6.25 3.86 14.82
C GLY A 133 5.66 5.18 15.29
N PHE A 134 4.46 5.49 14.80
CA PHE A 134 3.80 6.74 15.16
C PHE A 134 4.59 7.95 14.67
N GLY A 135 4.18 8.51 13.54
CA GLY A 135 4.87 9.66 12.98
C GLY A 135 4.70 9.75 11.48
N GLY A 136 5.72 10.28 10.81
CA GLY A 136 5.66 10.43 9.37
C GLY A 136 4.61 11.43 8.92
N ASP A 137 4.26 12.34 9.82
CA ASP A 137 3.27 13.37 9.50
C ASP A 137 3.81 14.38 8.52
N ASP A 138 5.12 14.35 8.31
CA ASP A 138 5.78 15.26 7.37
C ASP A 138 5.48 14.88 5.92
N ILE A 139 5.96 13.71 5.52
CA ILE A 139 5.75 13.22 4.16
C ILE A 139 6.44 14.11 3.14
N ASN A 140 6.87 13.52 2.04
CA ASN A 140 7.55 14.25 0.98
C ASN A 140 6.55 14.93 0.05
N LYS A 141 6.15 16.14 0.39
CA LYS A 141 5.19 16.90 -0.42
C LYS A 141 5.90 17.67 -1.52
N PHE A 142 6.65 16.95 -2.34
CA PHE A 142 7.39 17.58 -3.45
C PHE A 142 6.48 18.51 -4.24
N LEU A 143 5.20 18.16 -4.32
CA LEU A 143 4.23 18.97 -5.05
C LEU A 143 2.81 18.43 -4.85
N TRP A 144 2.50 17.36 -5.57
CA TRP A 144 1.17 16.74 -5.48
C TRP A 144 0.08 17.73 -5.87
N ASN A 145 -1.03 17.20 -6.37
CA ASN A 145 -2.15 18.04 -6.79
C ASN A 145 -2.69 18.86 -5.62
N ILE A 146 -2.86 20.16 -5.83
CA ILE A 146 -3.37 21.04 -4.80
C ILE A 146 -4.73 20.58 -4.30
N ARG A 147 -5.36 21.40 -3.47
CA ARG A 147 -6.68 21.08 -2.93
C ARG A 147 -6.58 20.01 -1.86
N ILE A 148 -7.03 20.32 -0.65
CA ILE A 148 -6.98 19.39 0.46
C ILE A 148 -7.60 19.99 1.72
N SER A 149 -8.49 19.24 2.36
CA SER A 149 -9.15 19.71 3.58
C SER A 149 -10.04 20.92 3.29
N GLU A 150 -11.27 20.64 2.86
CA GLU A 150 -12.21 21.71 2.55
C GLU A 150 -13.54 21.13 2.05
N GLY A 151 -14.39 20.74 2.98
CA GLY A 151 -15.68 20.18 2.62
C GLY A 151 -15.80 18.71 2.98
N ILE A 152 -16.79 18.37 3.78
CA ILE A 152 -17.01 16.99 4.20
C ILE A 152 -18.23 16.39 3.52
N TRP A 153 -18.02 15.40 2.67
CA TRP A 153 -19.11 14.74 1.96
C TRP A 153 -19.54 13.46 2.67
N PRO A 154 -20.76 13.00 2.39
CA PRO A 154 -21.31 11.78 2.99
C PRO A 154 -20.60 10.52 2.51
N GLU A 155 -19.70 10.69 1.54
CA GLU A 155 -18.95 9.56 0.99
C GLU A 155 -18.36 8.70 2.11
N GLU A 156 -17.90 9.36 3.17
CA GLU A 156 -17.31 8.66 4.31
C GLU A 156 -18.36 7.83 5.05
N ILE A 157 -19.56 8.38 5.15
CA ILE A 157 -20.65 7.69 5.83
C ILE A 157 -21.22 6.57 4.98
N LYS A 158 -21.24 6.78 3.67
CA LYS A 158 -21.75 5.77 2.74
C LYS A 158 -20.71 4.68 2.50
N GLU A 159 -19.44 5.01 2.73
CA GLU A 159 -18.37 4.05 2.55
C GLU A 159 -18.16 3.21 3.80
N ARG A 160 -18.55 3.76 4.95
CA ARG A 160 -18.40 3.06 6.22
C ARG A 160 -19.62 2.17 6.50
N ASP A 161 -20.74 2.51 5.89
CA ASP A 161 -21.97 1.75 6.07
C ASP A 161 -22.24 0.86 4.86
N PHE A 162 -21.41 1.01 3.83
CA PHE A 162 -21.56 0.21 2.61
C PHE A 162 -21.41 -1.27 2.91
N TYR A 163 -20.75 -1.58 4.01
CA TYR A 163 -20.54 -2.97 4.41
C TYR A 163 -19.68 -3.05 5.67
N THR A 164 -19.90 -4.10 6.46
CA THR A 164 -19.16 -4.30 7.70
C THR A 164 -19.49 -5.65 8.32
N ALA A 165 -20.76 -6.02 8.30
CA ALA A 165 -21.22 -7.28 8.86
C ALA A 165 -20.68 -7.47 10.28
N GLU A 166 -20.82 -8.68 10.80
CA GLU A 166 -20.36 -8.99 12.16
C GLU A 166 -20.64 -10.44 12.51
N GLY A 167 -20.57 -11.31 11.51
CA GLY A 167 -20.82 -12.72 11.73
C GLY A 167 -22.16 -12.98 12.38
N GLU A 168 -22.45 -14.26 12.63
CA GLU A 168 -23.73 -14.63 13.24
C GLU A 168 -23.50 -15.36 14.57
N TYR A 169 -22.40 -16.11 14.65
CA TYR A 169 -22.07 -16.85 15.85
C TYR A 169 -20.63 -17.37 15.79
N ARG A 170 -19.96 -17.37 16.94
CA ARG A 170 -18.58 -17.84 17.02
C ARG A 170 -17.63 -16.83 16.39
N VAL A 171 -17.77 -16.62 15.08
CA VAL A 171 -16.92 -15.69 14.36
C VAL A 171 -17.58 -14.32 14.25
N ASP A 172 -18.45 -14.01 15.20
CA ASP A 172 -19.15 -12.73 15.22
C ASP A 172 -18.17 -11.58 15.39
N ALA A 173 -16.94 -11.90 15.77
CA ALA A 173 -15.91 -10.89 15.98
C ALA A 173 -16.27 -9.97 17.12
N ARG A 174 -15.85 -10.33 18.33
CA ARG A 174 -16.14 -9.52 19.52
C ARG A 174 -15.83 -10.30 20.79
N ALA A 175 -14.55 -10.40 21.13
CA ALA A 175 -14.13 -11.12 22.32
C ALA A 175 -12.74 -10.68 22.77
N SER A 176 -11.72 -11.16 22.04
CA SER A 176 -10.34 -10.82 22.37
C SER A 176 -9.67 -10.11 21.20
N GLU A 177 -9.34 -10.89 20.17
CA GLU A 177 -8.69 -10.34 18.98
C GLU A 177 -9.34 -9.03 18.56
N THR A 178 -10.66 -8.98 18.62
CA THR A 178 -11.40 -7.78 18.24
C THR A 178 -11.43 -6.77 19.38
N MET A 179 -11.56 -7.27 20.61
CA MET A 179 -11.60 -6.42 21.79
C MET A 179 -10.19 -5.89 22.12
N ARG A 180 -9.21 -6.29 21.33
CA ARG A 180 -7.83 -5.87 21.54
C ARG A 180 -7.26 -5.26 20.26
N ASN A 181 -7.74 -5.72 19.12
CA ASN A 181 -7.27 -5.23 17.83
C ASN A 181 -8.35 -4.43 17.13
N SER A 182 -9.50 -4.29 17.78
CA SER A 182 -10.62 -3.56 17.21
C SER A 182 -11.04 -2.40 18.13
N LEU A 183 -10.29 -2.23 19.21
CA LEU A 183 -10.58 -1.17 20.17
C LEU A 183 -9.47 -0.12 20.16
N LEU A 184 -8.28 -0.51 19.74
CA LEU A 184 -7.13 0.40 19.68
C LEU A 184 -6.66 0.56 18.24
N TYR A 185 -7.01 -0.39 17.38
CA TYR A 185 -6.61 -0.35 15.99
C TYR A 185 -7.78 0.06 15.09
N LYS A 186 -8.99 -0.13 15.61
CA LYS A 186 -10.20 0.22 14.86
C LYS A 186 -10.37 1.73 14.79
N MET A 187 -10.14 2.40 15.91
CA MET A 187 -10.27 3.85 15.97
C MET A 187 -9.21 4.54 15.12
N SER A 188 -8.00 3.98 15.13
CA SER A 188 -6.90 4.54 14.36
C SER A 188 -7.07 4.23 12.87
N TYR A 189 -7.84 3.19 12.57
CA TYR A 189 -8.08 2.80 11.19
C TYR A 189 -9.17 3.66 10.56
N LYS A 190 -10.24 3.89 11.32
CA LYS A 190 -11.36 4.71 10.84
C LYS A 190 -10.88 6.09 10.41
N ASP A 191 -9.75 6.52 10.96
CA ASP A 191 -9.18 7.82 10.64
C ASP A 191 -8.97 7.96 9.13
N PHE A 192 -8.65 6.86 8.48
CA PHE A 192 -8.41 6.85 7.04
C PHE A 192 -8.85 5.53 6.43
N PRO A 193 -8.10 4.46 6.73
CA PRO A 193 -8.38 3.11 6.22
C PRO A 193 -9.66 2.52 6.82
N GLN A 194 -9.88 1.24 6.57
CA GLN A 194 -11.06 0.55 7.08
C GLN A 194 -11.17 -0.86 6.51
N LEU A 195 -10.68 -1.83 7.28
CA LEU A 195 -10.72 -3.23 6.85
C LEU A 195 -11.82 -4.00 7.58
N PHE A 196 -12.32 -3.40 8.67
CA PHE A 196 -13.37 -4.04 9.45
C PHE A 196 -12.85 -5.27 10.18
N ASN A 197 -12.19 -5.06 11.31
CA ASN A 197 -11.63 -6.16 12.09
C ASN A 197 -12.74 -7.07 12.61
N GLY A 198 -13.12 -8.04 11.78
CA GLY A 198 -14.16 -8.98 12.17
C GLY A 198 -13.63 -10.37 12.44
N GLY A 199 -14.38 -11.38 12.02
CA GLY A 199 -13.96 -12.75 12.24
C GLY A 199 -12.61 -13.05 11.62
N GLN A 200 -12.59 -13.26 10.30
CA GLN A 200 -11.35 -13.56 9.60
C GLN A 200 -10.26 -12.56 9.97
N ALA A 201 -10.64 -11.29 10.06
CA ALA A 201 -9.68 -10.24 10.41
C ALA A 201 -9.07 -10.49 11.79
N THR A 202 -9.89 -10.97 12.71
CA THR A 202 -9.44 -11.25 14.07
C THR A 202 -8.23 -12.19 14.05
N ASP A 203 -8.24 -13.14 13.14
CA ASP A 203 -7.15 -14.11 13.02
C ASP A 203 -6.01 -13.53 12.19
N ARG A 204 -6.35 -12.69 11.21
CA ARG A 204 -5.35 -12.08 10.35
C ARG A 204 -4.77 -10.83 10.99
N VAL A 205 -5.43 -10.36 12.05
CA VAL A 205 -4.98 -9.16 12.76
C VAL A 205 -4.21 -9.53 14.01
N ARG A 206 -4.39 -10.76 14.48
CA ARG A 206 -3.72 -11.23 15.68
C ARG A 206 -2.44 -11.98 15.33
N GLN A 207 -2.34 -12.40 14.07
CA GLN A 207 -1.17 -13.13 13.60
C GLN A 207 -0.25 -12.22 12.79
N GLN A 208 -0.78 -11.08 12.36
CA GLN A 208 -0.01 -10.13 11.56
C GLN A 208 0.40 -8.93 12.42
N MET A 209 -0.17 -8.83 13.61
CA MET A 209 0.15 -7.74 14.52
C MET A 209 1.57 -7.86 15.05
N ILE A 210 2.03 -9.11 15.20
CA ILE A 210 3.38 -9.37 15.69
C ILE A 210 3.81 -10.79 15.38
N THR A 211 4.44 -10.97 14.21
CA THR A 211 4.91 -12.28 13.80
C THR A 211 5.76 -12.18 12.54
N PRO A 212 6.64 -13.18 12.33
CA PRO A 212 7.53 -13.22 11.17
C PRO A 212 6.77 -13.49 9.87
N LEU A 213 7.51 -13.79 8.80
CA LEU A 213 6.90 -14.08 7.51
C LEU A 213 7.16 -15.52 7.09
N ASP A 214 6.43 -16.45 7.70
CA ASP A 214 6.59 -17.87 7.38
C ASP A 214 6.65 -18.09 5.87
N VAL A 215 5.53 -17.81 5.19
CA VAL A 215 5.46 -17.98 3.75
C VAL A 215 6.67 -17.38 3.06
N PRO A 216 7.15 -18.05 1.99
CA PRO A 216 8.31 -17.59 1.23
C PRO A 216 8.01 -16.33 0.43
N PRO A 217 6.74 -16.16 0.02
CA PRO A 217 6.31 -15.01 -0.75
C PRO A 217 6.32 -13.72 0.08
N LEU A 218 7.50 -13.30 0.48
CA LEU A 218 7.64 -12.08 1.28
C LEU A 218 6.89 -10.92 0.64
N ASP A 219 6.97 -10.81 -0.68
CA ASP A 219 6.29 -9.75 -1.41
C ASP A 219 4.80 -9.69 -1.03
N TYR A 220 4.25 -10.85 -0.68
CA TYR A 220 2.85 -10.92 -0.30
C TYR A 220 2.68 -10.75 1.21
N PHE A 221 3.63 -11.27 1.97
CA PHE A 221 3.60 -11.17 3.43
C PHE A 221 4.22 -9.85 3.89
N ASP A 222 4.57 -9.01 2.94
CA ASP A 222 5.17 -7.71 3.25
C ASP A 222 4.16 -6.59 3.08
N GLU A 223 3.33 -6.69 2.05
CA GLU A 223 2.32 -5.68 1.78
C GLU A 223 0.98 -6.06 2.41
N VAL A 224 0.88 -7.30 2.85
CA VAL A 224 -0.35 -7.80 3.48
C VAL A 224 -0.19 -7.89 4.99
N PHE A 225 1.06 -7.94 5.45
CA PHE A 225 1.36 -8.04 6.88
C PHE A 225 1.25 -6.67 7.54
N THR A 226 1.65 -5.63 6.81
CA THR A 226 1.61 -4.27 7.33
C THR A 226 0.20 -3.68 7.22
N SER A 227 -0.66 -4.37 6.48
CA SER A 227 -2.03 -3.90 6.29
C SER A 227 -2.56 -3.26 7.56
N GLU A 228 -2.26 -3.86 8.70
CA GLU A 228 -2.71 -3.34 9.99
C GLU A 228 -2.27 -1.90 10.17
N ASN A 229 -2.51 -1.36 11.37
CA ASN A 229 -2.13 0.02 11.68
C ASN A 229 -1.61 0.13 13.10
N TRP A 230 -2.51 0.24 14.06
CA TRP A 230 -2.14 0.35 15.46
C TRP A 230 -1.49 -0.93 15.96
N ASN A 231 -1.63 -2.01 15.18
CA ASN A 231 -1.05 -3.29 15.53
C ASN A 231 0.15 -3.61 14.66
N VAL A 232 0.39 -2.76 13.66
CA VAL A 232 1.52 -2.96 12.75
C VAL A 232 2.46 -1.77 12.78
N ARG A 233 2.00 -0.67 13.38
CA ARG A 233 2.80 0.54 13.48
C ARG A 233 3.58 0.58 14.78
N ILE A 234 2.97 0.05 15.84
CA ILE A 234 3.62 0.02 17.16
C ILE A 234 4.42 -1.26 17.33
N TYR A 235 4.04 -2.31 16.60
CA TYR A 235 4.72 -3.58 16.68
C TYR A 235 5.92 -3.63 15.71
N GLN A 236 5.85 -2.83 14.66
CA GLN A 236 6.91 -2.77 13.67
C GLN A 236 8.16 -2.10 14.24
N LEU A 237 7.94 -1.01 14.96
CA LEU A 237 9.05 -0.27 15.57
C LEU A 237 9.71 -1.08 16.67
N LYS A 238 8.90 -1.85 17.40
CA LYS A 238 9.41 -2.68 18.48
C LYS A 238 10.10 -3.93 17.94
N LYS A 239 9.55 -4.48 16.86
CA LYS A 239 10.11 -5.67 16.24
C LYS A 239 11.35 -5.32 15.40
N ASP A 240 11.32 -4.14 14.79
CA ASP A 240 12.42 -3.69 13.97
C ASP A 240 13.69 -3.49 14.80
N ASP A 241 13.51 -3.16 16.07
CA ASP A 241 14.63 -2.96 16.97
C ASP A 241 14.88 -4.19 17.83
N ALA A 242 13.89 -5.08 17.87
CA ALA A 242 14.00 -6.30 18.66
C ALA A 242 14.03 -7.53 17.76
N GLN A 243 12.85 -7.92 17.25
CA GLN A 243 12.75 -9.08 16.38
C GLN A 243 13.86 -9.09 15.35
N GLY A 244 13.89 -8.07 14.49
CA GLY A 244 14.91 -7.99 13.47
C GLY A 244 15.57 -6.62 13.42
N ARG A 245 15.92 -6.17 12.22
CA ARG A 245 16.56 -4.88 12.03
C ARG A 245 16.98 -4.67 10.59
N THR A 246 16.18 -5.21 9.66
CA THR A 246 16.47 -5.09 8.23
C THR A 246 15.23 -5.37 7.40
N LEU A 247 14.07 -5.32 8.04
CA LEU A 247 12.81 -5.56 7.35
C LEU A 247 12.56 -4.51 6.28
N ARG A 248 13.05 -3.31 6.51
CA ARG A 248 12.88 -2.21 5.57
C ARG A 248 14.06 -2.15 4.59
N ASP A 249 15.19 -2.68 5.02
CA ASP A 249 16.39 -2.70 4.18
C ASP A 249 16.50 -4.00 3.39
N VAL A 250 15.56 -4.91 3.64
CA VAL A 250 15.56 -6.20 2.96
C VAL A 250 14.56 -6.20 1.80
N GLY A 251 13.47 -5.45 1.96
CA GLY A 251 12.46 -5.37 0.92
C GLY A 251 12.77 -4.30 -0.12
N GLU A 252 13.76 -3.46 0.18
CA GLU A 252 14.14 -2.40 -0.73
C GLU A 252 15.30 -2.84 -1.63
N LEU A 253 16.26 -3.54 -1.04
CA LEU A 253 17.42 -4.03 -1.78
C LEU A 253 17.08 -5.31 -2.53
N THR A 254 15.97 -5.95 -2.14
CA THR A 254 15.55 -7.19 -2.77
C THR A 254 14.67 -6.92 -3.98
N ARG A 255 13.83 -5.90 -3.88
CA ARG A 255 12.93 -5.54 -4.97
C ARG A 255 13.71 -5.26 -6.24
N SER A 256 14.98 -4.89 -6.10
CA SER A 256 15.84 -4.60 -7.24
C SER A 256 17.05 -5.54 -7.26
N SER A 257 18.00 -5.22 -8.13
CA SER A 257 19.21 -6.04 -8.25
C SER A 257 20.44 -5.15 -8.40
N THR A 258 20.63 -4.60 -9.59
CA THR A 258 21.78 -3.74 -9.87
C THR A 258 21.80 -3.29 -11.32
N LYS A 259 22.08 -2.01 -11.54
CA LYS A 259 22.14 -1.46 -12.89
C LYS A 259 22.74 -0.07 -12.88
N THR A 260 22.41 0.72 -11.86
CA THR A 260 22.93 2.08 -11.73
C THR A 260 23.48 2.32 -10.32
N ARG A 261 23.76 3.58 -10.02
CA ARG A 261 24.30 3.96 -8.72
C ARG A 261 23.18 4.45 -7.80
N ARG A 262 21.97 3.94 -8.00
CA ARG A 262 20.83 4.34 -7.19
C ARG A 262 20.86 5.84 -6.90
N SER A 263 21.23 6.62 -7.91
CA SER A 263 21.30 8.07 -7.77
C SER A 263 21.68 8.73 -9.10
N ILE A 264 20.98 8.34 -10.16
CA ILE A 264 21.24 8.89 -11.48
C ILE A 264 22.73 9.16 -11.68
N LYS A 265 23.47 8.12 -12.05
CA LYS A 265 24.91 8.25 -12.27
C LYS A 265 25.19 9.23 -13.41
N ARG A 266 24.47 9.07 -14.52
CA ARG A 266 24.65 9.94 -15.68
C ARG A 266 23.68 9.54 -16.80
N PRO A 267 23.44 10.48 -17.72
CA PRO A 267 22.55 10.25 -18.86
C PRO A 267 23.14 9.27 -19.87
N GLU A 268 23.21 8.01 -19.48
CA GLU A 268 23.76 6.97 -20.36
C GLU A 268 23.75 5.61 -19.67
N LEU A 269 24.59 5.45 -18.65
CA LEU A 269 24.68 4.21 -17.91
C LEU A 269 23.31 3.78 -17.39
N GLY A 270 22.44 4.77 -17.16
CA GLY A 270 21.10 4.47 -16.67
C GLY A 270 20.09 4.34 -17.79
N LEU A 271 20.57 3.96 -18.97
CA LEU A 271 19.69 3.80 -20.13
C LEU A 271 19.09 5.14 -20.55
N ARG A 272 19.93 6.14 -20.75
CA ARG A 272 19.48 7.46 -21.14
C ARG A 272 18.75 8.16 -19.99
N VAL A 273 19.47 8.40 -18.91
CA VAL A 273 18.90 9.06 -17.75
C VAL A 273 17.47 8.59 -17.50
#